data_2KPL
#
_entry.id   2KPL
#
loop_
_entity.id
_entity.type
_entity.pdbx_description
1 polymer 'Membrane-associated guanylate kinase, WW and PDZ domain-containing protein 1'
2 polymer 'Protein E6'
#
loop_
_entity_poly.entity_id
_entity_poly.type
_entity_poly.pdbx_seq_one_letter_code
_entity_poly.pdbx_strand_id
1 'polypeptide(L)'
;GAMGKPFFTRNPSELKGKFIHTKLRKSSRGFGFTVVGGDEPDEFLQIKSLVLDGPAALDGKMETGDVIVSVNDTCVLGHT
HAQVVKIFQSIPIGASVDLELCRGYPLPFDPDDPNTSLVTSVAILDKEP
;
A
2 'polypeptide(L)' RSSRTRRETQV B
#
# COMPACT_ATOMS: atom_id res chain seq x y z
N GLY A 1 -14.71 21.77 11.95
CA GLY A 1 -15.28 21.05 13.08
C GLY A 1 -15.63 19.62 12.71
N ALA A 2 -15.82 18.78 13.73
CA ALA A 2 -16.20 17.38 13.61
C ALA A 2 -15.25 16.61 12.69
N MET A 3 -13.98 16.68 12.98
CA MET A 3 -13.00 16.00 12.17
C MET A 3 -12.90 14.57 12.67
N GLY A 4 -13.77 13.73 12.14
CA GLY A 4 -13.75 12.34 12.45
C GLY A 4 -13.50 11.52 11.21
N LYS A 5 -12.78 12.11 10.29
CA LYS A 5 -12.50 11.52 8.99
C LYS A 5 -11.02 11.30 8.85
N PRO A 6 -10.58 10.35 8.02
CA PRO A 6 -9.17 10.12 7.80
C PRO A 6 -8.52 11.27 7.09
N PHE A 7 -7.57 11.81 7.77
CA PHE A 7 -6.79 12.93 7.35
C PHE A 7 -5.89 12.55 6.23
N PHE A 8 -5.71 13.45 5.36
CA PHE A 8 -4.93 13.25 4.19
C PHE A 8 -4.16 14.48 3.76
N THR A 9 -2.96 14.23 3.33
CA THR A 9 -2.20 15.13 2.55
C THR A 9 -1.16 14.41 1.75
N ARG A 10 -0.37 13.61 2.45
CA ARG A 10 0.76 12.79 1.87
C ARG A 10 1.73 12.54 2.99
N ASN A 11 1.62 13.39 3.94
CA ASN A 11 2.48 13.47 5.09
C ASN A 11 2.54 12.14 5.89
N PRO A 12 3.70 11.45 5.89
CA PRO A 12 3.84 10.23 6.66
C PRO A 12 3.70 10.52 8.10
N SER A 13 4.04 11.72 8.43
CA SER A 13 4.08 12.10 9.73
C SER A 13 2.67 12.57 10.21
N GLU A 14 1.71 12.82 9.26
CA GLU A 14 0.33 13.14 9.68
C GLU A 14 -0.24 11.84 10.17
N LEU A 15 0.16 10.78 9.47
CA LEU A 15 -0.18 9.45 9.80
C LEU A 15 0.29 9.11 11.18
N LYS A 16 -0.56 8.47 11.90
CA LYS A 16 -0.37 8.18 13.31
C LYS A 16 0.13 6.76 13.54
N GLY A 17 0.38 6.47 14.81
CA GLY A 17 0.81 5.16 15.19
C GLY A 17 2.30 5.07 15.29
N LYS A 18 2.88 4.53 14.28
CA LYS A 18 4.29 4.35 14.20
C LYS A 18 4.74 4.52 12.77
N PHE A 19 5.71 5.34 12.60
CA PHE A 19 6.27 5.64 11.35
C PHE A 19 7.60 4.95 11.35
N ILE A 20 7.74 4.01 10.49
CA ILE A 20 8.91 3.20 10.42
C ILE A 20 9.49 3.21 9.04
N HIS A 21 10.76 3.01 8.98
CA HIS A 21 11.46 2.93 7.74
C HIS A 21 12.25 1.63 7.79
N THR A 22 11.72 0.64 7.15
CA THR A 22 12.26 -0.71 7.24
C THR A 22 12.58 -1.25 5.84
N LYS A 23 13.66 -1.97 5.74
CA LYS A 23 14.12 -2.53 4.49
C LYS A 23 13.46 -3.90 4.24
N LEU A 24 12.92 -4.07 3.05
CA LEU A 24 12.37 -5.33 2.64
C LEU A 24 13.20 -5.82 1.53
N ARG A 25 13.72 -6.97 1.70
CA ARG A 25 14.51 -7.53 0.70
C ARG A 25 13.61 -8.26 -0.28
N LYS A 26 13.58 -7.78 -1.53
CA LYS A 26 12.96 -8.46 -2.64
C LYS A 26 13.35 -9.89 -2.62
N SER A 27 12.44 -10.71 -2.16
CA SER A 27 12.69 -12.09 -1.95
C SER A 27 11.68 -12.89 -2.75
N SER A 28 12.17 -13.93 -3.41
CA SER A 28 11.37 -14.82 -4.26
C SER A 28 10.58 -14.06 -5.36
N ARG A 29 11.15 -12.91 -5.78
CA ARG A 29 10.65 -12.07 -6.84
C ARG A 29 9.48 -11.26 -6.29
N GLY A 30 9.76 -10.02 -6.01
CA GLY A 30 8.78 -9.17 -5.44
C GLY A 30 8.90 -9.18 -3.96
N PHE A 31 7.79 -9.23 -3.31
CA PHE A 31 7.74 -9.10 -1.91
C PHE A 31 7.06 -10.28 -1.25
N GLY A 32 5.78 -10.25 -1.20
CA GLY A 32 5.06 -11.19 -0.41
C GLY A 32 4.24 -10.46 0.64
N PHE A 33 3.40 -9.58 0.18
CA PHE A 33 2.45 -8.88 1.00
C PHE A 33 1.38 -8.33 0.10
N THR A 34 0.19 -8.33 0.53
CA THR A 34 -0.84 -7.81 -0.28
C THR A 34 -1.28 -6.51 0.28
N VAL A 35 -1.43 -5.59 -0.59
CA VAL A 35 -1.62 -4.28 -0.23
C VAL A 35 -2.72 -3.65 -1.06
N VAL A 36 -3.56 -2.92 -0.40
CA VAL A 36 -4.67 -2.30 -1.00
C VAL A 36 -4.57 -0.82 -0.95
N GLY A 37 -4.79 -0.22 -2.06
CA GLY A 37 -4.74 1.18 -2.15
C GLY A 37 -4.05 1.57 -3.37
N GLY A 38 -3.33 2.67 -3.27
CA GLY A 38 -2.51 3.24 -4.31
C GLY A 38 -3.24 3.34 -5.57
N ASP A 39 -4.15 4.21 -5.58
CA ASP A 39 -4.95 4.36 -6.74
C ASP A 39 -4.76 5.70 -7.32
N GLU A 40 -4.46 6.64 -6.46
CA GLU A 40 -4.40 8.01 -6.86
C GLU A 40 -3.59 8.77 -5.90
N PRO A 41 -3.30 10.03 -6.14
CA PRO A 41 -2.49 10.85 -5.22
C PRO A 41 -3.19 10.93 -3.88
N ASP A 42 -4.48 10.78 -3.98
CA ASP A 42 -5.42 10.83 -2.92
C ASP A 42 -5.55 9.48 -2.17
N GLU A 43 -5.18 8.38 -2.82
CA GLU A 43 -5.26 7.08 -2.20
C GLU A 43 -3.89 6.41 -2.19
N PHE A 44 -3.45 6.13 -0.95
CA PHE A 44 -2.13 5.52 -0.58
C PHE A 44 -2.31 4.03 -0.48
N LEU A 45 -1.21 3.29 -0.46
CA LEU A 45 -1.33 1.85 -0.39
C LEU A 45 -1.29 1.40 1.06
N GLN A 46 -2.01 0.37 1.40
CA GLN A 46 -2.03 -0.11 2.77
C GLN A 46 -1.93 -1.63 2.81
N ILE A 47 -1.28 -2.17 3.77
CA ILE A 47 -1.10 -3.63 3.84
C ILE A 47 -2.35 -4.28 4.40
N LYS A 48 -2.98 -5.16 3.61
CA LYS A 48 -4.19 -5.81 4.08
C LYS A 48 -3.94 -7.22 4.53
N SER A 49 -2.85 -7.80 4.10
CA SER A 49 -2.41 -9.12 4.55
C SER A 49 -0.95 -9.26 4.23
N LEU A 50 -0.15 -9.62 5.17
CA LEU A 50 1.18 -9.92 4.85
C LEU A 50 1.29 -11.37 4.47
N VAL A 51 1.87 -11.60 3.36
CA VAL A 51 1.98 -12.91 2.84
C VAL A 51 3.14 -13.59 3.55
N LEU A 52 2.87 -14.75 4.08
CA LEU A 52 3.88 -15.54 4.75
C LEU A 52 4.91 -15.95 3.73
N ASP A 53 6.19 -15.79 4.13
CA ASP A 53 7.37 -15.96 3.25
C ASP A 53 7.65 -14.65 2.49
N GLY A 54 6.95 -13.64 2.92
CA GLY A 54 7.15 -12.30 2.43
C GLY A 54 8.14 -11.59 3.27
N PRO A 55 8.85 -10.56 2.81
CA PRO A 55 9.93 -10.02 3.55
C PRO A 55 9.41 -9.25 4.76
N ALA A 56 8.17 -8.75 4.63
CA ALA A 56 7.47 -8.11 5.73
C ALA A 56 7.26 -9.13 6.86
N ALA A 57 6.80 -10.31 6.47
CA ALA A 57 6.48 -11.41 7.38
C ALA A 57 7.73 -11.84 8.10
N LEU A 58 8.73 -11.97 7.32
CA LEU A 58 9.98 -12.46 7.71
C LEU A 58 10.79 -11.50 8.54
N ASP A 59 10.83 -10.25 8.12
CA ASP A 59 11.56 -9.20 8.83
C ASP A 59 10.86 -8.93 10.13
N GLY A 60 9.57 -9.24 10.13
CA GLY A 60 8.73 -9.14 11.32
C GLY A 60 8.53 -7.74 11.87
N LYS A 61 9.06 -6.76 11.21
CA LYS A 61 9.00 -5.40 11.67
C LYS A 61 8.06 -4.58 10.77
N MET A 62 7.25 -5.31 10.07
CA MET A 62 6.24 -4.79 9.20
C MET A 62 5.11 -5.78 9.28
N GLU A 63 3.91 -5.29 9.45
CA GLU A 63 2.75 -6.10 9.70
C GLU A 63 1.56 -5.54 8.92
N THR A 64 0.56 -6.36 8.77
CA THR A 64 -0.66 -5.97 8.18
C THR A 64 -1.25 -4.80 8.99
N GLY A 65 -1.42 -3.68 8.33
CA GLY A 65 -1.83 -2.49 9.01
C GLY A 65 -0.91 -1.32 8.69
N ASP A 66 0.29 -1.63 8.18
CA ASP A 66 1.21 -0.58 7.71
C ASP A 66 0.63 0.08 6.50
N VAL A 67 0.70 1.36 6.43
CA VAL A 67 0.29 2.03 5.25
C VAL A 67 1.56 2.40 4.47
N ILE A 68 1.57 2.08 3.22
CA ILE A 68 2.68 2.32 2.35
C ILE A 68 2.63 3.75 1.86
N VAL A 69 3.63 4.50 2.37
CA VAL A 69 3.87 5.90 2.10
C VAL A 69 4.82 6.02 0.91
N SER A 70 6.00 5.44 1.02
CA SER A 70 6.96 5.50 -0.08
C SER A 70 7.97 4.36 0.02
N VAL A 71 8.79 4.18 -1.01
CA VAL A 71 9.74 3.08 -1.04
C VAL A 71 10.95 3.40 -1.88
N ASN A 72 12.12 3.34 -1.22
CA ASN A 72 13.44 3.47 -1.84
C ASN A 72 13.52 4.69 -2.73
N ASP A 73 13.28 5.81 -2.10
CA ASP A 73 13.29 7.18 -2.71
C ASP A 73 12.07 7.46 -3.60
N THR A 74 11.54 6.42 -4.20
CA THR A 74 10.41 6.52 -5.10
C THR A 74 9.14 6.96 -4.35
N CYS A 75 8.53 8.00 -4.87
CA CYS A 75 7.36 8.59 -4.31
C CYS A 75 6.13 7.76 -4.66
N VAL A 76 5.97 6.68 -3.96
CA VAL A 76 4.84 5.78 -4.13
C VAL A 76 3.64 6.31 -3.29
N LEU A 77 3.84 7.48 -2.72
CA LEU A 77 2.84 8.18 -1.99
C LEU A 77 1.79 8.58 -2.97
N GLY A 78 0.65 7.96 -2.85
CA GLY A 78 -0.40 8.15 -3.79
C GLY A 78 0.02 7.80 -5.20
N HIS A 79 0.68 6.67 -5.35
CA HIS A 79 1.10 6.19 -6.64
C HIS A 79 -0.12 5.54 -7.26
N THR A 80 -0.22 5.60 -8.54
CA THR A 80 -1.33 5.00 -9.23
C THR A 80 -1.14 3.47 -9.25
N HIS A 81 -2.21 2.67 -9.13
CA HIS A 81 -2.10 1.19 -9.08
C HIS A 81 -1.22 0.65 -10.17
N ALA A 82 -1.48 1.09 -11.37
CA ALA A 82 -0.76 0.62 -12.54
C ALA A 82 0.74 0.91 -12.42
N GLN A 83 1.04 2.00 -11.77
CA GLN A 83 2.39 2.43 -11.62
C GLN A 83 3.09 1.66 -10.50
N VAL A 84 2.43 1.59 -9.36
CA VAL A 84 2.97 0.90 -8.21
C VAL A 84 3.15 -0.60 -8.50
N VAL A 85 2.16 -1.20 -9.14
CA VAL A 85 2.21 -2.62 -9.48
C VAL A 85 3.34 -2.86 -10.47
N LYS A 86 3.55 -1.92 -11.37
CA LYS A 86 4.62 -2.00 -12.33
C LYS A 86 6.00 -2.13 -11.64
N ILE A 87 6.23 -1.37 -10.58
CA ILE A 87 7.53 -1.40 -9.90
C ILE A 87 7.65 -2.70 -9.13
N PHE A 88 6.64 -2.94 -8.37
CA PHE A 88 6.55 -4.03 -7.45
C PHE A 88 6.52 -5.42 -8.13
N GLN A 89 5.99 -5.46 -9.31
CA GLN A 89 5.95 -6.67 -10.09
C GLN A 89 7.22 -6.89 -10.93
N SER A 90 7.93 -5.82 -11.28
CA SER A 90 9.10 -5.97 -12.14
C SER A 90 10.40 -6.32 -11.39
N ILE A 91 10.46 -6.00 -10.11
CA ILE A 91 11.64 -6.29 -9.27
C ILE A 91 12.13 -7.75 -9.31
N PRO A 92 13.43 -7.94 -9.09
CA PRO A 92 14.12 -9.21 -9.12
C PRO A 92 14.41 -9.75 -7.70
N ILE A 93 14.63 -11.03 -7.63
CA ILE A 93 15.00 -11.70 -6.40
C ILE A 93 16.40 -11.27 -5.95
N GLY A 94 16.53 -10.90 -4.70
CA GLY A 94 17.82 -10.55 -4.17
C GLY A 94 18.01 -9.06 -4.03
N ALA A 95 16.94 -8.28 -4.18
CA ALA A 95 17.12 -6.83 -4.16
C ALA A 95 16.67 -6.21 -2.83
N SER A 96 16.85 -4.93 -2.66
CA SER A 96 16.55 -4.25 -1.40
C SER A 96 15.78 -2.98 -1.65
N VAL A 97 14.93 -2.65 -0.70
CA VAL A 97 14.20 -1.37 -0.66
C VAL A 97 13.94 -0.95 0.73
N ASP A 98 13.89 0.32 0.89
CA ASP A 98 13.62 0.98 2.11
C ASP A 98 12.16 1.39 2.09
N LEU A 99 11.37 0.79 2.90
CA LEU A 99 9.96 1.10 2.99
C LEU A 99 9.72 2.16 4.03
N GLU A 100 9.07 3.19 3.60
CA GLU A 100 8.66 4.25 4.45
C GLU A 100 7.18 4.05 4.65
N LEU A 101 6.81 3.58 5.79
CA LEU A 101 5.46 3.19 6.01
C LEU A 101 5.01 3.57 7.41
N CYS A 102 3.72 3.70 7.59
CA CYS A 102 3.18 4.13 8.84
C CYS A 102 2.06 3.21 9.28
N ARG A 103 2.24 2.60 10.39
CA ARG A 103 1.36 1.59 10.91
C ARG A 103 0.72 2.09 12.19
N GLY A 104 -0.40 1.51 12.55
CA GLY A 104 -1.12 1.97 13.71
C GLY A 104 -2.59 1.88 13.44
N TYR A 105 -2.89 1.75 12.18
CA TYR A 105 -4.23 1.61 11.69
C TYR A 105 -4.56 0.13 11.62
N PRO A 106 -5.47 -0.35 12.45
CA PRO A 106 -5.85 -1.73 12.43
C PRO A 106 -6.75 -2.04 11.25
N LEU A 107 -6.56 -3.20 10.67
CA LEU A 107 -7.34 -3.65 9.53
C LEU A 107 -8.76 -3.98 10.03
N PRO A 108 -9.79 -3.18 9.67
CA PRO A 108 -11.14 -3.38 10.14
C PRO A 108 -12.02 -4.19 9.18
N PHE A 109 -12.51 -3.52 8.13
CA PHE A 109 -13.35 -4.16 7.14
C PHE A 109 -12.44 -4.77 6.10
N ASP A 110 -12.90 -5.85 5.47
CA ASP A 110 -12.04 -6.59 4.58
C ASP A 110 -11.97 -5.87 3.29
N PRO A 111 -10.79 -5.57 2.81
CA PRO A 111 -10.60 -4.93 1.54
C PRO A 111 -10.29 -6.02 0.53
N ASP A 112 -10.51 -7.23 1.00
CA ASP A 112 -10.30 -8.42 0.25
C ASP A 112 -11.58 -8.78 -0.47
N ASP A 113 -12.68 -8.18 0.00
CA ASP A 113 -14.01 -8.46 -0.50
C ASP A 113 -14.44 -7.36 -1.47
N PRO A 114 -14.51 -7.66 -2.77
CA PRO A 114 -14.97 -6.72 -3.81
C PRO A 114 -16.47 -6.42 -3.77
N ASN A 115 -16.95 -5.95 -4.92
CA ASN A 115 -18.33 -5.63 -5.20
C ASN A 115 -18.78 -4.36 -4.58
N THR A 116 -17.85 -3.49 -4.38
CA THR A 116 -18.05 -2.23 -3.74
C THR A 116 -16.78 -1.41 -4.01
N SER A 117 -16.88 -0.09 -3.98
CA SER A 117 -15.73 0.74 -4.00
C SER A 117 -15.17 0.66 -2.59
N LEU A 118 -14.00 0.09 -2.44
CA LEU A 118 -13.53 -0.31 -1.15
C LEU A 118 -12.97 0.84 -0.39
N VAL A 119 -13.74 1.28 0.55
CA VAL A 119 -13.30 2.22 1.50
C VAL A 119 -13.54 1.62 2.87
N THR A 120 -12.52 1.08 3.44
CA THR A 120 -12.62 0.49 4.73
C THR A 120 -12.67 1.64 5.76
N SER A 121 -13.45 1.48 6.78
CA SER A 121 -13.57 2.49 7.80
C SER A 121 -12.78 2.06 9.00
N VAL A 122 -11.77 2.79 9.28
CA VAL A 122 -10.81 2.43 10.27
C VAL A 122 -11.15 3.01 11.62
N ALA A 123 -10.93 2.21 12.62
CA ALA A 123 -11.06 2.61 13.98
C ALA A 123 -9.69 3.11 14.42
N ILE A 124 -9.65 3.79 15.54
CA ILE A 124 -8.45 4.43 16.06
C ILE A 124 -8.18 5.70 15.21
N LEU A 125 -9.23 6.13 14.62
CA LEU A 125 -9.28 7.31 13.87
C LEU A 125 -9.74 8.42 14.81
N ASP A 126 -9.29 9.62 14.58
CA ASP A 126 -9.61 10.73 15.42
C ASP A 126 -11.01 11.16 15.20
N LYS A 127 -11.76 11.11 16.24
CA LYS A 127 -13.15 11.51 16.27
C LYS A 127 -13.23 12.86 16.97
N GLU A 128 -12.53 13.85 16.46
CA GLU A 128 -12.41 15.13 17.15
C GLU A 128 -13.62 16.03 16.89
N PRO A 129 -13.99 16.87 17.88
CA PRO A 129 -15.11 17.79 17.73
C PRO A 129 -14.72 19.05 16.94
N ARG B 1 -14.69 5.51 -13.56
CA ARG B 1 -15.98 5.92 -13.02
C ARG B 1 -15.87 6.13 -11.52
N SER B 2 -15.52 5.07 -10.81
CA SER B 2 -15.35 5.12 -9.39
C SER B 2 -13.90 5.53 -9.04
N SER B 3 -13.74 6.23 -7.93
CA SER B 3 -12.44 6.77 -7.58
C SER B 3 -11.98 6.20 -6.23
N ARG B 4 -12.76 6.40 -5.17
CA ARG B 4 -12.37 5.92 -3.86
C ARG B 4 -12.59 4.43 -3.71
N THR B 5 -11.62 3.67 -4.14
CA THR B 5 -11.57 2.27 -3.97
C THR B 5 -10.13 1.81 -4.03
N ARG B 6 -9.65 1.33 -2.91
CA ARG B 6 -8.29 0.86 -2.80
C ARG B 6 -8.07 -0.47 -3.50
N ARG B 7 -7.09 -0.50 -4.41
CA ARG B 7 -6.85 -1.63 -5.30
C ARG B 7 -5.93 -2.65 -4.69
N GLU B 8 -6.23 -3.90 -4.95
CA GLU B 8 -5.46 -5.02 -4.49
C GLU B 8 -4.21 -5.15 -5.35
N THR B 9 -3.11 -4.87 -4.78
CA THR B 9 -1.85 -5.00 -5.43
C THR B 9 -1.08 -6.08 -4.68
N GLN B 10 -1.25 -7.31 -5.08
CA GLN B 10 -0.54 -8.40 -4.44
C GLN B 10 0.91 -8.44 -4.89
N VAL B 11 1.80 -8.18 -3.98
CA VAL B 11 3.18 -8.10 -4.32
C VAL B 11 3.97 -9.16 -3.62
N GLY A 1 -16.76 22.63 -0.15
CA GLY A 1 -17.09 22.72 1.26
C GLY A 1 -17.22 21.35 1.84
N ALA A 2 -17.79 21.29 3.05
CA ALA A 2 -18.01 20.03 3.79
C ALA A 2 -16.70 19.27 3.94
N MET A 3 -15.77 19.87 4.67
CA MET A 3 -14.45 19.31 4.88
C MET A 3 -14.45 18.14 5.85
N GLY A 4 -15.01 17.07 5.38
CA GLY A 4 -15.00 15.82 6.08
C GLY A 4 -14.50 14.77 5.13
N LYS A 5 -13.53 15.16 4.32
CA LYS A 5 -12.95 14.30 3.33
C LYS A 5 -11.82 13.50 3.92
N PRO A 6 -11.60 12.27 3.41
CA PRO A 6 -10.50 11.42 3.86
C PRO A 6 -9.18 12.10 3.60
N PHE A 7 -8.43 12.19 4.65
CA PHE A 7 -7.22 12.96 4.74
C PHE A 7 -6.14 12.54 3.74
N PHE A 8 -5.69 13.51 3.02
CA PHE A 8 -4.61 13.39 2.08
C PHE A 8 -3.85 14.70 2.01
N THR A 9 -2.57 14.60 2.07
CA THR A 9 -1.68 15.67 1.74
C THR A 9 -0.27 15.13 1.61
N ARG A 10 -0.20 13.85 1.17
CA ARG A 10 1.03 13.09 0.95
C ARG A 10 1.98 13.21 2.09
N ASN A 11 1.41 13.16 3.20
CA ASN A 11 2.16 13.19 4.44
C ASN A 11 2.10 11.86 5.19
N PRO A 12 3.26 11.20 5.33
CA PRO A 12 3.36 9.98 6.17
C PRO A 12 2.92 10.32 7.55
N SER A 13 3.28 11.47 7.85
CA SER A 13 3.13 12.06 9.06
C SER A 13 1.64 12.49 9.32
N GLU A 14 0.78 12.53 8.26
CA GLU A 14 -0.66 12.82 8.44
C GLU A 14 -1.30 11.52 8.87
N LEU A 15 -0.70 10.44 8.37
CA LEU A 15 -1.06 9.13 8.80
C LEU A 15 -0.64 9.00 10.25
N LYS A 16 -1.49 8.42 11.01
CA LYS A 16 -1.30 8.31 12.44
C LYS A 16 -0.40 7.15 12.82
N GLY A 17 -0.19 7.01 14.11
CA GLY A 17 0.62 5.97 14.63
C GLY A 17 2.07 6.34 14.63
N LYS A 18 2.86 5.48 14.10
CA LYS A 18 4.28 5.65 14.08
C LYS A 18 4.79 5.53 12.67
N PHE A 19 5.78 6.27 12.37
CA PHE A 19 6.34 6.37 11.07
C PHE A 19 7.72 5.79 11.13
N ILE A 20 7.90 4.69 10.49
CA ILE A 20 9.12 3.97 10.52
C ILE A 20 9.62 3.67 9.12
N HIS A 21 10.90 3.55 9.01
CA HIS A 21 11.57 3.27 7.78
C HIS A 21 12.31 1.95 7.97
N THR A 22 11.83 0.92 7.34
CA THR A 22 12.39 -0.41 7.49
C THR A 22 12.60 -1.08 6.10
N LYS A 23 13.62 -1.88 5.99
CA LYS A 23 14.00 -2.50 4.73
C LYS A 23 13.35 -3.87 4.55
N LEU A 24 12.92 -4.17 3.33
CA LEU A 24 12.41 -5.48 2.99
C LEU A 24 13.25 -6.00 1.87
N ARG A 25 13.77 -7.16 2.03
CA ARG A 25 14.63 -7.72 1.07
C ARG A 25 13.82 -8.40 0.00
N LYS A 26 13.87 -7.85 -1.18
CA LYS A 26 13.30 -8.40 -2.38
C LYS A 26 13.52 -9.86 -2.49
N SER A 27 12.46 -10.56 -2.27
CA SER A 27 12.46 -11.98 -2.30
C SER A 27 11.45 -12.33 -3.36
N SER A 28 11.85 -13.20 -4.29
CA SER A 28 11.10 -13.50 -5.50
C SER A 28 10.98 -12.18 -6.30
N ARG A 29 10.11 -12.11 -7.28
CA ARG A 29 10.00 -10.87 -8.02
C ARG A 29 9.07 -9.91 -7.31
N GLY A 30 9.45 -9.55 -6.11
CA GLY A 30 8.67 -8.65 -5.36
C GLY A 30 8.87 -8.78 -3.88
N PHE A 31 7.80 -9.07 -3.23
CA PHE A 31 7.72 -9.00 -1.82
C PHE A 31 7.00 -10.23 -1.23
N GLY A 32 5.76 -10.06 -0.88
CA GLY A 32 4.98 -11.07 -0.21
C GLY A 32 4.06 -10.45 0.81
N PHE A 33 3.22 -9.56 0.37
CA PHE A 33 2.21 -8.93 1.20
C PHE A 33 1.13 -8.35 0.32
N THR A 34 -0.08 -8.39 0.74
CA THR A 34 -1.08 -7.81 -0.09
C THR A 34 -1.46 -6.48 0.45
N VAL A 35 -1.57 -5.56 -0.46
CA VAL A 35 -1.73 -4.24 -0.12
C VAL A 35 -2.95 -3.67 -0.80
N VAL A 36 -3.61 -2.83 -0.10
CA VAL A 36 -4.78 -2.17 -0.55
C VAL A 36 -4.54 -0.71 -0.65
N GLY A 37 -4.92 -0.14 -1.73
CA GLY A 37 -4.74 1.27 -1.88
C GLY A 37 -4.03 1.57 -3.14
N GLY A 38 -3.20 2.62 -3.05
CA GLY A 38 -2.35 3.11 -4.12
C GLY A 38 -3.08 3.20 -5.39
N ASP A 39 -4.04 4.02 -5.38
CA ASP A 39 -4.86 4.15 -6.50
C ASP A 39 -4.53 5.41 -7.19
N GLU A 40 -4.32 6.44 -6.40
CA GLU A 40 -4.18 7.75 -6.93
C GLU A 40 -3.51 8.62 -5.94
N PRO A 41 -3.16 9.84 -6.32
CA PRO A 41 -2.51 10.79 -5.44
C PRO A 41 -3.54 11.35 -4.51
N ASP A 42 -4.01 10.46 -3.72
CA ASP A 42 -5.08 10.62 -2.81
C ASP A 42 -5.16 9.35 -1.98
N GLU A 43 -5.13 8.23 -2.68
CA GLU A 43 -5.18 6.94 -2.04
C GLU A 43 -3.79 6.29 -2.05
N PHE A 44 -3.30 6.04 -0.82
CA PHE A 44 -1.98 5.45 -0.45
C PHE A 44 -2.12 3.96 -0.28
N LEU A 45 -1.00 3.22 -0.22
CA LEU A 45 -1.13 1.77 -0.13
C LEU A 45 -1.04 1.32 1.30
N GLN A 46 -1.75 0.28 1.68
CA GLN A 46 -1.78 -0.19 3.05
C GLN A 46 -1.76 -1.72 3.08
N ILE A 47 -1.12 -2.28 4.04
CA ILE A 47 -0.97 -3.75 4.12
C ILE A 47 -2.20 -4.34 4.72
N LYS A 48 -2.84 -5.16 3.96
CA LYS A 48 -4.02 -5.84 4.44
C LYS A 48 -3.67 -7.24 4.89
N SER A 49 -2.61 -7.80 4.38
CA SER A 49 -2.22 -9.12 4.79
C SER A 49 -0.74 -9.27 4.63
N LEU A 50 -0.06 -9.70 5.68
CA LEU A 50 1.31 -10.00 5.53
C LEU A 50 1.37 -11.44 5.08
N VAL A 51 1.87 -11.65 3.92
CA VAL A 51 1.85 -12.94 3.33
C VAL A 51 3.08 -13.73 3.75
N LEU A 52 2.85 -14.99 4.13
CA LEU A 52 3.91 -15.91 4.48
C LEU A 52 4.81 -16.07 3.29
N ASP A 53 6.12 -16.18 3.56
CA ASP A 53 7.18 -16.31 2.53
C ASP A 53 7.52 -14.93 1.93
N GLY A 54 6.87 -13.91 2.48
CA GLY A 54 7.10 -12.54 2.11
C GLY A 54 8.09 -11.92 3.04
N PRO A 55 8.83 -10.87 2.66
CA PRO A 55 9.93 -10.41 3.47
C PRO A 55 9.42 -9.73 4.74
N ALA A 56 8.20 -9.19 4.68
CA ALA A 56 7.53 -8.61 5.84
C ALA A 56 7.29 -9.70 6.88
N ALA A 57 6.84 -10.85 6.41
CA ALA A 57 6.54 -12.01 7.24
C ALA A 57 7.80 -12.51 7.89
N LEU A 58 8.76 -12.65 7.07
CA LEU A 58 9.99 -13.23 7.38
C LEU A 58 10.86 -12.38 8.26
N ASP A 59 10.87 -11.09 8.01
CA ASP A 59 11.62 -10.15 8.83
C ASP A 59 10.87 -9.97 10.13
N GLY A 60 9.57 -10.22 10.04
CA GLY A 60 8.67 -10.18 11.19
C GLY A 60 8.37 -8.83 11.75
N LYS A 61 9.00 -7.83 11.21
CA LYS A 61 8.87 -6.53 11.74
C LYS A 61 7.79 -5.73 11.03
N MET A 62 7.72 -5.82 9.73
CA MET A 62 6.67 -5.16 8.97
C MET A 62 5.43 -6.03 9.02
N GLU A 63 4.29 -5.44 9.28
CA GLU A 63 3.09 -6.20 9.57
C GLU A 63 1.87 -5.59 8.94
N THR A 64 0.81 -6.35 8.97
CA THR A 64 -0.45 -5.92 8.51
C THR A 64 -0.92 -4.76 9.38
N GLY A 65 -1.25 -3.68 8.75
CA GLY A 65 -1.60 -2.50 9.49
C GLY A 65 -0.66 -1.38 9.18
N ASP A 66 0.41 -1.71 8.46
CA ASP A 66 1.32 -0.69 7.96
C ASP A 66 0.71 -0.06 6.76
N VAL A 67 0.91 1.19 6.60
CA VAL A 67 0.53 1.83 5.39
C VAL A 67 1.74 2.36 4.65
N ILE A 68 1.90 1.84 3.46
CA ILE A 68 2.98 2.11 2.58
C ILE A 68 2.91 3.55 2.05
N VAL A 69 3.93 4.29 2.48
CA VAL A 69 4.13 5.68 2.18
C VAL A 69 5.22 5.83 1.11
N SER A 70 6.39 5.27 1.33
CA SER A 70 7.47 5.44 0.39
C SER A 70 8.29 4.14 0.31
N VAL A 71 9.02 3.97 -0.79
CA VAL A 71 9.77 2.75 -1.02
C VAL A 71 11.09 3.04 -1.75
N ASN A 72 12.20 2.83 -1.02
CA ASN A 72 13.58 2.94 -1.53
C ASN A 72 13.97 4.39 -1.79
N ASP A 73 13.32 4.95 -2.74
CA ASP A 73 13.54 6.28 -3.27
C ASP A 73 12.24 6.79 -3.87
N THR A 74 11.52 5.88 -4.49
CA THR A 74 10.29 6.17 -5.13
C THR A 74 9.22 6.52 -4.10
N CYS A 75 8.60 7.64 -4.33
CA CYS A 75 7.57 8.08 -3.48
C CYS A 75 6.29 7.44 -3.96
N VAL A 76 6.00 6.28 -3.41
CA VAL A 76 4.84 5.51 -3.76
C VAL A 76 3.58 6.07 -3.03
N LEU A 77 3.82 7.15 -2.33
CA LEU A 77 2.82 7.88 -1.63
C LEU A 77 1.91 8.51 -2.66
N GLY A 78 0.70 8.03 -2.70
CA GLY A 78 -0.25 8.48 -3.67
C GLY A 78 0.16 8.06 -5.07
N HIS A 79 0.68 6.87 -5.17
CA HIS A 79 1.06 6.32 -6.44
C HIS A 79 -0.18 5.75 -7.06
N THR A 80 -0.25 5.79 -8.34
CA THR A 80 -1.37 5.25 -9.04
C THR A 80 -1.21 3.73 -9.10
N HIS A 81 -2.30 2.95 -8.99
CA HIS A 81 -2.25 1.47 -9.00
C HIS A 81 -1.40 0.92 -10.11
N ALA A 82 -1.64 1.37 -11.31
CA ALA A 82 -0.93 0.90 -12.47
C ALA A 82 0.56 1.19 -12.33
N GLN A 83 0.89 2.32 -11.69
CA GLN A 83 2.26 2.70 -11.51
C GLN A 83 2.92 1.87 -10.42
N VAL A 84 2.26 1.79 -9.28
CA VAL A 84 2.78 1.07 -8.14
C VAL A 84 2.95 -0.41 -8.45
N VAL A 85 1.94 -1.01 -9.08
CA VAL A 85 2.00 -2.43 -9.40
C VAL A 85 3.11 -2.71 -10.40
N LYS A 86 3.31 -1.78 -11.31
CA LYS A 86 4.36 -1.88 -12.29
C LYS A 86 5.75 -1.99 -11.62
N ILE A 87 6.01 -1.12 -10.67
CA ILE A 87 7.32 -1.03 -10.05
C ILE A 87 7.55 -2.22 -9.15
N PHE A 88 6.57 -2.44 -8.33
CA PHE A 88 6.58 -3.47 -7.33
C PHE A 88 6.69 -4.87 -7.92
N GLN A 89 6.00 -5.10 -9.01
CA GLN A 89 6.02 -6.41 -9.63
C GLN A 89 7.21 -6.56 -10.60
N SER A 90 7.86 -5.44 -10.96
CA SER A 90 9.06 -5.50 -11.80
C SER A 90 10.33 -5.57 -10.93
N ILE A 91 10.13 -5.52 -9.61
CA ILE A 91 11.17 -5.75 -8.64
C ILE A 91 11.91 -7.11 -8.89
N PRO A 92 13.26 -7.13 -8.71
CA PRO A 92 14.09 -8.31 -8.90
C PRO A 92 14.41 -9.05 -7.59
N ILE A 93 14.59 -10.35 -7.71
CA ILE A 93 14.94 -11.22 -6.60
C ILE A 93 16.35 -10.90 -6.09
N GLY A 94 16.51 -10.83 -4.78
CA GLY A 94 17.82 -10.60 -4.21
C GLY A 94 18.10 -9.15 -3.98
N ALA A 95 17.09 -8.34 -4.06
CA ALA A 95 17.29 -6.88 -4.01
C ALA A 95 16.78 -6.30 -2.68
N SER A 96 16.73 -5.00 -2.56
CA SER A 96 16.41 -4.34 -1.31
C SER A 96 15.72 -3.01 -1.49
N VAL A 97 14.78 -2.73 -0.62
CA VAL A 97 14.10 -1.44 -0.58
C VAL A 97 13.78 -1.09 0.83
N ASP A 98 13.66 0.17 1.05
CA ASP A 98 13.33 0.71 2.31
C ASP A 98 11.94 1.20 2.28
N LEU A 99 11.11 0.58 3.03
CA LEU A 99 9.73 0.96 3.11
C LEU A 99 9.57 1.95 4.22
N GLU A 100 9.10 3.07 3.86
CA GLU A 100 8.78 4.09 4.80
C GLU A 100 7.30 3.96 4.97
N LEU A 101 6.90 3.51 6.11
CA LEU A 101 5.53 3.14 6.32
C LEU A 101 5.07 3.53 7.69
N CYS A 102 3.79 3.70 7.83
CA CYS A 102 3.23 4.09 9.08
C CYS A 102 2.45 2.94 9.69
N ARG A 103 2.79 2.64 10.90
CA ARG A 103 2.19 1.58 11.66
C ARG A 103 1.22 2.18 12.65
N GLY A 104 0.22 1.44 13.05
CA GLY A 104 -0.69 1.96 14.02
C GLY A 104 -2.10 1.89 13.56
N TYR A 105 -2.27 1.49 12.32
CA TYR A 105 -3.57 1.32 11.75
C TYR A 105 -4.06 -0.10 12.00
N PRO A 106 -5.11 -0.24 12.80
CA PRO A 106 -5.70 -1.54 13.04
C PRO A 106 -6.47 -2.00 11.81
N LEU A 107 -6.55 -3.29 11.60
CA LEU A 107 -7.23 -3.82 10.46
C LEU A 107 -8.65 -4.19 10.91
N PRO A 108 -9.67 -3.38 10.55
CA PRO A 108 -11.03 -3.54 11.05
C PRO A 108 -11.90 -4.50 10.23
N PHE A 109 -11.25 -5.44 9.59
CA PHE A 109 -11.92 -6.41 8.77
C PHE A 109 -11.01 -7.58 8.53
N ASP A 110 -11.54 -8.63 7.99
CA ASP A 110 -10.73 -9.75 7.60
C ASP A 110 -10.33 -9.54 6.20
N PRO A 111 -9.08 -9.67 5.89
CA PRO A 111 -8.54 -9.31 4.64
C PRO A 111 -8.27 -10.55 3.79
N ASP A 112 -8.71 -11.68 4.29
CA ASP A 112 -8.58 -12.90 3.59
C ASP A 112 -9.83 -13.01 2.77
N ASP A 113 -10.90 -12.55 3.41
CA ASP A 113 -12.20 -12.38 2.83
C ASP A 113 -12.09 -11.45 1.62
N PRO A 114 -12.69 -11.86 0.48
CA PRO A 114 -12.78 -11.11 -0.78
C PRO A 114 -12.98 -9.63 -0.67
N ASN A 115 -11.95 -8.88 -0.63
CA ASN A 115 -12.16 -7.50 -0.53
C ASN A 115 -11.40 -6.79 -1.59
N THR A 116 -12.02 -6.69 -2.72
CA THR A 116 -11.50 -5.93 -3.82
C THR A 116 -11.80 -4.44 -3.57
N SER A 117 -11.45 -3.62 -4.50
CA SER A 117 -11.66 -2.22 -4.42
C SER A 117 -13.13 -1.85 -4.52
N LEU A 118 -13.63 -1.32 -3.44
CA LEU A 118 -14.87 -0.68 -3.45
C LEU A 118 -14.59 0.67 -4.09
N VAL A 119 -15.16 0.91 -5.22
CA VAL A 119 -14.70 2.01 -5.99
C VAL A 119 -15.68 3.14 -6.11
N THR A 120 -15.26 4.30 -5.69
CA THR A 120 -16.00 5.48 -5.93
C THR A 120 -15.38 6.12 -7.17
N SER A 121 -16.16 6.72 -7.98
CA SER A 121 -15.68 7.31 -9.18
C SER A 121 -16.52 8.50 -9.55
N VAL A 122 -15.88 9.49 -10.07
CA VAL A 122 -16.56 10.66 -10.52
C VAL A 122 -16.84 10.45 -11.98
N ALA A 123 -18.06 10.09 -12.30
CA ALA A 123 -18.42 9.76 -13.66
C ALA A 123 -18.65 11.01 -14.46
N ILE A 124 -17.56 11.65 -14.75
CA ILE A 124 -17.47 12.88 -15.49
C ILE A 124 -16.21 12.79 -16.35
N LEU A 125 -15.21 12.15 -15.78
CA LEU A 125 -13.93 11.94 -16.43
C LEU A 125 -13.96 10.64 -17.19
N ASP A 126 -12.83 10.32 -17.76
CA ASP A 126 -12.66 9.07 -18.46
C ASP A 126 -12.39 8.00 -17.45
N LYS A 127 -13.49 7.42 -17.02
CA LYS A 127 -13.59 6.37 -16.01
C LYS A 127 -12.45 5.40 -16.08
N GLU A 128 -11.68 5.40 -15.05
CA GLU A 128 -10.54 4.53 -14.93
C GLU A 128 -11.01 3.22 -14.29
N PRO A 129 -10.90 2.09 -15.01
CA PRO A 129 -11.35 0.79 -14.53
C PRO A 129 -10.47 0.24 -13.39
N ARG B 1 -8.29 13.21 -0.08
CA ARG B 1 -9.22 13.89 -0.98
C ARG B 1 -10.57 13.19 -0.98
N SER B 2 -10.72 12.08 -1.67
CA SER B 2 -12.03 11.43 -1.72
C SER B 2 -11.96 9.93 -2.01
N SER B 3 -11.00 9.52 -2.77
CA SER B 3 -10.94 8.17 -3.22
C SER B 3 -10.33 7.24 -2.18
N ARG B 4 -11.10 6.26 -1.80
CA ARG B 4 -10.67 5.20 -0.92
C ARG B 4 -11.07 3.92 -1.57
N THR B 5 -10.84 3.90 -2.86
CA THR B 5 -11.14 2.83 -3.75
C THR B 5 -10.34 1.60 -3.36
N ARG B 6 -9.05 1.83 -3.17
CA ARG B 6 -8.07 0.86 -2.72
C ARG B 6 -8.03 -0.46 -3.45
N ARG B 7 -7.12 -0.54 -4.42
CA ARG B 7 -6.98 -1.70 -5.26
C ARG B 7 -6.13 -2.71 -4.51
N GLU B 8 -6.26 -3.96 -4.85
CA GLU B 8 -5.51 -4.98 -4.18
C GLU B 8 -4.24 -5.32 -4.96
N THR B 9 -3.21 -4.55 -4.74
CA THR B 9 -1.96 -4.81 -5.38
C THR B 9 -1.33 -6.00 -4.61
N GLN B 10 -1.31 -7.15 -5.22
CA GLN B 10 -0.80 -8.31 -4.55
C GLN B 10 0.70 -8.44 -4.76
N VAL B 11 1.43 -7.92 -3.82
CA VAL B 11 2.86 -7.89 -3.87
C VAL B 11 3.45 -8.78 -2.80
N GLY A 1 -21.18 18.34 3.22
CA GLY A 1 -21.29 19.79 3.17
C GLY A 1 -19.92 20.43 3.10
N ALA A 2 -19.22 20.44 4.22
CA ALA A 2 -17.90 21.00 4.28
C ALA A 2 -17.03 20.15 5.18
N MET A 3 -15.78 19.98 4.79
CA MET A 3 -14.77 19.22 5.53
C MET A 3 -15.09 17.75 5.66
N GLY A 4 -15.71 17.21 4.63
CA GLY A 4 -16.02 15.80 4.62
C GLY A 4 -15.00 15.05 3.82
N LYS A 5 -13.76 15.38 4.03
CA LYS A 5 -12.67 14.75 3.32
C LYS A 5 -11.86 13.92 4.26
N PRO A 6 -11.36 12.78 3.79
CA PRO A 6 -10.44 11.98 4.55
C PRO A 6 -9.09 12.68 4.51
N PHE A 7 -8.35 12.59 5.58
CA PHE A 7 -7.13 13.32 5.68
C PHE A 7 -6.06 12.81 4.71
N PHE A 8 -5.69 13.70 3.84
CA PHE A 8 -4.69 13.48 2.84
C PHE A 8 -3.97 14.78 2.58
N THR A 9 -2.69 14.69 2.51
CA THR A 9 -1.83 15.72 2.05
C THR A 9 -0.39 15.21 1.96
N ARG A 10 -0.24 13.93 1.46
CA ARG A 10 1.08 13.23 1.17
C ARG A 10 2.01 13.15 2.37
N ASN A 11 1.49 13.43 3.47
CA ASN A 11 2.23 13.42 4.71
C ASN A 11 2.18 12.12 5.49
N PRO A 12 3.34 11.44 5.63
CA PRO A 12 3.43 10.27 6.52
C PRO A 12 3.16 10.73 7.90
N SER A 13 3.51 11.96 8.06
CA SER A 13 3.45 12.63 9.23
C SER A 13 1.96 12.90 9.64
N GLU A 14 1.03 12.96 8.65
CA GLU A 14 -0.38 13.17 8.97
C GLU A 14 -0.94 11.86 9.43
N LEU A 15 -0.37 10.80 8.88
CA LEU A 15 -0.70 9.48 9.29
C LEU A 15 -0.29 9.31 10.75
N LYS A 16 -1.17 8.76 11.50
CA LYS A 16 -0.98 8.64 12.95
C LYS A 16 -0.30 7.34 13.31
N GLY A 17 -0.02 7.20 14.58
CA GLY A 17 0.60 6.00 15.06
C GLY A 17 2.09 6.19 15.21
N LYS A 18 2.83 5.45 14.44
CA LYS A 18 4.27 5.51 14.41
C LYS A 18 4.73 5.45 12.99
N PHE A 19 5.87 5.95 12.74
CA PHE A 19 6.41 6.06 11.44
C PHE A 19 7.71 5.30 11.42
N ILE A 20 7.74 4.24 10.70
CA ILE A 20 8.90 3.40 10.64
C ILE A 20 9.41 3.31 9.24
N HIS A 21 10.68 3.08 9.14
CA HIS A 21 11.33 2.99 7.86
C HIS A 21 12.21 1.76 7.89
N THR A 22 11.70 0.73 7.31
CA THR A 22 12.35 -0.57 7.37
C THR A 22 12.60 -1.18 5.97
N LYS A 23 13.73 -1.82 5.82
CA LYS A 23 14.17 -2.42 4.58
C LYS A 23 13.64 -3.83 4.40
N LEU A 24 13.12 -4.10 3.22
CA LEU A 24 12.69 -5.43 2.85
C LEU A 24 13.55 -5.89 1.73
N ARG A 25 14.11 -7.03 1.91
CA ARG A 25 14.95 -7.58 0.93
C ARG A 25 14.10 -8.37 -0.04
N LYS A 26 13.87 -7.79 -1.22
CA LYS A 26 13.19 -8.43 -2.30
C LYS A 26 13.57 -9.83 -2.49
N SER A 27 12.58 -10.66 -2.33
CA SER A 27 12.67 -12.05 -2.47
C SER A 27 12.31 -12.37 -3.95
N SER A 28 11.51 -13.40 -4.21
CA SER A 28 11.19 -13.81 -5.59
C SER A 28 10.40 -12.74 -6.40
N ARG A 29 11.14 -11.79 -6.96
CA ARG A 29 10.65 -10.73 -7.88
C ARG A 29 9.63 -9.85 -7.22
N GLY A 30 9.71 -9.72 -5.94
CA GLY A 30 8.77 -8.93 -5.25
C GLY A 30 8.89 -9.07 -3.80
N PHE A 31 7.78 -9.13 -3.15
CA PHE A 31 7.71 -9.09 -1.74
C PHE A 31 6.97 -10.29 -1.15
N GLY A 32 5.69 -10.19 -1.02
CA GLY A 32 4.97 -11.19 -0.28
C GLY A 32 4.05 -10.56 0.75
N PHE A 33 3.24 -9.66 0.30
CA PHE A 33 2.21 -9.07 1.09
C PHE A 33 1.22 -8.45 0.15
N THR A 34 -0.02 -8.53 0.46
CA THR A 34 -1.00 -8.00 -0.41
C THR A 34 -1.58 -6.74 0.22
N VAL A 35 -1.78 -5.72 -0.57
CA VAL A 35 -2.07 -4.41 -0.04
C VAL A 35 -3.39 -3.80 -0.61
N VAL A 36 -3.94 -2.83 0.12
CA VAL A 36 -5.11 -2.08 -0.28
C VAL A 36 -4.75 -0.63 -0.48
N GLY A 37 -5.18 -0.07 -1.54
CA GLY A 37 -4.96 1.32 -1.74
C GLY A 37 -4.11 1.56 -2.93
N GLY A 38 -3.26 2.58 -2.80
CA GLY A 38 -2.36 3.06 -3.84
C GLY A 38 -3.03 3.13 -5.13
N ASP A 39 -4.05 3.86 -5.15
CA ASP A 39 -4.82 3.91 -6.31
C ASP A 39 -4.53 5.17 -7.03
N GLU A 40 -4.28 6.21 -6.30
CA GLU A 40 -4.20 7.50 -6.90
C GLU A 40 -3.42 8.40 -6.03
N PRO A 41 -3.04 9.57 -6.52
CA PRO A 41 -2.19 10.52 -5.81
C PRO A 41 -2.99 11.24 -4.76
N ASP A 42 -3.52 10.44 -3.93
CA ASP A 42 -4.42 10.77 -2.90
C ASP A 42 -4.57 9.52 -2.03
N GLU A 43 -4.75 8.39 -2.69
CA GLU A 43 -4.88 7.13 -1.99
C GLU A 43 -3.54 6.41 -1.99
N PHE A 44 -3.03 6.19 -0.74
CA PHE A 44 -1.73 5.57 -0.36
C PHE A 44 -1.95 4.06 -0.22
N LEU A 45 -0.88 3.28 -0.17
CA LEU A 45 -1.08 1.84 -0.07
C LEU A 45 -1.00 1.42 1.36
N GLN A 46 -1.77 0.47 1.73
CA GLN A 46 -1.77 -0.07 3.06
C GLN A 46 -1.69 -1.57 2.91
N ILE A 47 -1.21 -2.26 3.89
CA ILE A 47 -1.06 -3.72 3.78
C ILE A 47 -2.34 -4.38 4.27
N LYS A 48 -2.92 -5.25 3.48
CA LYS A 48 -4.19 -5.88 3.86
C LYS A 48 -4.03 -7.33 4.23
N SER A 49 -2.93 -7.94 3.82
CA SER A 49 -2.61 -9.29 4.23
C SER A 49 -1.12 -9.51 4.12
N LEU A 50 -0.53 -9.97 5.19
CA LEU A 50 0.83 -10.34 5.22
C LEU A 50 0.95 -11.76 4.69
N VAL A 51 1.61 -11.90 3.58
CA VAL A 51 1.80 -13.16 2.98
C VAL A 51 3.04 -13.77 3.59
N LEU A 52 2.89 -14.93 4.15
CA LEU A 52 3.99 -15.60 4.77
C LEU A 52 4.92 -16.06 3.71
N ASP A 53 6.21 -16.04 4.05
CA ASP A 53 7.33 -16.32 3.13
C ASP A 53 7.71 -15.02 2.38
N GLY A 54 7.02 -13.95 2.73
CA GLY A 54 7.32 -12.64 2.24
C GLY A 54 8.35 -12.00 3.11
N PRO A 55 9.10 -10.98 2.68
CA PRO A 55 10.22 -10.52 3.45
C PRO A 55 9.74 -9.76 4.69
N ALA A 56 8.52 -9.21 4.59
CA ALA A 56 7.81 -8.55 5.68
C ALA A 56 7.54 -9.57 6.78
N ALA A 57 7.12 -10.76 6.37
CA ALA A 57 6.80 -11.87 7.26
C ALA A 57 8.03 -12.34 7.97
N LEU A 58 9.03 -12.46 7.20
CA LEU A 58 10.27 -13.00 7.56
C LEU A 58 11.08 -12.15 8.47
N ASP A 59 11.16 -10.87 8.17
CA ASP A 59 11.88 -9.94 9.02
C ASP A 59 10.99 -9.60 10.20
N GLY A 60 9.70 -9.86 9.99
CA GLY A 60 8.65 -9.66 10.97
C GLY A 60 8.53 -8.27 11.44
N LYS A 61 8.91 -7.37 10.60
CA LYS A 61 8.97 -5.99 10.94
C LYS A 61 7.76 -5.24 10.38
N MET A 62 7.04 -5.89 9.49
CA MET A 62 5.85 -5.32 8.90
C MET A 62 4.72 -6.28 9.18
N GLU A 63 3.55 -5.75 9.41
CA GLU A 63 2.39 -6.55 9.82
C GLU A 63 1.15 -5.91 9.25
N THR A 64 0.22 -6.75 8.81
CA THR A 64 -0.99 -6.36 8.14
C THR A 64 -1.67 -5.19 8.83
N GLY A 65 -1.71 -4.09 8.16
CA GLY A 65 -2.21 -2.89 8.75
C GLY A 65 -1.26 -1.73 8.53
N ASP A 66 0.02 -2.02 8.22
CA ASP A 66 1.02 -0.95 7.95
C ASP A 66 0.53 -0.16 6.76
N VAL A 67 0.79 1.10 6.71
CA VAL A 67 0.45 1.86 5.54
C VAL A 67 1.66 2.46 4.88
N ILE A 68 1.90 2.01 3.66
CA ILE A 68 3.02 2.38 2.88
C ILE A 68 2.86 3.78 2.29
N VAL A 69 3.81 4.60 2.69
CA VAL A 69 3.91 5.98 2.34
C VAL A 69 4.91 6.17 1.20
N SER A 70 5.96 5.38 1.16
CA SER A 70 6.97 5.51 0.11
C SER A 70 7.93 4.33 0.19
N VAL A 71 8.78 4.17 -0.81
CA VAL A 71 9.69 3.04 -0.83
C VAL A 71 10.95 3.30 -1.66
N ASN A 72 12.08 3.29 -0.96
CA ASN A 72 13.45 3.36 -1.51
C ASN A 72 13.58 4.28 -2.71
N ASP A 73 13.60 5.52 -2.44
CA ASP A 73 13.77 6.61 -3.47
C ASP A 73 12.53 6.79 -4.39
N THR A 74 11.68 5.79 -4.46
CA THR A 74 10.54 5.82 -5.32
C THR A 74 9.36 6.41 -4.55
N CYS A 75 8.81 7.47 -5.10
CA CYS A 75 7.77 8.20 -4.45
C CYS A 75 6.43 7.51 -4.66
N VAL A 76 6.23 6.46 -3.92
CA VAL A 76 5.01 5.66 -3.99
C VAL A 76 3.89 6.33 -3.17
N LEU A 77 4.23 7.45 -2.57
CA LEU A 77 3.29 8.31 -1.93
C LEU A 77 2.29 8.73 -2.98
N GLY A 78 1.07 8.25 -2.84
CA GLY A 78 0.06 8.51 -3.83
C GLY A 78 0.44 7.98 -5.20
N HIS A 79 0.87 6.76 -5.26
CA HIS A 79 1.21 6.14 -6.50
C HIS A 79 -0.06 5.50 -7.02
N THR A 80 -0.26 5.58 -8.29
CA THR A 80 -1.41 5.00 -8.91
C THR A 80 -1.25 3.47 -8.95
N HIS A 81 -2.33 2.70 -8.78
CA HIS A 81 -2.27 1.22 -8.76
C HIS A 81 -1.45 0.64 -9.88
N ALA A 82 -1.68 1.11 -11.09
CA ALA A 82 -1.00 0.61 -12.26
C ALA A 82 0.51 0.90 -12.20
N GLN A 83 0.83 2.00 -11.56
CA GLN A 83 2.20 2.43 -11.44
C GLN A 83 2.89 1.63 -10.34
N VAL A 84 2.25 1.56 -9.20
CA VAL A 84 2.81 0.86 -8.08
C VAL A 84 2.94 -0.65 -8.37
N VAL A 85 1.92 -1.22 -9.03
CA VAL A 85 1.93 -2.64 -9.33
C VAL A 85 3.06 -3.00 -10.27
N LYS A 86 3.27 -2.23 -11.31
CA LYS A 86 4.26 -2.63 -12.27
C LYS A 86 5.70 -2.46 -11.74
N ILE A 87 5.93 -1.53 -10.80
CA ILE A 87 7.26 -1.38 -10.25
C ILE A 87 7.54 -2.54 -9.31
N PHE A 88 6.60 -2.74 -8.42
CA PHE A 88 6.67 -3.74 -7.39
C PHE A 88 6.72 -5.15 -7.96
N GLN A 89 5.98 -5.39 -9.00
CA GLN A 89 5.91 -6.69 -9.58
C GLN A 89 7.03 -6.96 -10.58
N SER A 90 7.64 -5.92 -11.12
CA SER A 90 8.76 -6.15 -12.03
C SER A 90 10.11 -6.04 -11.29
N ILE A 91 10.02 -5.87 -9.98
CA ILE A 91 11.15 -5.94 -9.08
C ILE A 91 12.04 -7.22 -9.32
N PRO A 92 13.37 -7.11 -9.09
CA PRO A 92 14.30 -8.21 -9.20
C PRO A 92 14.54 -8.91 -7.84
N ILE A 93 14.82 -10.18 -7.90
CA ILE A 93 15.12 -10.99 -6.73
C ILE A 93 16.47 -10.55 -6.13
N GLY A 94 16.59 -10.57 -4.81
CA GLY A 94 17.86 -10.25 -4.18
C GLY A 94 18.02 -8.77 -3.98
N ALA A 95 16.93 -8.06 -4.15
CA ALA A 95 16.99 -6.62 -4.17
C ALA A 95 16.66 -6.04 -2.78
N SER A 96 16.61 -4.73 -2.69
CA SER A 96 16.45 -4.05 -1.42
C SER A 96 15.66 -2.78 -1.57
N VAL A 97 14.83 -2.52 -0.59
CA VAL A 97 14.06 -1.29 -0.50
C VAL A 97 13.77 -0.95 0.92
N ASP A 98 13.76 0.31 1.17
CA ASP A 98 13.39 0.85 2.42
C ASP A 98 11.96 1.31 2.34
N LEU A 99 11.13 0.73 3.13
CA LEU A 99 9.71 1.07 3.18
C LEU A 99 9.48 2.14 4.22
N GLU A 100 8.92 3.25 3.77
CA GLU A 100 8.44 4.27 4.67
C GLU A 100 7.00 3.94 4.93
N LEU A 101 6.70 3.49 6.11
CA LEU A 101 5.36 3.07 6.40
C LEU A 101 4.96 3.47 7.79
N CYS A 102 3.71 3.76 7.96
CA CYS A 102 3.20 4.13 9.24
C CYS A 102 2.40 2.98 9.83
N ARG A 103 2.61 2.75 11.09
CA ARG A 103 1.94 1.69 11.81
C ARG A 103 1.05 2.36 12.85
N GLY A 104 -0.04 1.72 13.18
CA GLY A 104 -0.96 2.28 14.13
C GLY A 104 -2.36 2.35 13.57
N TYR A 105 -2.51 1.81 12.38
CA TYR A 105 -3.78 1.77 11.71
C TYR A 105 -4.34 0.36 11.69
N PRO A 106 -5.64 0.25 11.84
CA PRO A 106 -6.32 -1.01 11.69
C PRO A 106 -6.77 -1.17 10.22
N LEU A 107 -7.39 -2.27 9.91
CA LEU A 107 -7.91 -2.51 8.58
C LEU A 107 -9.42 -2.29 8.62
N PRO A 108 -9.90 -1.06 8.32
CA PRO A 108 -11.32 -0.68 8.45
C PRO A 108 -12.08 -0.98 7.16
N PHE A 109 -11.77 -2.10 6.61
CA PHE A 109 -12.25 -2.55 5.35
C PHE A 109 -11.86 -3.99 5.24
N ASP A 110 -12.66 -4.79 4.61
CA ASP A 110 -12.28 -6.17 4.41
C ASP A 110 -11.96 -6.34 2.98
N PRO A 111 -10.84 -6.94 2.68
CA PRO A 111 -10.33 -7.01 1.36
C PRO A 111 -10.58 -8.38 0.74
N ASP A 112 -11.31 -9.21 1.45
CA ASP A 112 -11.64 -10.50 0.97
C ASP A 112 -13.04 -10.44 0.44
N ASP A 113 -13.81 -9.62 1.13
CA ASP A 113 -15.16 -9.26 0.82
C ASP A 113 -15.25 -8.65 -0.60
N PRO A 114 -16.37 -8.97 -1.31
CA PRO A 114 -16.75 -8.46 -2.66
C PRO A 114 -16.43 -7.02 -2.96
N ASN A 115 -16.40 -6.19 -1.96
CA ASN A 115 -16.19 -4.80 -2.14
C ASN A 115 -14.76 -4.50 -2.45
N THR A 116 -14.45 -4.70 -3.66
CA THR A 116 -13.19 -4.35 -4.25
C THR A 116 -13.08 -2.79 -4.35
N SER A 117 -12.71 -2.29 -5.50
CA SER A 117 -12.57 -0.88 -5.74
C SER A 117 -13.85 -0.10 -5.41
N LEU A 118 -13.66 0.99 -4.71
CA LEU A 118 -14.72 1.83 -4.31
C LEU A 118 -14.96 2.86 -5.37
N VAL A 119 -15.99 2.68 -6.10
CA VAL A 119 -16.36 3.58 -7.15
C VAL A 119 -17.76 4.07 -6.90
N THR A 120 -17.86 5.30 -6.51
CA THR A 120 -19.12 5.89 -6.22
C THR A 120 -19.78 6.32 -7.55
N SER A 121 -21.07 6.34 -7.57
CA SER A 121 -21.78 6.71 -8.74
C SER A 121 -22.11 8.20 -8.69
N VAL A 122 -21.36 8.92 -9.44
CA VAL A 122 -21.50 10.33 -9.57
C VAL A 122 -21.44 10.65 -11.05
N ALA A 123 -22.33 11.48 -11.53
CA ALA A 123 -22.41 11.77 -12.94
C ALA A 123 -21.39 12.79 -13.39
N ILE A 124 -20.17 12.35 -13.51
CA ILE A 124 -19.10 13.17 -13.99
C ILE A 124 -18.60 12.55 -15.28
N LEU A 125 -18.21 11.31 -15.17
CA LEU A 125 -17.70 10.58 -16.27
C LEU A 125 -18.74 9.72 -16.90
N ASP A 126 -18.69 9.68 -18.18
CA ASP A 126 -19.54 8.81 -18.96
C ASP A 126 -18.88 7.47 -19.01
N LYS A 127 -19.35 6.61 -18.16
CA LYS A 127 -18.78 5.32 -17.93
C LYS A 127 -18.78 4.46 -19.16
N GLU A 128 -17.68 3.88 -19.35
CA GLU A 128 -17.41 2.99 -20.44
C GLU A 128 -17.70 1.57 -20.01
N PRO A 129 -18.19 0.73 -20.93
CA PRO A 129 -18.50 -0.66 -20.63
C PRO A 129 -17.24 -1.54 -20.44
N ARG B 1 -9.27 11.45 -7.49
CA ARG B 1 -8.37 11.62 -6.35
C ARG B 1 -9.03 11.26 -5.02
N SER B 2 -9.87 12.13 -4.47
CA SER B 2 -10.40 11.95 -3.13
C SER B 2 -11.56 10.93 -3.07
N SER B 3 -11.74 10.26 -4.17
CA SER B 3 -12.68 9.20 -4.32
C SER B 3 -12.07 7.89 -3.77
N ARG B 4 -10.73 7.90 -3.59
CA ARG B 4 -9.94 6.79 -3.04
C ARG B 4 -9.83 5.59 -3.98
N THR B 5 -10.97 4.99 -4.28
CA THR B 5 -11.09 3.79 -5.11
C THR B 5 -10.46 2.58 -4.42
N ARG B 6 -9.13 2.57 -4.25
CA ARG B 6 -8.42 1.56 -3.47
C ARG B 6 -8.40 0.17 -4.13
N ARG B 7 -7.24 -0.25 -4.60
CA ARG B 7 -7.13 -1.57 -5.22
C ARG B 7 -6.31 -2.51 -4.38
N GLU B 8 -6.41 -3.76 -4.70
CA GLU B 8 -5.74 -4.81 -4.01
C GLU B 8 -4.49 -5.21 -4.80
N THR B 9 -3.41 -4.51 -4.58
CA THR B 9 -2.18 -4.81 -5.26
C THR B 9 -1.50 -5.98 -4.54
N GLN B 10 -1.13 -6.99 -5.27
CA GLN B 10 -0.43 -8.10 -4.69
C GLN B 10 1.02 -7.90 -4.96
N VAL B 11 1.84 -7.90 -3.94
CA VAL B 11 3.25 -7.69 -4.11
C VAL B 11 4.00 -8.80 -3.40
N GLY A 1 -18.45 8.81 4.93
CA GLY A 1 -19.51 9.17 3.96
C GLY A 1 -19.31 10.58 3.46
N ALA A 2 -20.30 11.43 3.71
CA ALA A 2 -20.23 12.84 3.33
C ALA A 2 -19.23 13.54 4.24
N MET A 3 -19.19 13.07 5.45
CA MET A 3 -18.28 13.54 6.44
C MET A 3 -17.50 12.37 6.95
N GLY A 4 -16.46 12.63 7.70
CA GLY A 4 -15.66 11.58 8.23
C GLY A 4 -14.55 11.21 7.30
N LYS A 5 -14.06 12.18 6.55
CA LYS A 5 -12.98 11.91 5.63
C LYS A 5 -11.67 11.81 6.36
N PRO A 6 -10.86 10.81 6.03
CA PRO A 6 -9.57 10.61 6.63
C PRO A 6 -8.63 11.73 6.24
N PHE A 7 -7.77 12.07 7.15
CA PHE A 7 -6.80 13.11 6.97
C PHE A 7 -5.87 12.76 5.82
N PHE A 8 -5.65 13.73 5.01
CA PHE A 8 -4.85 13.58 3.82
C PHE A 8 -4.10 14.85 3.53
N THR A 9 -2.84 14.67 3.20
CA THR A 9 -1.97 15.70 2.66
C THR A 9 -0.55 15.12 2.41
N ARG A 10 -0.50 13.85 1.89
CA ARG A 10 0.74 13.10 1.46
C ARG A 10 1.82 13.02 2.54
N ASN A 11 1.44 13.29 3.69
CA ASN A 11 2.36 13.25 4.82
C ASN A 11 2.36 11.94 5.58
N PRO A 12 3.49 11.21 5.55
CA PRO A 12 3.67 10.03 6.41
C PRO A 12 3.53 10.44 7.82
N SER A 13 3.91 11.65 8.03
CA SER A 13 3.97 12.22 9.27
C SER A 13 2.55 12.52 9.82
N GLU A 14 1.56 12.71 8.92
CA GLU A 14 0.20 12.96 9.37
C GLU A 14 -0.37 11.64 9.84
N LEU A 15 0.04 10.57 9.14
CA LEU A 15 -0.35 9.22 9.48
C LEU A 15 -0.03 8.89 10.91
N LYS A 16 -1.03 8.36 11.55
CA LYS A 16 -1.02 8.02 12.96
C LYS A 16 -0.14 6.82 13.26
N GLY A 17 0.06 6.59 14.53
CA GLY A 17 0.88 5.51 14.97
C GLY A 17 2.35 5.86 14.93
N LYS A 18 3.05 5.27 14.01
CA LYS A 18 4.49 5.45 13.89
C LYS A 18 4.91 5.35 12.44
N PHE A 19 5.87 6.11 12.09
CA PHE A 19 6.40 6.22 10.78
C PHE A 19 7.77 5.59 10.80
N ILE A 20 7.89 4.49 10.16
CA ILE A 20 9.12 3.76 10.15
C ILE A 20 9.62 3.51 8.74
N HIS A 21 10.91 3.49 8.65
CA HIS A 21 11.64 3.29 7.43
C HIS A 21 12.42 2.01 7.62
N THR A 22 11.93 0.95 7.10
CA THR A 22 12.55 -0.34 7.31
C THR A 22 12.78 -1.09 5.97
N LYS A 23 13.92 -1.69 5.85
CA LYS A 23 14.36 -2.37 4.66
C LYS A 23 13.64 -3.70 4.48
N LEU A 24 13.17 -3.92 3.26
CA LEU A 24 12.60 -5.18 2.91
C LEU A 24 13.34 -5.69 1.72
N ARG A 25 13.69 -6.92 1.77
CA ARG A 25 14.44 -7.51 0.74
C ARG A 25 13.52 -8.17 -0.29
N LYS A 26 13.54 -7.64 -1.50
CA LYS A 26 12.94 -8.24 -2.69
C LYS A 26 13.22 -9.71 -2.75
N SER A 27 12.25 -10.45 -2.33
CA SER A 27 12.29 -11.87 -2.27
C SER A 27 11.18 -12.39 -3.20
N SER A 28 11.57 -13.26 -4.15
CA SER A 28 10.68 -13.76 -5.19
C SER A 28 10.10 -12.60 -6.04
N ARG A 29 11.01 -11.71 -6.44
CA ARG A 29 10.76 -10.53 -7.28
C ARG A 29 10.31 -9.37 -6.47
N GLY A 30 9.20 -9.52 -5.84
CA GLY A 30 8.63 -8.45 -5.12
C GLY A 30 8.90 -8.59 -3.67
N PHE A 31 7.88 -8.76 -2.95
CA PHE A 31 7.96 -8.79 -1.55
C PHE A 31 7.25 -10.01 -0.99
N GLY A 32 5.98 -9.94 -0.81
CA GLY A 32 5.26 -10.98 -0.10
C GLY A 32 4.30 -10.40 0.92
N PHE A 33 3.44 -9.53 0.47
CA PHE A 33 2.36 -8.97 1.24
C PHE A 33 1.35 -8.39 0.28
N THR A 34 0.09 -8.49 0.57
CA THR A 34 -0.86 -7.96 -0.33
C THR A 34 -1.41 -6.66 0.19
N VAL A 35 -1.50 -5.71 -0.67
CA VAL A 35 -1.82 -4.40 -0.27
C VAL A 35 -3.16 -3.99 -0.88
N VAL A 36 -3.76 -2.96 -0.32
CA VAL A 36 -4.95 -2.35 -0.86
C VAL A 36 -4.82 -0.86 -0.80
N GLY A 37 -5.12 -0.22 -1.87
CA GLY A 37 -5.02 1.21 -1.92
C GLY A 37 -4.31 1.60 -3.15
N GLY A 38 -3.58 2.70 -3.03
CA GLY A 38 -2.73 3.28 -4.07
C GLY A 38 -3.37 3.30 -5.38
N ASP A 39 -4.42 3.99 -5.43
CA ASP A 39 -5.15 4.07 -6.62
C ASP A 39 -4.95 5.42 -7.21
N GLU A 40 -4.61 6.37 -6.37
CA GLU A 40 -4.53 7.73 -6.80
C GLU A 40 -3.67 8.50 -5.88
N PRO A 41 -3.34 9.74 -6.20
CA PRO A 41 -2.49 10.60 -5.36
C PRO A 41 -3.22 10.93 -4.08
N ASP A 42 -4.49 10.68 -4.14
CA ASP A 42 -5.41 10.92 -3.10
C ASP A 42 -5.58 9.66 -2.22
N GLU A 43 -5.29 8.50 -2.77
CA GLU A 43 -5.41 7.27 -2.02
C GLU A 43 -4.07 6.55 -2.02
N PHE A 44 -3.53 6.39 -0.79
CA PHE A 44 -2.21 5.78 -0.46
C PHE A 44 -2.37 4.28 -0.37
N LEU A 45 -1.27 3.53 -0.37
CA LEU A 45 -1.42 2.10 -0.33
C LEU A 45 -1.41 1.65 1.08
N GLN A 46 -2.16 0.67 1.38
CA GLN A 46 -2.23 0.12 2.69
C GLN A 46 -2.00 -1.38 2.55
N ILE A 47 -1.81 -2.07 3.61
CA ILE A 47 -1.57 -3.51 3.55
C ILE A 47 -2.75 -4.25 4.17
N LYS A 48 -3.22 -5.30 3.53
CA LYS A 48 -4.37 -6.04 4.06
C LYS A 48 -4.00 -7.43 4.48
N SER A 49 -2.84 -7.91 4.07
CA SER A 49 -2.40 -9.24 4.46
C SER A 49 -0.90 -9.32 4.30
N LEU A 50 -0.18 -9.73 5.31
CA LEU A 50 1.20 -9.98 5.14
C LEU A 50 1.34 -11.43 4.76
N VAL A 51 1.88 -11.67 3.61
CA VAL A 51 1.99 -12.99 3.09
C VAL A 51 3.12 -13.72 3.80
N LEU A 52 2.80 -14.88 4.34
CA LEU A 52 3.76 -15.73 4.98
C LEU A 52 4.75 -16.17 3.95
N ASP A 53 6.03 -16.10 4.34
CA ASP A 53 7.20 -16.34 3.46
C ASP A 53 7.62 -15.05 2.75
N GLY A 54 6.91 -13.98 3.07
CA GLY A 54 7.23 -12.66 2.59
C GLY A 54 8.29 -12.02 3.42
N PRO A 55 9.04 -10.99 2.95
CA PRO A 55 10.19 -10.52 3.69
C PRO A 55 9.75 -9.76 4.94
N ALA A 56 8.53 -9.22 4.86
CA ALA A 56 7.88 -8.54 5.96
C ALA A 56 7.56 -9.54 7.05
N ALA A 57 7.07 -10.70 6.63
CA ALA A 57 6.67 -11.78 7.49
C ALA A 57 7.88 -12.33 8.21
N LEU A 58 8.85 -12.53 7.42
CA LEU A 58 10.06 -13.14 7.78
C LEU A 58 10.95 -12.31 8.65
N ASP A 59 11.02 -11.03 8.35
CA ASP A 59 11.85 -10.13 9.13
C ASP A 59 11.11 -9.71 10.38
N GLY A 60 9.78 -9.93 10.30
CA GLY A 60 8.86 -9.67 11.40
C GLY A 60 8.93 -8.27 11.90
N LYS A 61 8.94 -7.34 10.98
CA LYS A 61 9.12 -5.96 11.32
C LYS A 61 7.99 -5.09 10.73
N MET A 62 7.03 -5.74 10.15
CA MET A 62 5.92 -5.09 9.47
C MET A 62 4.68 -5.97 9.63
N GLU A 63 3.48 -5.39 9.65
CA GLU A 63 2.29 -6.15 9.91
C GLU A 63 1.16 -5.77 8.94
N THR A 64 0.13 -6.58 8.93
CA THR A 64 -1.04 -6.36 8.17
C THR A 64 -1.76 -5.16 8.78
N GLY A 65 -1.95 -4.13 8.02
CA GLY A 65 -2.55 -2.95 8.53
C GLY A 65 -1.72 -1.74 8.23
N ASP A 66 -0.41 -1.93 8.05
CA ASP A 66 0.51 -0.82 7.71
C ASP A 66 0.06 -0.09 6.48
N VAL A 67 0.39 1.15 6.42
CA VAL A 67 0.09 1.93 5.26
C VAL A 67 1.37 2.40 4.58
N ILE A 68 1.50 1.98 3.33
CA ILE A 68 2.64 2.22 2.51
C ILE A 68 2.62 3.65 1.98
N VAL A 69 3.68 4.35 2.37
CA VAL A 69 3.90 5.72 2.07
C VAL A 69 4.89 5.86 0.92
N SER A 70 6.04 5.22 1.04
CA SER A 70 7.07 5.34 0.02
C SER A 70 8.13 4.25 0.15
N VAL A 71 9.04 4.19 -0.79
CA VAL A 71 10.08 3.21 -0.78
C VAL A 71 11.34 3.85 -1.34
N ASN A 72 12.48 3.33 -0.90
CA ASN A 72 13.83 3.68 -1.40
C ASN A 72 13.81 4.18 -2.83
N ASP A 73 14.00 5.51 -2.94
CA ASP A 73 13.99 6.29 -4.20
C ASP A 73 12.60 6.72 -4.65
N THR A 74 11.70 5.80 -4.74
CA THR A 74 10.46 6.08 -5.40
C THR A 74 9.36 6.52 -4.43
N CYS A 75 8.78 7.65 -4.76
CA CYS A 75 7.72 8.22 -4.00
C CYS A 75 6.42 7.54 -4.37
N VAL A 76 6.13 6.47 -3.65
CA VAL A 76 4.93 5.67 -3.88
C VAL A 76 3.73 6.30 -3.13
N LEU A 77 3.95 7.50 -2.63
CA LEU A 77 2.97 8.26 -1.92
C LEU A 77 1.85 8.58 -2.89
N GLY A 78 0.72 7.95 -2.65
CA GLY A 78 -0.40 8.09 -3.54
C GLY A 78 -0.03 7.71 -4.97
N HIS A 79 0.68 6.62 -5.11
CA HIS A 79 1.08 6.15 -6.41
C HIS A 79 -0.13 5.52 -7.04
N THR A 80 -0.20 5.56 -8.32
CA THR A 80 -1.30 5.01 -9.04
C THR A 80 -1.13 3.48 -9.08
N HIS A 81 -2.21 2.71 -8.98
CA HIS A 81 -2.16 1.24 -8.96
C HIS A 81 -1.28 0.69 -10.06
N ALA A 82 -1.51 1.15 -11.26
CA ALA A 82 -0.78 0.71 -12.43
C ALA A 82 0.70 1.01 -12.30
N GLN A 83 1.01 2.12 -11.67
CA GLN A 83 2.36 2.53 -11.51
C GLN A 83 3.07 1.72 -10.43
N VAL A 84 2.43 1.64 -9.28
CA VAL A 84 2.99 0.94 -8.15
C VAL A 84 3.14 -0.56 -8.46
N VAL A 85 2.12 -1.17 -9.07
CA VAL A 85 2.17 -2.60 -9.38
C VAL A 85 3.25 -2.89 -10.39
N LYS A 86 3.43 -1.98 -11.31
CA LYS A 86 4.45 -2.12 -12.31
C LYS A 86 5.86 -2.19 -11.68
N ILE A 87 6.15 -1.31 -10.73
CA ILE A 87 7.49 -1.25 -10.14
C ILE A 87 7.68 -2.45 -9.22
N PHE A 88 6.72 -2.62 -8.37
CA PHE A 88 6.70 -3.63 -7.37
C PHE A 88 6.64 -5.06 -7.95
N GLN A 89 6.05 -5.21 -9.09
CA GLN A 89 6.07 -6.49 -9.76
C GLN A 89 7.29 -6.70 -10.67
N SER A 90 7.99 -5.62 -11.04
CA SER A 90 9.14 -5.76 -11.93
C SER A 90 10.47 -5.84 -11.18
N ILE A 91 10.45 -5.70 -9.87
CA ILE A 91 11.64 -5.88 -9.07
C ILE A 91 12.16 -7.33 -9.20
N PRO A 92 13.46 -7.50 -8.98
CA PRO A 92 14.15 -8.77 -9.09
C PRO A 92 14.45 -9.41 -7.72
N ILE A 93 14.55 -10.72 -7.73
CA ILE A 93 14.86 -11.48 -6.53
C ILE A 93 16.27 -11.15 -6.06
N GLY A 94 16.39 -10.81 -4.80
CA GLY A 94 17.66 -10.54 -4.22
C GLY A 94 17.90 -9.07 -4.01
N ALA A 95 16.88 -8.25 -4.17
CA ALA A 95 17.13 -6.82 -4.07
C ALA A 95 16.73 -6.27 -2.70
N SER A 96 16.96 -5.00 -2.47
CA SER A 96 16.71 -4.38 -1.21
C SER A 96 16.12 -3.00 -1.43
N VAL A 97 15.32 -2.57 -0.46
CA VAL A 97 14.73 -1.24 -0.40
C VAL A 97 14.42 -0.90 1.00
N ASP A 98 14.19 0.34 1.19
CA ASP A 98 13.81 0.91 2.43
C ASP A 98 12.37 1.27 2.29
N LEU A 99 11.57 0.54 2.94
CA LEU A 99 10.16 0.71 2.85
C LEU A 99 9.72 1.66 3.95
N GLU A 100 9.10 2.73 3.54
CA GLU A 100 8.63 3.74 4.45
C GLU A 100 7.15 3.58 4.60
N LEU A 101 6.75 3.17 5.76
CA LEU A 101 5.37 2.88 6.01
C LEU A 101 5.00 3.32 7.40
N CYS A 102 3.74 3.55 7.59
CA CYS A 102 3.25 3.97 8.85
C CYS A 102 2.41 2.88 9.47
N ARG A 103 2.78 2.54 10.68
CA ARG A 103 2.13 1.52 11.44
C ARG A 103 1.16 2.22 12.37
N GLY A 104 0.04 1.61 12.65
CA GLY A 104 -0.93 2.24 13.49
C GLY A 104 -2.32 2.00 13.00
N TYR A 105 -2.41 1.64 11.75
CA TYR A 105 -3.68 1.29 11.17
C TYR A 105 -3.97 -0.18 11.35
N PRO A 106 -5.15 -0.50 11.86
CA PRO A 106 -5.58 -1.87 12.05
C PRO A 106 -6.30 -2.37 10.81
N LEU A 107 -6.70 -3.61 10.82
CA LEU A 107 -7.38 -4.16 9.68
C LEU A 107 -8.77 -4.68 10.13
N PRO A 108 -9.77 -3.78 10.26
CA PRO A 108 -11.14 -4.13 10.61
C PRO A 108 -11.92 -4.42 9.34
N PHE A 109 -11.43 -5.38 8.63
CA PHE A 109 -11.95 -5.82 7.37
C PHE A 109 -11.42 -7.22 7.22
N ASP A 110 -12.02 -8.03 6.41
CA ASP A 110 -11.55 -9.38 6.26
C ASP A 110 -10.43 -9.41 5.29
N PRO A 111 -9.32 -10.04 5.63
CA PRO A 111 -8.17 -10.15 4.77
C PRO A 111 -8.28 -11.49 4.07
N ASP A 112 -9.46 -12.04 4.23
CA ASP A 112 -9.84 -13.30 3.78
C ASP A 112 -10.76 -13.16 2.59
N ASP A 113 -11.19 -11.91 2.36
CA ASP A 113 -12.17 -11.58 1.34
C ASP A 113 -11.50 -11.03 0.08
N PRO A 114 -11.49 -11.83 -1.01
CA PRO A 114 -10.96 -11.43 -2.34
C PRO A 114 -11.96 -10.61 -3.18
N ASN A 115 -11.95 -10.93 -4.47
CA ASN A 115 -12.86 -10.54 -5.49
C ASN A 115 -12.37 -9.42 -6.34
N THR A 116 -12.36 -8.26 -5.80
CA THR A 116 -12.05 -7.07 -6.57
C THR A 116 -12.08 -5.87 -5.61
N SER A 117 -11.67 -4.74 -6.10
CA SER A 117 -11.74 -3.54 -5.35
C SER A 117 -13.02 -2.83 -5.69
N LEU A 118 -13.88 -2.82 -4.72
CA LEU A 118 -15.13 -2.17 -4.82
C LEU A 118 -14.93 -0.68 -4.70
N VAL A 119 -15.59 0.07 -5.52
CA VAL A 119 -15.47 1.48 -5.40
C VAL A 119 -16.64 2.00 -4.65
N THR A 120 -16.40 2.38 -3.45
CA THR A 120 -17.41 3.02 -2.70
C THR A 120 -17.15 4.50 -2.86
N SER A 121 -18.15 5.26 -2.83
CA SER A 121 -18.05 6.64 -3.06
C SER A 121 -19.04 7.35 -2.18
N VAL A 122 -18.96 8.63 -2.15
CA VAL A 122 -19.89 9.42 -1.42
C VAL A 122 -20.98 9.86 -2.38
N ALA A 123 -22.09 9.18 -2.30
CA ALA A 123 -23.16 9.39 -3.21
C ALA A 123 -24.49 9.19 -2.52
N ILE A 124 -24.90 10.18 -1.79
CA ILE A 124 -26.21 10.15 -1.13
C ILE A 124 -27.07 11.25 -1.76
N LEU A 125 -26.38 12.26 -2.19
CA LEU A 125 -26.98 13.48 -2.72
C LEU A 125 -26.94 13.49 -4.23
N ASP A 126 -26.11 12.64 -4.74
CA ASP A 126 -25.87 12.49 -6.17
C ASP A 126 -25.36 11.11 -6.38
N LYS A 127 -26.25 10.24 -6.68
CA LYS A 127 -25.95 8.86 -6.79
C LYS A 127 -26.49 8.24 -8.04
N GLU A 128 -25.63 7.57 -8.72
CA GLU A 128 -25.98 6.86 -9.90
C GLU A 128 -26.21 5.41 -9.53
N PRO A 129 -27.40 4.89 -9.80
CA PRO A 129 -27.78 3.52 -9.45
C PRO A 129 -27.08 2.49 -10.32
N ARG B 1 -10.29 11.34 -5.28
CA ARG B 1 -11.04 11.83 -4.13
C ARG B 1 -12.48 11.39 -4.27
N SER B 2 -13.15 11.20 -3.11
CA SER B 2 -14.57 10.85 -3.01
C SER B 2 -14.78 9.35 -3.20
N SER B 3 -14.14 8.83 -4.20
CA SER B 3 -14.17 7.45 -4.49
C SER B 3 -13.06 6.74 -3.71
N ARG B 4 -13.42 5.65 -3.09
CA ARG B 4 -12.50 4.83 -2.34
C ARG B 4 -12.45 3.50 -3.05
N THR B 5 -11.28 3.09 -3.46
CA THR B 5 -11.17 1.88 -4.26
C THR B 5 -10.42 0.78 -3.52
N ARG B 6 -9.24 1.11 -3.00
CA ARG B 6 -8.41 0.16 -2.28
C ARG B 6 -8.01 -1.01 -3.20
N ARG B 7 -7.12 -0.73 -4.14
CA ARG B 7 -6.69 -1.70 -5.13
C ARG B 7 -5.70 -2.69 -4.57
N GLU B 8 -6.01 -3.96 -4.75
CA GLU B 8 -5.17 -5.02 -4.31
C GLU B 8 -3.95 -5.12 -5.20
N THR B 9 -2.85 -4.79 -4.65
CA THR B 9 -1.60 -4.94 -5.31
C THR B 9 -0.83 -5.97 -4.52
N GLN B 10 -0.85 -7.19 -4.98
CA GLN B 10 -0.13 -8.23 -4.31
C GLN B 10 1.32 -8.10 -4.65
N VAL B 11 2.14 -7.92 -3.66
CA VAL B 11 3.52 -7.76 -3.91
C VAL B 11 4.25 -8.87 -3.22
N GLY A 1 -17.55 12.69 -0.40
CA GLY A 1 -17.67 13.49 0.81
C GLY A 1 -16.82 14.73 0.73
N ALA A 2 -17.39 15.86 1.11
CA ALA A 2 -16.69 17.13 1.09
C ALA A 2 -15.89 17.29 2.36
N MET A 3 -16.52 17.00 3.47
CA MET A 3 -15.92 17.06 4.76
C MET A 3 -16.27 15.77 5.47
N GLY A 4 -15.43 15.33 6.36
CA GLY A 4 -15.72 14.11 7.05
C GLY A 4 -14.78 13.01 6.71
N LYS A 5 -13.70 13.38 6.09
CA LYS A 5 -12.69 12.45 5.71
C LYS A 5 -11.56 12.55 6.69
N PRO A 6 -10.73 11.51 6.83
CA PRO A 6 -9.53 11.58 7.66
C PRO A 6 -8.53 12.56 7.07
N PHE A 7 -7.53 12.85 7.84
CA PHE A 7 -6.49 13.76 7.49
C PHE A 7 -5.67 13.20 6.34
N PHE A 8 -5.43 14.05 5.40
CA PHE A 8 -4.70 13.69 4.21
C PHE A 8 -3.87 14.84 3.68
N THR A 9 -2.71 14.50 3.25
CA THR A 9 -1.93 15.31 2.38
C THR A 9 -0.98 14.50 1.56
N ARG A 10 -0.26 13.64 2.25
CA ARG A 10 0.82 12.76 1.66
C ARG A 10 1.78 12.44 2.77
N ASN A 11 1.83 13.37 3.63
CA ASN A 11 2.76 13.45 4.71
C ASN A 11 2.75 12.23 5.65
N PRO A 12 3.87 11.47 5.66
CA PRO A 12 4.00 10.27 6.48
C PRO A 12 3.82 10.58 7.90
N SER A 13 4.28 11.71 8.21
CA SER A 13 4.35 12.16 9.47
C SER A 13 2.97 12.70 9.97
N GLU A 14 2.00 12.91 9.05
CA GLU A 14 0.66 13.26 9.48
C GLU A 14 0.01 11.99 9.95
N LEU A 15 0.36 10.90 9.25
CA LEU A 15 -0.12 9.56 9.56
C LEU A 15 0.19 9.23 11.01
N LYS A 16 -0.83 8.77 11.66
CA LYS A 16 -0.80 8.51 13.08
C LYS A 16 -0.09 7.22 13.44
N GLY A 17 -0.04 6.96 14.73
CA GLY A 17 0.61 5.79 15.27
C GLY A 17 2.12 5.91 15.28
N LYS A 18 2.75 5.09 14.51
CA LYS A 18 4.19 5.05 14.42
C LYS A 18 4.62 5.14 13.00
N PHE A 19 5.79 5.61 12.82
CA PHE A 19 6.39 5.82 11.56
C PHE A 19 7.62 4.96 11.54
N ILE A 20 7.64 3.99 10.67
CA ILE A 20 8.74 3.07 10.60
C ILE A 20 9.25 2.95 9.20
N HIS A 21 10.53 2.88 9.08
CA HIS A 21 11.15 2.77 7.80
C HIS A 21 12.02 1.52 7.84
N THR A 22 11.50 0.49 7.29
CA THR A 22 12.16 -0.79 7.32
C THR A 22 12.61 -1.23 5.92
N LYS A 23 13.83 -1.68 5.84
CA LYS A 23 14.36 -2.20 4.59
C LYS A 23 13.77 -3.56 4.36
N LEU A 24 13.38 -3.83 3.14
CA LEU A 24 12.81 -5.10 2.81
C LEU A 24 13.58 -5.68 1.68
N ARG A 25 14.11 -6.82 1.89
CA ARG A 25 14.88 -7.47 0.92
C ARG A 25 13.94 -8.10 -0.11
N LYS A 26 14.11 -7.76 -1.35
CA LYS A 26 13.38 -8.34 -2.45
C LYS A 26 13.46 -9.80 -2.45
N SER A 27 12.33 -10.39 -2.12
CA SER A 27 12.14 -11.81 -2.06
C SER A 27 11.81 -12.32 -3.49
N SER A 28 11.00 -13.36 -3.61
CA SER A 28 10.65 -13.98 -4.89
C SER A 28 9.88 -13.02 -5.87
N ARG A 29 10.63 -12.11 -6.50
CA ARG A 29 10.12 -11.21 -7.53
C ARG A 29 9.14 -10.24 -6.96
N GLY A 30 9.56 -9.66 -5.87
CA GLY A 30 8.79 -8.69 -5.23
C GLY A 30 9.05 -8.67 -3.76
N PHE A 31 8.02 -8.84 -3.05
CA PHE A 31 8.01 -8.75 -1.66
C PHE A 31 7.34 -9.97 -1.04
N GLY A 32 6.05 -9.97 -0.94
CA GLY A 32 5.36 -11.01 -0.19
C GLY A 32 4.37 -10.44 0.80
N PHE A 33 3.56 -9.57 0.32
CA PHE A 33 2.45 -9.02 1.04
C PHE A 33 1.50 -8.43 0.06
N THR A 34 0.27 -8.55 0.29
CA THR A 34 -0.67 -8.03 -0.61
C THR A 34 -1.23 -6.76 -0.04
N VAL A 35 -1.36 -5.74 -0.86
CA VAL A 35 -1.71 -4.44 -0.35
C VAL A 35 -2.97 -3.86 -1.00
N VAL A 36 -3.57 -2.93 -0.29
CA VAL A 36 -4.73 -2.19 -0.70
C VAL A 36 -4.42 -0.75 -0.87
N GLY A 37 -5.39 -0.03 -1.33
CA GLY A 37 -5.25 1.39 -1.47
C GLY A 37 -4.61 1.70 -2.78
N GLY A 38 -3.59 2.55 -2.70
CA GLY A 38 -2.70 3.00 -3.81
C GLY A 38 -3.38 3.03 -5.12
N ASP A 39 -4.35 3.77 -5.17
CA ASP A 39 -5.15 3.83 -6.33
C ASP A 39 -4.99 5.17 -6.94
N GLU A 40 -4.70 6.15 -6.10
CA GLU A 40 -4.62 7.51 -6.53
C GLU A 40 -3.82 8.29 -5.59
N PRO A 41 -3.45 9.51 -5.88
CA PRO A 41 -2.60 10.32 -5.00
C PRO A 41 -3.30 10.53 -3.68
N ASP A 42 -4.59 10.47 -3.79
CA ASP A 42 -5.50 10.63 -2.73
C ASP A 42 -5.56 9.37 -1.83
N GLU A 43 -5.31 8.20 -2.41
CA GLU A 43 -5.33 6.99 -1.65
C GLU A 43 -3.99 6.27 -1.76
N PHE A 44 -3.39 6.12 -0.56
CA PHE A 44 -2.04 5.56 -0.30
C PHE A 44 -2.15 4.06 -0.17
N LEU A 45 -1.01 3.37 -0.20
CA LEU A 45 -1.08 1.93 -0.17
C LEU A 45 -1.08 1.47 1.24
N GLN A 46 -1.76 0.42 1.52
CA GLN A 46 -1.79 -0.12 2.83
C GLN A 46 -1.64 -1.60 2.69
N ILE A 47 -1.23 -2.28 3.70
CA ILE A 47 -1.05 -3.73 3.61
C ILE A 47 -2.39 -4.42 3.95
N LYS A 48 -2.88 -5.32 3.09
CA LYS A 48 -4.15 -6.01 3.36
C LYS A 48 -3.94 -7.43 3.82
N SER A 49 -2.80 -8.00 3.50
CA SER A 49 -2.43 -9.30 4.02
C SER A 49 -0.92 -9.43 4.01
N LEU A 50 -0.39 -9.79 5.14
CA LEU A 50 0.99 -10.02 5.34
C LEU A 50 1.26 -11.47 4.89
N VAL A 51 1.89 -11.62 3.74
CA VAL A 51 2.09 -12.92 3.13
C VAL A 51 3.32 -13.61 3.68
N LEU A 52 3.17 -14.88 3.96
CA LEU A 52 4.23 -15.70 4.47
C LEU A 52 5.29 -15.87 3.43
N ASP A 53 6.55 -15.86 3.87
CA ASP A 53 7.74 -15.96 2.98
C ASP A 53 8.05 -14.60 2.32
N GLY A 54 7.28 -13.60 2.72
CA GLY A 54 7.54 -12.26 2.31
C GLY A 54 8.57 -11.64 3.19
N PRO A 55 9.27 -10.56 2.80
CA PRO A 55 10.36 -10.08 3.61
C PRO A 55 9.81 -9.40 4.86
N ALA A 56 8.58 -8.95 4.74
CA ALA A 56 7.82 -8.38 5.83
C ALA A 56 7.49 -9.48 6.85
N ALA A 57 7.21 -10.65 6.36
CA ALA A 57 6.90 -11.79 7.20
C ALA A 57 8.14 -12.20 7.94
N LEU A 58 9.15 -12.31 7.17
CA LEU A 58 10.41 -12.81 7.54
C LEU A 58 11.22 -11.92 8.45
N ASP A 59 11.24 -10.65 8.14
CA ASP A 59 11.97 -9.71 8.97
C ASP A 59 11.07 -9.33 10.10
N GLY A 60 9.79 -9.54 9.89
CA GLY A 60 8.83 -9.18 10.88
C GLY A 60 8.46 -7.73 10.75
N LYS A 61 8.29 -7.09 11.90
CA LYS A 61 7.85 -5.70 12.06
C LYS A 61 6.54 -5.32 11.35
N MET A 62 6.53 -5.38 10.04
CA MET A 62 5.39 -4.99 9.22
C MET A 62 4.26 -5.98 9.43
N GLU A 63 3.04 -5.49 9.48
CA GLU A 63 1.90 -6.30 9.82
C GLU A 63 0.72 -5.72 9.13
N THR A 64 -0.17 -6.58 8.69
CA THR A 64 -1.36 -6.22 7.96
C THR A 64 -2.06 -5.03 8.63
N GLY A 65 -2.10 -3.93 7.92
CA GLY A 65 -2.66 -2.73 8.44
C GLY A 65 -1.77 -1.50 8.20
N ASP A 66 -0.45 -1.69 8.15
CA ASP A 66 0.43 -0.54 7.92
C ASP A 66 0.34 0.04 6.53
N VAL A 67 0.43 1.34 6.47
CA VAL A 67 0.26 2.09 5.25
C VAL A 67 1.56 2.55 4.63
N ILE A 68 1.81 2.06 3.43
CA ILE A 68 2.97 2.36 2.67
C ILE A 68 2.91 3.76 2.08
N VAL A 69 3.96 4.49 2.45
CA VAL A 69 4.20 5.85 2.13
C VAL A 69 5.21 5.95 0.96
N SER A 70 6.30 5.18 1.00
CA SER A 70 7.35 5.28 -0.06
C SER A 70 8.23 4.03 -0.09
N VAL A 71 9.07 3.92 -1.13
CA VAL A 71 9.95 2.78 -1.30
C VAL A 71 11.28 3.16 -1.98
N ASN A 72 12.35 3.06 -1.21
CA ASN A 72 13.76 3.20 -1.61
C ASN A 72 14.18 4.59 -2.09
N ASP A 73 13.40 5.12 -2.94
CA ASP A 73 13.63 6.40 -3.62
C ASP A 73 12.32 6.90 -4.21
N THR A 74 11.57 5.96 -4.75
CA THR A 74 10.35 6.26 -5.43
C THR A 74 9.26 6.69 -4.47
N CYS A 75 8.59 7.75 -4.85
CA CYS A 75 7.52 8.29 -4.11
C CYS A 75 6.26 7.53 -4.46
N VAL A 76 6.07 6.43 -3.79
CA VAL A 76 4.91 5.58 -3.98
C VAL A 76 3.74 6.07 -3.09
N LEU A 77 3.90 7.29 -2.66
CA LEU A 77 2.93 7.98 -1.90
C LEU A 77 1.80 8.30 -2.83
N GLY A 78 0.69 7.64 -2.61
CA GLY A 78 -0.45 7.77 -3.47
C GLY A 78 -0.14 7.32 -4.89
N HIS A 79 0.67 6.28 -5.01
CA HIS A 79 1.02 5.77 -6.30
C HIS A 79 -0.13 4.98 -6.82
N THR A 80 -0.52 5.29 -8.01
CA THR A 80 -1.64 4.68 -8.66
C THR A 80 -1.39 3.18 -8.86
N HIS A 81 -2.44 2.34 -8.79
CA HIS A 81 -2.31 0.88 -8.92
C HIS A 81 -1.43 0.47 -10.07
N ALA A 82 -1.72 1.00 -11.22
CA ALA A 82 -1.01 0.66 -12.44
C ALA A 82 0.47 0.97 -12.29
N GLN A 83 0.76 2.06 -11.62
CA GLN A 83 2.09 2.53 -11.48
C GLN A 83 2.85 1.69 -10.47
N VAL A 84 2.24 1.52 -9.32
CA VAL A 84 2.83 0.78 -8.23
C VAL A 84 3.02 -0.70 -8.55
N VAL A 85 2.02 -1.32 -9.19
CA VAL A 85 2.13 -2.74 -9.53
C VAL A 85 3.27 -2.95 -10.51
N LYS A 86 3.42 -2.01 -11.40
CA LYS A 86 4.47 -2.04 -12.37
C LYS A 86 5.87 -2.02 -11.70
N ILE A 87 6.02 -1.20 -10.67
CA ILE A 87 7.32 -1.06 -10.01
C ILE A 87 7.61 -2.29 -9.18
N PHE A 88 6.64 -2.63 -8.40
CA PHE A 88 6.72 -3.69 -7.47
C PHE A 88 6.84 -5.06 -8.13
N GLN A 89 6.18 -5.25 -9.25
CA GLN A 89 6.30 -6.49 -9.97
C GLN A 89 7.51 -6.51 -10.91
N SER A 90 8.10 -5.34 -11.16
CA SER A 90 9.34 -5.25 -11.94
C SER A 90 10.53 -5.66 -11.07
N ILE A 91 10.34 -5.55 -9.76
CA ILE A 91 11.32 -5.92 -8.77
C ILE A 91 11.94 -7.34 -8.98
N PRO A 92 13.28 -7.46 -8.82
CA PRO A 92 14.01 -8.73 -8.97
C PRO A 92 14.31 -9.40 -7.61
N ILE A 93 14.45 -10.70 -7.62
CA ILE A 93 14.77 -11.48 -6.43
C ILE A 93 16.20 -11.18 -5.97
N GLY A 94 16.41 -11.09 -4.66
CA GLY A 94 17.74 -10.90 -4.13
C GLY A 94 18.08 -9.45 -3.99
N ALA A 95 17.10 -8.61 -4.10
CA ALA A 95 17.36 -7.17 -4.16
C ALA A 95 16.99 -6.43 -2.84
N SER A 96 16.99 -5.12 -2.84
CA SER A 96 16.87 -4.35 -1.57
C SER A 96 16.16 -3.00 -1.74
N VAL A 97 15.29 -2.66 -0.77
CA VAL A 97 14.66 -1.32 -0.72
C VAL A 97 14.46 -0.91 0.69
N ASP A 98 14.39 0.35 0.86
CA ASP A 98 14.07 0.96 2.11
C ASP A 98 12.62 1.32 2.08
N LEU A 99 11.80 0.60 2.78
CA LEU A 99 10.39 0.82 2.71
C LEU A 99 9.91 1.74 3.84
N GLU A 100 9.23 2.78 3.47
CA GLU A 100 8.75 3.75 4.42
C GLU A 100 7.24 3.61 4.58
N LEU A 101 6.80 3.22 5.76
CA LEU A 101 5.39 3.03 6.02
C LEU A 101 5.01 3.49 7.42
N CYS A 102 3.76 3.79 7.61
CA CYS A 102 3.29 4.23 8.89
C CYS A 102 2.27 3.25 9.42
N ARG A 103 2.33 2.98 10.67
CA ARG A 103 1.43 2.07 11.30
C ARG A 103 0.51 2.87 12.19
N GLY A 104 -0.76 2.61 12.10
CA GLY A 104 -1.72 3.38 12.85
C GLY A 104 -3.10 3.07 12.38
N TYR A 105 -3.18 2.73 11.13
CA TYR A 105 -4.39 2.29 10.53
C TYR A 105 -4.45 0.78 10.59
N PRO A 106 -5.62 0.20 10.84
CA PRO A 106 -5.83 -1.23 10.81
C PRO A 106 -6.40 -1.62 9.44
N LEU A 107 -6.96 -2.80 9.34
CA LEU A 107 -7.60 -3.21 8.12
C LEU A 107 -9.11 -3.20 8.43
N PRO A 108 -9.78 -2.04 8.28
CA PRO A 108 -11.15 -1.83 8.73
C PRO A 108 -12.21 -2.12 7.66
N PHE A 109 -12.10 -3.28 7.07
CA PHE A 109 -13.02 -3.78 6.08
C PHE A 109 -12.64 -5.19 5.79
N ASP A 110 -13.51 -5.93 5.16
CA ASP A 110 -13.20 -7.28 4.78
C ASP A 110 -12.83 -7.25 3.35
N PRO A 111 -11.74 -7.90 2.97
CA PRO A 111 -11.27 -7.94 1.60
C PRO A 111 -11.85 -9.18 0.94
N ASP A 112 -12.62 -9.88 1.75
CA ASP A 112 -13.26 -11.10 1.40
C ASP A 112 -14.40 -10.80 0.45
N ASP A 113 -14.90 -9.61 0.59
CA ASP A 113 -15.97 -9.08 -0.23
C ASP A 113 -15.33 -8.55 -1.50
N PRO A 114 -15.85 -8.91 -2.69
CA PRO A 114 -15.32 -8.46 -4.00
C PRO A 114 -15.37 -6.96 -4.22
N ASN A 115 -15.16 -6.59 -5.48
CA ASN A 115 -15.10 -5.28 -6.00
C ASN A 115 -13.70 -4.77 -5.93
N THR A 116 -13.28 -4.24 -7.04
CA THR A 116 -12.03 -3.55 -7.23
C THR A 116 -12.06 -2.22 -6.41
N SER A 117 -11.65 -1.13 -6.98
CA SER A 117 -11.74 0.11 -6.27
C SER A 117 -13.21 0.55 -6.20
N LEU A 118 -13.84 0.29 -5.07
CA LEU A 118 -15.17 0.71 -4.81
C LEU A 118 -15.15 2.03 -4.09
N VAL A 119 -15.95 2.94 -4.54
CA VAL A 119 -15.98 4.27 -3.98
C VAL A 119 -17.01 4.34 -2.89
N THR A 120 -16.63 4.87 -1.79
CA THR A 120 -17.54 5.11 -0.73
C THR A 120 -17.28 6.51 -0.24
N SER A 121 -18.30 7.18 0.17
CA SER A 121 -18.18 8.53 0.59
C SER A 121 -18.05 8.55 2.10
N VAL A 122 -16.99 9.10 2.58
CA VAL A 122 -16.74 9.15 3.98
C VAL A 122 -17.02 10.55 4.48
N ALA A 123 -18.14 10.71 5.11
CA ALA A 123 -18.53 11.97 5.65
C ALA A 123 -18.96 11.79 7.08
N ILE A 124 -17.99 11.59 7.93
CA ILE A 124 -18.21 11.38 9.35
C ILE A 124 -18.34 12.75 9.99
N LEU A 125 -17.30 13.52 9.76
CA LEU A 125 -17.23 14.98 9.98
C LEU A 125 -17.18 15.50 11.38
N ASP A 126 -18.15 15.15 12.14
CA ASP A 126 -18.29 15.61 13.51
C ASP A 126 -19.45 14.89 14.11
N LYS A 127 -19.27 14.30 15.25
CA LYS A 127 -20.34 13.55 15.90
C LYS A 127 -20.65 14.13 17.27
N GLU A 128 -21.59 15.02 17.28
CA GLU A 128 -22.04 15.70 18.48
C GLU A 128 -23.31 15.04 19.02
N PRO A 129 -23.44 14.96 20.36
CA PRO A 129 -24.61 14.35 20.99
C PRO A 129 -25.86 15.25 20.90
N ARG B 1 -6.67 7.95 1.65
CA ARG B 1 -6.06 8.21 2.96
C ARG B 1 -6.51 7.19 4.03
N SER B 2 -7.31 6.18 3.67
CA SER B 2 -7.84 5.25 4.69
C SER B 2 -8.37 3.95 4.10
N SER B 3 -7.80 3.54 2.96
CA SER B 3 -8.20 2.32 2.26
C SER B 3 -9.69 2.31 1.88
N ARG B 4 -10.14 3.44 1.39
CA ARG B 4 -11.51 3.61 0.94
C ARG B 4 -11.39 4.05 -0.48
N THR B 5 -12.08 3.37 -1.39
CA THR B 5 -11.83 3.51 -2.82
C THR B 5 -10.43 2.90 -3.06
N ARG B 6 -10.31 1.66 -2.59
CA ARG B 6 -9.04 0.98 -2.55
C ARG B 6 -9.02 -0.21 -3.51
N ARG B 7 -7.86 -0.56 -4.00
CA ARG B 7 -7.71 -1.74 -4.85
C ARG B 7 -6.66 -2.64 -4.23
N GLU B 8 -6.47 -3.83 -4.78
CA GLU B 8 -5.44 -4.75 -4.32
C GLU B 8 -4.27 -4.79 -5.31
N THR B 9 -3.12 -5.07 -4.78
CA THR B 9 -1.90 -5.28 -5.54
C THR B 9 -1.04 -6.25 -4.77
N GLN B 10 -0.74 -7.36 -5.37
CA GLN B 10 0.11 -8.35 -4.76
C GLN B 10 1.52 -7.97 -5.01
N VAL B 11 2.31 -7.97 -3.99
CA VAL B 11 3.67 -7.65 -4.12
C VAL B 11 4.46 -8.71 -3.40
N GLY A 1 -15.56 13.97 17.93
CA GLY A 1 -16.09 15.00 17.04
C GLY A 1 -16.80 14.37 15.88
N ALA A 2 -16.42 14.76 14.69
CA ALA A 2 -17.02 14.22 13.48
C ALA A 2 -15.96 14.07 12.42
N MET A 3 -14.76 13.79 12.85
CA MET A 3 -13.62 13.67 11.96
C MET A 3 -13.49 12.26 11.42
N GLY A 4 -14.51 11.82 10.73
CA GLY A 4 -14.51 10.52 10.11
C GLY A 4 -14.28 10.64 8.63
N LYS A 5 -13.39 11.52 8.27
CA LYS A 5 -13.03 11.74 6.89
C LYS A 5 -11.60 11.31 6.69
N PRO A 6 -11.25 10.86 5.50
CA PRO A 6 -9.89 10.49 5.21
C PRO A 6 -9.03 11.72 5.08
N PHE A 7 -7.90 11.66 5.67
CA PHE A 7 -6.97 12.72 5.67
C PHE A 7 -5.88 12.44 4.67
N PHE A 8 -5.61 13.39 3.84
CA PHE A 8 -4.63 13.26 2.81
C PHE A 8 -3.93 14.56 2.52
N THR A 9 -2.67 14.44 2.25
CA THR A 9 -1.88 15.44 1.62
C THR A 9 -0.68 14.86 0.97
N ARG A 10 -0.03 13.98 1.71
CA ARG A 10 1.20 13.25 1.34
C ARG A 10 1.94 12.91 2.60
N ASN A 11 1.62 13.62 3.65
CA ASN A 11 2.39 13.50 4.87
C ASN A 11 2.29 12.15 5.56
N PRO A 12 3.44 11.47 5.69
CA PRO A 12 3.51 10.24 6.49
C PRO A 12 3.19 10.59 7.87
N SER A 13 3.65 11.72 8.15
CA SER A 13 3.58 12.34 9.33
C SER A 13 2.10 12.73 9.71
N GLU A 14 1.17 12.88 8.71
CA GLU A 14 -0.24 13.11 9.04
C GLU A 14 -0.85 11.78 9.42
N LEU A 15 -0.32 10.72 8.79
CA LEU A 15 -0.71 9.36 9.09
C LEU A 15 -0.44 9.04 10.53
N LYS A 16 -1.43 8.43 11.11
CA LYS A 16 -1.47 8.15 12.52
C LYS A 16 -0.69 6.91 12.92
N GLY A 17 -0.53 6.78 14.21
CA GLY A 17 0.21 5.71 14.80
C GLY A 17 1.67 6.03 14.98
N LYS A 18 2.49 5.32 14.26
CA LYS A 18 3.93 5.44 14.31
C LYS A 18 4.51 5.31 12.91
N PHE A 19 5.57 6.00 12.66
CA PHE A 19 6.15 6.10 11.36
C PHE A 19 7.51 5.44 11.39
N ILE A 20 7.63 4.40 10.62
CA ILE A 20 8.82 3.57 10.59
C ILE A 20 9.29 3.30 9.21
N HIS A 21 10.54 3.04 9.09
CA HIS A 21 11.12 2.69 7.85
C HIS A 21 11.89 1.37 7.98
N THR A 22 11.38 0.36 7.34
CA THR A 22 11.96 -0.96 7.41
C THR A 22 12.35 -1.46 6.01
N LYS A 23 13.50 -2.07 5.92
CA LYS A 23 14.01 -2.59 4.67
C LYS A 23 13.44 -3.99 4.43
N LEU A 24 13.03 -4.25 3.20
CA LEU A 24 12.57 -5.55 2.81
C LEU A 24 13.37 -5.97 1.65
N ARG A 25 13.92 -7.12 1.71
CA ARG A 25 14.66 -7.60 0.65
C ARG A 25 13.72 -8.29 -0.33
N LYS A 26 13.57 -7.69 -1.50
CA LYS A 26 12.85 -8.24 -2.64
C LYS A 26 13.03 -9.71 -2.73
N SER A 27 11.97 -10.40 -2.48
CA SER A 27 11.92 -11.81 -2.56
C SER A 27 11.53 -12.20 -4.03
N SER A 28 10.74 -13.25 -4.22
CA SER A 28 10.34 -13.76 -5.54
C SER A 28 9.58 -12.71 -6.42
N ARG A 29 10.35 -11.80 -7.05
CA ARG A 29 9.89 -10.80 -7.98
C ARG A 29 8.84 -9.93 -7.40
N GLY A 30 9.07 -9.59 -6.17
CA GLY A 30 8.18 -8.79 -5.43
C GLY A 30 8.55 -8.88 -4.00
N PHE A 31 7.60 -9.12 -3.17
CA PHE A 31 7.80 -9.11 -1.77
C PHE A 31 7.16 -10.30 -1.08
N GLY A 32 5.88 -10.28 -0.92
CA GLY A 32 5.24 -11.26 -0.06
C GLY A 32 4.34 -10.61 0.98
N PHE A 33 3.54 -9.68 0.55
CA PHE A 33 2.52 -9.07 1.36
C PHE A 33 1.52 -8.47 0.39
N THR A 34 0.29 -8.52 0.68
CA THR A 34 -0.67 -8.02 -0.24
C THR A 34 -1.25 -6.74 0.29
N VAL A 35 -1.37 -5.78 -0.57
CA VAL A 35 -1.75 -4.47 -0.13
C VAL A 35 -3.13 -4.07 -0.69
N VAL A 36 -3.72 -3.05 -0.08
CA VAL A 36 -4.97 -2.45 -0.50
C VAL A 36 -4.81 -0.96 -0.70
N GLY A 37 -5.30 -0.48 -1.80
CA GLY A 37 -5.29 0.92 -2.04
C GLY A 37 -4.44 1.31 -3.22
N GLY A 38 -3.61 2.34 -2.96
CA GLY A 38 -2.68 2.97 -3.90
C GLY A 38 -3.26 3.19 -5.22
N ASP A 39 -4.43 3.68 -5.20
CA ASP A 39 -5.16 3.82 -6.40
C ASP A 39 -4.99 5.17 -6.97
N GLU A 40 -4.63 6.09 -6.12
CA GLU A 40 -4.67 7.45 -6.49
C GLU A 40 -3.75 8.23 -5.65
N PRO A 41 -3.52 9.49 -5.94
CA PRO A 41 -2.63 10.32 -5.15
C PRO A 41 -3.22 10.45 -3.77
N ASP A 42 -4.51 10.53 -3.80
CA ASP A 42 -5.34 10.67 -2.66
C ASP A 42 -5.33 9.40 -1.78
N GLU A 43 -5.07 8.26 -2.38
CA GLU A 43 -5.05 7.06 -1.62
C GLU A 43 -3.75 6.31 -1.80
N PHE A 44 -3.08 6.20 -0.64
CA PHE A 44 -1.77 5.55 -0.44
C PHE A 44 -2.00 4.07 -0.24
N LEU A 45 -0.95 3.28 -0.34
CA LEU A 45 -1.14 1.85 -0.29
C LEU A 45 -1.15 1.41 1.15
N GLN A 46 -1.92 0.45 1.49
CA GLN A 46 -2.02 -0.02 2.85
C GLN A 46 -1.83 -1.53 2.78
N ILE A 47 -1.57 -2.17 3.85
CA ILE A 47 -1.29 -3.61 3.82
C ILE A 47 -2.44 -4.40 4.38
N LYS A 48 -2.97 -5.33 3.59
CA LYS A 48 -4.09 -6.14 4.03
C LYS A 48 -3.66 -7.51 4.48
N SER A 49 -2.57 -8.01 3.99
CA SER A 49 -2.12 -9.29 4.44
C SER A 49 -0.63 -9.40 4.38
N LEU A 50 -0.07 -9.76 5.47
CA LEU A 50 1.25 -10.14 5.55
C LEU A 50 1.30 -11.57 5.04
N VAL A 51 1.95 -11.75 3.92
CA VAL A 51 2.04 -13.05 3.35
C VAL A 51 3.24 -13.72 3.96
N LEU A 52 3.00 -14.83 4.57
CA LEU A 52 4.04 -15.58 5.20
C LEU A 52 4.98 -16.13 4.18
N ASP A 53 6.26 -16.14 4.55
CA ASP A 53 7.40 -16.48 3.68
C ASP A 53 7.79 -15.24 2.84
N GLY A 54 7.15 -14.13 3.17
CA GLY A 54 7.47 -12.85 2.59
C GLY A 54 8.53 -12.16 3.39
N PRO A 55 9.20 -11.09 2.90
CA PRO A 55 10.34 -10.56 3.61
C PRO A 55 9.91 -9.83 4.88
N ALA A 56 8.68 -9.35 4.87
CA ALA A 56 8.05 -8.72 6.03
C ALA A 56 7.81 -9.76 7.13
N ALA A 57 7.44 -10.94 6.70
CA ALA A 57 7.16 -12.05 7.61
C ALA A 57 8.45 -12.51 8.23
N LEU A 58 9.38 -12.65 7.37
CA LEU A 58 10.64 -13.19 7.65
C LEU A 58 11.54 -12.32 8.45
N ASP A 59 11.61 -11.06 8.07
CA ASP A 59 12.39 -10.10 8.82
C ASP A 59 11.64 -9.75 10.06
N GLY A 60 10.33 -9.90 9.96
CA GLY A 60 9.46 -9.50 11.03
C GLY A 60 9.27 -8.00 10.98
N LYS A 61 8.73 -7.42 12.05
CA LYS A 61 8.62 -5.96 12.21
C LYS A 61 7.56 -5.31 11.31
N MET A 62 7.55 -5.59 10.03
CA MET A 62 6.55 -5.04 9.11
C MET A 62 5.34 -5.95 9.12
N GLU A 63 4.15 -5.38 9.23
CA GLU A 63 2.95 -6.18 9.46
C GLU A 63 1.75 -5.57 8.75
N THR A 64 0.70 -6.37 8.67
CA THR A 64 -0.57 -5.93 8.17
C THR A 64 -1.05 -4.74 9.00
N GLY A 65 -1.44 -3.67 8.36
CA GLY A 65 -1.83 -2.49 9.08
C GLY A 65 -0.85 -1.35 8.86
N ASP A 66 0.23 -1.66 8.15
CA ASP A 66 1.18 -0.64 7.73
C ASP A 66 0.66 0.07 6.51
N VAL A 67 0.65 1.35 6.54
CA VAL A 67 0.29 2.09 5.38
C VAL A 67 1.55 2.56 4.65
N ILE A 68 1.70 2.05 3.46
CA ILE A 68 2.84 2.30 2.61
C ILE A 68 2.81 3.73 2.07
N VAL A 69 3.81 4.48 2.53
CA VAL A 69 4.00 5.89 2.26
C VAL A 69 5.08 6.11 1.20
N SER A 70 6.26 5.57 1.43
CA SER A 70 7.39 5.80 0.55
C SER A 70 8.26 4.54 0.47
N VAL A 71 9.08 4.43 -0.58
CA VAL A 71 9.90 3.26 -0.75
C VAL A 71 11.27 3.55 -1.40
N ASN A 72 12.31 3.52 -0.57
CA ASN A 72 13.74 3.61 -0.95
C ASN A 72 14.14 4.95 -1.56
N ASP A 73 13.58 5.21 -2.66
CA ASP A 73 13.86 6.39 -3.47
C ASP A 73 12.59 6.82 -4.15
N THR A 74 11.85 5.83 -4.61
CA THR A 74 10.62 6.03 -5.27
C THR A 74 9.57 6.55 -4.31
N CYS A 75 8.97 7.61 -4.68
CA CYS A 75 7.97 8.19 -3.90
C CYS A 75 6.67 7.53 -4.28
N VAL A 76 6.38 6.41 -3.64
CA VAL A 76 5.16 5.65 -3.90
C VAL A 76 3.96 6.34 -3.24
N LEU A 77 4.25 7.46 -2.63
CA LEU A 77 3.31 8.30 -2.01
C LEU A 77 2.36 8.81 -3.05
N GLY A 78 1.14 8.36 -2.98
CA GLY A 78 0.13 8.74 -3.92
C GLY A 78 0.39 8.19 -5.30
N HIS A 79 1.08 7.06 -5.37
CA HIS A 79 1.39 6.44 -6.62
C HIS A 79 0.12 5.85 -7.17
N THR A 80 -0.09 6.01 -8.44
CA THR A 80 -1.26 5.43 -9.05
C THR A 80 -1.05 3.92 -9.08
N HIS A 81 -2.09 3.13 -8.87
CA HIS A 81 -1.94 1.68 -8.78
C HIS A 81 -1.13 1.08 -9.90
N ALA A 82 -1.41 1.51 -11.10
CA ALA A 82 -0.76 0.99 -12.29
C ALA A 82 0.74 1.26 -12.22
N GLN A 83 1.08 2.41 -11.68
CA GLN A 83 2.46 2.83 -11.55
C GLN A 83 3.15 1.94 -10.49
N VAL A 84 2.57 1.92 -9.28
CA VAL A 84 3.14 1.17 -8.17
C VAL A 84 3.23 -0.33 -8.45
N VAL A 85 2.16 -0.91 -8.95
CA VAL A 85 2.12 -2.34 -9.22
C VAL A 85 3.14 -2.71 -10.27
N LYS A 86 3.34 -1.83 -11.23
CA LYS A 86 4.30 -2.05 -12.27
C LYS A 86 5.72 -2.16 -11.69
N ILE A 87 6.06 -1.33 -10.72
CA ILE A 87 7.42 -1.34 -10.18
C ILE A 87 7.61 -2.60 -9.37
N PHE A 88 6.67 -2.78 -8.49
CA PHE A 88 6.65 -3.84 -7.53
C PHE A 88 6.56 -5.23 -8.18
N GLN A 89 5.91 -5.30 -9.32
CA GLN A 89 5.78 -6.54 -10.03
C GLN A 89 6.99 -6.81 -10.95
N SER A 90 7.71 -5.75 -11.34
CA SER A 90 8.88 -5.94 -12.21
C SER A 90 10.17 -6.03 -11.40
N ILE A 91 10.03 -5.99 -10.10
CA ILE A 91 11.09 -6.20 -9.15
C ILE A 91 11.96 -7.46 -9.44
N PRO A 92 13.28 -7.37 -9.16
CA PRO A 92 14.20 -8.47 -9.27
C PRO A 92 14.40 -9.15 -7.90
N ILE A 93 14.52 -10.43 -7.91
CA ILE A 93 14.69 -11.21 -6.71
C ILE A 93 16.06 -10.93 -6.08
N GLY A 94 16.11 -10.89 -4.77
CA GLY A 94 17.35 -10.70 -4.07
C GLY A 94 17.68 -9.25 -3.91
N ALA A 95 16.72 -8.39 -4.19
CA ALA A 95 16.99 -6.93 -4.25
C ALA A 95 16.59 -6.23 -2.94
N SER A 96 16.61 -4.90 -2.90
CA SER A 96 16.48 -4.21 -1.60
C SER A 96 15.77 -2.85 -1.67
N VAL A 97 14.88 -2.59 -0.71
CA VAL A 97 14.20 -1.29 -0.56
C VAL A 97 13.86 -1.01 0.86
N ASP A 98 13.72 0.25 1.12
CA ASP A 98 13.43 0.80 2.41
C ASP A 98 11.98 1.24 2.39
N LEU A 99 11.18 0.56 3.09
CA LEU A 99 9.77 0.88 3.13
C LEU A 99 9.50 1.84 4.25
N GLU A 100 9.11 3.03 3.88
CA GLU A 100 8.70 4.04 4.80
C GLU A 100 7.20 3.90 4.93
N LEU A 101 6.78 3.40 6.05
CA LEU A 101 5.41 3.07 6.23
C LEU A 101 4.93 3.48 7.61
N CYS A 102 3.68 3.72 7.75
CA CYS A 102 3.17 4.16 9.00
C CYS A 102 2.26 3.10 9.57
N ARG A 103 2.52 2.72 10.76
CA ARG A 103 1.77 1.72 11.43
C ARG A 103 0.75 2.40 12.30
N GLY A 104 -0.45 1.90 12.33
CA GLY A 104 -1.49 2.53 13.13
C GLY A 104 -2.81 2.42 12.46
N TYR A 105 -2.76 2.07 11.21
CA TYR A 105 -3.92 1.85 10.42
C TYR A 105 -4.50 0.47 10.72
N PRO A 106 -5.81 0.38 10.89
CA PRO A 106 -6.46 -0.89 11.06
C PRO A 106 -6.86 -1.44 9.70
N LEU A 107 -7.38 -2.62 9.69
CA LEU A 107 -7.85 -3.21 8.49
C LEU A 107 -9.38 -3.31 8.61
N PRO A 108 -10.12 -2.24 8.26
CA PRO A 108 -11.57 -2.18 8.40
C PRO A 108 -12.28 -2.80 7.20
N PHE A 109 -11.79 -3.94 6.84
CA PHE A 109 -12.25 -4.75 5.75
C PHE A 109 -11.82 -6.16 6.07
N ASP A 110 -12.18 -7.09 5.25
CA ASP A 110 -11.70 -8.42 5.40
C ASP A 110 -10.66 -8.61 4.35
N PRO A 111 -9.52 -9.16 4.72
CA PRO A 111 -8.39 -9.26 3.86
C PRO A 111 -8.24 -10.67 3.33
N ASP A 112 -9.22 -11.48 3.66
CA ASP A 112 -9.22 -12.83 3.31
C ASP A 112 -10.03 -13.00 2.06
N ASP A 113 -11.03 -12.15 1.96
CA ASP A 113 -11.99 -12.07 0.87
C ASP A 113 -11.29 -12.12 -0.49
N PRO A 114 -11.79 -13.02 -1.41
CA PRO A 114 -11.28 -13.30 -2.76
C PRO A 114 -10.33 -12.28 -3.39
N ASN A 115 -10.92 -11.38 -4.16
CA ASN A 115 -10.27 -10.27 -4.78
C ASN A 115 -9.26 -10.69 -5.82
N THR A 116 -9.76 -10.85 -7.02
CA THR A 116 -8.96 -11.21 -8.15
C THR A 116 -8.39 -9.92 -8.80
N SER A 117 -8.01 -9.97 -10.04
CA SER A 117 -7.52 -8.83 -10.71
C SER A 117 -8.65 -7.82 -10.96
N LEU A 118 -8.68 -6.78 -10.14
CA LEU A 118 -9.63 -5.72 -10.31
C LEU A 118 -9.16 -4.84 -11.43
N VAL A 119 -9.78 -4.96 -12.55
CA VAL A 119 -9.33 -4.27 -13.73
C VAL A 119 -10.35 -3.27 -14.20
N THR A 120 -9.89 -2.10 -14.49
CA THR A 120 -10.73 -1.11 -15.06
C THR A 120 -10.82 -1.44 -16.56
N SER A 121 -11.96 -1.27 -17.13
CA SER A 121 -12.18 -1.67 -18.50
C SER A 121 -11.77 -0.60 -19.48
N VAL A 122 -10.54 -0.69 -19.89
CA VAL A 122 -9.97 0.20 -20.84
C VAL A 122 -9.85 -0.51 -22.18
N ALA A 123 -10.76 -0.22 -23.05
CA ALA A 123 -10.82 -0.90 -24.29
C ALA A 123 -11.04 0.05 -25.42
N ILE A 124 -9.98 0.69 -25.84
CA ILE A 124 -10.01 1.56 -26.99
C ILE A 124 -9.41 0.79 -28.16
N LEU A 125 -8.77 -0.31 -27.83
CA LEU A 125 -8.07 -1.15 -28.79
C LEU A 125 -8.93 -2.31 -29.21
N ASP A 126 -9.88 -2.57 -28.38
CA ASP A 126 -10.73 -3.73 -28.51
C ASP A 126 -11.91 -3.35 -29.40
N LYS A 127 -12.99 -4.11 -29.32
CA LYS A 127 -14.22 -3.99 -30.11
C LYS A 127 -13.96 -3.61 -31.59
N GLU A 128 -12.89 -4.17 -32.13
CA GLU A 128 -12.43 -3.88 -33.47
C GLU A 128 -13.34 -4.52 -34.52
N PRO A 129 -14.09 -3.71 -35.28
CA PRO A 129 -14.89 -4.18 -36.37
C PRO A 129 -14.10 -4.10 -37.68
N ARG B 1 1.24 -14.08 -12.15
CA ARG B 1 0.87 -12.80 -11.53
C ARG B 1 0.31 -11.84 -12.61
N SER B 2 -0.93 -12.05 -13.02
CA SER B 2 -1.56 -11.21 -14.01
C SER B 2 -2.37 -10.14 -13.28
N SER B 3 -1.66 -9.19 -12.71
CA SER B 3 -2.27 -8.16 -11.90
C SER B 3 -3.16 -7.17 -12.69
N ARG B 4 -2.55 -6.08 -13.26
CA ARG B 4 -3.29 -4.95 -13.90
C ARG B 4 -4.53 -4.51 -13.06
N THR B 5 -4.37 -4.65 -11.77
CA THR B 5 -5.36 -4.43 -10.78
C THR B 5 -5.46 -2.94 -10.39
N ARG B 6 -6.22 -2.71 -9.35
CA ARG B 6 -6.34 -1.45 -8.65
C ARG B 6 -6.72 -1.88 -7.26
N ARG B 7 -6.30 -1.16 -6.18
CA ARG B 7 -6.56 -1.60 -4.79
C ARG B 7 -5.70 -2.81 -4.42
N GLU B 8 -5.84 -3.86 -5.19
CA GLU B 8 -5.17 -5.10 -5.00
C GLU B 8 -3.74 -5.12 -5.52
N THR B 9 -2.80 -4.68 -4.71
CA THR B 9 -1.43 -4.78 -5.11
C THR B 9 -0.82 -5.98 -4.40
N GLN B 10 -0.85 -7.10 -5.06
CA GLN B 10 -0.22 -8.27 -4.52
C GLN B 10 1.24 -8.21 -4.84
N VAL B 11 2.05 -8.01 -3.82
CA VAL B 11 3.46 -7.89 -4.03
C VAL B 11 4.16 -9.01 -3.31
N GLY A 1 -18.02 19.35 9.03
CA GLY A 1 -17.20 19.03 10.20
C GLY A 1 -17.16 17.54 10.42
N ALA A 2 -16.46 17.12 11.48
CA ALA A 2 -16.36 15.72 11.95
C ALA A 2 -15.38 14.85 11.14
N MET A 3 -14.75 15.50 10.16
CA MET A 3 -13.72 14.93 9.29
C MET A 3 -14.13 13.63 8.63
N GLY A 4 -15.15 13.70 7.81
CA GLY A 4 -15.61 12.53 7.07
C GLY A 4 -14.93 12.43 5.73
N LYS A 5 -13.91 13.22 5.58
CA LYS A 5 -13.12 13.25 4.39
C LYS A 5 -11.77 12.69 4.73
N PRO A 6 -11.18 11.89 3.84
CA PRO A 6 -9.88 11.28 4.07
C PRO A 6 -8.78 12.32 4.09
N PHE A 7 -7.79 12.10 4.88
CA PHE A 7 -6.72 13.02 5.02
C PHE A 7 -5.60 12.68 4.06
N PHE A 8 -5.20 13.67 3.33
CA PHE A 8 -4.15 13.54 2.36
C PHE A 8 -3.36 14.82 2.23
N THR A 9 -2.10 14.68 2.32
CA THR A 9 -1.15 15.69 1.95
C THR A 9 0.23 15.06 1.86
N ARG A 10 0.24 13.72 1.57
CA ARG A 10 1.45 12.86 1.34
C ARG A 10 2.42 12.87 2.50
N ASN A 11 1.93 13.25 3.56
CA ASN A 11 2.67 13.27 4.82
C ASN A 11 2.54 11.94 5.57
N PRO A 12 3.67 11.19 5.72
CA PRO A 12 3.67 10.00 6.60
C PRO A 12 3.29 10.40 7.97
N SER A 13 3.62 11.61 8.24
CA SER A 13 3.47 12.18 9.46
C SER A 13 1.95 12.44 9.76
N GLU A 14 1.12 12.58 8.70
CA GLU A 14 -0.31 12.78 8.89
C GLU A 14 -0.92 11.44 9.20
N LEU A 15 -0.31 10.40 8.60
CA LEU A 15 -0.70 9.05 8.84
C LEU A 15 -0.45 8.67 10.28
N LYS A 16 -1.48 8.11 10.84
CA LYS A 16 -1.57 7.79 12.24
C LYS A 16 -0.86 6.49 12.61
N GLY A 17 -0.90 6.17 13.90
CA GLY A 17 -0.27 4.99 14.40
C GLY A 17 1.18 5.25 14.77
N LYS A 18 2.02 4.46 14.24
CA LYS A 18 3.44 4.54 14.46
C LYS A 18 4.16 4.55 13.15
N PHE A 19 5.25 5.24 13.08
CA PHE A 19 5.93 5.50 11.87
C PHE A 19 7.30 4.85 11.96
N ILE A 20 7.54 3.91 11.10
CA ILE A 20 8.74 3.14 11.09
C ILE A 20 9.32 3.08 9.71
N HIS A 21 10.60 2.90 9.63
CA HIS A 21 11.29 2.80 8.38
C HIS A 21 12.09 1.50 8.37
N THR A 22 11.67 0.59 7.54
CA THR A 22 12.32 -0.70 7.46
C THR A 22 12.67 -1.03 6.02
N LYS A 23 13.68 -1.79 5.81
CA LYS A 23 14.12 -2.15 4.51
C LYS A 23 13.67 -3.57 4.20
N LEU A 24 13.18 -3.78 3.00
CA LEU A 24 12.73 -5.06 2.58
C LEU A 24 13.56 -5.46 1.44
N ARG A 25 14.26 -6.48 1.65
CA ARG A 25 15.07 -6.99 0.66
C ARG A 25 14.23 -7.92 -0.17
N LYS A 26 13.88 -7.48 -1.38
CA LYS A 26 13.11 -8.23 -2.32
C LYS A 26 13.43 -9.68 -2.34
N SER A 27 12.41 -10.42 -2.02
CA SER A 27 12.43 -11.82 -1.89
C SER A 27 12.15 -12.44 -3.27
N SER A 28 11.60 -13.63 -3.31
CA SER A 28 11.33 -14.33 -4.55
C SER A 28 10.25 -13.63 -5.42
N ARG A 29 10.68 -12.59 -6.14
CA ARG A 29 9.89 -11.87 -7.10
C ARG A 29 8.85 -11.04 -6.43
N GLY A 30 9.31 -9.98 -5.85
CA GLY A 30 8.46 -9.08 -5.20
C GLY A 30 8.73 -9.06 -3.73
N PHE A 31 7.71 -9.16 -3.00
CA PHE A 31 7.77 -9.00 -1.61
C PHE A 31 7.11 -10.16 -0.89
N GLY A 32 5.82 -10.14 -0.82
CA GLY A 32 5.12 -11.06 -0.01
C GLY A 32 4.22 -10.35 0.97
N PHE A 33 3.36 -9.52 0.46
CA PHE A 33 2.33 -8.87 1.22
C PHE A 33 1.28 -8.35 0.27
N THR A 34 0.05 -8.34 0.66
CA THR A 34 -0.93 -7.80 -0.19
C THR A 34 -1.41 -6.50 0.35
N VAL A 35 -1.50 -5.58 -0.52
CA VAL A 35 -1.68 -4.25 -0.17
C VAL A 35 -2.81 -3.63 -0.96
N VAL A 36 -3.54 -2.75 -0.30
CA VAL A 36 -4.64 -2.05 -0.85
C VAL A 36 -4.42 -0.57 -0.80
N GLY A 37 -4.67 0.03 -1.87
CA GLY A 37 -4.58 1.42 -1.94
C GLY A 37 -3.83 1.81 -3.14
N GLY A 38 -2.97 2.84 -2.96
CA GLY A 38 -2.15 3.42 -4.03
C GLY A 38 -2.95 3.58 -5.25
N ASP A 39 -4.09 4.05 -5.04
CA ASP A 39 -5.10 4.16 -6.02
C ASP A 39 -4.85 5.39 -6.79
N GLU A 40 -4.49 6.44 -6.10
CA GLU A 40 -4.29 7.70 -6.74
C GLU A 40 -3.46 8.58 -5.88
N PRO A 41 -3.01 9.72 -6.39
CA PRO A 41 -2.24 10.72 -5.64
C PRO A 41 -3.18 11.45 -4.69
N ASP A 42 -3.73 10.65 -3.87
CA ASP A 42 -4.78 10.96 -2.95
C ASP A 42 -4.91 9.81 -1.97
N GLU A 43 -4.78 8.60 -2.49
CA GLU A 43 -4.91 7.41 -1.69
C GLU A 43 -3.63 6.57 -1.79
N PHE A 44 -3.05 6.34 -0.59
CA PHE A 44 -1.75 5.66 -0.30
C PHE A 44 -1.97 4.16 -0.13
N LEU A 45 -0.87 3.36 -0.15
CA LEU A 45 -1.03 1.92 -0.11
C LEU A 45 -1.03 1.42 1.31
N GLN A 46 -1.80 0.40 1.63
CA GLN A 46 -1.93 -0.08 2.98
C GLN A 46 -1.93 -1.62 2.98
N ILE A 47 -1.40 -2.21 3.96
CA ILE A 47 -1.25 -3.69 3.98
C ILE A 47 -2.48 -4.38 4.59
N LYS A 48 -3.15 -5.28 3.81
CA LYS A 48 -4.26 -6.06 4.38
C LYS A 48 -3.82 -7.45 4.73
N SER A 49 -2.74 -7.91 4.17
CA SER A 49 -2.25 -9.22 4.51
C SER A 49 -0.77 -9.31 4.39
N LEU A 50 -0.15 -9.74 5.44
CA LEU A 50 1.20 -10.03 5.44
C LEU A 50 1.39 -11.44 4.89
N VAL A 51 1.93 -11.55 3.72
CA VAL A 51 2.12 -12.83 3.11
C VAL A 51 3.43 -13.42 3.66
N LEU A 52 3.31 -14.56 4.26
CA LEU A 52 4.45 -15.17 4.86
C LEU A 52 5.44 -15.61 3.84
N ASP A 53 6.69 -15.60 4.27
CA ASP A 53 7.86 -15.84 3.43
C ASP A 53 8.16 -14.57 2.59
N GLY A 54 7.48 -13.48 2.97
CA GLY A 54 7.76 -12.18 2.43
C GLY A 54 8.77 -11.49 3.29
N PRO A 55 9.49 -10.44 2.83
CA PRO A 55 10.58 -9.89 3.62
C PRO A 55 10.03 -9.13 4.82
N ALA A 56 8.80 -8.67 4.68
CA ALA A 56 8.03 -8.04 5.73
C ALA A 56 7.82 -9.05 6.86
N ALA A 57 7.44 -10.26 6.47
CA ALA A 57 7.16 -11.37 7.38
C ALA A 57 8.41 -11.80 8.07
N LEU A 58 9.40 -11.90 7.29
CA LEU A 58 10.65 -12.43 7.66
C LEU A 58 11.46 -11.54 8.54
N ASP A 59 11.37 -10.24 8.34
CA ASP A 59 12.02 -9.30 9.23
C ASP A 59 11.10 -9.08 10.40
N GLY A 60 9.82 -9.33 10.12
CA GLY A 60 8.75 -9.18 11.07
C GLY A 60 8.53 -7.77 11.50
N LYS A 61 8.97 -6.87 10.68
CA LYS A 61 8.95 -5.49 10.98
C LYS A 61 7.77 -4.79 10.32
N MET A 62 7.17 -5.45 9.38
CA MET A 62 6.01 -4.94 8.70
C MET A 62 4.94 -5.97 8.88
N GLU A 63 3.73 -5.55 9.12
CA GLU A 63 2.64 -6.45 9.39
C GLU A 63 1.38 -5.86 8.86
N THR A 64 0.40 -6.71 8.75
CA THR A 64 -0.91 -6.33 8.38
C THR A 64 -1.40 -5.21 9.31
N GLY A 65 -1.66 -4.06 8.74
CA GLY A 65 -2.07 -2.95 9.56
C GLY A 65 -1.19 -1.72 9.39
N ASP A 66 -0.18 -1.80 8.56
CA ASP A 66 0.58 -0.60 8.23
C ASP A 66 0.24 -0.05 6.88
N VAL A 67 0.49 1.21 6.72
CA VAL A 67 0.27 1.89 5.50
C VAL A 67 1.59 2.33 4.88
N ILE A 68 1.79 1.87 3.67
CA ILE A 68 2.96 2.11 2.90
C ILE A 68 2.94 3.52 2.33
N VAL A 69 3.94 4.27 2.79
CA VAL A 69 4.15 5.65 2.49
C VAL A 69 5.21 5.82 1.38
N SER A 70 6.38 5.25 1.55
CA SER A 70 7.44 5.45 0.57
C SER A 70 8.29 4.19 0.35
N VAL A 71 9.03 4.13 -0.77
CA VAL A 71 9.80 2.94 -1.11
C VAL A 71 11.17 3.30 -1.76
N ASN A 72 12.19 3.28 -0.94
CA ASN A 72 13.60 3.47 -1.31
C ASN A 72 13.88 4.87 -1.84
N ASP A 73 13.64 5.04 -3.08
CA ASP A 73 13.88 6.28 -3.79
C ASP A 73 12.65 6.68 -4.59
N THR A 74 11.69 5.80 -4.64
CA THR A 74 10.49 6.02 -5.38
C THR A 74 9.40 6.49 -4.44
N CYS A 75 8.72 7.52 -4.83
CA CYS A 75 7.69 8.08 -4.05
C CYS A 75 6.40 7.34 -4.38
N VAL A 76 6.21 6.19 -3.74
CA VAL A 76 5.01 5.36 -3.94
C VAL A 76 3.82 6.00 -3.20
N LEU A 77 4.13 7.05 -2.52
CA LEU A 77 3.21 7.86 -1.82
C LEU A 77 2.29 8.47 -2.84
N GLY A 78 1.05 8.04 -2.80
CA GLY A 78 0.09 8.48 -3.75
C GLY A 78 0.47 8.10 -5.16
N HIS A 79 1.01 6.92 -5.32
CA HIS A 79 1.39 6.42 -6.60
C HIS A 79 0.12 5.93 -7.24
N THR A 80 0.04 5.99 -8.53
CA THR A 80 -1.10 5.46 -9.19
C THR A 80 -1.01 3.93 -9.14
N HIS A 81 -2.12 3.24 -8.94
CA HIS A 81 -2.10 1.77 -8.80
C HIS A 81 -1.38 1.11 -9.91
N ALA A 82 -1.73 1.53 -11.09
CA ALA A 82 -1.16 1.00 -12.32
C ALA A 82 0.36 1.16 -12.31
N GLN A 83 0.80 2.26 -11.73
CA GLN A 83 2.20 2.55 -11.64
C GLN A 83 2.88 1.71 -10.56
N VAL A 84 2.29 1.70 -9.36
CA VAL A 84 2.86 0.96 -8.24
C VAL A 84 2.93 -0.53 -8.55
N VAL A 85 1.86 -1.08 -9.11
CA VAL A 85 1.82 -2.51 -9.42
C VAL A 85 2.86 -2.85 -10.47
N LYS A 86 3.02 -1.97 -11.44
CA LYS A 86 4.00 -2.15 -12.49
C LYS A 86 5.42 -2.28 -11.91
N ILE A 87 5.76 -1.45 -10.93
CA ILE A 87 7.11 -1.46 -10.37
C ILE A 87 7.30 -2.70 -9.53
N PHE A 88 6.35 -2.88 -8.65
CA PHE A 88 6.36 -3.92 -7.68
C PHE A 88 6.28 -5.33 -8.29
N GLN A 89 5.62 -5.46 -9.42
CA GLN A 89 5.55 -6.75 -10.11
C GLN A 89 6.76 -6.97 -11.03
N SER A 90 7.41 -5.89 -11.44
CA SER A 90 8.62 -6.00 -12.27
C SER A 90 9.82 -6.33 -11.41
N ILE A 91 9.67 -6.16 -10.11
CA ILE A 91 10.68 -6.45 -9.15
C ILE A 91 11.36 -7.85 -9.33
N PRO A 92 12.70 -7.90 -9.21
CA PRO A 92 13.48 -9.12 -9.27
C PRO A 92 13.87 -9.60 -7.84
N ILE A 93 14.14 -10.87 -7.75
CA ILE A 93 14.55 -11.51 -6.51
C ILE A 93 15.96 -11.01 -6.11
N GLY A 94 16.18 -10.73 -4.83
CA GLY A 94 17.50 -10.34 -4.41
C GLY A 94 17.66 -8.84 -4.39
N ALA A 95 16.57 -8.15 -4.49
CA ALA A 95 16.64 -6.70 -4.64
C ALA A 95 16.45 -5.97 -3.30
N SER A 96 16.40 -4.65 -3.30
CA SER A 96 16.41 -3.87 -2.04
C SER A 96 15.62 -2.55 -2.11
N VAL A 97 14.84 -2.28 -1.04
CA VAL A 97 14.08 -1.03 -0.90
C VAL A 97 13.82 -0.72 0.56
N ASP A 98 13.78 0.54 0.84
CA ASP A 98 13.55 1.06 2.16
C ASP A 98 12.13 1.60 2.25
N LEU A 99 11.30 0.91 2.96
CA LEU A 99 9.89 1.27 3.09
C LEU A 99 9.66 2.16 4.30
N GLU A 100 9.08 3.29 4.03
CA GLU A 100 8.62 4.20 5.07
C GLU A 100 7.15 3.90 5.23
N LEU A 101 6.75 3.50 6.40
CA LEU A 101 5.39 3.07 6.62
C LEU A 101 4.87 3.48 7.97
N CYS A 102 3.58 3.53 8.10
CA CYS A 102 2.93 3.85 9.33
C CYS A 102 2.02 2.69 9.79
N ARG A 103 2.43 2.00 10.81
CA ARG A 103 1.72 0.85 11.35
C ARG A 103 0.67 1.34 12.32
N GLY A 104 -0.44 0.69 12.38
CA GLY A 104 -1.45 1.08 13.32
C GLY A 104 -2.68 1.60 12.64
N TYR A 105 -2.70 1.44 11.36
CA TYR A 105 -3.78 1.86 10.54
C TYR A 105 -4.77 0.68 10.53
N PRO A 106 -6.04 0.92 10.86
CA PRO A 106 -7.03 -0.14 11.01
C PRO A 106 -7.26 -0.96 9.74
N LEU A 107 -7.66 -2.20 9.92
CA LEU A 107 -7.96 -3.11 8.83
C LEU A 107 -9.48 -3.38 8.82
N PRO A 108 -10.30 -2.42 8.31
CA PRO A 108 -11.73 -2.58 8.25
C PRO A 108 -12.13 -3.16 6.91
N PHE A 109 -11.31 -4.05 6.44
CA PHE A 109 -11.48 -4.70 5.19
C PHE A 109 -11.15 -6.13 5.41
N ASP A 110 -11.74 -7.00 4.68
CA ASP A 110 -11.40 -8.40 4.78
C ASP A 110 -10.15 -8.59 4.00
N PRO A 111 -9.22 -9.33 4.53
CA PRO A 111 -7.92 -9.44 4.00
C PRO A 111 -7.84 -10.61 3.03
N ASP A 112 -8.90 -11.38 2.99
CA ASP A 112 -8.95 -12.48 2.16
C ASP A 112 -9.58 -12.08 0.85
N ASP A 113 -10.45 -11.09 0.97
CA ASP A 113 -11.27 -10.46 -0.11
C ASP A 113 -10.52 -10.11 -1.40
N PRO A 114 -10.78 -10.86 -2.48
CA PRO A 114 -10.36 -10.53 -3.84
C PRO A 114 -11.42 -9.71 -4.54
N ASN A 115 -11.50 -9.95 -5.83
CA ASN A 115 -12.49 -9.48 -6.73
C ASN A 115 -12.30 -8.03 -7.10
N THR A 116 -11.53 -7.82 -8.12
CA THR A 116 -11.24 -6.50 -8.59
C THR A 116 -11.49 -6.45 -10.08
N SER A 117 -11.65 -5.28 -10.59
CA SER A 117 -11.68 -5.04 -11.95
C SER A 117 -10.86 -3.79 -12.16
N LEU A 118 -9.65 -3.96 -12.60
CA LEU A 118 -8.77 -2.86 -12.70
C LEU A 118 -9.03 -2.11 -13.94
N VAL A 119 -9.32 -0.87 -13.75
CA VAL A 119 -9.56 0.02 -14.83
C VAL A 119 -8.59 1.16 -14.68
N THR A 120 -7.62 1.21 -15.54
CA THR A 120 -6.65 2.27 -15.50
C THR A 120 -7.34 3.56 -16.00
N SER A 121 -6.95 4.67 -15.50
CA SER A 121 -7.62 5.89 -15.85
C SER A 121 -6.88 6.67 -16.91
N VAL A 122 -7.61 7.12 -17.86
CA VAL A 122 -7.11 7.90 -18.93
C VAL A 122 -8.05 9.09 -19.13
N ALA A 123 -7.52 10.27 -19.06
CA ALA A 123 -8.31 11.45 -19.15
C ALA A 123 -8.23 12.07 -20.53
N ILE A 124 -9.05 11.57 -21.42
CA ILE A 124 -9.17 12.17 -22.73
C ILE A 124 -10.41 13.03 -22.65
N LEU A 125 -11.37 12.48 -21.96
CA LEU A 125 -12.63 13.09 -21.70
C LEU A 125 -12.91 12.97 -20.24
N ASP A 126 -13.94 13.66 -19.82
CA ASP A 126 -14.42 13.69 -18.45
C ASP A 126 -13.38 14.24 -17.49
N LYS A 127 -13.22 15.52 -17.59
CA LYS A 127 -12.40 16.28 -16.70
C LYS A 127 -13.29 17.32 -16.09
N GLU A 128 -13.24 17.45 -14.81
CA GLU A 128 -14.04 18.40 -14.11
C GLU A 128 -13.44 19.81 -14.20
N PRO A 129 -14.15 20.75 -14.83
CA PRO A 129 -13.73 22.13 -14.86
C PRO A 129 -14.43 22.91 -13.71
N ARG B 1 -16.23 -3.53 -0.36
CA ARG B 1 -16.97 -3.59 -1.62
C ARG B 1 -17.60 -2.25 -1.91
N SER B 2 -17.00 -1.51 -2.81
CA SER B 2 -17.44 -0.20 -3.22
C SER B 2 -16.85 0.11 -4.59
N SER B 3 -15.53 0.12 -4.65
CA SER B 3 -14.82 0.38 -5.86
C SER B 3 -13.45 -0.31 -5.80
N ARG B 4 -13.24 -1.24 -6.68
CA ARG B 4 -12.00 -1.95 -6.71
C ARG B 4 -11.47 -1.98 -8.15
N THR B 5 -11.03 -0.83 -8.60
CA THR B 5 -10.46 -0.64 -9.93
C THR B 5 -8.97 -0.37 -9.84
N ARG B 6 -8.55 -0.15 -8.63
CA ARG B 6 -7.16 0.01 -8.27
C ARG B 6 -7.06 -0.71 -6.92
N ARG B 7 -6.16 -0.27 -6.02
CA ARG B 7 -6.13 -0.75 -4.67
C ARG B 7 -5.39 -2.06 -4.43
N GLU B 8 -5.88 -3.17 -4.90
CA GLU B 8 -5.27 -4.44 -4.52
C GLU B 8 -4.05 -4.86 -5.36
N THR B 9 -2.90 -4.54 -4.84
CA THR B 9 -1.65 -4.92 -5.42
C THR B 9 -1.14 -6.14 -4.62
N GLN B 10 -0.94 -7.25 -5.28
CA GLN B 10 -0.37 -8.40 -4.64
C GLN B 10 1.09 -8.46 -4.98
N VAL B 11 1.92 -8.32 -3.98
CA VAL B 11 3.34 -8.27 -4.20
C VAL B 11 4.03 -9.30 -3.35
N GLY A 1 -19.18 17.85 11.45
CA GLY A 1 -17.79 17.67 11.07
C GLY A 1 -17.58 17.97 9.61
N ALA A 2 -17.05 19.15 9.32
CA ALA A 2 -16.82 19.56 7.96
C ALA A 2 -15.58 18.85 7.39
N MET A 3 -14.65 18.53 8.27
CA MET A 3 -13.43 17.85 7.88
C MET A 3 -13.58 16.36 8.14
N GLY A 4 -14.61 15.79 7.57
CA GLY A 4 -14.88 14.40 7.76
C GLY A 4 -14.57 13.60 6.52
N LYS A 5 -13.53 14.00 5.82
CA LYS A 5 -13.11 13.35 4.60
C LYS A 5 -11.83 12.59 4.88
N PRO A 6 -11.47 11.61 4.04
CA PRO A 6 -10.21 10.90 4.17
C PRO A 6 -9.05 11.85 3.99
N PHE A 7 -8.14 11.78 4.88
CA PHE A 7 -7.06 12.69 4.93
C PHE A 7 -5.95 12.35 3.96
N PHE A 8 -5.57 13.36 3.24
CA PHE A 8 -4.49 13.32 2.29
C PHE A 8 -3.80 14.66 2.22
N THR A 9 -2.51 14.61 2.24
CA THR A 9 -1.65 15.69 1.91
C THR A 9 -0.19 15.19 1.84
N ARG A 10 -0.05 13.92 1.33
CA ARG A 10 1.23 13.19 1.04
C ARG A 10 2.20 13.19 2.21
N ASN A 11 1.65 13.29 3.32
CA ASN A 11 2.37 13.26 4.56
C ASN A 11 2.29 11.94 5.32
N PRO A 12 3.42 11.23 5.47
CA PRO A 12 3.49 10.08 6.36
C PRO A 12 3.09 10.51 7.73
N SER A 13 3.45 11.72 7.99
CA SER A 13 3.24 12.32 9.21
C SER A 13 1.72 12.51 9.51
N GLU A 14 0.88 12.62 8.46
CA GLU A 14 -0.56 12.79 8.66
C GLU A 14 -1.14 11.44 9.01
N LEU A 15 -0.53 10.40 8.45
CA LEU A 15 -0.85 9.05 8.78
C LEU A 15 -0.56 8.82 10.24
N LYS A 16 -1.50 8.20 10.88
CA LYS A 16 -1.47 7.99 12.31
C LYS A 16 -0.64 6.77 12.70
N GLY A 17 -0.63 6.51 13.99
CA GLY A 17 0.12 5.41 14.53
C GLY A 17 1.59 5.76 14.79
N LYS A 18 2.47 5.15 14.03
CA LYS A 18 3.91 5.33 14.17
C LYS A 18 4.56 5.23 12.80
N PHE A 19 5.63 5.92 12.61
CA PHE A 19 6.27 6.04 11.35
C PHE A 19 7.64 5.38 11.41
N ILE A 20 7.81 4.35 10.65
CA ILE A 20 9.02 3.59 10.63
C ILE A 20 9.52 3.36 9.25
N HIS A 21 10.81 3.21 9.14
CA HIS A 21 11.41 2.92 7.89
C HIS A 21 12.30 1.70 8.04
N THR A 22 11.89 0.64 7.45
CA THR A 22 12.61 -0.59 7.57
C THR A 22 12.86 -1.19 6.17
N LYS A 23 14.00 -1.77 5.99
CA LYS A 23 14.40 -2.36 4.73
C LYS A 23 13.66 -3.66 4.48
N LEU A 24 13.14 -3.81 3.27
CA LEU A 24 12.52 -5.05 2.90
C LEU A 24 13.28 -5.60 1.74
N ARG A 25 13.66 -6.81 1.88
CA ARG A 25 14.41 -7.48 0.88
C ARG A 25 13.46 -8.02 -0.18
N LYS A 26 13.47 -7.43 -1.36
CA LYS A 26 12.78 -7.92 -2.53
C LYS A 26 12.91 -9.41 -2.63
N SER A 27 11.83 -10.08 -2.34
CA SER A 27 11.76 -11.50 -2.34
C SER A 27 10.59 -11.98 -3.21
N SER A 28 10.81 -13.07 -3.93
CA SER A 28 9.85 -13.71 -4.84
C SER A 28 9.24 -12.77 -5.92
N ARG A 29 10.03 -11.78 -6.40
CA ARG A 29 9.64 -10.89 -7.49
C ARG A 29 8.63 -9.89 -6.97
N GLY A 30 9.02 -9.26 -5.93
CA GLY A 30 8.23 -8.31 -5.28
C GLY A 30 8.60 -8.33 -3.84
N PHE A 31 7.65 -8.60 -3.04
CA PHE A 31 7.82 -8.59 -1.64
C PHE A 31 7.18 -9.82 -0.98
N GLY A 32 5.89 -9.81 -0.82
CA GLY A 32 5.23 -10.84 -0.03
C GLY A 32 4.26 -10.26 1.01
N PHE A 33 3.42 -9.36 0.56
CA PHE A 33 2.35 -8.79 1.35
C PHE A 33 1.36 -8.18 0.38
N THR A 34 0.11 -8.25 0.66
CA THR A 34 -0.83 -7.71 -0.27
C THR A 34 -1.39 -6.40 0.26
N VAL A 35 -1.46 -5.44 -0.63
CA VAL A 35 -1.83 -4.11 -0.26
C VAL A 35 -3.08 -3.62 -0.95
N VAL A 36 -3.80 -2.80 -0.23
CA VAL A 36 -5.03 -2.24 -0.65
C VAL A 36 -4.93 -0.72 -0.66
N GLY A 37 -5.42 -0.12 -1.68
CA GLY A 37 -5.40 1.29 -1.81
C GLY A 37 -4.68 1.68 -3.04
N GLY A 38 -3.75 2.63 -2.89
CA GLY A 38 -2.84 3.16 -3.93
C GLY A 38 -3.46 3.27 -5.27
N ASP A 39 -4.45 4.02 -5.33
CA ASP A 39 -5.15 4.13 -6.55
C ASP A 39 -5.04 5.51 -7.07
N GLU A 40 -4.69 6.42 -6.19
CA GLU A 40 -4.73 7.80 -6.55
C GLU A 40 -3.82 8.56 -5.67
N PRO A 41 -3.52 9.79 -5.94
CA PRO A 41 -2.55 10.55 -5.14
C PRO A 41 -3.07 10.65 -3.74
N ASP A 42 -4.34 10.82 -3.72
CA ASP A 42 -5.13 10.99 -2.55
C ASP A 42 -5.30 9.66 -1.77
N GLU A 43 -4.92 8.54 -2.38
CA GLU A 43 -4.93 7.29 -1.68
C GLU A 43 -3.63 6.52 -1.88
N PHE A 44 -3.00 6.33 -0.71
CA PHE A 44 -1.71 5.64 -0.48
C PHE A 44 -1.99 4.16 -0.32
N LEU A 45 -0.96 3.33 -0.38
CA LEU A 45 -1.24 1.90 -0.32
C LEU A 45 -1.19 1.46 1.09
N GLN A 46 -2.00 0.55 1.46
CA GLN A 46 -2.06 0.08 2.82
C GLN A 46 -1.95 -1.42 2.76
N ILE A 47 -1.60 -2.05 3.82
CA ILE A 47 -1.46 -3.52 3.81
C ILE A 47 -2.62 -4.13 4.53
N LYS A 48 -3.28 -5.04 3.89
CA LYS A 48 -4.33 -5.82 4.57
C LYS A 48 -3.98 -7.27 4.74
N SER A 49 -2.91 -7.73 4.15
CA SER A 49 -2.47 -9.10 4.41
C SER A 49 -0.97 -9.26 4.28
N LEU A 50 -0.38 -9.82 5.31
CA LEU A 50 0.97 -10.20 5.33
C LEU A 50 1.06 -11.58 4.73
N VAL A 51 1.76 -11.68 3.64
CA VAL A 51 1.94 -12.92 2.99
C VAL A 51 3.16 -13.59 3.61
N LEU A 52 2.99 -14.81 4.00
CA LEU A 52 4.04 -15.52 4.63
C LEU A 52 5.03 -15.93 3.61
N ASP A 53 6.30 -15.93 4.03
CA ASP A 53 7.48 -16.12 3.16
C ASP A 53 7.81 -14.78 2.48
N GLY A 54 7.08 -13.76 2.91
CA GLY A 54 7.32 -12.41 2.50
C GLY A 54 8.41 -11.80 3.33
N PRO A 55 9.08 -10.73 2.89
CA PRO A 55 10.25 -10.26 3.60
C PRO A 55 9.84 -9.60 4.91
N ALA A 56 8.62 -9.10 4.91
CA ALA A 56 7.98 -8.52 6.05
C ALA A 56 7.81 -9.58 7.13
N ALA A 57 7.34 -10.74 6.68
CA ALA A 57 7.06 -11.88 7.51
C ALA A 57 8.33 -12.40 8.11
N LEU A 58 9.24 -12.58 7.24
CA LEU A 58 10.49 -13.18 7.48
C LEU A 58 11.44 -12.36 8.28
N ASP A 59 11.41 -11.06 8.06
CA ASP A 59 12.25 -10.16 8.85
C ASP A 59 11.60 -9.92 10.18
N GLY A 60 10.28 -10.20 10.18
CA GLY A 60 9.45 -10.11 11.36
C GLY A 60 9.40 -8.72 11.89
N LYS A 61 9.27 -7.79 10.99
CA LYS A 61 9.39 -6.39 11.32
C LYS A 61 8.20 -5.59 10.76
N MET A 62 7.61 -6.09 9.72
CA MET A 62 6.55 -5.39 9.03
C MET A 62 5.30 -6.27 9.08
N GLU A 63 4.12 -5.64 9.16
CA GLU A 63 2.89 -6.36 9.45
C GLU A 63 1.69 -5.84 8.70
N THR A 64 0.65 -6.63 8.73
CA THR A 64 -0.63 -6.26 8.25
C THR A 64 -1.13 -5.09 9.11
N GLY A 65 -1.44 -4.00 8.49
CA GLY A 65 -1.81 -2.83 9.24
C GLY A 65 -0.88 -1.69 8.95
N ASP A 66 0.21 -1.99 8.27
CA ASP A 66 1.11 -0.95 7.81
C ASP A 66 0.48 -0.24 6.64
N VAL A 67 0.90 0.94 6.41
CA VAL A 67 0.50 1.68 5.25
C VAL A 67 1.71 2.20 4.51
N ILE A 68 1.80 1.83 3.26
CA ILE A 68 2.89 2.11 2.38
C ILE A 68 2.89 3.57 1.96
N VAL A 69 3.93 4.26 2.45
CA VAL A 69 4.15 5.66 2.26
C VAL A 69 5.27 5.91 1.24
N SER A 70 6.43 5.33 1.46
CA SER A 70 7.57 5.60 0.60
C SER A 70 8.47 4.36 0.50
N VAL A 71 9.26 4.29 -0.56
CA VAL A 71 10.15 3.17 -0.80
C VAL A 71 11.51 3.69 -1.37
N ASN A 72 12.41 3.97 -0.44
CA ASN A 72 13.72 4.63 -0.66
C ASN A 72 13.74 5.82 -1.62
N ASP A 73 13.94 5.54 -2.85
CA ASP A 73 14.08 6.54 -3.90
C ASP A 73 12.76 6.82 -4.59
N THR A 74 11.92 5.84 -4.66
CA THR A 74 10.68 5.96 -5.33
C THR A 74 9.57 6.42 -4.38
N CYS A 75 8.86 7.41 -4.81
CA CYS A 75 7.80 7.98 -4.05
C CYS A 75 6.53 7.22 -4.38
N VAL A 76 6.31 6.13 -3.67
CA VAL A 76 5.13 5.30 -3.86
C VAL A 76 3.92 5.94 -3.12
N LEU A 77 4.18 7.08 -2.53
CA LEU A 77 3.22 7.90 -1.86
C LEU A 77 2.17 8.32 -2.87
N GLY A 78 0.98 7.79 -2.70
CA GLY A 78 -0.11 8.06 -3.59
C GLY A 78 0.19 7.61 -5.01
N HIS A 79 0.84 6.48 -5.12
CA HIS A 79 1.18 5.94 -6.41
C HIS A 79 -0.03 5.24 -6.97
N THR A 80 -0.32 5.51 -8.21
CA THR A 80 -1.44 4.93 -8.90
C THR A 80 -1.28 3.40 -9.01
N HIS A 81 -2.38 2.63 -8.95
CA HIS A 81 -2.34 1.16 -9.04
C HIS A 81 -1.44 0.69 -10.15
N ALA A 82 -1.67 1.19 -11.32
CA ALA A 82 -0.96 0.77 -12.50
C ALA A 82 0.53 1.04 -12.38
N GLN A 83 0.86 2.09 -11.67
CA GLN A 83 2.21 2.51 -11.52
C GLN A 83 2.91 1.68 -10.47
N VAL A 84 2.24 1.54 -9.33
CA VAL A 84 2.77 0.78 -8.22
C VAL A 84 2.92 -0.70 -8.55
N VAL A 85 1.93 -1.27 -9.22
CA VAL A 85 2.01 -2.69 -9.58
C VAL A 85 3.14 -2.90 -10.58
N LYS A 86 3.30 -1.96 -11.47
CA LYS A 86 4.35 -2.00 -12.44
C LYS A 86 5.76 -2.05 -11.79
N ILE A 87 6.00 -1.23 -10.78
CA ILE A 87 7.33 -1.17 -10.17
C ILE A 87 7.55 -2.41 -9.34
N PHE A 88 6.58 -2.63 -8.50
CA PHE A 88 6.63 -3.67 -7.52
C PHE A 88 6.64 -5.07 -8.12
N GLN A 89 6.03 -5.22 -9.28
CA GLN A 89 6.05 -6.49 -9.97
C GLN A 89 7.29 -6.66 -10.86
N SER A 90 7.91 -5.56 -11.29
CA SER A 90 9.12 -5.65 -12.11
C SER A 90 10.35 -5.92 -11.24
N ILE A 91 10.17 -5.77 -9.93
CA ILE A 91 11.15 -6.06 -8.93
C ILE A 91 11.84 -7.44 -9.11
N PRO A 92 13.15 -7.51 -8.87
CA PRO A 92 13.92 -8.73 -8.90
C PRO A 92 14.14 -9.28 -7.49
N ILE A 93 14.15 -10.57 -7.38
CA ILE A 93 14.40 -11.23 -6.12
C ILE A 93 15.88 -10.99 -5.72
N GLY A 94 16.13 -10.80 -4.44
CA GLY A 94 17.48 -10.62 -3.97
C GLY A 94 17.81 -9.16 -3.87
N ALA A 95 16.80 -8.34 -3.98
CA ALA A 95 17.02 -6.91 -4.00
C ALA A 95 16.61 -6.26 -2.67
N SER A 96 16.70 -4.96 -2.57
CA SER A 96 16.55 -4.27 -1.29
C SER A 96 15.96 -2.86 -1.43
N VAL A 97 15.17 -2.44 -0.44
CA VAL A 97 14.61 -1.08 -0.35
C VAL A 97 14.33 -0.70 1.07
N ASP A 98 14.27 0.57 1.30
CA ASP A 98 13.93 1.13 2.56
C ASP A 98 12.48 1.42 2.49
N LEU A 99 11.71 0.66 3.15
CA LEU A 99 10.32 0.83 3.08
C LEU A 99 9.88 1.70 4.22
N GLU A 100 9.39 2.86 3.88
CA GLU A 100 8.94 3.82 4.84
C GLU A 100 7.44 3.66 4.93
N LEU A 101 6.99 3.20 6.05
CA LEU A 101 5.61 2.88 6.22
C LEU A 101 5.14 3.26 7.59
N CYS A 102 3.88 3.45 7.71
CA CYS A 102 3.32 3.88 8.94
C CYS A 102 2.48 2.75 9.50
N ARG A 103 2.70 2.44 10.74
CA ARG A 103 2.02 1.37 11.41
C ARG A 103 0.96 1.98 12.30
N GLY A 104 -0.10 1.27 12.57
CA GLY A 104 -1.13 1.80 13.44
C GLY A 104 -2.38 2.09 12.68
N TYR A 105 -2.40 1.68 11.44
CA TYR A 105 -3.55 1.83 10.62
C TYR A 105 -4.38 0.55 10.83
N PRO A 106 -5.59 0.69 11.34
CA PRO A 106 -6.40 -0.47 11.73
C PRO A 106 -6.90 -1.34 10.57
N LEU A 107 -7.14 -2.59 10.90
CA LEU A 107 -7.71 -3.58 10.01
C LEU A 107 -9.08 -4.01 10.58
N PRO A 108 -10.13 -3.14 10.49
CA PRO A 108 -11.46 -3.47 11.02
C PRO A 108 -12.30 -4.17 9.97
N PHE A 109 -11.72 -4.31 8.80
CA PHE A 109 -12.32 -4.93 7.67
C PHE A 109 -11.42 -6.00 7.17
N ASP A 110 -12.01 -7.11 6.84
CA ASP A 110 -11.26 -8.30 6.50
C ASP A 110 -10.74 -8.19 5.12
N PRO A 111 -9.66 -8.89 4.83
CA PRO A 111 -9.11 -9.01 3.52
C PRO A 111 -9.52 -10.37 2.95
N ASP A 112 -10.30 -11.06 3.76
CA ASP A 112 -10.75 -12.38 3.52
C ASP A 112 -12.03 -12.36 2.74
N ASP A 113 -12.98 -11.61 3.29
CA ASP A 113 -14.31 -11.45 2.75
C ASP A 113 -14.23 -10.90 1.32
N PRO A 114 -15.06 -11.45 0.39
CA PRO A 114 -15.10 -11.05 -1.03
C PRO A 114 -15.39 -9.56 -1.29
N ASN A 115 -15.93 -9.30 -2.47
CA ASN A 115 -16.27 -8.02 -2.98
C ASN A 115 -15.07 -7.36 -3.55
N THR A 116 -15.20 -7.03 -4.79
CA THR A 116 -14.17 -6.36 -5.54
C THR A 116 -13.93 -4.97 -5.00
N SER A 117 -14.97 -4.43 -4.52
CA SER A 117 -15.01 -3.16 -3.89
C SER A 117 -14.66 -3.30 -2.42
N LEU A 118 -13.57 -2.71 -2.03
CA LEU A 118 -13.13 -2.80 -0.67
C LEU A 118 -13.53 -1.53 -0.01
N VAL A 119 -14.54 -1.60 0.77
CA VAL A 119 -15.03 -0.43 1.42
C VAL A 119 -14.78 -0.50 2.89
N THR A 120 -14.28 0.54 3.39
CA THR A 120 -14.19 0.68 4.78
C THR A 120 -15.33 1.62 5.14
N SER A 121 -15.96 1.38 6.23
CA SER A 121 -17.04 2.21 6.63
C SER A 121 -16.46 3.46 7.22
N VAL A 122 -16.77 4.56 6.62
CA VAL A 122 -16.20 5.78 7.03
C VAL A 122 -17.10 6.48 8.05
N ALA A 123 -16.74 6.34 9.30
CA ALA A 123 -17.44 7.00 10.35
C ALA A 123 -16.58 8.12 10.81
N ILE A 124 -16.54 9.11 9.97
CA ILE A 124 -15.74 10.29 10.14
C ILE A 124 -16.65 11.44 9.75
N LEU A 125 -17.34 11.24 8.63
CA LEU A 125 -18.39 12.11 8.19
C LEU A 125 -19.50 11.96 9.24
N ASP A 126 -20.07 13.05 9.66
CA ASP A 126 -21.08 13.00 10.67
C ASP A 126 -22.45 12.65 10.11
N LYS A 127 -22.70 11.37 9.99
CA LYS A 127 -24.00 10.91 9.65
C LYS A 127 -24.63 10.32 10.89
N GLU A 128 -25.61 11.01 11.38
CA GLU A 128 -26.31 10.68 12.59
C GLU A 128 -27.61 9.94 12.25
N PRO A 129 -27.63 8.61 12.35
CA PRO A 129 -28.82 7.83 12.11
C PRO A 129 -29.64 7.66 13.41
N ARG B 1 -12.38 13.27 -4.11
CA ARG B 1 -12.21 11.84 -3.92
C ARG B 1 -12.69 11.10 -5.16
N SER B 2 -11.87 10.20 -5.69
CA SER B 2 -12.23 9.50 -6.88
C SER B 2 -12.78 8.10 -6.56
N SER B 3 -12.02 7.30 -5.85
CA SER B 3 -12.47 5.95 -5.57
C SER B 3 -12.90 5.77 -4.11
N ARG B 4 -13.74 4.78 -3.85
CA ARG B 4 -14.16 4.43 -2.49
C ARG B 4 -13.92 2.95 -2.24
N THR B 5 -13.02 2.41 -3.00
CA THR B 5 -12.63 1.04 -2.90
C THR B 5 -11.14 0.94 -3.02
N ARG B 6 -10.54 0.39 -2.00
CA ARG B 6 -9.12 0.17 -1.98
C ARG B 6 -8.79 -0.82 -3.09
N ARG B 7 -7.76 -0.57 -3.85
CA ARG B 7 -7.40 -1.49 -4.89
C ARG B 7 -6.41 -2.52 -4.32
N GLU B 8 -6.49 -3.76 -4.75
CA GLU B 8 -5.62 -4.80 -4.23
C GLU B 8 -4.46 -5.10 -5.20
N THR B 9 -3.25 -5.02 -4.70
CA THR B 9 -2.03 -5.31 -5.46
C THR B 9 -1.15 -6.21 -4.64
N GLN B 10 -0.92 -7.39 -5.16
CA GLN B 10 -0.08 -8.34 -4.54
C GLN B 10 1.35 -7.99 -4.83
N VAL B 11 2.12 -7.80 -3.80
CA VAL B 11 3.49 -7.54 -3.96
C VAL B 11 4.24 -8.60 -3.22
N GLY A 1 -15.37 13.80 15.19
CA GLY A 1 -15.39 15.23 14.86
C GLY A 1 -15.58 15.45 13.37
N ALA A 2 -15.15 16.60 12.87
CA ALA A 2 -15.35 16.98 11.48
C ALA A 2 -14.19 16.53 10.59
N MET A 3 -13.22 15.92 11.17
CA MET A 3 -12.07 15.45 10.46
C MET A 3 -11.93 13.95 10.73
N GLY A 4 -13.07 13.27 10.67
CA GLY A 4 -13.10 11.83 10.92
C GLY A 4 -12.80 11.03 9.68
N LYS A 5 -12.51 11.71 8.61
CA LYS A 5 -12.17 11.08 7.36
C LYS A 5 -10.68 10.91 7.28
N PRO A 6 -10.19 9.83 6.64
CA PRO A 6 -8.78 9.62 6.46
C PRO A 6 -8.20 10.70 5.57
N PHE A 7 -7.25 11.33 6.11
CA PHE A 7 -6.61 12.50 5.60
C PHE A 7 -5.58 12.21 4.53
N PHE A 8 -5.37 13.19 3.75
CA PHE A 8 -4.37 13.18 2.72
C PHE A 8 -3.78 14.57 2.55
N THR A 9 -2.50 14.61 2.52
CA THR A 9 -1.77 15.75 2.11
C THR A 9 -0.35 15.38 1.77
N ARG A 10 -0.21 14.12 1.31
CA ARG A 10 1.03 13.56 0.82
C ARG A 10 2.09 13.56 1.95
N ASN A 11 1.62 13.33 3.11
CA ASN A 11 2.50 13.33 4.28
C ASN A 11 2.51 12.01 5.08
N PRO A 12 3.70 11.38 5.22
CA PRO A 12 3.85 10.21 6.09
C PRO A 12 3.59 10.63 7.48
N SER A 13 3.97 11.86 7.68
CA SER A 13 3.91 12.47 8.90
C SER A 13 2.45 12.77 9.32
N GLU A 14 1.52 12.84 8.34
CA GLU A 14 0.12 13.09 8.67
C GLU A 14 -0.45 11.81 9.19
N LEU A 15 0.00 10.69 8.58
CA LEU A 15 -0.39 9.38 9.01
C LEU A 15 -0.12 9.17 10.48
N LYS A 16 -1.12 8.68 11.14
CA LYS A 16 -1.10 8.49 12.59
C LYS A 16 -0.48 7.19 13.02
N GLY A 17 -0.25 7.09 14.30
CA GLY A 17 0.34 5.92 14.88
C GLY A 17 1.83 6.09 15.04
N LYS A 18 2.57 5.40 14.23
CA LYS A 18 4.00 5.47 14.24
C LYS A 18 4.56 5.29 12.86
N PHE A 19 5.63 5.97 12.60
CA PHE A 19 6.25 6.04 11.32
C PHE A 19 7.58 5.31 11.42
N ILE A 20 7.75 4.32 10.59
CA ILE A 20 8.93 3.50 10.61
C ILE A 20 9.44 3.25 9.20
N HIS A 21 10.72 3.04 9.11
CA HIS A 21 11.39 2.84 7.85
C HIS A 21 12.22 1.55 7.97
N THR A 22 11.70 0.51 7.39
CA THR A 22 12.32 -0.81 7.44
C THR A 22 12.70 -1.30 6.03
N LYS A 23 13.86 -1.87 5.90
CA LYS A 23 14.33 -2.39 4.63
C LYS A 23 13.70 -3.74 4.33
N LEU A 24 13.22 -3.91 3.13
CA LEU A 24 12.69 -5.14 2.69
C LEU A 24 13.52 -5.62 1.55
N ARG A 25 14.09 -6.74 1.75
CA ARG A 25 14.90 -7.34 0.78
C ARG A 25 14.03 -8.05 -0.22
N LYS A 26 13.91 -7.44 -1.41
CA LYS A 26 13.23 -7.99 -2.55
C LYS A 26 13.36 -9.46 -2.63
N SER A 27 12.27 -10.11 -2.33
CA SER A 27 12.14 -11.52 -2.36
C SER A 27 11.87 -11.97 -3.83
N SER A 28 11.18 -13.05 -4.03
CA SER A 28 10.88 -13.59 -5.35
C SER A 28 10.04 -12.62 -6.23
N ARG A 29 10.74 -11.68 -6.88
CA ARG A 29 10.17 -10.72 -7.81
C ARG A 29 9.10 -9.87 -7.21
N GLY A 30 9.39 -9.40 -6.03
CA GLY A 30 8.48 -8.58 -5.32
C GLY A 30 8.75 -8.66 -3.87
N PHE A 31 7.72 -8.82 -3.12
CA PHE A 31 7.82 -8.80 -1.71
C PHE A 31 7.12 -10.00 -1.09
N GLY A 32 5.82 -9.98 -1.00
CA GLY A 32 5.12 -11.02 -0.25
C GLY A 32 4.18 -10.45 0.80
N PHE A 33 3.35 -9.57 0.35
CA PHE A 33 2.26 -9.04 1.13
C PHE A 33 1.29 -8.43 0.18
N THR A 34 0.06 -8.55 0.44
CA THR A 34 -0.89 -8.02 -0.46
C THR A 34 -1.47 -6.78 0.17
N VAL A 35 -1.62 -5.75 -0.61
CA VAL A 35 -1.99 -4.47 -0.09
C VAL A 35 -3.26 -3.93 -0.75
N VAL A 36 -3.92 -3.03 -0.06
CA VAL A 36 -5.09 -2.35 -0.54
C VAL A 36 -4.85 -0.90 -0.54
N GLY A 37 -5.18 -0.26 -1.59
CA GLY A 37 -5.02 1.12 -1.65
C GLY A 37 -4.33 1.50 -2.87
N GLY A 38 -3.46 2.51 -2.73
CA GLY A 38 -2.64 3.09 -3.80
C GLY A 38 -3.38 3.16 -5.05
N ASP A 39 -4.46 3.80 -4.97
CA ASP A 39 -5.38 3.86 -6.05
C ASP A 39 -5.26 5.19 -6.68
N GLU A 40 -4.94 6.18 -5.87
CA GLU A 40 -4.96 7.49 -6.36
C GLU A 40 -3.77 8.22 -5.87
N PRO A 41 -3.56 9.40 -6.40
CA PRO A 41 -2.51 10.30 -5.95
C PRO A 41 -2.88 10.85 -4.58
N ASP A 42 -4.12 10.56 -4.22
CA ASP A 42 -4.76 10.98 -3.01
C ASP A 42 -5.01 9.78 -2.06
N GLU A 43 -4.81 8.56 -2.57
CA GLU A 43 -5.06 7.36 -1.81
C GLU A 43 -3.80 6.49 -1.78
N PHE A 44 -3.31 6.24 -0.55
CA PHE A 44 -2.03 5.54 -0.20
C PHE A 44 -2.24 4.02 -0.12
N LEU A 45 -1.14 3.24 -0.12
CA LEU A 45 -1.30 1.77 -0.07
C LEU A 45 -1.26 1.31 1.34
N GLN A 46 -2.00 0.32 1.67
CA GLN A 46 -2.04 -0.21 3.00
C GLN A 46 -1.94 -1.72 2.88
N ILE A 47 -1.50 -2.40 3.88
CA ILE A 47 -1.33 -3.86 3.79
C ILE A 47 -2.65 -4.54 4.19
N LYS A 48 -3.17 -5.42 3.33
CA LYS A 48 -4.41 -6.16 3.64
C LYS A 48 -4.09 -7.55 4.08
N SER A 49 -2.95 -8.06 3.69
CA SER A 49 -2.51 -9.34 4.15
C SER A 49 -1.00 -9.37 4.16
N LEU A 50 -0.46 -9.71 5.28
CA LEU A 50 0.91 -9.89 5.48
C LEU A 50 1.20 -11.35 5.07
N VAL A 51 1.86 -11.54 3.94
CA VAL A 51 2.06 -12.85 3.41
C VAL A 51 3.28 -13.54 4.01
N LEU A 52 3.06 -14.73 4.51
CA LEU A 52 4.07 -15.54 5.13
C LEU A 52 4.91 -16.19 4.09
N ASP A 53 5.89 -15.44 3.66
CA ASP A 53 6.74 -15.79 2.51
C ASP A 53 7.53 -14.56 2.05
N GLY A 54 7.02 -13.41 2.40
CA GLY A 54 7.64 -12.19 1.99
C GLY A 54 8.49 -11.56 3.04
N PRO A 55 9.32 -10.57 2.68
CA PRO A 55 10.37 -10.11 3.55
C PRO A 55 9.79 -9.40 4.78
N ALA A 56 8.58 -8.90 4.62
CA ALA A 56 7.81 -8.27 5.68
C ALA A 56 7.59 -9.25 6.87
N ALA A 57 7.08 -10.46 6.57
CA ALA A 57 6.81 -11.50 7.60
C ALA A 57 8.07 -12.09 8.07
N LEU A 58 8.90 -12.21 7.12
CA LEU A 58 10.12 -12.91 7.19
C LEU A 58 11.13 -12.17 8.04
N ASP A 59 11.12 -10.87 7.93
CA ASP A 59 11.93 -10.02 8.80
C ASP A 59 11.19 -9.84 10.11
N GLY A 60 9.87 -9.98 9.98
CA GLY A 60 8.95 -9.90 11.09
C GLY A 60 8.84 -8.54 11.65
N LYS A 61 8.85 -7.57 10.80
CA LYS A 61 8.87 -6.21 11.24
C LYS A 61 7.67 -5.41 10.70
N MET A 62 6.82 -6.07 9.94
CA MET A 62 5.63 -5.43 9.34
C MET A 62 4.39 -6.24 9.67
N GLU A 63 3.24 -5.61 9.58
CA GLU A 63 1.96 -6.24 9.90
C GLU A 63 0.89 -5.84 8.89
N THR A 64 -0.19 -6.60 8.88
CA THR A 64 -1.34 -6.27 8.12
C THR A 64 -1.99 -5.06 8.80
N GLY A 65 -2.04 -3.97 8.09
CA GLY A 65 -2.52 -2.75 8.65
C GLY A 65 -1.60 -1.60 8.38
N ASP A 66 -0.31 -1.92 8.13
CA ASP A 66 0.69 -0.89 7.79
C ASP A 66 0.28 -0.16 6.56
N VAL A 67 0.50 1.10 6.54
CA VAL A 67 0.23 1.84 5.35
C VAL A 67 1.51 2.29 4.69
N ILE A 68 1.70 1.76 3.50
CA ILE A 68 2.82 2.01 2.67
C ILE A 68 2.79 3.44 2.17
N VAL A 69 3.80 4.16 2.64
CA VAL A 69 4.00 5.54 2.39
C VAL A 69 4.96 5.72 1.22
N SER A 70 6.14 5.20 1.34
CA SER A 70 7.16 5.39 0.32
C SER A 70 8.21 4.30 0.40
N VAL A 71 9.11 4.29 -0.54
CA VAL A 71 10.14 3.33 -0.59
C VAL A 71 11.38 4.00 -1.16
N ASN A 72 12.54 3.49 -0.79
CA ASN A 72 13.85 3.88 -1.34
C ASN A 72 13.74 4.30 -2.81
N ASP A 73 14.00 5.58 -3.02
CA ASP A 73 13.97 6.26 -4.34
C ASP A 73 12.58 6.55 -4.90
N THR A 74 11.66 5.65 -4.74
CA THR A 74 10.37 5.79 -5.37
C THR A 74 9.32 6.33 -4.39
N CYS A 75 8.73 7.43 -4.75
CA CYS A 75 7.74 8.06 -3.93
C CYS A 75 6.40 7.40 -4.18
N VAL A 76 6.19 6.29 -3.50
CA VAL A 76 4.96 5.50 -3.60
C VAL A 76 3.79 6.23 -2.90
N LEU A 77 4.12 7.35 -2.31
CA LEU A 77 3.17 8.18 -1.65
C LEU A 77 2.23 8.72 -2.69
N GLY A 78 1.01 8.25 -2.65
CA GLY A 78 0.02 8.61 -3.62
C GLY A 78 0.28 7.99 -4.98
N HIS A 79 0.92 6.84 -5.02
CA HIS A 79 1.18 6.18 -6.26
C HIS A 79 -0.07 5.56 -6.78
N THR A 80 -0.25 5.64 -8.05
CA THR A 80 -1.38 5.08 -8.71
C THR A 80 -1.18 3.56 -8.77
N HIS A 81 -2.25 2.76 -8.62
CA HIS A 81 -2.15 1.29 -8.58
C HIS A 81 -1.30 0.75 -9.66
N ALA A 82 -1.59 1.20 -10.84
CA ALA A 82 -0.90 0.76 -12.05
C ALA A 82 0.58 1.01 -11.94
N GLN A 83 0.95 2.12 -11.35
CA GLN A 83 2.33 2.49 -11.24
C GLN A 83 3.02 1.66 -10.18
N VAL A 84 2.45 1.67 -8.99
CA VAL A 84 3.02 0.98 -7.87
C VAL A 84 3.12 -0.54 -8.13
N VAL A 85 2.06 -1.11 -8.71
CA VAL A 85 2.05 -2.54 -8.99
C VAL A 85 3.14 -2.90 -9.96
N LYS A 86 3.28 -2.11 -11.01
CA LYS A 86 4.23 -2.33 -12.06
C LYS A 86 5.67 -2.40 -11.55
N ILE A 87 6.01 -1.52 -10.62
CA ILE A 87 7.36 -1.48 -10.11
C ILE A 87 7.59 -2.69 -9.23
N PHE A 88 6.67 -2.86 -8.32
CA PHE A 88 6.71 -3.89 -7.33
C PHE A 88 6.67 -5.32 -7.91
N GLN A 89 6.04 -5.49 -9.06
CA GLN A 89 6.04 -6.78 -9.75
C GLN A 89 7.26 -6.97 -10.65
N SER A 90 7.87 -5.88 -11.10
CA SER A 90 9.02 -5.98 -11.99
C SER A 90 10.34 -5.97 -11.22
N ILE A 91 10.21 -5.93 -9.91
CA ILE A 91 11.29 -6.06 -8.97
C ILE A 91 12.19 -7.31 -9.22
N PRO A 92 13.52 -7.17 -8.98
CA PRO A 92 14.48 -8.26 -9.10
C PRO A 92 14.67 -8.97 -7.74
N ILE A 93 14.77 -10.26 -7.79
CA ILE A 93 14.94 -11.08 -6.61
C ILE A 93 16.33 -10.81 -6.00
N GLY A 94 16.41 -10.72 -4.70
CA GLY A 94 17.70 -10.53 -4.08
C GLY A 94 18.03 -9.08 -3.94
N ALA A 95 17.06 -8.23 -4.13
CA ALA A 95 17.32 -6.79 -4.14
C ALA A 95 16.91 -6.16 -2.79
N SER A 96 16.94 -4.86 -2.71
CA SER A 96 16.74 -4.16 -1.44
C SER A 96 16.07 -2.81 -1.63
N VAL A 97 15.25 -2.47 -0.69
CA VAL A 97 14.61 -1.18 -0.60
C VAL A 97 14.29 -0.86 0.81
N ASP A 98 14.23 0.39 1.05
CA ASP A 98 13.94 0.94 2.32
C ASP A 98 12.50 1.31 2.29
N LEU A 99 11.72 0.59 2.98
CA LEU A 99 10.30 0.77 2.95
C LEU A 99 9.84 1.57 4.14
N GLU A 100 9.32 2.75 3.90
CA GLU A 100 8.80 3.55 4.97
C GLU A 100 7.29 3.48 4.98
N LEU A 101 6.78 3.09 6.10
CA LEU A 101 5.39 2.83 6.25
C LEU A 101 4.93 3.30 7.61
N CYS A 102 3.65 3.44 7.78
CA CYS A 102 3.12 3.91 9.02
C CYS A 102 2.26 2.83 9.64
N ARG A 103 2.55 2.56 10.88
CA ARG A 103 1.89 1.53 11.64
C ARG A 103 0.90 2.19 12.59
N GLY A 104 -0.14 1.49 12.94
CA GLY A 104 -1.13 2.02 13.84
C GLY A 104 -2.47 1.69 13.35
N TYR A 105 -2.63 1.85 12.06
CA TYR A 105 -3.85 1.48 11.37
C TYR A 105 -4.00 -0.04 11.38
N PRO A 106 -5.20 -0.54 11.66
CA PRO A 106 -5.50 -1.93 11.55
C PRO A 106 -6.18 -2.21 10.20
N LEU A 107 -6.84 -3.31 10.07
CA LEU A 107 -7.56 -3.62 8.87
C LEU A 107 -9.05 -3.68 9.27
N PRO A 108 -9.72 -2.51 9.38
CA PRO A 108 -11.07 -2.39 9.95
C PRO A 108 -12.20 -2.49 8.92
N PHE A 109 -11.85 -2.81 7.71
CA PHE A 109 -12.80 -3.00 6.64
C PHE A 109 -12.25 -4.09 5.80
N ASP A 110 -12.98 -5.17 5.63
CA ASP A 110 -12.45 -6.25 4.85
C ASP A 110 -12.60 -5.93 3.41
N PRO A 111 -11.53 -5.97 2.64
CA PRO A 111 -11.58 -5.74 1.22
C PRO A 111 -11.68 -7.10 0.54
N ASP A 112 -11.70 -8.11 1.41
CA ASP A 112 -11.81 -9.48 1.04
C ASP A 112 -13.24 -9.72 0.61
N ASP A 113 -14.12 -9.05 1.31
CA ASP A 113 -15.54 -9.07 1.07
C ASP A 113 -15.79 -8.25 -0.20
N PRO A 114 -16.45 -8.84 -1.23
CA PRO A 114 -16.68 -8.20 -2.53
C PRO A 114 -17.48 -6.91 -2.49
N ASN A 115 -17.76 -6.41 -3.68
CA ASN A 115 -18.47 -5.21 -3.96
C ASN A 115 -17.57 -4.01 -3.82
N THR A 116 -16.39 -4.14 -4.35
CA THR A 116 -15.46 -3.06 -4.41
C THR A 116 -15.58 -2.37 -5.76
N SER A 117 -15.54 -1.08 -5.74
CA SER A 117 -15.72 -0.29 -6.87
C SER A 117 -14.52 0.65 -7.07
N LEU A 118 -13.67 0.31 -8.00
CA LEU A 118 -12.55 1.13 -8.35
C LEU A 118 -12.99 2.27 -9.20
N VAL A 119 -12.69 3.44 -8.77
CA VAL A 119 -13.10 4.64 -9.46
C VAL A 119 -11.87 5.32 -10.05
N THR A 120 -11.96 5.71 -11.30
CA THR A 120 -10.86 6.40 -11.92
C THR A 120 -10.75 7.81 -11.33
N SER A 121 -9.55 8.26 -11.17
CA SER A 121 -9.27 9.55 -10.62
C SER A 121 -9.28 10.54 -11.76
N VAL A 122 -9.65 11.75 -11.49
CA VAL A 122 -9.66 12.76 -12.50
C VAL A 122 -8.32 13.49 -12.46
N ALA A 123 -7.45 13.12 -13.34
CA ALA A 123 -6.17 13.77 -13.48
C ALA A 123 -5.78 13.69 -14.93
N ILE A 124 -6.43 14.51 -15.72
CA ILE A 124 -6.22 14.51 -17.15
C ILE A 124 -5.76 15.91 -17.57
N LEU A 125 -5.97 16.86 -16.71
CA LEU A 125 -5.79 18.22 -17.10
C LEU A 125 -4.56 18.85 -16.49
N ASP A 126 -4.47 20.16 -16.57
CA ASP A 126 -3.39 20.94 -16.02
C ASP A 126 -3.17 20.66 -14.54
N LYS A 127 -2.13 19.92 -14.30
CA LYS A 127 -1.71 19.55 -12.98
C LYS A 127 -0.38 20.18 -12.67
N GLU A 128 -0.42 21.25 -11.90
CA GLU A 128 0.80 21.90 -11.47
C GLU A 128 1.40 21.07 -10.36
N PRO A 129 2.61 20.53 -10.54
CA PRO A 129 3.23 19.68 -9.56
C PRO A 129 3.86 20.48 -8.41
N ARG B 1 -18.58 8.89 0.91
CA ARG B 1 -17.51 8.92 -0.10
C ARG B 1 -17.30 7.51 -0.60
N SER B 2 -17.26 7.36 -1.92
CA SER B 2 -16.92 6.11 -2.58
C SER B 2 -17.94 4.99 -2.27
N SER B 3 -17.55 3.79 -2.61
CA SER B 3 -18.30 2.57 -2.41
C SER B 3 -17.28 1.44 -2.40
N ARG B 4 -16.28 1.61 -1.55
CA ARG B 4 -15.13 0.71 -1.42
C ARG B 4 -14.24 0.83 -2.64
N THR B 5 -13.36 1.78 -2.62
CA THR B 5 -12.36 1.94 -3.67
C THR B 5 -11.15 1.06 -3.32
N ARG B 6 -9.95 1.40 -3.85
CA ARG B 6 -8.68 0.75 -3.51
C ARG B 6 -8.49 -0.58 -4.20
N ARG B 7 -7.34 -0.76 -4.81
CA ARG B 7 -7.10 -2.00 -5.52
C ARG B 7 -6.08 -2.79 -4.77
N GLU B 8 -6.28 -4.08 -4.73
CA GLU B 8 -5.36 -4.97 -4.13
C GLU B 8 -4.15 -5.14 -5.01
N THR B 9 -3.05 -4.73 -4.50
CA THR B 9 -1.81 -4.86 -5.17
C THR B 9 -1.06 -5.98 -4.49
N GLN B 10 -0.91 -7.07 -5.18
CA GLN B 10 -0.23 -8.22 -4.64
C GLN B 10 1.25 -8.05 -4.86
N VAL B 11 1.97 -7.72 -3.82
CA VAL B 11 3.37 -7.50 -3.97
C VAL B 11 4.13 -8.65 -3.38
N GLY A 1 -19.37 18.79 9.95
CA GLY A 1 -18.14 19.34 10.54
C GLY A 1 -17.12 19.63 9.47
N ALA A 2 -16.15 20.45 9.77
CA ALA A 2 -15.11 20.76 8.82
C ALA A 2 -13.97 19.78 9.02
N MET A 3 -13.74 19.44 10.27
CA MET A 3 -12.73 18.49 10.64
C MET A 3 -13.38 17.27 11.22
N GLY A 4 -12.58 16.34 11.66
CA GLY A 4 -13.11 15.10 12.18
C GLY A 4 -13.20 14.08 11.07
N LYS A 5 -12.32 14.22 10.10
CA LYS A 5 -12.26 13.36 8.95
C LYS A 5 -10.89 12.72 8.90
N PRO A 6 -10.77 11.56 8.21
CA PRO A 6 -9.47 10.96 7.98
C PRO A 6 -8.68 11.87 7.07
N PHE A 7 -7.48 12.08 7.43
CA PHE A 7 -6.65 13.07 6.82
C PHE A 7 -5.89 12.55 5.61
N PHE A 8 -5.57 13.49 4.77
CA PHE A 8 -4.77 13.30 3.60
C PHE A 8 -3.97 14.58 3.30
N THR A 9 -2.72 14.39 3.02
CA THR A 9 -1.84 15.41 2.48
C THR A 9 -0.48 14.79 2.13
N ARG A 10 -0.51 13.45 1.84
CA ARG A 10 0.61 12.60 1.33
C ARG A 10 1.85 12.58 2.21
N ASN A 11 1.69 13.06 3.33
CA ASN A 11 2.72 13.10 4.34
C ASN A 11 2.72 11.89 5.25
N PRO A 12 3.87 11.19 5.34
CA PRO A 12 4.05 10.10 6.30
C PRO A 12 3.88 10.64 7.67
N SER A 13 4.29 11.87 7.76
CA SER A 13 4.31 12.57 8.93
C SER A 13 2.86 12.89 9.42
N GLU A 14 1.88 12.88 8.49
CA GLU A 14 0.51 13.14 8.89
C GLU A 14 -0.03 11.87 9.47
N LEU A 15 0.36 10.76 8.85
CA LEU A 15 -0.07 9.44 9.24
C LEU A 15 0.30 9.15 10.68
N LYS A 16 -0.71 8.70 11.37
CA LYS A 16 -0.70 8.45 12.80
C LYS A 16 0.04 7.16 13.18
N GLY A 17 0.11 6.91 14.48
CA GLY A 17 0.73 5.73 15.02
C GLY A 17 2.24 5.77 14.98
N LYS A 18 2.82 4.81 14.33
CA LYS A 18 4.25 4.66 14.23
C LYS A 18 4.69 5.00 12.89
N PHE A 19 5.83 5.47 12.82
CA PHE A 19 6.43 5.84 11.60
C PHE A 19 7.71 5.05 11.48
N ILE A 20 7.76 4.13 10.56
CA ILE A 20 8.90 3.29 10.42
C ILE A 20 9.42 3.24 9.00
N HIS A 21 10.68 3.02 8.89
CA HIS A 21 11.36 2.89 7.64
C HIS A 21 12.23 1.65 7.75
N THR A 22 11.78 0.61 7.14
CA THR A 22 12.47 -0.65 7.21
C THR A 22 12.71 -1.24 5.81
N LYS A 23 13.86 -1.82 5.64
CA LYS A 23 14.23 -2.46 4.39
C LYS A 23 13.49 -3.77 4.27
N LEU A 24 12.94 -4.04 3.10
CA LEU A 24 12.30 -5.30 2.83
C LEU A 24 13.02 -5.95 1.70
N ARG A 25 13.55 -7.12 1.93
CA ARG A 25 14.33 -7.81 0.97
C ARG A 25 13.45 -8.34 -0.14
N LYS A 26 13.74 -7.98 -1.34
CA LYS A 26 13.12 -8.53 -2.52
C LYS A 26 13.29 -9.98 -2.56
N SER A 27 12.25 -10.63 -2.15
CA SER A 27 12.21 -12.04 -2.07
C SER A 27 11.31 -12.54 -3.17
N SER A 28 11.85 -13.45 -3.96
CA SER A 28 11.17 -14.13 -5.06
C SER A 28 10.37 -13.19 -6.00
N ARG A 29 11.06 -12.19 -6.56
CA ARG A 29 10.48 -11.28 -7.58
C ARG A 29 9.42 -10.39 -7.00
N GLY A 30 9.70 -9.88 -5.85
CA GLY A 30 8.79 -8.99 -5.24
C GLY A 30 8.94 -8.94 -3.78
N PHE A 31 7.87 -9.19 -3.13
CA PHE A 31 7.79 -9.04 -1.75
C PHE A 31 7.15 -10.25 -1.09
N GLY A 32 5.86 -10.26 -1.00
CA GLY A 32 5.19 -11.22 -0.19
C GLY A 32 4.29 -10.51 0.82
N PHE A 33 3.46 -9.63 0.33
CA PHE A 33 2.47 -8.96 1.10
C PHE A 33 1.43 -8.41 0.15
N THR A 34 0.23 -8.42 0.54
CA THR A 34 -0.78 -7.89 -0.30
C THR A 34 -1.26 -6.60 0.25
N VAL A 35 -1.38 -5.67 -0.63
CA VAL A 35 -1.60 -4.34 -0.28
C VAL A 35 -2.77 -3.73 -1.06
N VAL A 36 -3.60 -2.99 -0.38
CA VAL A 36 -4.82 -2.42 -0.90
C VAL A 36 -4.81 -0.93 -0.97
N GLY A 37 -5.60 -0.42 -1.87
CA GLY A 37 -5.69 0.98 -2.06
C GLY A 37 -4.82 1.35 -3.21
N GLY A 38 -3.94 2.35 -2.96
CA GLY A 38 -2.98 2.89 -3.89
C GLY A 38 -3.49 3.03 -5.23
N ASP A 39 -4.28 3.99 -5.41
CA ASP A 39 -4.89 4.19 -6.67
C ASP A 39 -4.75 5.57 -7.12
N GLU A 40 -4.51 6.44 -6.19
CA GLU A 40 -4.64 7.82 -6.49
C GLU A 40 -3.82 8.63 -5.58
N PRO A 41 -3.69 9.92 -5.83
CA PRO A 41 -2.87 10.80 -5.00
C PRO A 41 -3.43 10.81 -3.61
N ASP A 42 -4.73 10.79 -3.59
CA ASP A 42 -5.54 10.80 -2.42
C ASP A 42 -5.49 9.47 -1.65
N GLU A 43 -5.20 8.37 -2.32
CA GLU A 43 -5.20 7.12 -1.63
C GLU A 43 -3.92 6.36 -1.81
N PHE A 44 -3.29 6.15 -0.65
CA PHE A 44 -1.99 5.49 -0.42
C PHE A 44 -2.23 4.00 -0.28
N LEU A 45 -1.17 3.22 -0.35
CA LEU A 45 -1.34 1.78 -0.30
C LEU A 45 -1.30 1.30 1.12
N GLN A 46 -2.04 0.27 1.46
CA GLN A 46 -2.10 -0.20 2.82
C GLN A 46 -2.01 -1.73 2.83
N ILE A 47 -1.39 -2.28 3.79
CA ILE A 47 -1.16 -3.75 3.82
C ILE A 47 -2.38 -4.47 4.36
N LYS A 48 -2.99 -5.32 3.55
CA LYS A 48 -4.17 -6.05 3.98
C LYS A 48 -3.84 -7.43 4.47
N SER A 49 -2.67 -7.93 4.11
CA SER A 49 -2.19 -9.20 4.61
C SER A 49 -0.69 -9.27 4.43
N LEU A 50 0.02 -9.57 5.49
CA LEU A 50 1.39 -9.85 5.36
C LEU A 50 1.47 -11.30 4.93
N VAL A 51 1.98 -11.52 3.79
CA VAL A 51 2.01 -12.85 3.26
C VAL A 51 3.22 -13.57 3.82
N LEU A 52 2.98 -14.76 4.35
CA LEU A 52 4.04 -15.59 4.87
C LEU A 52 5.01 -15.90 3.76
N ASP A 53 6.31 -15.93 4.12
CA ASP A 53 7.44 -16.13 3.16
C ASP A 53 7.75 -14.81 2.44
N GLY A 54 7.06 -13.78 2.88
CA GLY A 54 7.30 -12.44 2.40
C GLY A 54 8.26 -11.75 3.30
N PRO A 55 8.93 -10.66 2.87
CA PRO A 55 10.03 -10.12 3.65
C PRO A 55 9.49 -9.43 4.90
N ALA A 56 8.24 -9.00 4.79
CA ALA A 56 7.47 -8.43 5.86
C ALA A 56 7.31 -9.46 6.97
N ALA A 57 6.90 -10.65 6.57
CA ALA A 57 6.68 -11.78 7.45
C ALA A 57 7.95 -12.16 8.14
N LEU A 58 8.94 -12.24 7.33
CA LEU A 58 10.22 -12.73 7.66
C LEU A 58 11.02 -11.82 8.54
N ASP A 59 10.91 -10.52 8.30
CA ASP A 59 11.57 -9.53 9.14
C ASP A 59 10.83 -9.49 10.46
N GLY A 60 9.57 -9.84 10.38
CA GLY A 60 8.74 -9.92 11.55
C GLY A 60 8.15 -8.59 12.05
N LYS A 61 8.85 -7.48 11.88
CA LYS A 61 8.37 -6.22 12.45
C LYS A 61 7.26 -5.60 11.62
N MET A 62 7.33 -5.77 10.33
CA MET A 62 6.33 -5.20 9.42
C MET A 62 5.09 -6.09 9.42
N GLU A 63 3.92 -5.47 9.42
CA GLU A 63 2.67 -6.17 9.62
C GLU A 63 1.54 -5.61 8.77
N THR A 64 0.48 -6.35 8.73
CA THR A 64 -0.74 -5.97 8.13
C THR A 64 -1.28 -4.73 8.84
N GLY A 65 -1.73 -3.78 8.08
CA GLY A 65 -2.18 -2.56 8.67
C GLY A 65 -1.19 -1.45 8.44
N ASP A 66 0.03 -1.81 8.08
CA ASP A 66 1.02 -0.81 7.71
C ASP A 66 0.57 -0.13 6.44
N VAL A 67 0.62 1.13 6.41
CA VAL A 67 0.29 1.84 5.22
C VAL A 67 1.54 2.29 4.49
N ILE A 68 1.65 1.82 3.28
CA ILE A 68 2.77 2.05 2.42
C ILE A 68 2.75 3.48 1.92
N VAL A 69 3.80 4.17 2.35
CA VAL A 69 4.03 5.57 2.11
C VAL A 69 5.08 5.74 1.00
N SER A 70 6.25 5.19 1.20
CA SER A 70 7.33 5.38 0.25
C SER A 70 8.22 4.14 0.18
N VAL A 71 9.12 4.14 -0.76
CA VAL A 71 10.09 3.12 -0.97
C VAL A 71 11.34 3.86 -1.45
N ASN A 72 12.52 3.29 -1.25
CA ASN A 72 13.82 3.90 -1.66
C ASN A 72 13.74 4.72 -2.96
N ASP A 73 13.90 6.02 -2.80
CA ASP A 73 13.96 7.01 -3.88
C ASP A 73 12.66 7.14 -4.65
N THR A 74 11.58 6.63 -4.12
CA THR A 74 10.32 6.74 -4.79
C THR A 74 9.17 6.98 -3.81
N CYS A 75 8.46 8.02 -4.07
CA CYS A 75 7.31 8.41 -3.34
C CYS A 75 6.15 7.57 -3.82
N VAL A 76 5.70 6.65 -2.99
CA VAL A 76 4.62 5.77 -3.33
C VAL A 76 3.30 6.46 -2.99
N LEU A 77 3.40 7.65 -2.43
CA LEU A 77 2.22 8.42 -2.18
C LEU A 77 1.63 8.83 -3.47
N GLY A 78 0.41 8.46 -3.64
CA GLY A 78 -0.30 8.78 -4.82
C GLY A 78 0.00 7.84 -5.96
N HIS A 79 0.70 6.75 -5.69
CA HIS A 79 1.03 5.83 -6.68
C HIS A 79 -0.18 5.02 -7.02
N THR A 80 -0.66 5.25 -8.19
CA THR A 80 -1.80 4.56 -8.74
C THR A 80 -1.48 3.09 -8.85
N HIS A 81 -2.46 2.20 -8.74
CA HIS A 81 -2.23 0.75 -8.80
C HIS A 81 -1.35 0.37 -9.98
N ALA A 82 -1.63 0.96 -11.11
CA ALA A 82 -0.91 0.69 -12.34
C ALA A 82 0.57 1.10 -12.21
N GLN A 83 0.81 2.19 -11.49
CA GLN A 83 2.14 2.72 -11.35
C GLN A 83 2.91 1.93 -10.31
N VAL A 84 2.28 1.72 -9.18
CA VAL A 84 2.88 1.00 -8.08
C VAL A 84 3.16 -0.46 -8.47
N VAL A 85 2.21 -1.08 -9.18
CA VAL A 85 2.38 -2.47 -9.63
C VAL A 85 3.54 -2.56 -10.60
N LYS A 86 3.70 -1.53 -11.41
CA LYS A 86 4.77 -1.44 -12.34
C LYS A 86 6.14 -1.52 -11.64
N ILE A 87 6.32 -0.76 -10.57
CA ILE A 87 7.62 -0.74 -9.89
C ILE A 87 7.83 -2.04 -9.12
N PHE A 88 6.83 -2.34 -8.37
CA PHE A 88 6.82 -3.45 -7.46
C PHE A 88 6.93 -4.81 -8.14
N GLN A 89 6.30 -4.97 -9.28
CA GLN A 89 6.38 -6.25 -9.97
C GLN A 89 7.61 -6.33 -10.87
N SER A 90 8.18 -5.18 -11.24
CA SER A 90 9.42 -5.18 -12.00
C SER A 90 10.61 -5.53 -11.11
N ILE A 91 10.39 -5.41 -9.80
CA ILE A 91 11.34 -5.79 -8.78
C ILE A 91 12.01 -7.17 -9.03
N PRO A 92 13.34 -7.27 -8.84
CA PRO A 92 14.12 -8.49 -9.02
C PRO A 92 14.37 -9.23 -7.70
N ILE A 93 14.57 -10.51 -7.79
CA ILE A 93 14.84 -11.36 -6.64
C ILE A 93 16.24 -11.05 -6.06
N GLY A 94 16.37 -11.10 -4.74
CA GLY A 94 17.67 -10.90 -4.13
C GLY A 94 17.96 -9.45 -3.89
N ALA A 95 16.96 -8.64 -4.04
CA ALA A 95 17.19 -7.19 -4.01
C ALA A 95 16.71 -6.56 -2.68
N SER A 96 16.69 -5.25 -2.60
CA SER A 96 16.43 -4.57 -1.35
C SER A 96 15.73 -3.23 -1.55
N VAL A 97 14.76 -2.93 -0.70
CA VAL A 97 14.18 -1.60 -0.71
C VAL A 97 14.06 -1.10 0.65
N ASP A 98 14.09 0.17 0.75
CA ASP A 98 13.87 0.87 1.97
C ASP A 98 12.42 1.22 1.96
N LEU A 99 11.65 0.58 2.74
CA LEU A 99 10.26 0.77 2.69
C LEU A 99 9.83 1.66 3.84
N GLU A 100 9.18 2.73 3.49
CA GLU A 100 8.72 3.70 4.43
C GLU A 100 7.23 3.50 4.60
N LEU A 101 6.83 3.13 5.76
CA LEU A 101 5.45 2.81 6.01
C LEU A 101 5.03 3.29 7.38
N CYS A 102 3.78 3.45 7.56
CA CYS A 102 3.29 3.99 8.79
C CYS A 102 2.32 2.99 9.41
N ARG A 103 2.39 2.85 10.70
CA ARG A 103 1.61 1.89 11.42
C ARG A 103 0.59 2.63 12.26
N GLY A 104 -0.58 2.10 12.38
CA GLY A 104 -1.59 2.75 13.19
C GLY A 104 -2.95 2.56 12.64
N TYR A 105 -3.03 2.18 11.40
CA TYR A 105 -4.28 1.97 10.73
C TYR A 105 -4.68 0.51 10.70
N PRO A 106 -5.73 0.14 11.41
CA PRO A 106 -6.31 -1.16 11.24
C PRO A 106 -7.17 -1.09 9.99
N LEU A 107 -7.01 -2.07 9.08
CA LEU A 107 -7.69 -2.13 7.76
C LEU A 107 -9.17 -1.70 7.93
N PRO A 108 -9.50 -0.44 7.56
CA PRO A 108 -10.80 0.17 7.84
C PRO A 108 -11.87 -0.14 6.81
N PHE A 109 -11.67 -1.20 6.12
CA PHE A 109 -12.58 -1.67 5.13
C PHE A 109 -12.25 -3.09 4.89
N ASP A 110 -13.17 -3.84 4.42
CA ASP A 110 -12.91 -5.20 4.12
C ASP A 110 -12.76 -5.28 2.65
N PRO A 111 -11.69 -5.87 2.16
CA PRO A 111 -11.45 -5.98 0.75
C PRO A 111 -11.99 -7.34 0.31
N ASP A 112 -12.57 -8.03 1.29
CA ASP A 112 -13.23 -9.25 1.11
C ASP A 112 -14.67 -8.95 0.74
N ASP A 113 -15.03 -7.73 1.08
CA ASP A 113 -16.33 -7.14 0.88
C ASP A 113 -16.25 -6.39 -0.45
N PRO A 114 -17.38 -6.08 -1.13
CA PRO A 114 -17.42 -5.35 -2.43
C PRO A 114 -16.54 -4.09 -2.58
N ASN A 115 -16.87 -3.33 -3.61
CA ASN A 115 -16.16 -2.15 -4.02
C ASN A 115 -14.82 -2.58 -4.54
N THR A 116 -14.90 -3.28 -5.63
CA THR A 116 -13.79 -3.94 -6.22
C THR A 116 -13.01 -3.01 -7.16
N SER A 117 -11.94 -3.54 -7.70
CA SER A 117 -11.03 -2.83 -8.53
C SER A 117 -11.50 -2.88 -9.95
N LEU A 118 -12.06 -1.82 -10.38
CA LEU A 118 -12.36 -1.69 -11.74
C LEU A 118 -11.16 -1.04 -12.43
N VAL A 119 -10.67 -1.69 -13.40
CA VAL A 119 -9.54 -1.22 -14.12
C VAL A 119 -10.02 -0.42 -15.27
N THR A 120 -9.91 0.87 -15.16
CA THR A 120 -10.37 1.71 -16.18
C THR A 120 -9.44 1.58 -17.39
N SER A 121 -10.01 1.60 -18.54
CA SER A 121 -9.24 1.45 -19.72
C SER A 121 -9.21 2.78 -20.42
N VAL A 122 -8.22 3.53 -20.06
CA VAL A 122 -8.12 4.86 -20.51
C VAL A 122 -7.01 5.01 -21.53
N ALA A 123 -7.39 5.05 -22.76
CA ALA A 123 -6.45 5.23 -23.82
C ALA A 123 -6.78 6.54 -24.49
N ILE A 124 -6.47 7.59 -23.79
CA ILE A 124 -6.71 8.95 -24.23
C ILE A 124 -5.37 9.69 -24.16
N LEU A 125 -4.37 8.99 -23.65
CA LEU A 125 -3.09 9.55 -23.42
C LEU A 125 -2.04 8.61 -23.95
N ASP A 126 -0.85 9.10 -24.12
CA ASP A 126 0.23 8.34 -24.63
C ASP A 126 1.08 7.89 -23.47
N LYS A 127 1.42 6.66 -23.50
CA LYS A 127 2.18 6.06 -22.44
C LYS A 127 3.66 6.24 -22.66
N GLU A 128 4.22 7.18 -21.96
CA GLU A 128 5.64 7.45 -22.02
C GLU A 128 6.30 6.57 -20.96
N PRO A 129 7.08 5.55 -21.37
CA PRO A 129 7.73 4.62 -20.44
C PRO A 129 8.87 5.30 -19.67
N ARG B 1 -9.80 7.36 -2.49
CA ARG B 1 -11.10 6.68 -2.57
C ARG B 1 -11.94 7.19 -3.71
N SER B 2 -12.88 6.35 -4.12
CA SER B 2 -13.83 6.61 -5.20
C SER B 2 -13.20 6.85 -6.58
N SER B 3 -11.94 6.46 -6.76
CA SER B 3 -11.36 6.57 -8.06
C SER B 3 -11.58 5.33 -8.93
N ARG B 4 -10.58 4.48 -9.12
CA ARG B 4 -10.79 3.38 -10.06
C ARG B 4 -10.28 2.02 -9.56
N THR B 5 -9.02 1.77 -9.74
CA THR B 5 -8.43 0.45 -9.62
C THR B 5 -7.97 0.13 -8.16
N ARG B 6 -8.42 0.95 -7.24
CA ARG B 6 -8.15 0.81 -5.80
C ARG B 6 -8.49 -0.58 -5.23
N ARG B 7 -7.45 -1.35 -4.88
CA ARG B 7 -7.62 -2.71 -4.30
C ARG B 7 -6.24 -3.31 -4.12
N GLU B 8 -6.10 -4.63 -4.15
CA GLU B 8 -4.82 -5.23 -3.85
C GLU B 8 -3.84 -5.27 -5.04
N THR B 9 -2.63 -5.05 -4.71
CA THR B 9 -1.50 -5.24 -5.54
C THR B 9 -0.75 -6.38 -4.84
N GLN B 10 -0.75 -7.55 -5.44
CA GLN B 10 -0.17 -8.72 -4.79
C GLN B 10 1.31 -8.81 -5.07
N VAL B 11 2.07 -8.32 -4.15
CA VAL B 11 3.48 -8.23 -4.35
C VAL B 11 4.19 -9.24 -3.50
N GLY A 1 -15.94 16.71 15.93
CA GLY A 1 -15.27 15.47 15.62
C GLY A 1 -13.93 15.73 15.00
N ALA A 2 -12.89 15.36 15.71
CA ALA A 2 -11.53 15.57 15.24
C ALA A 2 -11.22 14.61 14.10
N MET A 3 -11.35 15.11 12.88
CA MET A 3 -11.04 14.40 11.65
C MET A 3 -11.95 13.22 11.40
N GLY A 4 -13.18 13.52 11.06
CA GLY A 4 -14.13 12.49 10.68
C GLY A 4 -14.06 12.22 9.20
N LYS A 5 -13.12 12.86 8.56
CA LYS A 5 -12.85 12.70 7.16
C LYS A 5 -11.44 12.18 7.06
N PRO A 6 -11.13 11.36 6.04
CA PRO A 6 -9.78 10.86 5.85
C PRO A 6 -8.88 11.98 5.37
N PHE A 7 -7.70 11.98 5.84
CA PHE A 7 -6.78 13.00 5.54
C PHE A 7 -5.76 12.57 4.55
N PHE A 8 -5.41 13.48 3.70
CA PHE A 8 -4.40 13.31 2.72
C PHE A 8 -3.71 14.63 2.49
N THR A 9 -2.43 14.57 2.47
CA THR A 9 -1.58 15.62 2.00
C THR A 9 -0.16 15.08 1.87
N ARG A 10 -0.10 13.78 1.42
CA ARG A 10 1.13 13.00 1.16
C ARG A 10 2.15 13.11 2.25
N ASN A 11 1.63 13.17 3.36
CA ASN A 11 2.38 13.26 4.58
C ASN A 11 2.35 11.98 5.41
N PRO A 12 3.49 11.30 5.52
CA PRO A 12 3.62 10.14 6.42
C PRO A 12 3.30 10.56 7.80
N SER A 13 3.73 11.74 8.03
CA SER A 13 3.64 12.38 9.22
C SER A 13 2.16 12.70 9.63
N GLU A 14 1.25 12.84 8.63
CA GLU A 14 -0.16 13.07 8.95
C GLU A 14 -0.74 11.75 9.41
N LEU A 15 -0.22 10.67 8.80
CA LEU A 15 -0.59 9.34 9.19
C LEU A 15 -0.15 9.08 10.61
N LYS A 16 -1.06 8.57 11.36
CA LYS A 16 -0.88 8.35 12.77
C LYS A 16 -0.09 7.07 13.09
N GLY A 17 0.00 6.79 14.38
CA GLY A 17 0.74 5.66 14.85
C GLY A 17 2.22 5.92 14.94
N LYS A 18 2.96 5.15 14.20
CA LYS A 18 4.40 5.24 14.14
C LYS A 18 4.83 5.18 12.70
N PHE A 19 5.97 5.68 12.43
CA PHE A 19 6.51 5.79 11.13
C PHE A 19 7.81 5.03 11.12
N ILE A 20 7.84 3.94 10.43
CA ILE A 20 9.01 3.12 10.39
C ILE A 20 9.55 3.00 8.98
N HIS A 21 10.83 3.12 8.88
CA HIS A 21 11.53 3.01 7.63
C HIS A 21 12.36 1.75 7.70
N THR A 22 11.86 0.72 7.11
CA THR A 22 12.46 -0.60 7.16
C THR A 22 12.87 -1.08 5.76
N LYS A 23 14.00 -1.72 5.66
CA LYS A 23 14.46 -2.24 4.39
C LYS A 23 13.78 -3.59 4.12
N LEU A 24 13.21 -3.75 2.95
CA LEU A 24 12.63 -5.01 2.60
C LEU A 24 13.40 -5.56 1.46
N ARG A 25 13.74 -6.77 1.58
CA ARG A 25 14.52 -7.40 0.62
C ARG A 25 13.59 -8.07 -0.38
N LYS A 26 13.67 -7.69 -1.65
CA LYS A 26 13.06 -8.45 -2.72
C LYS A 26 13.55 -9.85 -2.60
N SER A 27 12.74 -10.67 -2.05
CA SER A 27 13.16 -11.97 -1.63
C SER A 27 13.07 -13.01 -2.73
N SER A 28 11.92 -13.18 -3.31
CA SER A 28 11.70 -14.11 -4.37
C SER A 28 10.69 -13.53 -5.34
N ARG A 29 11.15 -12.49 -6.09
CA ARG A 29 10.32 -11.76 -7.04
C ARG A 29 9.25 -10.96 -6.35
N GLY A 30 9.67 -9.85 -5.81
CA GLY A 30 8.76 -8.99 -5.15
C GLY A 30 8.92 -9.07 -3.67
N PHE A 31 7.81 -9.01 -3.01
CA PHE A 31 7.74 -8.93 -1.61
C PHE A 31 7.00 -10.14 -1.02
N GLY A 32 5.71 -10.11 -1.01
CA GLY A 32 4.98 -11.15 -0.29
C GLY A 32 4.04 -10.58 0.75
N PHE A 33 3.26 -9.65 0.33
CA PHE A 33 2.20 -9.09 1.13
C PHE A 33 1.26 -8.40 0.19
N THR A 34 0.04 -8.46 0.45
CA THR A 34 -0.86 -7.84 -0.43
C THR A 34 -1.35 -6.56 0.19
N VAL A 35 -1.60 -5.58 -0.62
CA VAL A 35 -1.95 -4.26 -0.12
C VAL A 35 -3.24 -3.72 -0.77
N VAL A 36 -3.87 -2.79 -0.07
CA VAL A 36 -5.04 -2.07 -0.52
C VAL A 36 -4.76 -0.60 -0.57
N GLY A 37 -5.11 0.01 -1.63
CA GLY A 37 -4.93 1.41 -1.76
C GLY A 37 -4.14 1.72 -2.97
N GLY A 38 -3.33 2.76 -2.85
CA GLY A 38 -2.46 3.26 -3.89
C GLY A 38 -3.15 3.37 -5.18
N ASP A 39 -4.13 4.15 -5.19
CA ASP A 39 -4.94 4.28 -6.33
C ASP A 39 -4.74 5.62 -6.93
N GLU A 40 -4.51 6.59 -6.08
CA GLU A 40 -4.48 7.95 -6.53
C GLU A 40 -3.73 8.77 -5.56
N PRO A 41 -3.43 10.01 -5.92
CA PRO A 41 -2.76 10.96 -5.06
C PRO A 41 -3.78 11.49 -4.07
N ASP A 42 -4.23 10.56 -3.32
CA ASP A 42 -5.30 10.68 -2.38
C ASP A 42 -5.35 9.37 -1.62
N GLU A 43 -5.26 8.28 -2.36
CA GLU A 43 -5.31 6.97 -1.79
C GLU A 43 -3.91 6.34 -1.79
N PHE A 44 -3.45 6.03 -0.54
CA PHE A 44 -2.11 5.46 -0.17
C PHE A 44 -2.23 3.94 -0.08
N LEU A 45 -1.11 3.20 -0.06
CA LEU A 45 -1.25 1.76 -0.04
C LEU A 45 -1.15 1.27 1.37
N GLN A 46 -1.88 0.27 1.72
CA GLN A 46 -1.88 -0.27 3.05
C GLN A 46 -1.81 -1.77 2.95
N ILE A 47 -1.26 -2.43 3.91
CA ILE A 47 -1.14 -3.89 3.86
C ILE A 47 -2.50 -4.51 4.22
N LYS A 48 -3.01 -5.38 3.36
CA LYS A 48 -4.30 -6.04 3.61
C LYS A 48 -4.10 -7.48 4.01
N SER A 49 -2.97 -8.05 3.67
CA SER A 49 -2.66 -9.39 4.08
C SER A 49 -1.16 -9.55 4.09
N LEU A 50 -0.64 -9.99 5.19
CA LEU A 50 0.72 -10.32 5.29
C LEU A 50 0.91 -11.73 4.77
N VAL A 51 1.62 -11.87 3.69
CA VAL A 51 1.86 -13.14 3.13
C VAL A 51 3.13 -13.70 3.74
N LEU A 52 3.01 -14.82 4.38
CA LEU A 52 4.13 -15.43 5.01
C LEU A 52 5.10 -15.92 3.97
N ASP A 53 6.38 -15.79 4.33
CA ASP A 53 7.53 -16.03 3.44
C ASP A 53 7.81 -14.76 2.61
N GLY A 54 7.10 -13.72 2.97
CA GLY A 54 7.33 -12.40 2.43
C GLY A 54 8.34 -11.70 3.28
N PRO A 55 9.07 -10.68 2.82
CA PRO A 55 10.17 -10.16 3.58
C PRO A 55 9.63 -9.36 4.79
N ALA A 56 8.41 -8.85 4.63
CA ALA A 56 7.65 -8.18 5.67
C ALA A 56 7.36 -9.16 6.79
N ALA A 57 7.03 -10.39 6.40
CA ALA A 57 6.68 -11.48 7.31
C ALA A 57 7.90 -11.92 8.06
N LEU A 58 8.91 -12.07 7.30
CA LEU A 58 10.13 -12.62 7.71
C LEU A 58 10.91 -11.73 8.61
N ASP A 59 11.04 -10.47 8.22
CA ASP A 59 11.69 -9.49 9.07
C ASP A 59 10.78 -9.22 10.23
N GLY A 60 9.50 -9.40 9.93
CA GLY A 60 8.43 -9.23 10.88
C GLY A 60 8.27 -7.84 11.38
N LYS A 61 8.69 -6.94 10.57
CA LYS A 61 8.68 -5.54 10.88
C LYS A 61 7.36 -4.92 10.42
N MET A 62 6.70 -5.60 9.51
CA MET A 62 5.49 -5.11 8.87
C MET A 62 4.40 -6.15 9.04
N GLU A 63 3.16 -5.70 9.05
CA GLU A 63 2.02 -6.56 9.30
C GLU A 63 0.77 -6.07 8.56
N THR A 64 -0.23 -6.91 8.51
CA THR A 64 -1.48 -6.56 7.94
C THR A 64 -2.06 -5.38 8.73
N GLY A 65 -2.22 -4.26 8.08
CA GLY A 65 -2.74 -3.11 8.74
C GLY A 65 -1.93 -1.86 8.46
N ASP A 66 -0.60 -2.00 8.48
CA ASP A 66 0.29 -0.84 8.29
C ASP A 66 0.24 -0.27 6.89
N VAL A 67 0.44 1.01 6.77
CA VAL A 67 0.26 1.69 5.52
C VAL A 67 1.53 2.19 4.86
N ILE A 68 1.75 1.65 3.66
CA ILE A 68 2.85 1.95 2.77
C ILE A 68 2.79 3.41 2.29
N VAL A 69 3.80 4.13 2.73
CA VAL A 69 4.00 5.52 2.47
C VAL A 69 4.98 5.70 1.30
N SER A 70 6.19 5.19 1.41
CA SER A 70 7.19 5.40 0.35
C SER A 70 8.25 4.30 0.32
N VAL A 71 9.10 4.35 -0.70
CA VAL A 71 10.18 3.41 -0.86
C VAL A 71 11.38 4.20 -1.37
N ASN A 72 12.57 3.67 -1.20
CA ASN A 72 13.86 4.27 -1.61
C ASN A 72 13.78 5.16 -2.88
N ASP A 73 13.83 6.45 -2.62
CA ASP A 73 13.83 7.53 -3.63
C ASP A 73 12.68 7.38 -4.65
N THR A 74 11.57 6.88 -4.19
CA THR A 74 10.43 6.70 -5.02
C THR A 74 9.18 7.06 -4.25
N CYS A 75 8.47 8.01 -4.75
CA CYS A 75 7.30 8.50 -4.12
C CYS A 75 6.11 7.60 -4.43
N VAL A 76 6.06 6.46 -3.75
CA VAL A 76 4.94 5.51 -3.84
C VAL A 76 3.74 6.09 -3.08
N LEU A 77 4.02 7.15 -2.41
CA LEU A 77 3.08 7.93 -1.72
C LEU A 77 2.13 8.53 -2.75
N GLY A 78 0.90 8.06 -2.73
CA GLY A 78 -0.06 8.49 -3.71
C GLY A 78 0.25 7.95 -5.10
N HIS A 79 0.92 6.82 -5.17
CA HIS A 79 1.25 6.21 -6.42
C HIS A 79 0.00 5.58 -6.96
N THR A 80 -0.20 5.70 -8.23
CA THR A 80 -1.34 5.12 -8.88
C THR A 80 -1.14 3.61 -8.94
N HIS A 81 -2.21 2.81 -8.81
CA HIS A 81 -2.08 1.33 -8.82
C HIS A 81 -1.23 0.84 -9.94
N ALA A 82 -1.49 1.32 -11.11
CA ALA A 82 -0.77 0.90 -12.32
C ALA A 82 0.71 1.15 -12.18
N GLN A 83 1.05 2.20 -11.48
CA GLN A 83 2.42 2.57 -11.30
C GLN A 83 3.07 1.74 -10.21
N VAL A 84 2.41 1.65 -9.08
CA VAL A 84 2.92 0.92 -7.95
C VAL A 84 3.05 -0.58 -8.27
N VAL A 85 2.05 -1.14 -8.93
CA VAL A 85 2.09 -2.54 -9.31
C VAL A 85 3.20 -2.77 -10.33
N LYS A 86 3.42 -1.80 -11.20
CA LYS A 86 4.48 -1.86 -12.19
C LYS A 86 5.85 -2.10 -11.53
N ILE A 87 6.16 -1.33 -10.48
CA ILE A 87 7.47 -1.39 -9.84
C ILE A 87 7.61 -2.67 -9.07
N PHE A 88 6.61 -2.89 -8.28
CA PHE A 88 6.54 -3.98 -7.37
C PHE A 88 6.43 -5.35 -8.07
N GLN A 89 5.89 -5.36 -9.26
CA GLN A 89 5.82 -6.57 -10.09
C GLN A 89 7.08 -6.78 -10.94
N SER A 90 7.83 -5.72 -11.22
CA SER A 90 8.99 -5.88 -12.10
C SER A 90 10.28 -6.21 -11.36
N ILE A 91 10.33 -5.96 -10.05
CA ILE A 91 11.49 -6.24 -9.23
C ILE A 91 11.99 -7.68 -9.32
N PRO A 92 13.30 -7.86 -9.11
CA PRO A 92 13.98 -9.13 -9.20
C PRO A 92 14.28 -9.73 -7.83
N ILE A 93 14.58 -10.98 -7.82
CA ILE A 93 14.98 -11.71 -6.64
C ILE A 93 16.36 -11.22 -6.19
N GLY A 94 16.50 -10.94 -4.93
CA GLY A 94 17.76 -10.58 -4.37
C GLY A 94 17.97 -9.10 -4.21
N ALA A 95 16.93 -8.30 -4.36
CA ALA A 95 17.13 -6.86 -4.31
C ALA A 95 16.75 -6.28 -2.94
N SER A 96 16.88 -4.99 -2.80
CA SER A 96 16.65 -4.28 -1.54
C SER A 96 15.90 -2.98 -1.79
N VAL A 97 15.18 -2.54 -0.78
CA VAL A 97 14.47 -1.26 -0.78
C VAL A 97 14.30 -0.78 0.60
N ASP A 98 14.24 0.50 0.73
CA ASP A 98 13.95 1.17 1.95
C ASP A 98 12.49 1.45 1.91
N LEU A 99 11.74 0.75 2.68
CA LEU A 99 10.33 0.87 2.64
C LEU A 99 9.86 1.58 3.90
N GLU A 100 9.28 2.73 3.74
CA GLU A 100 8.82 3.47 4.87
C GLU A 100 7.31 3.50 4.93
N LEU A 101 6.79 3.07 6.04
CA LEU A 101 5.37 2.96 6.21
C LEU A 101 4.97 3.37 7.61
N CYS A 102 3.71 3.62 7.78
CA CYS A 102 3.18 4.02 9.06
C CYS A 102 2.33 2.91 9.66
N ARG A 103 2.68 2.51 10.84
CA ARG A 103 1.97 1.49 11.58
C ARG A 103 1.06 2.19 12.57
N GLY A 104 -0.07 1.62 12.86
CA GLY A 104 -1.00 2.25 13.77
C GLY A 104 -2.39 2.03 13.27
N TYR A 105 -2.49 1.92 11.97
CA TYR A 105 -3.72 1.63 11.32
C TYR A 105 -3.92 0.14 11.27
N PRO A 106 -5.11 -0.32 11.59
CA PRO A 106 -5.50 -1.68 11.35
C PRO A 106 -6.31 -1.70 10.04
N LEU A 107 -7.05 -2.73 9.79
CA LEU A 107 -7.95 -2.75 8.67
C LEU A 107 -9.33 -2.30 9.16
N PRO A 108 -9.70 -0.99 8.94
CA PRO A 108 -10.96 -0.41 9.45
C PRO A 108 -12.17 -0.90 8.67
N PHE A 109 -11.88 -1.56 7.61
CA PHE A 109 -12.82 -2.15 6.73
C PHE A 109 -12.09 -3.32 6.15
N ASP A 110 -12.77 -4.43 5.98
CA ASP A 110 -12.10 -5.64 5.53
C ASP A 110 -11.93 -5.56 4.05
N PRO A 111 -10.88 -6.16 3.53
CA PRO A 111 -10.55 -6.10 2.13
C PRO A 111 -11.11 -7.35 1.48
N ASP A 112 -11.91 -8.03 2.26
CA ASP A 112 -12.50 -9.24 1.87
C ASP A 112 -13.72 -8.94 1.05
N ASP A 113 -14.34 -7.82 1.38
CA ASP A 113 -15.53 -7.33 0.73
C ASP A 113 -15.16 -6.83 -0.67
N PRO A 114 -15.80 -7.41 -1.72
CA PRO A 114 -15.58 -7.06 -3.14
C PRO A 114 -15.85 -5.60 -3.52
N ASN A 115 -15.95 -5.41 -4.84
CA ASN A 115 -16.23 -4.17 -5.53
C ASN A 115 -14.99 -3.33 -5.77
N THR A 116 -13.82 -3.94 -5.56
CA THR A 116 -12.48 -3.33 -5.76
C THR A 116 -12.43 -1.88 -5.19
N SER A 117 -11.73 -0.98 -5.86
CA SER A 117 -11.71 0.41 -5.51
C SER A 117 -13.14 0.96 -5.60
N LEU A 118 -13.78 1.13 -4.49
CA LEU A 118 -15.08 1.60 -4.45
C LEU A 118 -15.16 3.09 -4.15
N VAL A 119 -16.01 3.74 -4.87
CA VAL A 119 -16.34 5.11 -4.59
C VAL A 119 -17.81 5.13 -4.26
N THR A 120 -18.17 5.77 -3.22
CA THR A 120 -19.54 5.90 -2.92
C THR A 120 -19.98 7.22 -3.51
N SER A 121 -21.14 7.27 -4.05
CA SER A 121 -21.59 8.46 -4.67
C SER A 121 -22.59 9.12 -3.79
N VAL A 122 -22.10 9.94 -2.93
CA VAL A 122 -22.89 10.62 -1.97
C VAL A 122 -23.23 12.01 -2.51
N ALA A 123 -24.48 12.39 -2.40
CA ALA A 123 -24.96 13.63 -2.96
C ALA A 123 -24.64 14.82 -2.08
N ILE A 124 -23.38 15.19 -2.11
CA ILE A 124 -22.84 16.35 -1.42
C ILE A 124 -21.98 17.10 -2.47
N LEU A 125 -22.17 16.70 -3.72
CA LEU A 125 -21.31 17.18 -4.80
C LEU A 125 -21.73 18.54 -5.34
N ASP A 126 -22.81 18.53 -5.99
CA ASP A 126 -23.45 19.68 -6.57
C ASP A 126 -24.86 19.28 -6.80
N LYS A 127 -25.76 19.92 -6.12
CA LYS A 127 -27.10 19.48 -6.10
C LYS A 127 -28.01 20.54 -6.61
N GLU A 128 -29.01 20.13 -7.31
CA GLU A 128 -30.00 21.04 -7.84
C GLU A 128 -30.98 21.35 -6.74
N PRO A 129 -31.32 22.63 -6.56
CA PRO A 129 -32.30 23.03 -5.57
C PRO A 129 -33.73 22.80 -6.09
N ARG B 1 -16.32 8.67 3.78
CA ARG B 1 -16.46 8.74 2.31
C ARG B 1 -15.11 9.08 1.68
N SER B 2 -15.10 9.33 0.36
CA SER B 2 -13.91 9.68 -0.43
C SER B 2 -12.83 8.57 -0.51
N SER B 3 -11.81 8.65 0.33
CA SER B 3 -10.67 7.73 0.29
C SER B 3 -11.01 6.32 0.81
N ARG B 4 -11.80 5.62 0.02
CA ARG B 4 -12.13 4.23 0.21
C ARG B 4 -11.93 3.50 -1.10
N THR B 5 -11.45 4.23 -2.07
CA THR B 5 -11.23 3.76 -3.41
C THR B 5 -9.87 3.04 -3.48
N ARG B 6 -9.72 2.07 -2.62
CA ARG B 6 -8.48 1.36 -2.47
C ARG B 6 -8.40 0.16 -3.39
N ARG B 7 -7.32 0.06 -4.13
CA ARG B 7 -7.13 -1.03 -5.06
C ARG B 7 -6.22 -2.08 -4.46
N GLU B 8 -6.51 -3.32 -4.73
CA GLU B 8 -5.68 -4.39 -4.27
C GLU B 8 -4.44 -4.56 -5.18
N THR B 9 -3.30 -4.68 -4.56
CA THR B 9 -2.07 -4.91 -5.27
C THR B 9 -1.34 -6.05 -4.56
N GLN B 10 -1.03 -7.11 -5.28
CA GLN B 10 -0.32 -8.22 -4.67
C GLN B 10 1.17 -8.02 -4.87
N VAL B 11 1.89 -7.76 -3.82
CA VAL B 11 3.30 -7.51 -3.99
C VAL B 11 4.08 -8.63 -3.35
N GLY A 1 -8.19 17.82 6.50
CA GLY A 1 -9.44 17.12 6.74
C GLY A 1 -9.18 15.80 7.38
N ALA A 2 -10.13 15.25 8.11
CA ALA A 2 -9.93 13.97 8.73
C ALA A 2 -11.23 13.19 8.92
N MET A 3 -11.97 13.52 9.95
CA MET A 3 -13.10 12.72 10.43
C MET A 3 -14.20 12.46 9.41
N GLY A 4 -14.40 11.18 9.10
CA GLY A 4 -15.42 10.75 8.16
C GLY A 4 -14.82 10.38 6.83
N LYS A 5 -13.55 10.65 6.70
CA LYS A 5 -12.78 10.44 5.50
C LYS A 5 -11.40 9.98 5.94
N PRO A 6 -10.52 9.60 5.02
CA PRO A 6 -9.14 9.46 5.35
C PRO A 6 -8.47 10.82 5.18
N PHE A 7 -7.39 11.02 5.86
CA PHE A 7 -6.70 12.25 5.76
C PHE A 7 -5.62 12.15 4.72
N PHE A 8 -5.51 13.17 3.94
CA PHE A 8 -4.58 13.21 2.86
C PHE A 8 -3.94 14.56 2.71
N THR A 9 -2.66 14.53 2.59
CA THR A 9 -1.85 15.60 2.15
C THR A 9 -0.45 15.05 1.88
N ARG A 10 -0.45 13.75 1.43
CA ARG A 10 0.74 12.94 1.08
C ARG A 10 1.87 13.11 2.05
N ASN A 11 1.48 13.11 3.21
CA ASN A 11 2.38 13.17 4.35
C ASN A 11 2.39 11.89 5.17
N PRO A 12 3.57 11.25 5.27
CA PRO A 12 3.75 10.10 6.16
C PRO A 12 3.47 10.53 7.55
N SER A 13 3.90 11.69 7.72
CA SER A 13 3.88 12.40 8.87
C SER A 13 2.42 12.73 9.34
N GLU A 14 1.43 12.74 8.40
CA GLU A 14 0.04 12.96 8.80
C GLU A 14 -0.49 11.65 9.29
N LEU A 15 -0.01 10.57 8.67
CA LEU A 15 -0.37 9.22 9.04
C LEU A 15 -0.09 8.94 10.49
N LYS A 16 -1.11 8.41 11.10
CA LYS A 16 -1.15 8.12 12.52
C LYS A 16 -0.26 6.95 12.89
N GLY A 17 -0.16 6.71 14.19
CA GLY A 17 0.68 5.67 14.69
C GLY A 17 2.12 6.08 14.67
N LYS A 18 2.92 5.34 13.97
CA LYS A 18 4.34 5.60 13.87
C LYS A 18 4.77 5.50 12.44
N PHE A 19 5.84 6.16 12.13
CA PHE A 19 6.38 6.22 10.82
C PHE A 19 7.74 5.56 10.88
N ILE A 20 7.84 4.45 10.24
CA ILE A 20 9.02 3.67 10.31
C ILE A 20 9.50 3.28 8.95
N HIS A 21 10.76 3.08 8.87
CA HIS A 21 11.37 2.69 7.65
C HIS A 21 12.17 1.42 7.87
N THR A 22 11.75 0.36 7.25
CA THR A 22 12.42 -0.90 7.40
C THR A 22 12.79 -1.47 6.03
N LYS A 23 13.98 -2.00 5.93
CA LYS A 23 14.47 -2.59 4.71
C LYS A 23 13.81 -3.95 4.50
N LEU A 24 13.32 -4.16 3.32
CA LEU A 24 12.74 -5.40 2.92
C LEU A 24 13.58 -5.93 1.83
N ARG A 25 14.02 -7.12 2.00
CA ARG A 25 14.83 -7.72 1.03
C ARG A 25 13.95 -8.40 0.02
N LYS A 26 13.83 -7.80 -1.17
CA LYS A 26 13.11 -8.35 -2.26
C LYS A 26 13.29 -9.81 -2.43
N SER A 27 12.19 -10.48 -2.23
CA SER A 27 12.09 -11.88 -2.26
C SER A 27 11.78 -12.30 -3.70
N SER A 28 11.08 -13.39 -3.87
CA SER A 28 10.74 -13.92 -5.18
C SER A 28 9.86 -12.97 -6.04
N ARG A 29 10.52 -11.98 -6.66
CA ARG A 29 9.90 -11.09 -7.64
C ARG A 29 8.85 -10.23 -6.99
N GLY A 30 9.30 -9.52 -6.01
CA GLY A 30 8.46 -8.64 -5.31
C GLY A 30 8.75 -8.71 -3.86
N PHE A 31 7.74 -8.84 -3.10
CA PHE A 31 7.83 -8.78 -1.69
C PHE A 31 7.14 -9.96 -1.05
N GLY A 32 5.86 -9.87 -0.86
CA GLY A 32 5.16 -10.86 -0.07
C GLY A 32 4.20 -10.23 0.89
N PHE A 33 3.35 -9.40 0.38
CA PHE A 33 2.27 -8.80 1.13
C PHE A 33 1.26 -8.26 0.16
N THR A 34 0.04 -8.19 0.52
CA THR A 34 -0.95 -7.66 -0.35
C THR A 34 -1.47 -6.34 0.17
N VAL A 35 -1.74 -5.45 -0.74
CA VAL A 35 -2.07 -4.08 -0.43
C VAL A 35 -3.50 -3.75 -0.78
N VAL A 36 -4.05 -2.85 -0.03
CA VAL A 36 -5.26 -2.19 -0.36
C VAL A 36 -4.96 -0.73 -0.46
N GLY A 37 -5.35 -0.16 -1.50
CA GLY A 37 -5.23 1.25 -1.64
C GLY A 37 -4.43 1.56 -2.83
N GLY A 38 -3.44 2.48 -2.66
CA GLY A 38 -2.53 2.97 -3.69
C GLY A 38 -3.17 3.00 -4.99
N ASP A 39 -4.19 3.75 -5.03
CA ASP A 39 -5.03 3.75 -6.14
C ASP A 39 -4.81 4.99 -6.92
N GLU A 40 -4.43 6.03 -6.21
CA GLU A 40 -4.33 7.31 -6.81
C GLU A 40 -3.43 8.19 -6.01
N PRO A 41 -3.12 9.39 -6.46
CA PRO A 41 -2.23 10.31 -5.74
C PRO A 41 -2.84 10.68 -4.41
N ASP A 42 -4.11 10.59 -4.41
CA ASP A 42 -4.95 10.90 -3.32
C ASP A 42 -5.11 9.70 -2.34
N GLU A 43 -4.88 8.48 -2.83
CA GLU A 43 -5.10 7.30 -2.01
C GLU A 43 -3.81 6.46 -1.93
N PHE A 44 -3.32 6.29 -0.68
CA PHE A 44 -2.02 5.64 -0.31
C PHE A 44 -2.20 4.13 -0.18
N LEU A 45 -1.07 3.40 -0.16
CA LEU A 45 -1.13 1.95 -0.13
C LEU A 45 -1.16 1.47 1.31
N GLN A 46 -1.86 0.41 1.58
CA GLN A 46 -1.93 -0.12 2.92
C GLN A 46 -1.86 -1.64 2.82
N ILE A 47 -1.48 -2.30 3.87
CA ILE A 47 -1.32 -3.75 3.87
C ILE A 47 -2.61 -4.42 4.33
N LYS A 48 -3.15 -5.32 3.51
CA LYS A 48 -4.36 -6.07 3.86
C LYS A 48 -4.01 -7.48 4.24
N SER A 49 -2.84 -7.93 3.85
CA SER A 49 -2.36 -9.22 4.26
C SER A 49 -0.86 -9.27 4.22
N LEU A 50 -0.29 -9.66 5.31
CA LEU A 50 1.08 -9.96 5.40
C LEU A 50 1.27 -11.36 4.86
N VAL A 51 1.83 -11.47 3.68
CA VAL A 51 1.99 -12.74 3.08
C VAL A 51 3.20 -13.41 3.68
N LEU A 52 2.95 -14.49 4.37
CA LEU A 52 3.99 -15.23 5.02
C LEU A 52 4.94 -15.79 4.03
N ASP A 53 6.20 -15.80 4.42
CA ASP A 53 7.34 -16.16 3.58
C ASP A 53 7.70 -14.98 2.67
N GLY A 54 7.15 -13.82 3.03
CA GLY A 54 7.48 -12.56 2.42
C GLY A 54 8.50 -11.85 3.27
N PRO A 55 9.21 -10.79 2.80
CA PRO A 55 10.34 -10.27 3.54
C PRO A 55 9.86 -9.52 4.78
N ALA A 56 8.63 -9.04 4.70
CA ALA A 56 7.93 -8.40 5.79
C ALA A 56 7.72 -9.41 6.91
N ALA A 57 7.30 -10.60 6.52
CA ALA A 57 7.01 -11.71 7.41
C ALA A 57 8.28 -12.22 8.02
N LEU A 58 9.24 -12.38 7.17
CA LEU A 58 10.48 -12.96 7.48
C LEU A 58 11.37 -12.12 8.33
N ASP A 59 11.30 -10.83 8.14
CA ASP A 59 12.00 -9.91 9.02
C ASP A 59 11.22 -9.81 10.30
N GLY A 60 9.91 -10.04 10.13
CA GLY A 60 8.95 -10.00 11.19
C GLY A 60 8.72 -8.62 11.70
N LYS A 61 8.89 -7.71 10.82
CA LYS A 61 8.85 -6.32 11.14
C LYS A 61 7.49 -5.72 10.85
N MET A 62 6.99 -5.96 9.66
CA MET A 62 5.75 -5.36 9.18
C MET A 62 4.58 -6.23 9.55
N GLU A 63 3.41 -5.65 9.60
CA GLU A 63 2.20 -6.34 9.96
C GLU A 63 1.06 -5.87 9.05
N THR A 64 0.04 -6.69 8.95
CA THR A 64 -1.14 -6.36 8.24
C THR A 64 -1.79 -5.15 8.93
N GLY A 65 -1.90 -4.08 8.20
CA GLY A 65 -2.40 -2.87 8.77
C GLY A 65 -1.53 -1.71 8.41
N ASP A 66 -0.22 -1.98 8.25
CA ASP A 66 0.77 -0.94 7.88
C ASP A 66 0.36 -0.20 6.63
N VAL A 67 0.57 1.07 6.60
CA VAL A 67 0.29 1.83 5.43
C VAL A 67 1.55 2.26 4.72
N ILE A 68 1.73 1.73 3.53
CA ILE A 68 2.87 1.98 2.69
C ILE A 68 2.84 3.39 2.17
N VAL A 69 3.87 4.12 2.59
CA VAL A 69 4.05 5.51 2.31
C VAL A 69 5.04 5.69 1.17
N SER A 70 6.23 5.20 1.33
CA SER A 70 7.24 5.44 0.33
C SER A 70 8.28 4.34 0.29
N VAL A 71 9.06 4.33 -0.77
CA VAL A 71 10.04 3.33 -0.97
C VAL A 71 11.25 3.90 -1.68
N ASN A 72 12.35 4.00 -0.93
CA ASN A 72 13.69 4.37 -1.49
C ASN A 72 13.63 5.52 -2.47
N ASP A 73 13.25 6.65 -1.96
CA ASP A 73 13.11 7.93 -2.69
C ASP A 73 11.85 7.99 -3.54
N THR A 74 11.50 6.87 -4.15
CA THR A 74 10.35 6.77 -5.01
C THR A 74 9.09 7.12 -4.25
N CYS A 75 8.40 8.09 -4.77
CA CYS A 75 7.23 8.61 -4.15
C CYS A 75 6.02 7.77 -4.49
N VAL A 76 5.96 6.64 -3.82
CA VAL A 76 4.85 5.71 -3.93
C VAL A 76 3.66 6.23 -3.10
N LEU A 77 3.93 7.27 -2.37
CA LEU A 77 2.94 7.98 -1.66
C LEU A 77 2.10 8.65 -2.70
N GLY A 78 0.89 8.18 -2.82
CA GLY A 78 0.03 8.67 -3.84
C GLY A 78 0.39 8.09 -5.20
N HIS A 79 0.87 6.87 -5.21
CA HIS A 79 1.15 6.21 -6.45
C HIS A 79 -0.11 5.51 -6.88
N THR A 80 -0.39 5.60 -8.13
CA THR A 80 -1.53 4.96 -8.70
C THR A 80 -1.26 3.44 -8.76
N HIS A 81 -2.27 2.59 -8.55
CA HIS A 81 -2.09 1.12 -8.53
C HIS A 81 -1.28 0.62 -9.69
N ALA A 82 -1.66 1.01 -10.86
CA ALA A 82 -1.03 0.54 -12.07
C ALA A 82 0.43 0.95 -12.10
N GLN A 83 0.74 2.10 -11.51
CA GLN A 83 2.07 2.61 -11.47
C GLN A 83 2.89 1.84 -10.44
N VAL A 84 2.37 1.75 -9.23
CA VAL A 84 3.05 1.12 -8.12
C VAL A 84 3.24 -0.38 -8.38
N VAL A 85 2.20 -1.04 -8.87
CA VAL A 85 2.25 -2.46 -9.16
C VAL A 85 3.27 -2.73 -10.22
N LYS A 86 3.38 -1.82 -11.18
CA LYS A 86 4.37 -1.93 -12.21
C LYS A 86 5.79 -1.95 -11.62
N ILE A 87 6.05 -1.10 -10.64
CA ILE A 87 7.41 -1.02 -10.08
C ILE A 87 7.70 -2.26 -9.25
N PHE A 88 6.77 -2.52 -8.38
CA PHE A 88 6.84 -3.57 -7.42
C PHE A 88 6.84 -4.97 -8.08
N GLN A 89 6.13 -5.12 -9.17
CA GLN A 89 6.10 -6.37 -9.89
C GLN A 89 7.26 -6.50 -10.90
N SER A 90 7.93 -5.39 -11.22
CA SER A 90 9.11 -5.46 -12.08
C SER A 90 10.33 -5.84 -11.27
N ILE A 91 10.21 -5.69 -9.95
CA ILE A 91 11.23 -6.04 -8.99
C ILE A 91 11.93 -7.42 -9.26
N PRO A 92 13.27 -7.46 -9.07
CA PRO A 92 14.05 -8.67 -9.18
C PRO A 92 14.27 -9.31 -7.80
N ILE A 93 14.35 -10.60 -7.79
CA ILE A 93 14.59 -11.38 -6.58
C ILE A 93 16.01 -11.08 -6.09
N GLY A 94 16.18 -10.95 -4.79
CA GLY A 94 17.50 -10.75 -4.25
C GLY A 94 17.80 -9.29 -4.06
N ALA A 95 16.79 -8.47 -4.17
CA ALA A 95 17.01 -7.03 -4.14
C ALA A 95 16.73 -6.46 -2.74
N SER A 96 16.83 -5.18 -2.59
CA SER A 96 16.73 -4.53 -1.28
C SER A 96 16.14 -3.13 -1.37
N VAL A 97 15.25 -2.78 -0.44
CA VAL A 97 14.69 -1.42 -0.36
C VAL A 97 14.25 -1.08 1.06
N ASP A 98 14.45 0.18 1.41
CA ASP A 98 13.98 0.82 2.64
C ASP A 98 12.52 1.14 2.45
N LEU A 99 11.69 0.42 3.07
CA LEU A 99 10.31 0.61 2.94
C LEU A 99 9.80 1.49 4.07
N GLU A 100 9.26 2.61 3.71
CA GLU A 100 8.79 3.58 4.67
C GLU A 100 7.29 3.44 4.77
N LEU A 101 6.84 3.08 5.92
CA LEU A 101 5.45 2.82 6.14
C LEU A 101 5.02 3.33 7.50
N CYS A 102 3.75 3.52 7.67
CA CYS A 102 3.24 3.96 8.92
C CYS A 102 2.39 2.88 9.56
N ARG A 103 2.71 2.59 10.77
CA ARG A 103 2.07 1.57 11.56
C ARG A 103 1.04 2.25 12.42
N GLY A 104 -0.07 1.60 12.68
CA GLY A 104 -1.08 2.21 13.50
C GLY A 104 -2.46 1.93 12.98
N TYR A 105 -2.57 1.80 11.68
CA TYR A 105 -3.83 1.47 11.05
C TYR A 105 -4.12 0.00 11.21
N PRO A 106 -5.27 -0.35 11.77
CA PRO A 106 -5.68 -1.72 11.88
C PRO A 106 -6.38 -2.16 10.60
N LEU A 107 -6.88 -3.35 10.60
CA LEU A 107 -7.63 -3.87 9.49
C LEU A 107 -9.09 -3.92 9.91
N PRO A 108 -9.87 -2.83 9.67
CA PRO A 108 -11.29 -2.77 10.02
C PRO A 108 -12.10 -3.60 9.05
N PHE A 109 -11.48 -3.91 7.96
CA PHE A 109 -12.01 -4.76 6.95
C PHE A 109 -11.37 -6.11 7.18
N ASP A 110 -11.87 -7.10 6.58
CA ASP A 110 -11.27 -8.41 6.69
C ASP A 110 -10.71 -8.76 5.37
N PRO A 111 -9.66 -9.54 5.37
CA PRO A 111 -9.00 -9.97 4.18
C PRO A 111 -9.55 -11.35 3.84
N ASP A 112 -10.63 -11.65 4.54
CA ASP A 112 -11.37 -12.85 4.45
C ASP A 112 -12.77 -12.51 3.92
N ASP A 113 -12.93 -11.24 3.64
CA ASP A 113 -14.21 -10.67 3.27
C ASP A 113 -14.13 -10.15 1.85
N PRO A 114 -15.25 -10.25 1.09
CA PRO A 114 -15.43 -9.73 -0.26
C PRO A 114 -14.47 -8.63 -0.76
N ASN A 115 -14.85 -7.40 -0.48
CA ASN A 115 -14.14 -6.19 -0.80
C ASN A 115 -13.88 -6.05 -2.27
N THR A 116 -14.94 -5.79 -2.98
CA THR A 116 -14.91 -5.55 -4.40
C THR A 116 -14.55 -4.06 -4.62
N SER A 117 -14.82 -3.55 -5.79
CA SER A 117 -14.52 -2.21 -6.13
C SER A 117 -15.27 -1.22 -5.23
N LEU A 118 -14.54 -0.46 -4.45
CA LEU A 118 -15.12 0.56 -3.65
C LEU A 118 -15.26 1.79 -4.53
N VAL A 119 -16.46 2.05 -4.93
CA VAL A 119 -16.73 3.09 -5.86
C VAL A 119 -17.19 4.34 -5.16
N THR A 120 -16.52 5.40 -5.47
CA THR A 120 -16.79 6.70 -4.98
C THR A 120 -16.90 7.57 -6.22
N SER A 121 -17.66 8.63 -6.15
CA SER A 121 -17.94 9.45 -7.30
C SER A 121 -16.72 10.27 -7.70
N VAL A 122 -16.24 9.98 -8.87
CA VAL A 122 -15.10 10.62 -9.43
C VAL A 122 -15.41 10.99 -10.88
N ALA A 123 -14.86 12.08 -11.35
CA ALA A 123 -15.08 12.50 -12.70
C ALA A 123 -13.80 12.43 -13.47
N ILE A 124 -13.74 11.50 -14.38
CA ILE A 124 -12.57 11.27 -15.17
C ILE A 124 -12.98 11.32 -16.61
N LEU A 125 -13.99 10.57 -16.93
CA LEU A 125 -14.47 10.50 -18.27
C LEU A 125 -15.70 11.32 -18.42
N ASP A 126 -15.99 11.65 -19.63
CA ASP A 126 -17.19 12.37 -19.96
C ASP A 126 -18.31 11.38 -20.06
N LYS A 127 -18.93 11.19 -18.96
CA LYS A 127 -19.99 10.28 -18.83
C LYS A 127 -21.22 10.82 -19.46
N GLU A 128 -21.83 9.98 -20.19
CA GLU A 128 -23.02 10.26 -20.91
C GLU A 128 -24.26 9.90 -20.08
N PRO A 129 -24.98 10.90 -19.58
CA PRO A 129 -26.18 10.68 -18.83
C PRO A 129 -27.44 10.78 -19.71
N ARG B 1 -10.33 3.10 -15.32
CA ARG B 1 -9.57 4.35 -15.13
C ARG B 1 -8.73 4.26 -13.87
N SER B 2 -7.66 5.04 -13.83
CA SER B 2 -6.65 5.01 -12.78
C SER B 2 -7.07 5.76 -11.49
N SER B 3 -8.30 5.60 -11.08
CA SER B 3 -8.83 6.16 -9.84
C SER B 3 -10.05 5.36 -9.48
N ARG B 4 -10.44 5.41 -8.20
CA ARG B 4 -11.63 4.69 -7.70
C ARG B 4 -11.42 3.14 -7.66
N THR B 5 -12.00 2.48 -6.62
CA THR B 5 -11.90 1.03 -6.35
C THR B 5 -11.11 0.69 -5.08
N ARG B 6 -9.95 1.33 -4.89
CA ARG B 6 -9.02 1.01 -3.77
C ARG B 6 -8.45 -0.35 -4.09
N ARG B 7 -7.36 -0.34 -4.78
CA ARG B 7 -6.90 -1.52 -5.44
C ARG B 7 -5.94 -2.35 -4.64
N GLU B 8 -5.98 -3.60 -4.94
CA GLU B 8 -5.18 -4.59 -4.30
C GLU B 8 -3.90 -4.83 -5.06
N THR B 9 -2.83 -4.31 -4.53
CA THR B 9 -1.54 -4.52 -5.12
C THR B 9 -0.90 -5.71 -4.43
N GLN B 10 -0.94 -6.82 -5.09
CA GLN B 10 -0.37 -8.03 -4.57
C GLN B 10 1.10 -8.01 -4.92
N VAL B 11 1.95 -8.11 -3.93
CA VAL B 11 3.39 -8.08 -4.15
C VAL B 11 4.04 -9.17 -3.35
N GLY A 1 -14.22 23.36 16.05
CA GLY A 1 -15.04 22.38 15.37
C GLY A 1 -14.83 21.01 15.93
N ALA A 2 -15.62 20.07 15.47
CA ALA A 2 -15.50 18.70 15.93
C ALA A 2 -14.48 17.99 15.11
N MET A 3 -13.63 17.24 15.75
CA MET A 3 -12.62 16.47 15.06
C MET A 3 -13.10 15.03 14.92
N GLY A 4 -12.29 14.19 14.33
CA GLY A 4 -12.68 12.82 14.15
C GLY A 4 -12.98 12.53 12.70
N LYS A 5 -12.46 13.35 11.84
CA LYS A 5 -12.62 13.17 10.42
C LYS A 5 -11.28 12.82 9.83
N PRO A 6 -11.25 11.98 8.79
CA PRO A 6 -10.01 11.56 8.17
C PRO A 6 -9.26 12.72 7.59
N PHE A 7 -7.98 12.67 7.76
CA PHE A 7 -7.09 13.67 7.27
C PHE A 7 -6.31 13.12 6.09
N PHE A 8 -6.05 13.97 5.15
CA PHE A 8 -5.34 13.59 3.97
C PHE A 8 -4.50 14.72 3.42
N THR A 9 -3.33 14.35 2.99
CA THR A 9 -2.51 15.12 2.13
C THR A 9 -1.56 14.26 1.38
N ARG A 10 -0.82 13.48 2.10
CA ARG A 10 0.26 12.58 1.57
C ARG A 10 1.18 12.30 2.68
N ASN A 11 1.29 13.29 3.48
CA ASN A 11 2.21 13.40 4.55
C ASN A 11 2.16 12.20 5.55
N PRO A 12 3.23 11.39 5.55
CA PRO A 12 3.32 10.21 6.42
C PRO A 12 3.17 10.57 7.83
N SER A 13 3.71 11.68 8.09
CA SER A 13 3.78 12.17 9.34
C SER A 13 2.42 12.82 9.81
N GLU A 14 1.41 12.96 8.88
CA GLU A 14 0.08 13.35 9.30
C GLU A 14 -0.57 12.10 9.81
N LEU A 15 -0.23 10.98 9.13
CA LEU A 15 -0.69 9.66 9.47
C LEU A 15 -0.30 9.34 10.88
N LYS A 16 -1.23 8.82 11.59
CA LYS A 16 -1.06 8.50 12.97
C LYS A 16 -0.30 7.20 13.17
N GLY A 17 0.04 6.94 14.38
CA GLY A 17 0.83 5.81 14.73
C GLY A 17 2.30 6.16 14.77
N LYS A 18 3.06 5.54 13.91
CA LYS A 18 4.49 5.74 13.82
C LYS A 18 4.96 5.53 12.41
N PHE A 19 5.94 6.27 12.01
CA PHE A 19 6.44 6.26 10.68
C PHE A 19 7.83 5.67 10.71
N ILE A 20 7.97 4.53 10.13
CA ILE A 20 9.22 3.82 10.14
C ILE A 20 9.58 3.35 8.78
N HIS A 21 10.85 3.23 8.57
CA HIS A 21 11.34 2.75 7.34
C HIS A 21 12.20 1.53 7.57
N THR A 22 11.77 0.42 7.05
CA THR A 22 12.50 -0.81 7.16
C THR A 22 12.82 -1.38 5.78
N LYS A 23 14.00 -1.93 5.64
CA LYS A 23 14.44 -2.53 4.40
C LYS A 23 13.74 -3.86 4.19
N LEU A 24 13.23 -4.06 3.00
CA LEU A 24 12.66 -5.32 2.63
C LEU A 24 13.47 -5.88 1.53
N ARG A 25 13.89 -7.10 1.71
CA ARG A 25 14.68 -7.74 0.73
C ARG A 25 13.78 -8.42 -0.28
N LYS A 26 13.69 -7.83 -1.47
CA LYS A 26 13.01 -8.37 -2.64
C LYS A 26 13.15 -9.86 -2.73
N SER A 27 12.06 -10.53 -2.47
CA SER A 27 11.99 -11.95 -2.52
C SER A 27 10.86 -12.36 -3.49
N SER A 28 11.09 -13.42 -4.24
CA SER A 28 10.11 -14.00 -5.18
C SER A 28 9.48 -12.98 -6.19
N ARG A 29 10.32 -12.07 -6.70
CA ARG A 29 9.96 -11.06 -7.71
C ARG A 29 8.98 -10.06 -7.16
N GLY A 30 9.16 -9.76 -5.92
CA GLY A 30 8.36 -8.81 -5.25
C GLY A 30 8.70 -8.81 -3.83
N PHE A 31 7.73 -9.09 -3.02
CA PHE A 31 7.90 -9.02 -1.62
C PHE A 31 7.23 -10.21 -0.92
N GLY A 32 6.01 -10.04 -0.50
CA GLY A 32 5.29 -11.05 0.22
C GLY A 32 4.25 -10.44 1.12
N PHE A 33 3.42 -9.65 0.54
CA PHE A 33 2.30 -9.05 1.21
C PHE A 33 1.30 -8.59 0.18
N THR A 34 0.13 -8.28 0.56
CA THR A 34 -0.80 -7.75 -0.37
C THR A 34 -1.23 -6.42 0.07
N VAL A 35 -1.28 -5.53 -0.86
CA VAL A 35 -1.46 -4.20 -0.60
C VAL A 35 -2.69 -3.66 -1.32
N VAL A 36 -3.38 -2.83 -0.61
CA VAL A 36 -4.57 -2.18 -1.04
C VAL A 36 -4.38 -0.71 -1.13
N GLY A 37 -5.33 -0.06 -1.71
CA GLY A 37 -5.27 1.38 -1.83
C GLY A 37 -4.47 1.73 -3.03
N GLY A 38 -3.43 2.55 -2.84
CA GLY A 38 -2.46 2.98 -3.90
C GLY A 38 -3.06 3.07 -5.28
N ASP A 39 -4.00 3.85 -5.34
CA ASP A 39 -4.78 3.97 -6.52
C ASP A 39 -4.60 5.32 -7.09
N GLU A 40 -4.39 6.26 -6.22
CA GLU A 40 -4.32 7.62 -6.61
C GLU A 40 -3.60 8.39 -5.58
N PRO A 41 -3.28 9.64 -5.81
CA PRO A 41 -2.56 10.44 -4.82
C PRO A 41 -3.42 10.59 -3.59
N ASP A 42 -4.68 10.49 -3.85
CA ASP A 42 -5.72 10.57 -2.90
C ASP A 42 -5.76 9.34 -1.99
N GLU A 43 -5.45 8.16 -2.54
CA GLU A 43 -5.46 6.96 -1.71
C GLU A 43 -4.13 6.23 -1.80
N PHE A 44 -3.52 6.14 -0.61
CA PHE A 44 -2.19 5.56 -0.31
C PHE A 44 -2.29 4.07 -0.17
N LEU A 45 -1.15 3.44 -0.19
CA LEU A 45 -1.07 2.03 -0.22
C LEU A 45 -1.13 1.50 1.20
N GLN A 46 -1.74 0.36 1.43
CA GLN A 46 -1.87 -0.16 2.75
C GLN A 46 -1.77 -1.65 2.71
N ILE A 47 -1.26 -2.24 3.72
CA ILE A 47 -1.12 -3.71 3.76
C ILE A 47 -2.44 -4.31 4.16
N LYS A 48 -2.99 -5.20 3.35
CA LYS A 48 -4.24 -5.86 3.72
C LYS A 48 -3.96 -7.26 4.18
N SER A 49 -2.82 -7.80 3.82
CA SER A 49 -2.43 -9.11 4.29
C SER A 49 -0.92 -9.25 4.26
N LEU A 50 -0.37 -9.63 5.37
CA LEU A 50 0.99 -9.97 5.47
C LEU A 50 1.14 -11.40 5.01
N VAL A 51 1.77 -11.59 3.90
CA VAL A 51 1.95 -12.90 3.35
C VAL A 51 3.20 -13.52 3.95
N LEU A 52 3.02 -14.63 4.59
CA LEU A 52 4.12 -15.34 5.15
C LEU A 52 5.00 -15.84 4.06
N ASP A 53 6.31 -15.85 4.35
CA ASP A 53 7.38 -16.15 3.38
C ASP A 53 7.74 -14.86 2.62
N GLY A 54 7.13 -13.77 3.05
CA GLY A 54 7.43 -12.47 2.55
C GLY A 54 8.49 -11.82 3.38
N PRO A 55 9.23 -10.82 2.88
CA PRO A 55 10.37 -10.30 3.60
C PRO A 55 9.90 -9.49 4.82
N ALA A 56 8.67 -8.97 4.72
CA ALA A 56 7.98 -8.31 5.80
C ALA A 56 7.76 -9.30 6.94
N ALA A 57 7.29 -10.49 6.56
CA ALA A 57 6.99 -11.58 7.48
C ALA A 57 8.24 -12.10 8.12
N LEU A 58 9.20 -12.26 7.29
CA LEU A 58 10.44 -12.83 7.63
C LEU A 58 11.30 -11.98 8.50
N ASP A 59 11.35 -10.69 8.20
CA ASP A 59 12.09 -9.76 9.03
C ASP A 59 11.30 -9.59 10.33
N GLY A 60 10.00 -9.82 10.20
CA GLY A 60 9.12 -9.89 11.34
C GLY A 60 8.51 -8.59 11.84
N LYS A 61 8.80 -7.44 11.25
CA LYS A 61 8.22 -6.23 11.84
C LYS A 61 6.91 -5.80 11.20
N MET A 62 6.86 -5.72 9.89
CA MET A 62 5.68 -5.21 9.16
C MET A 62 4.49 -6.12 9.38
N GLU A 63 3.34 -5.53 9.56
CA GLU A 63 2.14 -6.29 9.79
C GLU A 63 1.02 -5.83 8.88
N THR A 64 -0.01 -6.62 8.81
CA THR A 64 -1.19 -6.27 8.09
C THR A 64 -1.79 -4.99 8.70
N GLY A 65 -2.05 -4.02 7.86
CA GLY A 65 -2.59 -2.78 8.33
C GLY A 65 -1.67 -1.63 8.03
N ASP A 66 -0.37 -1.89 8.08
CA ASP A 66 0.67 -0.88 7.87
C ASP A 66 0.45 -0.15 6.55
N VAL A 67 0.44 1.14 6.59
CA VAL A 67 0.21 1.90 5.38
C VAL A 67 1.52 2.29 4.69
N ILE A 68 1.67 1.76 3.50
CA ILE A 68 2.81 1.99 2.66
C ILE A 68 2.77 3.41 2.09
N VAL A 69 3.77 4.15 2.52
CA VAL A 69 3.94 5.54 2.24
C VAL A 69 4.93 5.73 1.10
N SER A 70 6.12 5.21 1.23
CA SER A 70 7.16 5.42 0.23
C SER A 70 8.21 4.33 0.30
N VAL A 71 9.12 4.36 -0.62
CA VAL A 71 10.21 3.43 -0.65
C VAL A 71 11.43 4.23 -1.05
N ASN A 72 12.63 3.71 -0.76
CA ASN A 72 13.93 4.35 -1.11
C ASN A 72 13.87 5.22 -2.38
N ASP A 73 13.97 6.53 -2.15
CA ASP A 73 13.93 7.59 -3.20
C ASP A 73 12.55 7.76 -3.87
N THR A 74 11.86 6.68 -4.07
CA THR A 74 10.64 6.68 -4.84
C THR A 74 9.44 7.10 -3.99
N CYS A 75 8.76 8.11 -4.48
CA CYS A 75 7.62 8.64 -3.82
C CYS A 75 6.40 7.82 -4.20
N VAL A 76 6.27 6.67 -3.58
CA VAL A 76 5.15 5.74 -3.79
C VAL A 76 3.91 6.27 -3.03
N LEU A 77 4.07 7.42 -2.45
CA LEU A 77 3.03 8.09 -1.74
C LEU A 77 1.95 8.47 -2.71
N GLY A 78 0.83 7.82 -2.56
CA GLY A 78 -0.26 8.00 -3.46
C GLY A 78 0.11 7.59 -4.86
N HIS A 79 0.87 6.51 -4.97
CA HIS A 79 1.26 6.01 -6.25
C HIS A 79 0.07 5.34 -6.84
N THR A 80 -0.11 5.55 -8.10
CA THR A 80 -1.22 5.02 -8.80
C THR A 80 -1.04 3.53 -9.00
N HIS A 81 -2.12 2.75 -9.00
CA HIS A 81 -2.06 1.28 -9.17
C HIS A 81 -1.13 0.89 -10.30
N ALA A 82 -1.28 1.51 -11.43
CA ALA A 82 -0.48 1.17 -12.61
C ALA A 82 1.00 1.38 -12.34
N GLN A 83 1.30 2.42 -11.60
CA GLN A 83 2.68 2.75 -11.33
C GLN A 83 3.26 1.79 -10.30
N VAL A 84 2.55 1.69 -9.18
CA VAL A 84 2.98 0.86 -8.08
C VAL A 84 3.12 -0.61 -8.47
N VAL A 85 2.15 -1.15 -9.20
CA VAL A 85 2.21 -2.56 -9.55
C VAL A 85 3.33 -2.82 -10.54
N LYS A 86 3.56 -1.89 -11.44
CA LYS A 86 4.60 -2.03 -12.42
C LYS A 86 5.99 -2.17 -11.76
N ILE A 87 6.26 -1.35 -10.76
CA ILE A 87 7.58 -1.32 -10.15
C ILE A 87 7.78 -2.59 -9.35
N PHE A 88 6.80 -2.82 -8.54
CA PHE A 88 6.79 -3.87 -7.60
C PHE A 88 6.75 -5.28 -8.25
N GLN A 89 6.08 -5.40 -9.40
CA GLN A 89 6.04 -6.69 -10.09
C GLN A 89 7.25 -6.88 -10.99
N SER A 90 7.93 -5.80 -11.33
CA SER A 90 9.12 -5.90 -12.15
C SER A 90 10.35 -6.20 -11.29
N ILE A 91 10.16 -6.11 -9.98
CA ILE A 91 11.14 -6.46 -9.00
C ILE A 91 11.81 -7.85 -9.21
N PRO A 92 13.14 -7.92 -9.01
CA PRO A 92 13.91 -9.17 -9.08
C PRO A 92 14.22 -9.70 -7.66
N ILE A 93 14.32 -10.98 -7.56
CA ILE A 93 14.64 -11.62 -6.29
C ILE A 93 16.10 -11.32 -5.90
N GLY A 94 16.35 -11.13 -4.62
CA GLY A 94 17.68 -10.89 -4.15
C GLY A 94 17.96 -9.43 -4.04
N ALA A 95 16.94 -8.64 -4.14
CA ALA A 95 17.13 -7.20 -4.20
C ALA A 95 16.71 -6.52 -2.89
N SER A 96 16.71 -5.19 -2.84
CA SER A 96 16.53 -4.47 -1.57
C SER A 96 15.83 -3.11 -1.75
N VAL A 97 15.13 -2.67 -0.70
CA VAL A 97 14.51 -1.34 -0.61
C VAL A 97 14.28 -0.94 0.79
N ASP A 98 14.25 0.35 1.01
CA ASP A 98 13.91 0.94 2.27
C ASP A 98 12.45 1.25 2.19
N LEU A 99 11.65 0.53 2.86
CA LEU A 99 10.25 0.70 2.76
C LEU A 99 9.76 1.59 3.90
N GLU A 100 9.24 2.72 3.54
CA GLU A 100 8.76 3.72 4.48
C GLU A 100 7.26 3.54 4.66
N LEU A 101 6.85 3.16 5.83
CA LEU A 101 5.46 2.89 6.08
C LEU A 101 5.05 3.37 7.46
N CYS A 102 3.79 3.59 7.63
CA CYS A 102 3.31 4.09 8.87
C CYS A 102 2.47 3.00 9.55
N ARG A 103 2.87 2.66 10.74
CA ARG A 103 2.22 1.68 11.54
C ARG A 103 1.21 2.43 12.39
N GLY A 104 0.07 1.85 12.62
CA GLY A 104 -0.95 2.52 13.39
C GLY A 104 -2.31 2.16 12.87
N TYR A 105 -2.40 2.01 11.59
CA TYR A 105 -3.65 1.64 10.96
C TYR A 105 -3.76 0.13 10.89
N PRO A 106 -4.86 -0.44 11.33
CA PRO A 106 -5.13 -1.86 11.22
C PRO A 106 -6.16 -2.13 10.09
N LEU A 107 -6.68 -3.34 10.08
CA LEU A 107 -7.76 -3.70 9.17
C LEU A 107 -9.01 -4.04 10.00
N PRO A 108 -9.77 -3.01 10.48
CA PRO A 108 -10.99 -3.22 11.27
C PRO A 108 -12.21 -3.36 10.36
N PHE A 109 -11.92 -3.38 9.10
CA PHE A 109 -12.85 -3.55 8.03
C PHE A 109 -12.16 -4.47 7.07
N ASP A 110 -12.83 -4.94 6.07
CA ASP A 110 -12.19 -5.85 5.14
C ASP A 110 -12.36 -5.34 3.76
N PRO A 111 -11.37 -5.57 2.90
CA PRO A 111 -11.39 -5.14 1.52
C PRO A 111 -11.97 -6.30 0.70
N ASP A 112 -12.32 -7.32 1.44
CA ASP A 112 -12.92 -8.51 0.98
C ASP A 112 -14.41 -8.28 0.93
N ASP A 113 -14.82 -7.43 1.84
CA ASP A 113 -16.17 -7.04 2.05
C ASP A 113 -16.45 -5.84 1.14
N PRO A 114 -17.66 -5.75 0.58
CA PRO A 114 -18.07 -4.65 -0.30
C PRO A 114 -17.99 -3.26 0.31
N ASN A 115 -18.67 -2.35 -0.37
CA ASN A 115 -18.71 -0.95 -0.09
C ASN A 115 -17.40 -0.35 -0.46
N THR A 116 -16.85 -0.92 -1.48
CA THR A 116 -15.60 -0.60 -2.06
C THR A 116 -15.53 -1.42 -3.35
N SER A 117 -15.12 -0.82 -4.41
CA SER A 117 -15.04 -1.49 -5.64
C SER A 117 -13.58 -1.85 -5.98
N LEU A 118 -13.32 -3.13 -6.05
CA LEU A 118 -12.05 -3.65 -6.45
C LEU A 118 -12.05 -3.92 -7.94
N VAL A 119 -11.23 -3.21 -8.64
CA VAL A 119 -11.11 -3.38 -10.07
C VAL A 119 -9.69 -3.76 -10.41
N THR A 120 -9.53 -4.88 -11.06
CA THR A 120 -8.23 -5.39 -11.47
C THR A 120 -7.70 -4.50 -12.62
N SER A 121 -6.39 -4.42 -12.74
CA SER A 121 -5.81 -3.64 -13.78
C SER A 121 -5.73 -4.48 -15.02
N VAL A 122 -6.56 -4.14 -15.95
CA VAL A 122 -6.64 -4.78 -17.22
C VAL A 122 -6.53 -3.70 -18.28
N ALA A 123 -5.57 -3.81 -19.15
CA ALA A 123 -5.34 -2.78 -20.11
C ALA A 123 -5.57 -3.23 -21.54
N ILE A 124 -6.82 -3.35 -21.90
CA ILE A 124 -7.17 -3.60 -23.29
C ILE A 124 -7.27 -2.23 -23.92
N LEU A 125 -7.75 -1.31 -23.11
CA LEU A 125 -7.82 0.09 -23.42
C LEU A 125 -6.57 0.77 -22.89
N ASP A 126 -6.48 2.04 -23.15
CA ASP A 126 -5.28 2.83 -22.86
C ASP A 126 -5.14 3.24 -21.39
N LYS A 127 -4.83 2.26 -20.61
CA LYS A 127 -4.41 2.41 -19.25
C LYS A 127 -3.28 1.43 -18.98
N GLU A 128 -2.33 1.46 -19.88
CA GLU A 128 -1.21 0.56 -19.88
C GLU A 128 -0.09 1.11 -18.95
N PRO A 129 0.26 0.38 -17.88
CA PRO A 129 1.33 0.78 -16.94
C PRO A 129 2.69 0.98 -17.63
N ARG B 1 -13.50 4.81 3.38
CA ARG B 1 -14.88 4.91 2.91
C ARG B 1 -15.04 4.06 1.67
N SER B 2 -16.11 4.26 0.91
CA SER B 2 -16.32 3.51 -0.30
C SER B 2 -15.42 4.01 -1.43
N SER B 3 -14.27 3.38 -1.56
CA SER B 3 -13.38 3.67 -2.65
C SER B 3 -13.91 2.97 -3.89
N ARG B 4 -14.20 3.72 -4.94
CA ARG B 4 -14.69 3.15 -6.18
C ARG B 4 -13.61 2.36 -6.90
N THR B 5 -12.39 2.56 -6.47
CA THR B 5 -11.27 1.75 -6.85
C THR B 5 -10.27 1.72 -5.74
N ARG B 6 -10.34 0.68 -4.98
CA ARG B 6 -9.33 0.40 -4.05
C ARG B 6 -8.55 -0.70 -4.66
N ARG B 7 -7.35 -0.41 -4.96
CA ARG B 7 -6.52 -1.28 -5.70
C ARG B 7 -6.04 -2.49 -4.91
N GLU B 8 -5.81 -3.56 -5.66
CA GLU B 8 -5.24 -4.80 -5.21
C GLU B 8 -3.86 -4.96 -5.90
N THR B 9 -2.85 -5.25 -5.15
CA THR B 9 -1.54 -5.54 -5.69
C THR B 9 -0.88 -6.56 -4.79
N GLN B 10 -0.60 -7.70 -5.35
CA GLN B 10 0.02 -8.74 -4.62
C GLN B 10 1.50 -8.62 -4.77
N VAL B 11 2.12 -8.24 -3.73
CA VAL B 11 3.51 -8.03 -3.71
C VAL B 11 4.10 -8.77 -2.56
N GLY A 1 -15.30 24.86 13.23
CA GLY A 1 -14.35 24.87 12.14
C GLY A 1 -14.49 23.62 11.35
N ALA A 2 -13.79 23.53 10.27
CA ALA A 2 -13.85 22.37 9.44
C ALA A 2 -12.90 21.30 9.96
N MET A 3 -13.44 20.34 10.66
CA MET A 3 -12.67 19.26 11.23
C MET A 3 -13.29 17.93 10.85
N GLY A 4 -12.48 16.90 10.80
CA GLY A 4 -12.99 15.58 10.48
C GLY A 4 -12.96 15.28 9.00
N LYS A 5 -12.14 15.99 8.26
CA LYS A 5 -12.02 15.77 6.83
C LYS A 5 -10.88 14.82 6.53
N PRO A 6 -10.96 14.06 5.43
CA PRO A 6 -9.89 13.18 5.02
C PRO A 6 -8.69 14.00 4.61
N PHE A 7 -7.60 13.65 5.18
CA PHE A 7 -6.39 14.36 5.03
C PHE A 7 -5.46 13.67 4.05
N PHE A 8 -4.95 14.45 3.16
CA PHE A 8 -4.01 14.03 2.17
C PHE A 8 -3.10 15.18 1.84
N THR A 9 -1.83 14.93 1.84
CA THR A 9 -0.86 15.83 1.32
C THR A 9 0.50 15.12 1.24
N ARG A 10 0.44 13.78 0.93
CA ARG A 10 1.62 12.84 0.72
C ARG A 10 2.61 12.84 1.88
N ASN A 11 2.17 13.34 2.94
CA ASN A 11 2.93 13.41 4.17
C ASN A 11 2.76 12.16 5.05
N PRO A 12 3.82 11.32 5.19
CA PRO A 12 3.78 10.23 6.15
C PRO A 12 3.55 10.76 7.50
N SER A 13 4.06 11.93 7.66
CA SER A 13 4.04 12.59 8.85
C SER A 13 2.60 13.12 9.20
N GLU A 14 1.70 13.23 8.19
CA GLU A 14 0.33 13.67 8.48
C GLU A 14 -0.42 12.46 8.99
N LEU A 15 -0.01 11.31 8.48
CA LEU A 15 -0.51 10.04 8.92
C LEU A 15 -0.15 9.85 10.37
N LYS A 16 -1.08 9.37 11.11
CA LYS A 16 -0.94 9.23 12.55
C LYS A 16 -0.41 7.86 12.93
N GLY A 17 -0.13 7.71 14.20
CA GLY A 17 0.30 6.47 14.70
C GLY A 17 1.79 6.44 14.87
N LYS A 18 2.42 5.60 14.13
CA LYS A 18 3.85 5.45 14.17
C LYS A 18 4.40 5.33 12.78
N PHE A 19 5.59 5.79 12.61
CA PHE A 19 6.23 5.89 11.36
C PHE A 19 7.49 5.08 11.45
N ILE A 20 7.57 4.05 10.67
CA ILE A 20 8.66 3.14 10.70
C ILE A 20 9.11 2.81 9.34
N HIS A 21 10.33 2.48 9.21
CA HIS A 21 10.88 2.16 7.96
C HIS A 21 11.62 0.82 8.05
N THR A 22 11.24 -0.11 7.23
CA THR A 22 11.89 -1.39 7.21
C THR A 22 12.35 -1.79 5.78
N LYS A 23 13.57 -2.24 5.67
CA LYS A 23 14.13 -2.70 4.41
C LYS A 23 13.68 -4.12 4.16
N LEU A 24 13.14 -4.35 3.01
CA LEU A 24 12.73 -5.65 2.62
C LEU A 24 13.62 -6.12 1.54
N ARG A 25 14.16 -7.26 1.73
CA ARG A 25 15.05 -7.81 0.79
C ARG A 25 14.24 -8.56 -0.24
N LYS A 26 14.18 -7.99 -1.42
CA LYS A 26 13.56 -8.54 -2.58
C LYS A 26 13.83 -9.97 -2.73
N SER A 27 12.79 -10.71 -2.50
CA SER A 27 12.81 -12.11 -2.54
C SER A 27 12.51 -12.53 -4.01
N SER A 28 11.78 -13.59 -4.23
CA SER A 28 11.53 -14.07 -5.57
C SER A 28 10.64 -13.11 -6.42
N ARG A 29 11.31 -12.11 -7.01
CA ARG A 29 10.75 -11.09 -7.92
C ARG A 29 9.71 -10.22 -7.25
N GLY A 30 9.80 -10.10 -5.95
CA GLY A 30 8.84 -9.30 -5.28
C GLY A 30 8.98 -9.31 -3.80
N PHE A 31 7.87 -9.54 -3.16
CA PHE A 31 7.79 -9.41 -1.76
C PHE A 31 7.08 -10.58 -1.08
N GLY A 32 5.79 -10.47 -0.90
CA GLY A 32 5.07 -11.42 -0.08
C GLY A 32 4.18 -10.70 0.94
N PHE A 33 3.35 -9.81 0.44
CA PHE A 33 2.35 -9.13 1.21
C PHE A 33 1.34 -8.55 0.25
N THR A 34 0.11 -8.50 0.60
CA THR A 34 -0.84 -7.91 -0.28
C THR A 34 -1.28 -6.60 0.24
N VAL A 35 -1.34 -5.69 -0.65
CA VAL A 35 -1.56 -4.35 -0.35
C VAL A 35 -2.78 -3.81 -1.10
N VAL A 36 -3.53 -3.00 -0.42
CA VAL A 36 -4.74 -2.41 -0.91
C VAL A 36 -4.68 -0.93 -0.82
N GLY A 37 -5.05 -0.29 -1.84
CA GLY A 37 -5.08 1.12 -1.85
C GLY A 37 -4.32 1.62 -2.98
N GLY A 38 -3.58 2.70 -2.72
CA GLY A 38 -2.71 3.39 -3.67
C GLY A 38 -3.31 3.47 -4.99
N ASP A 39 -4.44 4.00 -5.03
CA ASP A 39 -5.13 4.05 -6.24
C ASP A 39 -4.82 5.33 -6.91
N GLU A 40 -4.58 6.35 -6.11
CA GLU A 40 -4.44 7.65 -6.67
C GLU A 40 -3.69 8.53 -5.73
N PRO A 41 -3.26 9.70 -6.20
CA PRO A 41 -2.55 10.68 -5.41
C PRO A 41 -3.54 11.40 -4.56
N ASP A 42 -4.09 10.61 -3.71
CA ASP A 42 -5.18 10.92 -2.85
C ASP A 42 -5.41 9.72 -1.94
N GLU A 43 -5.44 8.54 -2.54
CA GLU A 43 -5.67 7.32 -1.81
C GLU A 43 -4.36 6.55 -1.72
N PHE A 44 -3.94 6.33 -0.45
CA PHE A 44 -2.64 5.74 0.00
C PHE A 44 -2.68 4.20 -0.01
N LEU A 45 -1.49 3.55 0.05
CA LEU A 45 -1.46 2.10 0.06
C LEU A 45 -1.52 1.57 1.47
N GLN A 46 -2.11 0.42 1.66
CA GLN A 46 -2.28 -0.17 2.97
C GLN A 46 -2.04 -1.68 2.85
N ILE A 47 -1.66 -2.32 3.90
CA ILE A 47 -1.38 -3.77 3.86
C ILE A 47 -2.56 -4.56 4.41
N LYS A 48 -3.08 -5.49 3.60
CA LYS A 48 -4.26 -6.27 3.99
C LYS A 48 -3.89 -7.67 4.41
N SER A 49 -2.77 -8.16 3.96
CA SER A 49 -2.31 -9.44 4.39
C SER A 49 -0.81 -9.49 4.33
N LEU A 50 -0.22 -9.86 5.40
CA LEU A 50 1.16 -10.07 5.49
C LEU A 50 1.36 -11.54 5.09
N VAL A 51 1.90 -11.76 3.92
CA VAL A 51 2.01 -13.09 3.37
C VAL A 51 3.28 -13.77 3.89
N LEU A 52 3.12 -15.01 4.30
CA LEU A 52 4.20 -15.78 4.84
C LEU A 52 5.22 -16.07 3.77
N ASP A 53 6.49 -16.01 4.17
CA ASP A 53 7.67 -16.18 3.30
C ASP A 53 7.99 -14.90 2.53
N GLY A 54 7.23 -13.86 2.85
CA GLY A 54 7.50 -12.54 2.33
C GLY A 54 8.58 -11.90 3.14
N PRO A 55 9.30 -10.87 2.64
CA PRO A 55 10.45 -10.37 3.35
C PRO A 55 9.99 -9.62 4.61
N ALA A 56 8.76 -9.11 4.54
CA ALA A 56 8.09 -8.46 5.65
C ALA A 56 7.86 -9.47 6.76
N ALA A 57 7.43 -10.66 6.38
CA ALA A 57 7.16 -11.76 7.30
C ALA A 57 8.42 -12.19 7.96
N LEU A 58 9.38 -12.34 7.16
CA LEU A 58 10.63 -12.88 7.48
C LEU A 58 11.51 -12.01 8.29
N ASP A 59 11.61 -10.75 7.91
CA ASP A 59 12.42 -9.81 8.67
C ASP A 59 11.63 -9.43 9.89
N GLY A 60 10.34 -9.58 9.78
CA GLY A 60 9.45 -9.17 10.82
C GLY A 60 9.18 -7.69 10.73
N LYS A 61 8.81 -7.07 11.84
CA LYS A 61 8.58 -5.64 11.97
C LYS A 61 7.31 -5.16 11.23
N MET A 62 7.25 -5.37 9.94
CA MET A 62 6.11 -4.98 9.10
C MET A 62 4.96 -5.96 9.31
N GLU A 63 3.73 -5.46 9.40
CA GLU A 63 2.56 -6.27 9.84
C GLU A 63 1.29 -5.70 9.24
N THR A 64 0.36 -6.59 8.87
CA THR A 64 -0.91 -6.25 8.27
C THR A 64 -1.58 -5.09 9.02
N GLY A 65 -1.74 -3.98 8.34
CA GLY A 65 -2.21 -2.79 8.99
C GLY A 65 -1.27 -1.63 8.71
N ASP A 66 -0.10 -1.96 8.15
CA ASP A 66 0.86 -0.93 7.72
C ASP A 66 0.24 -0.14 6.62
N VAL A 67 0.51 1.10 6.54
CA VAL A 67 0.13 1.80 5.36
C VAL A 67 1.41 2.08 4.58
N ILE A 68 1.37 1.80 3.32
CA ILE A 68 2.49 1.99 2.49
C ILE A 68 2.62 3.41 1.99
N VAL A 69 3.79 3.97 2.40
CA VAL A 69 4.24 5.33 2.18
C VAL A 69 5.40 5.41 1.17
N SER A 70 6.45 4.62 1.36
CA SER A 70 7.61 4.76 0.47
C SER A 70 8.28 3.45 0.20
N VAL A 71 9.01 3.43 -0.90
CA VAL A 71 9.81 2.32 -1.31
C VAL A 71 11.19 2.87 -1.76
N ASN A 72 12.05 2.99 -0.76
CA ASN A 72 13.39 3.65 -0.80
C ASN A 72 13.37 5.08 -1.30
N ASP A 73 13.53 5.24 -2.55
CA ASP A 73 13.57 6.55 -3.17
C ASP A 73 12.19 6.98 -3.56
N THR A 74 11.42 6.03 -4.01
CA THR A 74 10.15 6.28 -4.57
C THR A 74 9.10 6.54 -3.50
N CYS A 75 8.42 7.63 -3.67
CA CYS A 75 7.34 8.01 -2.84
C CYS A 75 6.12 7.36 -3.41
N VAL A 76 5.78 6.25 -2.85
CA VAL A 76 4.68 5.49 -3.33
C VAL A 76 3.39 5.92 -2.60
N LEU A 77 3.53 6.86 -1.68
CA LEU A 77 2.38 7.40 -1.02
C LEU A 77 1.61 8.23 -2.02
N GLY A 78 0.44 7.75 -2.37
CA GLY A 78 -0.34 8.40 -3.36
C GLY A 78 0.09 8.02 -4.76
N HIS A 79 0.64 6.84 -4.90
CA HIS A 79 1.02 6.35 -6.18
C HIS A 79 -0.22 5.78 -6.83
N THR A 80 -0.30 5.83 -8.12
CA THR A 80 -1.43 5.27 -8.80
C THR A 80 -1.29 3.74 -8.82
N HIS A 81 -2.39 3.00 -8.67
CA HIS A 81 -2.35 1.52 -8.62
C HIS A 81 -1.51 0.90 -9.74
N ALA A 82 -1.75 1.34 -10.95
CA ALA A 82 -1.06 0.84 -12.12
C ALA A 82 0.43 1.17 -12.06
N GLN A 83 0.75 2.27 -11.41
CA GLN A 83 2.11 2.70 -11.29
C GLN A 83 2.84 1.93 -10.19
N VAL A 84 2.20 1.80 -9.05
CA VAL A 84 2.77 1.06 -7.94
C VAL A 84 2.99 -0.40 -8.32
N VAL A 85 2.00 -1.00 -8.99
CA VAL A 85 2.12 -2.40 -9.43
C VAL A 85 3.25 -2.54 -10.43
N LYS A 86 3.43 -1.53 -11.28
CA LYS A 86 4.50 -1.50 -12.25
C LYS A 86 5.87 -1.66 -11.55
N ILE A 87 6.10 -0.91 -10.47
CA ILE A 87 7.40 -0.92 -9.81
C ILE A 87 7.57 -2.22 -9.06
N PHE A 88 6.56 -2.52 -8.30
CA PHE A 88 6.53 -3.64 -7.43
C PHE A 88 6.62 -4.98 -8.16
N GLN A 89 6.02 -5.07 -9.32
CA GLN A 89 6.10 -6.29 -10.10
C GLN A 89 7.36 -6.34 -10.95
N SER A 90 7.97 -5.18 -11.20
CA SER A 90 9.19 -5.13 -11.97
C SER A 90 10.40 -5.48 -11.08
N ILE A 91 10.16 -5.50 -9.78
CA ILE A 91 11.14 -5.88 -8.79
C ILE A 91 11.89 -7.22 -9.11
N PRO A 92 13.23 -7.22 -8.95
CA PRO A 92 14.09 -8.39 -9.19
C PRO A 92 14.47 -9.10 -7.87
N ILE A 93 14.84 -10.36 -7.99
CA ILE A 93 15.28 -11.20 -6.88
C ILE A 93 16.65 -10.72 -6.36
N GLY A 94 16.87 -10.77 -5.05
CA GLY A 94 18.19 -10.44 -4.53
C GLY A 94 18.36 -8.96 -4.32
N ALA A 95 17.28 -8.25 -4.36
CA ALA A 95 17.38 -6.77 -4.33
C ALA A 95 16.87 -6.19 -2.99
N SER A 96 16.71 -4.90 -2.92
CA SER A 96 16.39 -4.23 -1.67
C SER A 96 15.58 -2.98 -1.88
N VAL A 97 14.73 -2.66 -0.90
CA VAL A 97 13.98 -1.41 -0.79
C VAL A 97 13.62 -1.14 0.64
N ASP A 98 13.62 0.11 0.98
CA ASP A 98 13.26 0.58 2.29
C ASP A 98 11.81 0.98 2.28
N LEU A 99 10.99 0.21 2.90
CA LEU A 99 9.58 0.49 2.93
C LEU A 99 9.25 1.30 4.13
N GLU A 100 8.71 2.45 3.90
CA GLU A 100 8.27 3.29 4.96
C GLU A 100 6.79 3.05 5.17
N LEU A 101 6.44 2.67 6.37
CA LEU A 101 5.08 2.38 6.72
C LEU A 101 4.61 3.34 7.77
N CYS A 102 3.35 3.60 7.79
CA CYS A 102 2.77 4.29 8.88
C CYS A 102 1.78 3.35 9.51
N ARG A 103 2.09 2.93 10.69
CA ARG A 103 1.30 1.97 11.38
C ARG A 103 0.44 2.71 12.41
N GLY A 104 -0.64 2.11 12.83
CA GLY A 104 -1.55 2.77 13.74
C GLY A 104 -2.92 2.70 13.18
N TYR A 105 -2.96 2.40 11.91
CA TYR A 105 -4.18 2.22 11.19
C TYR A 105 -4.51 0.75 11.19
N PRO A 106 -5.69 0.39 11.63
CA PRO A 106 -6.14 -0.98 11.56
C PRO A 106 -6.75 -1.26 10.19
N LEU A 107 -7.34 -2.41 10.05
CA LEU A 107 -8.06 -2.77 8.87
C LEU A 107 -9.55 -2.74 9.21
N PRO A 108 -10.20 -1.54 9.17
CA PRO A 108 -11.60 -1.40 9.56
C PRO A 108 -12.49 -2.12 8.59
N PHE A 109 -12.31 -1.81 7.34
CA PHE A 109 -13.03 -2.44 6.29
C PHE A 109 -12.07 -3.39 5.64
N ASP A 110 -12.38 -4.65 5.63
CA ASP A 110 -11.50 -5.62 5.02
C ASP A 110 -11.68 -5.58 3.56
N PRO A 111 -10.63 -5.86 2.82
CA PRO A 111 -10.66 -5.87 1.38
C PRO A 111 -10.92 -7.28 0.94
N ASP A 112 -11.26 -8.08 1.95
CA ASP A 112 -11.64 -9.43 1.83
C ASP A 112 -13.08 -9.42 1.38
N ASP A 113 -13.76 -8.37 1.87
CA ASP A 113 -15.12 -8.04 1.52
C ASP A 113 -15.11 -7.59 0.07
N PRO A 114 -16.15 -7.95 -0.71
CA PRO A 114 -16.25 -7.65 -2.15
C PRO A 114 -16.02 -6.21 -2.61
N ASN A 115 -16.11 -6.05 -3.92
CA ASN A 115 -16.04 -4.81 -4.65
C ASN A 115 -14.63 -4.30 -4.90
N THR A 116 -13.75 -4.47 -3.92
CA THR A 116 -12.36 -4.00 -3.95
C THR A 116 -12.30 -2.48 -3.90
N SER A 117 -12.63 -1.91 -4.98
CA SER A 117 -12.75 -0.52 -5.18
C SER A 117 -14.03 -0.04 -4.51
N LEU A 118 -13.92 0.56 -3.37
CA LEU A 118 -15.10 0.91 -2.63
C LEU A 118 -15.48 2.34 -2.84
N VAL A 119 -16.48 2.52 -3.64
CA VAL A 119 -16.99 3.82 -3.93
C VAL A 119 -18.28 4.01 -3.17
N THR A 120 -18.24 4.89 -2.22
CA THR A 120 -19.40 5.17 -1.43
C THR A 120 -20.14 6.32 -2.09
N SER A 121 -21.41 6.36 -1.93
CA SER A 121 -22.17 7.42 -2.44
C SER A 121 -22.33 8.46 -1.35
N VAL A 122 -21.91 9.65 -1.63
CA VAL A 122 -22.00 10.71 -0.68
C VAL A 122 -23.28 11.44 -0.93
N ALA A 123 -24.24 11.14 -0.12
CA ALA A 123 -25.53 11.73 -0.22
C ALA A 123 -25.97 12.16 1.14
N ILE A 124 -25.50 13.29 1.57
CA ILE A 124 -25.92 13.87 2.82
C ILE A 124 -26.90 14.99 2.50
N LEU A 125 -26.85 15.40 1.27
CA LEU A 125 -27.64 16.50 0.76
C LEU A 125 -28.46 16.01 -0.40
N ASP A 126 -29.63 16.66 -0.61
CA ASP A 126 -30.53 16.42 -1.77
C ASP A 126 -31.28 15.08 -1.66
N LYS A 127 -31.03 14.43 -0.59
CA LYS A 127 -31.53 13.13 -0.30
C LYS A 127 -32.95 13.19 0.26
N GLU A 128 -33.90 13.32 -0.60
CA GLU A 128 -35.29 13.38 -0.23
C GLU A 128 -35.94 12.01 -0.40
N PRO A 129 -36.43 11.43 0.71
CA PRO A 129 -37.12 10.17 0.67
C PRO A 129 -38.65 10.37 0.50
N ARG B 1 -9.96 7.53 6.56
CA ARG B 1 -10.11 6.16 7.09
C ARG B 1 -10.85 5.27 6.13
N SER B 2 -11.92 5.77 5.57
CA SER B 2 -12.70 5.03 4.64
C SER B 2 -12.13 5.26 3.24
N SER B 3 -11.50 4.25 2.69
CA SER B 3 -10.97 4.31 1.35
C SER B 3 -12.09 4.63 0.37
N ARG B 4 -11.86 5.62 -0.46
CA ARG B 4 -12.85 6.05 -1.40
C ARG B 4 -12.77 5.22 -2.65
N THR B 5 -11.69 4.50 -2.74
CA THR B 5 -11.44 3.45 -3.70
C THR B 5 -10.16 2.79 -3.16
N ARG B 6 -9.76 1.66 -3.69
CA ARG B 6 -8.53 0.98 -3.30
C ARG B 6 -8.44 -0.26 -4.13
N ARG B 7 -7.26 -0.61 -4.56
CA ARG B 7 -7.09 -1.84 -5.29
C ARG B 7 -5.95 -2.63 -4.75
N GLU B 8 -5.93 -3.90 -5.07
CA GLU B 8 -4.99 -4.80 -4.46
C GLU B 8 -3.82 -5.15 -5.36
N THR B 9 -2.68 -4.70 -4.98
CA THR B 9 -1.46 -5.06 -5.61
C THR B 9 -0.95 -6.27 -4.81
N GLN B 10 -0.71 -7.37 -5.47
CA GLN B 10 -0.29 -8.56 -4.78
C GLN B 10 1.17 -8.81 -5.03
N VAL B 11 1.96 -8.48 -4.06
CA VAL B 11 3.38 -8.50 -4.24
C VAL B 11 4.00 -9.57 -3.36
N GLY A 1 -24.66 14.06 7.09
CA GLY A 1 -23.48 13.79 6.30
C GLY A 1 -22.53 12.88 7.04
N ALA A 2 -21.89 12.01 6.31
CA ALA A 2 -20.98 11.08 6.89
C ALA A 2 -19.56 11.51 6.62
N MET A 3 -18.66 11.18 7.50
CA MET A 3 -17.28 11.54 7.38
C MET A 3 -16.37 10.38 7.66
N GLY A 4 -16.18 9.58 6.65
CA GLY A 4 -15.22 8.51 6.68
C GLY A 4 -14.23 8.74 5.58
N LYS A 5 -14.11 10.01 5.22
CA LYS A 5 -13.26 10.44 4.13
C LYS A 5 -11.81 10.45 4.57
N PRO A 6 -10.91 10.07 3.67
CA PRO A 6 -9.49 10.00 3.95
C PRO A 6 -8.83 11.37 4.02
N PHE A 7 -7.71 11.38 4.65
CA PHE A 7 -6.88 12.52 4.78
C PHE A 7 -5.69 12.34 3.86
N PHE A 8 -5.35 13.38 3.15
CA PHE A 8 -4.25 13.34 2.22
C PHE A 8 -3.56 14.68 2.14
N THR A 9 -2.25 14.63 2.17
CA THR A 9 -1.43 15.77 1.87
C THR A 9 0.05 15.38 1.72
N ARG A 10 0.28 14.18 1.17
CA ARG A 10 1.64 13.72 0.82
C ARG A 10 2.52 13.63 2.10
N ASN A 11 1.89 13.36 3.16
CA ASN A 11 2.55 13.28 4.46
C ASN A 11 2.44 11.92 5.16
N PRO A 12 3.57 11.16 5.24
CA PRO A 12 3.61 9.95 6.08
C PRO A 12 3.24 10.28 7.48
N SER A 13 3.56 11.49 7.82
CA SER A 13 3.39 11.95 9.10
C SER A 13 1.89 12.25 9.41
N GLU A 14 1.05 12.50 8.36
CA GLU A 14 -0.38 12.72 8.58
C GLU A 14 -0.98 11.37 8.90
N LEU A 15 -0.40 10.36 8.27
CA LEU A 15 -0.75 8.99 8.50
C LEU A 15 -0.46 8.60 9.93
N LYS A 16 -1.43 7.95 10.49
CA LYS A 16 -1.49 7.62 11.90
C LYS A 16 -0.65 6.40 12.27
N GLY A 17 -0.62 6.13 13.57
CA GLY A 17 0.16 5.05 14.09
C GLY A 17 1.58 5.47 14.38
N LYS A 18 2.49 4.70 13.93
CA LYS A 18 3.91 4.93 14.09
C LYS A 18 4.57 4.94 12.73
N PHE A 19 5.52 5.79 12.57
CA PHE A 19 6.19 5.97 11.33
C PHE A 19 7.58 5.37 11.46
N ILE A 20 7.83 4.36 10.68
CA ILE A 20 9.07 3.64 10.72
C ILE A 20 9.59 3.42 9.32
N HIS A 21 10.89 3.33 9.20
CA HIS A 21 11.55 3.14 7.95
C HIS A 21 12.39 1.86 8.04
N THR A 22 11.92 0.83 7.42
CA THR A 22 12.53 -0.48 7.52
C THR A 22 12.89 -1.05 6.12
N LYS A 23 14.07 -1.64 6.02
CA LYS A 23 14.57 -2.23 4.78
C LYS A 23 13.93 -3.60 4.53
N LEU A 24 13.40 -3.79 3.34
CA LEU A 24 12.82 -5.05 2.96
C LEU A 24 13.62 -5.61 1.82
N ARG A 25 14.16 -6.75 2.04
CA ARG A 25 14.93 -7.42 1.06
C ARG A 25 14.00 -8.19 0.16
N LYS A 26 13.75 -7.65 -1.03
CA LYS A 26 12.96 -8.26 -2.05
C LYS A 26 13.11 -9.72 -2.15
N SER A 27 12.01 -10.37 -1.85
CA SER A 27 11.88 -11.77 -1.81
C SER A 27 11.49 -12.26 -3.22
N SER A 28 10.74 -13.32 -3.32
CA SER A 28 10.36 -13.91 -4.59
C SER A 28 9.51 -12.98 -5.49
N ARG A 29 10.22 -12.11 -6.24
CA ARG A 29 9.65 -11.25 -7.27
C ARG A 29 8.76 -10.20 -6.71
N GLY A 30 9.26 -9.54 -5.73
CA GLY A 30 8.56 -8.52 -5.08
C GLY A 30 8.80 -8.57 -3.64
N PHE A 31 7.78 -8.67 -2.91
CA PHE A 31 7.84 -8.61 -1.52
C PHE A 31 7.19 -9.83 -0.90
N GLY A 32 5.90 -9.87 -0.85
CA GLY A 32 5.24 -10.92 -0.11
C GLY A 32 4.26 -10.37 0.91
N PHE A 33 3.43 -9.49 0.46
CA PHE A 33 2.33 -8.98 1.21
C PHE A 33 1.34 -8.36 0.24
N THR A 34 0.09 -8.51 0.49
CA THR A 34 -0.87 -7.98 -0.41
C THR A 34 -1.45 -6.73 0.19
N VAL A 35 -1.63 -5.73 -0.61
CA VAL A 35 -1.98 -4.44 -0.11
C VAL A 35 -3.26 -3.90 -0.77
N VAL A 36 -3.89 -2.96 -0.09
CA VAL A 36 -5.04 -2.25 -0.59
C VAL A 36 -4.76 -0.78 -0.65
N GLY A 37 -5.07 -0.22 -1.74
CA GLY A 37 -4.97 1.18 -1.90
C GLY A 37 -4.24 1.55 -3.12
N GLY A 38 -3.36 2.57 -2.94
CA GLY A 38 -2.50 3.12 -3.95
C GLY A 38 -3.22 3.33 -5.18
N ASP A 39 -4.16 4.14 -5.09
CA ASP A 39 -5.00 4.37 -6.20
C ASP A 39 -4.55 5.62 -6.84
N GLU A 40 -4.37 6.61 -6.06
CA GLU A 40 -4.14 7.92 -6.57
C GLU A 40 -3.51 8.76 -5.52
N PRO A 41 -3.15 10.01 -5.85
CA PRO A 41 -2.66 10.99 -4.91
C PRO A 41 -3.83 11.47 -4.07
N ASP A 42 -4.31 10.53 -3.35
CA ASP A 42 -5.50 10.61 -2.57
C ASP A 42 -5.61 9.36 -1.70
N GLU A 43 -5.27 8.23 -2.28
CA GLU A 43 -5.26 6.97 -1.56
C GLU A 43 -3.91 6.28 -1.72
N PHE A 44 -3.28 6.08 -0.56
CA PHE A 44 -1.94 5.47 -0.33
C PHE A 44 -2.12 3.97 -0.18
N LEU A 45 -1.04 3.20 -0.25
CA LEU A 45 -1.23 1.75 -0.19
C LEU A 45 -1.17 1.31 1.24
N GLN A 46 -1.96 0.36 1.60
CA GLN A 46 -2.03 -0.14 2.95
C GLN A 46 -1.91 -1.65 2.85
N ILE A 47 -1.50 -2.31 3.87
CA ILE A 47 -1.31 -3.78 3.80
C ILE A 47 -2.56 -4.48 4.26
N LYS A 48 -3.05 -5.40 3.48
CA LYS A 48 -4.24 -6.15 3.83
C LYS A 48 -3.92 -7.59 4.22
N SER A 49 -2.82 -8.12 3.75
CA SER A 49 -2.45 -9.47 4.14
C SER A 49 -0.95 -9.64 4.11
N LEU A 50 -0.40 -10.09 5.19
CA LEU A 50 0.97 -10.43 5.30
C LEU A 50 1.17 -11.81 4.72
N VAL A 51 1.86 -11.87 3.62
CA VAL A 51 2.11 -13.11 2.98
C VAL A 51 3.40 -13.68 3.54
N LEU A 52 3.31 -14.85 4.07
CA LEU A 52 4.45 -15.49 4.66
C LEU A 52 5.46 -15.82 3.61
N ASP A 53 6.74 -15.73 4.02
CA ASP A 53 7.91 -15.87 3.16
C ASP A 53 8.21 -14.51 2.47
N GLY A 54 7.44 -13.52 2.85
CA GLY A 54 7.66 -12.16 2.44
C GLY A 54 8.69 -11.53 3.31
N PRO A 55 9.39 -10.46 2.92
CA PRO A 55 10.50 -9.97 3.70
C PRO A 55 9.98 -9.31 4.98
N ALA A 56 8.74 -8.85 4.87
CA ALA A 56 7.99 -8.28 5.95
C ALA A 56 7.82 -9.33 7.04
N ALA A 57 7.42 -10.52 6.61
CA ALA A 57 7.17 -11.66 7.46
C ALA A 57 8.43 -12.09 8.12
N LEU A 58 9.42 -12.18 7.31
CA LEU A 58 10.68 -12.69 7.63
C LEU A 58 11.52 -11.82 8.52
N ASP A 59 11.46 -10.52 8.30
CA ASP A 59 12.20 -9.59 9.14
C ASP A 59 11.42 -9.37 10.41
N GLY A 60 10.13 -9.67 10.29
CA GLY A 60 9.18 -9.59 11.37
C GLY A 60 9.05 -8.20 11.89
N LYS A 61 9.04 -7.24 11.02
CA LYS A 61 9.06 -5.86 11.43
C LYS A 61 8.16 -5.02 10.52
N MET A 62 7.18 -5.67 9.97
CA MET A 62 6.24 -5.07 9.06
C MET A 62 5.03 -5.99 9.07
N GLU A 63 3.80 -5.46 9.11
CA GLU A 63 2.67 -6.32 9.33
C GLU A 63 1.37 -5.73 8.76
N THR A 64 0.39 -6.62 8.55
CA THR A 64 -0.91 -6.27 8.06
C THR A 64 -1.54 -5.19 8.91
N GLY A 65 -1.89 -4.09 8.29
CA GLY A 65 -2.46 -3.02 9.02
C GLY A 65 -1.60 -1.79 8.99
N ASP A 66 -0.47 -1.88 8.34
CA ASP A 66 0.31 -0.70 8.16
C ASP A 66 0.11 -0.15 6.78
N VAL A 67 0.46 1.08 6.59
CA VAL A 67 0.29 1.69 5.31
C VAL A 67 1.57 2.16 4.68
N ILE A 68 1.76 1.65 3.48
CA ILE A 68 2.87 1.93 2.63
C ILE A 68 2.83 3.36 2.13
N VAL A 69 3.83 4.09 2.59
CA VAL A 69 4.03 5.46 2.30
C VAL A 69 4.97 5.60 1.10
N SER A 70 6.17 5.08 1.21
CA SER A 70 7.18 5.24 0.16
C SER A 70 8.27 4.22 0.30
N VAL A 71 9.17 4.20 -0.67
CA VAL A 71 10.25 3.26 -0.69
C VAL A 71 11.49 3.95 -1.26
N ASN A 72 12.64 3.42 -0.91
CA ASN A 72 13.95 3.77 -1.48
C ASN A 72 13.87 4.21 -2.94
N ASP A 73 14.14 5.50 -3.15
CA ASP A 73 14.21 6.16 -4.47
C ASP A 73 12.83 6.43 -5.12
N THR A 74 11.85 5.62 -4.80
CA THR A 74 10.55 5.74 -5.41
C THR A 74 9.51 6.20 -4.40
N CYS A 75 8.97 7.33 -4.64
CA CYS A 75 7.99 7.89 -3.80
C CYS A 75 6.64 7.29 -4.16
N VAL A 76 6.26 6.27 -3.42
CA VAL A 76 5.03 5.54 -3.64
C VAL A 76 3.86 6.30 -2.99
N LEU A 77 4.20 7.42 -2.39
CA LEU A 77 3.24 8.24 -1.72
C LEU A 77 2.25 8.79 -2.73
N GLY A 78 1.03 8.30 -2.62
CA GLY A 78 -0.02 8.65 -3.54
C GLY A 78 0.25 8.14 -4.94
N HIS A 79 0.90 7.00 -5.05
CA HIS A 79 1.19 6.43 -6.33
C HIS A 79 -0.08 5.84 -6.90
N THR A 80 -0.21 5.93 -8.19
CA THR A 80 -1.37 5.40 -8.85
C THR A 80 -1.26 3.88 -8.93
N HIS A 81 -2.36 3.14 -8.77
CA HIS A 81 -2.34 1.66 -8.75
C HIS A 81 -1.55 1.09 -9.88
N ALA A 82 -1.83 1.57 -11.06
CA ALA A 82 -1.18 1.09 -12.27
C ALA A 82 0.32 1.29 -12.19
N GLN A 83 0.71 2.38 -11.57
CA GLN A 83 2.09 2.74 -11.48
C GLN A 83 2.79 1.93 -10.42
N VAL A 84 2.19 1.88 -9.23
CA VAL A 84 2.76 1.18 -8.11
C VAL A 84 2.85 -0.32 -8.37
N VAL A 85 1.79 -0.90 -8.94
CA VAL A 85 1.79 -2.33 -9.22
C VAL A 85 2.86 -2.67 -10.23
N LYS A 86 3.00 -1.81 -11.23
CA LYS A 86 3.98 -1.98 -12.25
C LYS A 86 5.40 -2.04 -11.67
N ILE A 87 5.72 -1.14 -10.73
CA ILE A 87 7.07 -1.06 -10.18
C ILE A 87 7.33 -2.23 -9.27
N PHE A 88 6.39 -2.45 -8.40
CA PHE A 88 6.47 -3.47 -7.39
C PHE A 88 6.46 -4.88 -7.99
N GLN A 89 5.78 -5.06 -9.09
CA GLN A 89 5.78 -6.35 -9.79
C GLN A 89 6.98 -6.46 -10.74
N SER A 90 7.61 -5.31 -11.05
CA SER A 90 8.79 -5.27 -11.91
C SER A 90 10.02 -5.70 -11.10
N ILE A 91 9.90 -5.56 -9.79
CA ILE A 91 10.91 -5.93 -8.84
C ILE A 91 11.44 -7.37 -9.05
N PRO A 92 12.77 -7.58 -8.91
CA PRO A 92 13.42 -8.86 -8.99
C PRO A 92 13.71 -9.44 -7.58
N ILE A 93 13.86 -10.73 -7.53
CA ILE A 93 14.20 -11.46 -6.31
C ILE A 93 15.63 -11.10 -5.87
N GLY A 94 15.86 -11.00 -4.58
CA GLY A 94 17.21 -10.79 -4.10
C GLY A 94 17.56 -9.34 -3.96
N ALA A 95 16.56 -8.50 -4.03
CA ALA A 95 16.82 -7.07 -4.09
C ALA A 95 16.63 -6.38 -2.71
N SER A 96 16.74 -5.07 -2.67
CA SER A 96 16.76 -4.31 -1.39
C SER A 96 16.15 -2.93 -1.53
N VAL A 97 15.38 -2.55 -0.54
CA VAL A 97 14.77 -1.23 -0.45
C VAL A 97 14.55 -0.84 0.97
N ASP A 98 14.43 0.44 1.15
CA ASP A 98 14.13 1.06 2.39
C ASP A 98 12.69 1.43 2.32
N LEU A 99 11.87 0.75 3.03
CA LEU A 99 10.45 0.94 2.97
C LEU A 99 9.99 1.78 4.15
N GLU A 100 9.37 2.90 3.87
CA GLU A 100 8.86 3.72 4.94
C GLU A 100 7.36 3.54 5.02
N LEU A 101 6.90 3.17 6.17
CA LEU A 101 5.52 2.90 6.35
C LEU A 101 5.04 3.39 7.70
N CYS A 102 3.75 3.45 7.83
CA CYS A 102 3.12 3.86 9.05
C CYS A 102 2.26 2.72 9.58
N ARG A 103 2.67 2.21 10.70
CA ARG A 103 2.06 1.05 11.30
C ARG A 103 0.94 1.48 12.22
N GLY A 104 -0.17 0.78 12.18
CA GLY A 104 -1.26 1.11 13.09
C GLY A 104 -2.48 1.70 12.42
N TYR A 105 -2.66 1.41 11.17
CA TYR A 105 -3.81 1.91 10.45
C TYR A 105 -4.87 0.82 10.50
N PRO A 106 -6.09 1.15 10.93
CA PRO A 106 -7.14 0.16 11.11
C PRO A 106 -7.48 -0.60 9.84
N LEU A 107 -7.59 -1.88 9.97
CA LEU A 107 -7.98 -2.76 8.89
C LEU A 107 -9.36 -3.32 9.30
N PRO A 108 -10.44 -2.53 9.16
CA PRO A 108 -11.76 -2.91 9.64
C PRO A 108 -12.56 -3.67 8.60
N PHE A 109 -11.87 -4.42 7.80
CA PHE A 109 -12.45 -5.20 6.75
C PHE A 109 -11.78 -6.54 6.75
N ASP A 110 -12.38 -7.49 6.14
CA ASP A 110 -11.77 -8.77 5.93
C ASP A 110 -11.05 -8.69 4.63
N PRO A 111 -9.85 -9.20 4.57
CA PRO A 111 -9.01 -9.07 3.44
C PRO A 111 -9.09 -10.30 2.55
N ASP A 112 -9.94 -11.21 2.94
CA ASP A 112 -10.11 -12.41 2.22
C ASP A 112 -11.14 -12.17 1.16
N ASP A 113 -12.25 -11.57 1.60
CA ASP A 113 -13.40 -11.21 0.78
C ASP A 113 -13.01 -10.44 -0.49
N PRO A 114 -13.39 -11.00 -1.65
CA PRO A 114 -13.20 -10.44 -3.00
C PRO A 114 -13.27 -8.96 -3.18
N ASN A 115 -12.23 -8.28 -2.93
CA ASN A 115 -12.25 -6.87 -3.17
C ASN A 115 -11.04 -6.52 -4.01
N THR A 116 -10.72 -7.42 -4.90
CA THR A 116 -9.58 -7.30 -5.79
C THR A 116 -9.87 -6.28 -6.87
N SER A 117 -11.04 -6.32 -7.27
CA SER A 117 -11.54 -5.51 -8.31
C SER A 117 -12.63 -4.63 -7.73
N LEU A 118 -12.31 -3.36 -7.56
CA LEU A 118 -13.26 -2.41 -7.00
C LEU A 118 -14.26 -2.07 -8.06
N VAL A 119 -15.40 -2.59 -7.95
CA VAL A 119 -16.41 -2.30 -8.90
C VAL A 119 -17.57 -1.66 -8.20
N THR A 120 -17.65 -0.37 -8.34
CA THR A 120 -18.73 0.34 -7.77
C THR A 120 -19.76 0.52 -8.87
N SER A 121 -20.98 0.44 -8.49
CA SER A 121 -22.06 0.56 -9.41
C SER A 121 -22.42 2.02 -9.56
N VAL A 122 -22.62 2.42 -10.76
CA VAL A 122 -22.99 3.77 -11.06
C VAL A 122 -24.51 3.85 -11.14
N ALA A 123 -25.06 4.85 -10.53
CA ALA A 123 -26.47 5.01 -10.47
C ALA A 123 -26.99 5.85 -11.61
N ILE A 124 -27.22 5.19 -12.71
CA ILE A 124 -27.86 5.80 -13.84
C ILE A 124 -29.32 5.45 -13.69
N LEU A 125 -29.55 4.20 -13.35
CA LEU A 125 -30.87 3.69 -13.03
C LEU A 125 -31.19 4.02 -11.58
N ASP A 126 -32.26 3.47 -11.07
CA ASP A 126 -32.74 3.79 -9.73
C ASP A 126 -32.05 2.97 -8.66
N LYS A 127 -30.79 3.25 -8.51
CA LYS A 127 -29.96 2.65 -7.48
C LYS A 127 -29.90 3.60 -6.30
N GLU A 128 -30.99 3.66 -5.59
CA GLU A 128 -31.14 4.49 -4.42
C GLU A 128 -30.87 3.60 -3.20
N PRO A 129 -29.68 3.69 -2.58
CA PRO A 129 -29.30 2.83 -1.46
C PRO A 129 -29.91 3.29 -0.13
N ARG B 1 -5.90 6.33 -15.93
CA ARG B 1 -6.21 7.20 -14.80
C ARG B 1 -6.93 6.39 -13.73
N SER B 2 -6.80 6.83 -12.48
CA SER B 2 -7.38 6.19 -11.32
C SER B 2 -8.91 6.20 -11.39
N SER B 3 -9.48 5.11 -11.86
CA SER B 3 -10.92 4.96 -11.94
C SER B 3 -11.33 3.49 -11.81
N ARG B 4 -11.71 3.10 -10.59
CA ARG B 4 -12.22 1.75 -10.19
C ARG B 4 -11.29 0.56 -10.52
N THR B 5 -11.60 -0.58 -9.94
CA THR B 5 -10.83 -1.84 -10.04
C THR B 5 -9.34 -1.68 -9.61
N ARG B 6 -9.12 -1.10 -8.43
CA ARG B 6 -7.75 -0.80 -7.93
C ARG B 6 -7.55 -1.47 -6.56
N ARG B 7 -6.65 -0.92 -5.70
CA ARG B 7 -6.42 -1.42 -4.38
C ARG B 7 -5.54 -2.65 -4.27
N GLU B 8 -6.05 -3.81 -4.63
CA GLU B 8 -5.34 -5.08 -4.45
C GLU B 8 -4.04 -5.13 -5.27
N THR B 9 -2.96 -4.85 -4.62
CA THR B 9 -1.66 -4.94 -5.22
C THR B 9 -0.93 -6.05 -4.49
N GLN B 10 -0.85 -7.19 -5.10
CA GLN B 10 -0.22 -8.33 -4.47
C GLN B 10 1.26 -8.30 -4.72
N VAL B 11 2.00 -7.74 -3.77
CA VAL B 11 3.41 -7.54 -3.96
C VAL B 11 4.19 -8.64 -3.26
N GLY A 1 -14.42 19.44 17.21
CA GLY A 1 -12.97 19.33 17.40
C GLY A 1 -12.27 19.33 16.07
N ALA A 2 -10.98 19.61 16.08
CA ALA A 2 -10.19 19.63 14.85
C ALA A 2 -9.97 18.22 14.35
N MET A 3 -9.90 17.30 15.29
CA MET A 3 -9.74 15.89 15.01
C MET A 3 -11.08 15.24 14.66
N GLY A 4 -11.07 13.95 14.44
CA GLY A 4 -12.29 13.23 14.15
C GLY A 4 -12.52 13.09 12.67
N LYS A 5 -11.62 13.64 11.89
CA LYS A 5 -11.68 13.56 10.45
C LYS A 5 -10.37 13.05 9.93
N PRO A 6 -10.41 12.24 8.86
CA PRO A 6 -9.21 11.73 8.24
C PRO A 6 -8.45 12.84 7.55
N PHE A 7 -7.18 12.80 7.71
CA PHE A 7 -6.31 13.80 7.20
C PHE A 7 -5.49 13.22 6.07
N PHE A 8 -5.29 14.02 5.07
CA PHE A 8 -4.54 13.62 3.91
C PHE A 8 -3.77 14.78 3.32
N THR A 9 -2.61 14.46 2.85
CA THR A 9 -1.88 15.26 1.93
C THR A 9 -0.89 14.41 1.20
N ARG A 10 -0.16 13.64 1.96
CA ARG A 10 0.87 12.65 1.51
C ARG A 10 1.79 12.46 2.66
N ASN A 11 1.87 13.52 3.41
CA ASN A 11 2.73 13.71 4.56
C ASN A 11 2.82 12.47 5.45
N PRO A 12 3.97 11.78 5.43
CA PRO A 12 4.15 10.56 6.21
C PRO A 12 4.03 10.84 7.64
N SER A 13 4.44 12.00 7.93
CA SER A 13 4.54 12.45 9.18
C SER A 13 3.17 12.93 9.74
N GLU A 14 2.17 13.22 8.83
CA GLU A 14 0.82 13.54 9.31
C GLU A 14 0.22 12.24 9.80
N LEU A 15 0.56 11.17 9.07
CA LEU A 15 0.14 9.83 9.37
C LEU A 15 0.51 9.47 10.78
N LYS A 16 -0.48 8.99 11.45
CA LYS A 16 -0.48 8.72 12.85
C LYS A 16 0.17 7.38 13.21
N GLY A 17 -0.11 6.93 14.42
CA GLY A 17 0.46 5.71 14.94
C GLY A 17 1.94 5.85 15.12
N LYS A 18 2.69 5.32 14.21
CA LYS A 18 4.11 5.38 14.22
C LYS A 18 4.63 5.44 12.81
N PHE A 19 5.73 6.09 12.65
CA PHE A 19 6.34 6.31 11.40
C PHE A 19 7.64 5.54 11.38
N ILE A 20 7.68 4.52 10.59
CA ILE A 20 8.83 3.66 10.52
C ILE A 20 9.26 3.44 9.12
N HIS A 21 10.51 3.17 8.96
CA HIS A 21 11.05 2.87 7.69
C HIS A 21 11.90 1.61 7.81
N THR A 22 11.39 0.54 7.26
CA THR A 22 12.03 -0.74 7.37
C THR A 22 12.32 -1.33 5.97
N LYS A 23 13.52 -1.79 5.79
CA LYS A 23 13.96 -2.39 4.54
C LYS A 23 13.41 -3.79 4.41
N LEU A 24 12.93 -4.10 3.23
CA LEU A 24 12.47 -5.43 2.90
C LEU A 24 13.30 -5.93 1.78
N ARG A 25 13.82 -7.08 1.91
CA ARG A 25 14.62 -7.64 0.90
C ARG A 25 13.71 -8.26 -0.16
N LYS A 26 13.87 -7.84 -1.38
CA LYS A 26 13.20 -8.41 -2.50
C LYS A 26 13.41 -9.86 -2.54
N SER A 27 12.35 -10.56 -2.26
CA SER A 27 12.29 -11.96 -2.25
C SER A 27 12.01 -12.43 -3.71
N SER A 28 11.28 -13.51 -3.89
CA SER A 28 11.00 -14.05 -5.22
C SER A 28 10.16 -13.11 -6.11
N ARG A 29 10.85 -12.17 -6.77
CA ARG A 29 10.30 -11.22 -7.74
C ARG A 29 9.24 -10.36 -7.11
N GLY A 30 9.54 -9.90 -5.96
CA GLY A 30 8.64 -9.06 -5.30
C GLY A 30 8.86 -9.04 -3.84
N PHE A 31 7.83 -9.29 -3.16
CA PHE A 31 7.80 -9.17 -1.77
C PHE A 31 7.14 -10.37 -1.12
N GLY A 32 5.85 -10.37 -1.07
CA GLY A 32 5.15 -11.35 -0.30
C GLY A 32 4.23 -10.67 0.69
N PHE A 33 3.39 -9.81 0.18
CA PHE A 33 2.37 -9.13 0.94
C PHE A 33 1.33 -8.61 -0.02
N THR A 34 0.13 -8.54 0.41
CA THR A 34 -0.88 -8.02 -0.43
C THR A 34 -1.37 -6.73 0.15
N VAL A 35 -1.53 -5.79 -0.69
CA VAL A 35 -1.74 -4.47 -0.30
C VAL A 35 -2.98 -3.88 -0.99
N VAL A 36 -3.62 -2.95 -0.30
CA VAL A 36 -4.83 -2.33 -0.70
C VAL A 36 -4.68 -0.87 -1.00
N GLY A 37 -5.56 -0.40 -1.82
CA GLY A 37 -5.59 0.97 -2.17
C GLY A 37 -4.69 1.30 -3.33
N GLY A 38 -3.77 2.27 -3.06
CA GLY A 38 -2.83 2.89 -4.00
C GLY A 38 -3.46 3.12 -5.33
N ASP A 39 -4.59 3.68 -5.27
CA ASP A 39 -5.40 3.86 -6.44
C ASP A 39 -5.16 5.21 -6.99
N GLU A 40 -4.81 6.15 -6.13
CA GLU A 40 -4.79 7.49 -6.56
C GLU A 40 -3.64 8.19 -5.96
N PRO A 41 -3.42 9.42 -6.40
CA PRO A 41 -2.42 10.31 -5.82
C PRO A 41 -2.95 10.81 -4.48
N ASP A 42 -4.20 10.46 -4.26
CA ASP A 42 -4.95 10.79 -3.10
C ASP A 42 -5.16 9.54 -2.23
N GLU A 43 -4.82 8.37 -2.76
CA GLU A 43 -5.00 7.14 -2.01
C GLU A 43 -3.74 6.30 -2.03
N PHE A 44 -3.23 6.07 -0.82
CA PHE A 44 -1.96 5.37 -0.48
C PHE A 44 -2.21 3.88 -0.38
N LEU A 45 -1.13 3.10 -0.38
CA LEU A 45 -1.27 1.67 -0.33
C LEU A 45 -1.20 1.20 1.11
N GLN A 46 -1.91 0.17 1.48
CA GLN A 46 -1.93 -0.30 2.85
C GLN A 46 -1.89 -1.82 2.87
N ILE A 47 -1.25 -2.37 3.82
CA ILE A 47 -1.07 -3.83 3.86
C ILE A 47 -2.31 -4.50 4.39
N LYS A 48 -2.90 -5.37 3.58
CA LYS A 48 -4.12 -6.05 3.98
C LYS A 48 -3.84 -7.45 4.44
N SER A 49 -2.73 -8.00 4.03
CA SER A 49 -2.32 -9.31 4.47
C SER A 49 -0.82 -9.42 4.27
N LEU A 50 -0.13 -9.80 5.30
CA LEU A 50 1.24 -10.10 5.18
C LEU A 50 1.31 -11.53 4.72
N VAL A 51 1.90 -11.75 3.60
CA VAL A 51 1.97 -13.06 3.05
C VAL A 51 3.17 -13.77 3.65
N LEU A 52 2.92 -14.96 4.14
CA LEU A 52 3.94 -15.78 4.75
C LEU A 52 4.99 -16.11 3.72
N ASP A 53 6.25 -16.05 4.15
CA ASP A 53 7.44 -16.27 3.30
C ASP A 53 7.80 -14.98 2.52
N GLY A 54 7.10 -13.91 2.87
CA GLY A 54 7.37 -12.59 2.35
C GLY A 54 8.34 -11.88 3.23
N PRO A 55 9.05 -10.82 2.80
CA PRO A 55 10.13 -10.29 3.58
C PRO A 55 9.60 -9.56 4.81
N ALA A 56 8.35 -9.11 4.69
CA ALA A 56 7.60 -8.50 5.77
C ALA A 56 7.44 -9.51 6.89
N ALA A 57 6.99 -10.70 6.49
CA ALA A 57 6.73 -11.81 7.38
C ALA A 57 7.99 -12.21 8.08
N LEU A 58 8.97 -12.36 7.27
CA LEU A 58 10.23 -12.87 7.61
C LEU A 58 11.08 -11.98 8.46
N ASP A 59 11.07 -10.69 8.16
CA ASP A 59 11.83 -9.71 8.94
C ASP A 59 11.09 -9.47 10.24
N GLY A 60 9.80 -9.81 10.16
CA GLY A 60 8.89 -9.74 11.29
C GLY A 60 8.74 -8.37 11.87
N LYS A 61 8.87 -7.38 11.04
CA LYS A 61 8.84 -6.02 11.48
C LYS A 61 7.91 -5.17 10.60
N MET A 62 7.34 -5.78 9.61
CA MET A 62 6.42 -5.13 8.72
C MET A 62 5.24 -6.07 8.61
N GLU A 63 4.07 -5.56 8.88
CA GLU A 63 2.91 -6.39 9.09
C GLU A 63 1.65 -5.77 8.50
N THR A 64 0.63 -6.59 8.43
CA THR A 64 -0.69 -6.18 8.02
C THR A 64 -1.15 -5.05 8.93
N GLY A 65 -1.42 -3.92 8.36
CA GLY A 65 -1.80 -2.79 9.14
C GLY A 65 -0.93 -1.60 8.80
N ASP A 66 0.26 -1.89 8.27
CA ASP A 66 1.16 -0.83 7.82
C ASP A 66 0.63 -0.22 6.56
N VAL A 67 0.65 1.06 6.48
CA VAL A 67 0.28 1.73 5.27
C VAL A 67 1.52 2.25 4.56
N ILE A 68 1.69 1.77 3.35
CA ILE A 68 2.79 2.08 2.50
C ILE A 68 2.70 3.52 2.01
N VAL A 69 3.67 4.28 2.52
CA VAL A 69 3.87 5.68 2.25
C VAL A 69 4.87 5.82 1.09
N SER A 70 6.05 5.28 1.25
CA SER A 70 7.07 5.44 0.24
C SER A 70 8.02 4.24 0.27
N VAL A 71 8.88 4.15 -0.72
CA VAL A 71 9.80 3.04 -0.86
C VAL A 71 11.14 3.50 -1.48
N ASN A 72 12.22 3.40 -0.67
CA ASN A 72 13.55 3.96 -0.98
C ASN A 72 13.53 5.21 -1.82
N ASP A 73 13.00 6.28 -1.20
CA ASP A 73 12.85 7.63 -1.80
C ASP A 73 11.73 7.72 -2.86
N THR A 74 11.55 6.68 -3.66
CA THR A 74 10.56 6.67 -4.70
C THR A 74 9.18 6.91 -4.13
N CYS A 75 8.55 7.96 -4.63
CA CYS A 75 7.34 8.47 -4.07
C CYS A 75 6.14 7.66 -4.53
N VAL A 76 5.98 6.52 -3.91
CA VAL A 76 4.84 5.65 -4.11
C VAL A 76 3.65 6.18 -3.28
N LEU A 77 3.93 7.26 -2.61
CA LEU A 77 2.98 7.99 -1.87
C LEU A 77 2.03 8.60 -2.89
N GLY A 78 0.83 8.10 -2.89
CA GLY A 78 -0.11 8.52 -3.87
C GLY A 78 0.30 8.08 -5.26
N HIS A 79 0.77 6.87 -5.36
CA HIS A 79 1.14 6.32 -6.63
C HIS A 79 -0.08 5.70 -7.23
N THR A 80 -0.24 5.83 -8.51
CA THR A 80 -1.32 5.19 -9.19
C THR A 80 -1.03 3.69 -9.12
N HIS A 81 -2.09 2.91 -8.93
CA HIS A 81 -2.03 1.47 -8.78
C HIS A 81 -1.31 0.81 -9.90
N ALA A 82 -1.53 1.34 -11.09
CA ALA A 82 -0.88 0.83 -12.31
C ALA A 82 0.61 1.01 -12.20
N GLN A 83 0.99 2.12 -11.63
CA GLN A 83 2.37 2.49 -11.51
C GLN A 83 3.05 1.71 -10.40
N VAL A 84 2.42 1.67 -9.24
CA VAL A 84 2.96 0.95 -8.10
C VAL A 84 3.10 -0.55 -8.38
N VAL A 85 2.07 -1.14 -9.01
CA VAL A 85 2.13 -2.58 -9.31
C VAL A 85 3.23 -2.85 -10.32
N LYS A 86 3.41 -1.94 -11.24
CA LYS A 86 4.40 -2.05 -12.25
C LYS A 86 5.82 -2.12 -11.64
N ILE A 87 6.08 -1.29 -10.63
CA ILE A 87 7.40 -1.25 -10.02
C ILE A 87 7.60 -2.51 -9.20
N PHE A 88 6.64 -2.76 -8.38
CA PHE A 88 6.64 -3.83 -7.44
C PHE A 88 6.66 -5.22 -8.08
N GLN A 89 6.04 -5.37 -9.23
CA GLN A 89 6.05 -6.64 -9.94
C GLN A 89 7.28 -6.80 -10.83
N SER A 90 7.89 -5.70 -11.23
CA SER A 90 9.10 -5.78 -12.04
C SER A 90 10.33 -6.01 -11.17
N ILE A 91 10.12 -5.86 -9.86
CA ILE A 91 11.12 -6.10 -8.85
C ILE A 91 11.89 -7.45 -9.04
N PRO A 92 13.23 -7.41 -8.85
CA PRO A 92 14.11 -8.57 -8.99
C PRO A 92 14.41 -9.22 -7.62
N ILE A 93 14.64 -10.50 -7.65
CA ILE A 93 14.98 -11.28 -6.46
C ILE A 93 16.38 -10.86 -5.96
N GLY A 94 16.55 -10.80 -4.65
CA GLY A 94 17.84 -10.50 -4.08
C GLY A 94 18.04 -9.05 -3.90
N ALA A 95 16.99 -8.30 -4.04
CA ALA A 95 17.13 -6.85 -4.07
C ALA A 95 16.66 -6.21 -2.76
N SER A 96 16.54 -4.90 -2.72
CA SER A 96 16.28 -4.19 -1.47
C SER A 96 15.49 -2.91 -1.65
N VAL A 97 14.65 -2.59 -0.68
CA VAL A 97 13.93 -1.31 -0.61
C VAL A 97 13.67 -0.96 0.81
N ASP A 98 13.55 0.30 1.03
CA ASP A 98 13.22 0.85 2.31
C ASP A 98 11.76 1.19 2.30
N LEU A 99 11.00 0.51 3.06
CA LEU A 99 9.59 0.82 3.12
C LEU A 99 9.35 1.80 4.20
N GLU A 100 8.97 2.94 3.80
CA GLU A 100 8.63 3.98 4.67
C GLU A 100 7.14 3.88 4.83
N LEU A 101 6.72 3.47 5.99
CA LEU A 101 5.35 3.13 6.20
C LEU A 101 4.84 3.58 7.56
N CYS A 102 3.56 3.69 7.65
CA CYS A 102 2.88 4.13 8.83
C CYS A 102 2.13 2.98 9.47
N ARG A 103 2.44 2.70 10.70
CA ARG A 103 1.75 1.67 11.42
C ARG A 103 0.79 2.37 12.38
N GLY A 104 -0.35 1.76 12.65
CA GLY A 104 -1.30 2.38 13.54
C GLY A 104 -2.71 2.29 13.00
N TYR A 105 -2.82 1.95 11.74
CA TYR A 105 -4.11 1.76 11.12
C TYR A 105 -4.53 0.30 11.15
N PRO A 106 -5.60 -0.02 11.89
CA PRO A 106 -6.11 -1.37 11.95
C PRO A 106 -6.91 -1.70 10.69
N LEU A 107 -7.13 -2.97 10.48
CA LEU A 107 -7.89 -3.47 9.35
C LEU A 107 -9.26 -4.02 9.82
N PRO A 108 -10.27 -3.14 10.01
CA PRO A 108 -11.60 -3.53 10.42
C PRO A 108 -12.49 -3.64 9.19
N PHE A 109 -11.99 -4.40 8.27
CA PHE A 109 -12.55 -4.55 6.96
C PHE A 109 -11.96 -5.78 6.41
N ASP A 110 -12.74 -6.56 5.72
CA ASP A 110 -12.16 -7.70 5.10
C ASP A 110 -11.77 -7.27 3.74
N PRO A 111 -10.53 -7.37 3.43
CA PRO A 111 -9.97 -6.84 2.24
C PRO A 111 -9.74 -7.95 1.23
N ASP A 112 -10.27 -9.09 1.56
CA ASP A 112 -10.13 -10.25 0.78
C ASP A 112 -11.40 -10.41 -0.02
N ASP A 113 -12.48 -9.92 0.58
CA ASP A 113 -13.81 -9.88 -0.01
C ASP A 113 -13.80 -8.97 -1.23
N PRO A 114 -14.20 -9.53 -2.40
CA PRO A 114 -14.37 -8.83 -3.67
C PRO A 114 -15.01 -7.47 -3.63
N ASN A 115 -14.25 -6.45 -3.48
CA ASN A 115 -14.88 -5.15 -3.52
C ASN A 115 -14.22 -4.31 -4.56
N THR A 116 -13.78 -4.96 -5.57
CA THR A 116 -13.08 -4.38 -6.66
C THR A 116 -12.97 -5.49 -7.70
N SER A 117 -12.47 -5.20 -8.85
CA SER A 117 -12.21 -6.17 -9.82
C SER A 117 -10.90 -5.83 -10.54
N LEU A 118 -9.87 -6.61 -10.29
CA LEU A 118 -8.57 -6.34 -10.77
C LEU A 118 -8.39 -6.62 -12.20
N VAL A 119 -8.33 -5.59 -12.93
CA VAL A 119 -7.89 -5.68 -14.26
C VAL A 119 -6.42 -5.36 -14.16
N THR A 120 -5.61 -6.16 -14.75
CA THR A 120 -4.22 -5.93 -14.65
C THR A 120 -3.85 -4.72 -15.51
N SER A 121 -2.91 -3.99 -15.05
CA SER A 121 -2.46 -2.85 -15.73
C SER A 121 -1.13 -3.13 -16.36
N VAL A 122 -1.10 -3.05 -17.66
CA VAL A 122 0.07 -3.32 -18.42
C VAL A 122 0.26 -2.21 -19.47
N ALA A 123 1.22 -1.34 -19.24
CA ALA A 123 1.43 -0.21 -20.12
C ALA A 123 2.72 -0.34 -20.92
N ILE A 124 2.69 -1.22 -21.89
CA ILE A 124 3.80 -1.41 -22.81
C ILE A 124 3.25 -1.21 -24.24
N LEU A 125 1.94 -1.14 -24.34
CA LEU A 125 1.30 -1.14 -25.64
C LEU A 125 0.52 0.14 -25.86
N ASP A 126 -0.31 0.15 -26.89
CA ASP A 126 -1.17 1.28 -27.18
C ASP A 126 -2.23 1.40 -26.12
N LYS A 127 -2.02 2.33 -25.24
CA LYS A 127 -2.87 2.50 -24.10
C LYS A 127 -3.86 3.61 -24.32
N GLU A 128 -5.01 3.24 -24.81
CA GLU A 128 -6.10 4.15 -25.02
C GLU A 128 -6.70 4.50 -23.66
N PRO A 129 -6.69 5.78 -23.27
CA PRO A 129 -7.23 6.22 -22.01
C PRO A 129 -8.76 6.42 -22.10
N ARG B 1 -9.31 7.35 -14.04
CA ARG B 1 -8.36 6.25 -13.98
C ARG B 1 -8.98 4.98 -13.41
N SER B 2 -9.55 5.04 -12.22
CA SER B 2 -10.01 3.86 -11.56
C SER B 2 -10.89 4.18 -10.37
N SER B 3 -11.62 3.17 -9.92
CA SER B 3 -12.45 3.25 -8.74
C SER B 3 -12.56 1.86 -8.09
N ARG B 4 -12.77 0.84 -8.92
CA ARG B 4 -12.88 -0.54 -8.44
C ARG B 4 -12.22 -1.51 -9.41
N THR B 5 -11.04 -1.16 -9.84
CA THR B 5 -10.25 -2.04 -10.70
C THR B 5 -8.87 -2.26 -10.11
N ARG B 6 -8.65 -1.66 -8.97
CA ARG B 6 -7.35 -1.58 -8.33
C ARG B 6 -7.55 -2.03 -6.90
N ARG B 7 -6.88 -1.38 -5.91
CA ARG B 7 -7.09 -1.70 -4.50
C ARG B 7 -6.42 -3.01 -4.05
N GLU B 8 -5.96 -3.85 -4.96
CA GLU B 8 -5.28 -5.08 -4.53
C GLU B 8 -4.02 -5.34 -5.34
N THR B 9 -2.90 -4.82 -4.88
CA THR B 9 -1.63 -5.10 -5.51
C THR B 9 -1.09 -6.33 -4.80
N GLN B 10 -0.76 -7.34 -5.54
CA GLN B 10 -0.24 -8.53 -4.93
C GLN B 10 1.20 -8.64 -5.27
N VAL B 11 2.03 -8.56 -4.25
CA VAL B 11 3.43 -8.51 -4.45
C VAL B 11 4.12 -9.56 -3.61
N GLY A 1 -11.54 16.54 15.63
CA GLY A 1 -12.45 17.49 15.00
C GLY A 1 -13.27 16.83 13.94
N ALA A 2 -13.67 17.60 12.95
CA ALA A 2 -14.48 17.12 11.87
C ALA A 2 -13.63 16.44 10.81
N MET A 3 -12.91 15.42 11.22
CA MET A 3 -12.05 14.70 10.32
C MET A 3 -12.50 13.27 10.19
N GLY A 4 -13.76 13.08 9.92
CA GLY A 4 -14.29 11.75 9.70
C GLY A 4 -14.20 11.39 8.23
N LYS A 5 -13.23 11.97 7.58
CA LYS A 5 -12.94 11.77 6.19
C LYS A 5 -11.48 11.42 6.10
N PRO A 6 -11.07 10.64 5.09
CA PRO A 6 -9.68 10.30 4.92
C PRO A 6 -8.90 11.53 4.50
N PHE A 7 -7.75 11.66 5.07
CA PHE A 7 -6.92 12.80 4.89
C PHE A 7 -5.83 12.53 3.87
N PHE A 8 -5.47 13.55 3.17
CA PHE A 8 -4.43 13.51 2.19
C PHE A 8 -3.71 14.83 2.12
N THR A 9 -2.43 14.73 2.15
CA THR A 9 -1.53 15.79 1.81
C THR A 9 -0.12 15.23 1.69
N ARG A 10 -0.09 13.95 1.22
CA ARG A 10 1.11 13.16 0.98
C ARG A 10 2.10 13.25 2.11
N ASN A 11 1.55 13.18 3.23
CA ASN A 11 2.33 13.20 4.45
C ASN A 11 2.27 11.93 5.25
N PRO A 12 3.40 11.19 5.39
CA PRO A 12 3.49 10.10 6.34
C PRO A 12 3.17 10.59 7.70
N SER A 13 3.49 11.83 7.90
CA SER A 13 3.35 12.40 9.13
C SER A 13 1.86 12.82 9.39
N GLU A 14 1.00 12.84 8.35
CA GLU A 14 -0.42 13.13 8.55
C GLU A 14 -1.06 11.84 9.02
N LEU A 15 -0.49 10.75 8.51
CA LEU A 15 -0.86 9.42 8.86
C LEU A 15 -0.60 9.20 10.34
N LYS A 16 -1.48 8.45 10.91
CA LYS A 16 -1.49 8.18 12.33
C LYS A 16 -0.57 7.02 12.71
N GLY A 17 -0.55 6.72 14.00
CA GLY A 17 0.26 5.67 14.53
C GLY A 17 1.71 6.05 14.64
N LYS A 18 2.53 5.22 14.10
CA LYS A 18 3.96 5.36 14.15
C LYS A 18 4.57 5.27 12.78
N PHE A 19 5.66 5.91 12.62
CA PHE A 19 6.30 6.05 11.36
C PHE A 19 7.61 5.28 11.43
N ILE A 20 7.75 4.30 10.56
CA ILE A 20 8.90 3.45 10.52
C ILE A 20 9.34 3.18 9.13
N HIS A 21 10.58 2.93 9.00
CA HIS A 21 11.16 2.62 7.75
C HIS A 21 12.10 1.44 7.85
N THR A 22 11.65 0.31 7.37
CA THR A 22 12.41 -0.91 7.45
C THR A 22 12.77 -1.40 6.04
N LYS A 23 13.97 -1.90 5.88
CA LYS A 23 14.44 -2.42 4.62
C LYS A 23 13.77 -3.76 4.37
N LEU A 24 13.24 -3.96 3.18
CA LEU A 24 12.65 -5.23 2.84
C LEU A 24 13.43 -5.82 1.71
N ARG A 25 13.95 -6.98 1.93
CA ARG A 25 14.77 -7.64 0.97
C ARG A 25 13.90 -8.36 -0.04
N LYS A 26 13.97 -7.91 -1.27
CA LYS A 26 13.27 -8.46 -2.40
C LYS A 26 13.42 -9.91 -2.50
N SER A 27 12.29 -10.56 -2.26
CA SER A 27 12.12 -11.96 -2.29
C SER A 27 11.76 -12.35 -3.75
N SER A 28 10.91 -13.33 -3.94
CA SER A 28 10.51 -13.80 -5.26
C SER A 28 9.77 -12.72 -6.12
N ARG A 29 10.59 -11.88 -6.79
CA ARG A 29 10.17 -10.83 -7.72
C ARG A 29 9.29 -9.80 -7.06
N GLY A 30 9.49 -9.60 -5.79
CA GLY A 30 8.69 -8.66 -5.12
C GLY A 30 8.86 -8.70 -3.65
N PHE A 31 7.78 -8.90 -3.00
CA PHE A 31 7.70 -8.83 -1.61
C PHE A 31 6.99 -10.06 -1.04
N GLY A 32 5.71 -9.98 -0.89
CA GLY A 32 5.00 -10.99 -0.14
C GLY A 32 4.10 -10.37 0.94
N PHE A 33 3.24 -9.48 0.53
CA PHE A 33 2.20 -8.90 1.35
C PHE A 33 1.16 -8.29 0.45
N THR A 34 -0.08 -8.38 0.79
CA THR A 34 -1.07 -7.83 -0.05
C THR A 34 -1.60 -6.57 0.56
N VAL A 35 -1.76 -5.58 -0.26
CA VAL A 35 -2.09 -4.28 0.21
C VAL A 35 -3.35 -3.75 -0.48
N VAL A 36 -3.99 -2.77 0.12
CA VAL A 36 -5.11 -2.11 -0.46
C VAL A 36 -4.89 -0.62 -0.54
N GLY A 37 -5.17 -0.09 -1.69
CA GLY A 37 -5.08 1.29 -1.91
C GLY A 37 -4.30 1.62 -3.13
N GLY A 38 -3.50 2.68 -2.98
CA GLY A 38 -2.61 3.23 -3.99
C GLY A 38 -3.27 3.30 -5.27
N ASP A 39 -4.40 3.83 -5.25
CA ASP A 39 -5.20 3.88 -6.40
C ASP A 39 -4.91 5.11 -7.14
N GLU A 40 -4.58 6.14 -6.41
CA GLU A 40 -4.48 7.42 -6.99
C GLU A 40 -3.62 8.28 -6.14
N PRO A 41 -3.23 9.44 -6.65
CA PRO A 41 -2.39 10.39 -5.96
C PRO A 41 -3.20 11.16 -4.95
N ASP A 42 -3.87 10.39 -4.19
CA ASP A 42 -4.86 10.79 -3.24
C ASP A 42 -5.09 9.63 -2.27
N GLU A 43 -5.09 8.41 -2.81
CA GLU A 43 -5.26 7.21 -2.00
C GLU A 43 -3.96 6.43 -2.01
N PHE A 44 -3.41 6.25 -0.78
CA PHE A 44 -2.11 5.60 -0.41
C PHE A 44 -2.32 4.09 -0.29
N LEU A 45 -1.23 3.31 -0.26
CA LEU A 45 -1.42 1.86 -0.16
C LEU A 45 -1.32 1.47 1.29
N GLN A 46 -2.07 0.49 1.70
CA GLN A 46 -2.08 0.03 3.07
C GLN A 46 -1.95 -1.49 3.07
N ILE A 47 -1.39 -2.07 4.09
CA ILE A 47 -1.18 -3.54 4.09
C ILE A 47 -2.38 -4.21 4.70
N LYS A 48 -3.02 -5.11 3.96
CA LYS A 48 -4.19 -5.77 4.50
C LYS A 48 -3.89 -7.20 4.88
N SER A 49 -2.80 -7.75 4.37
CA SER A 49 -2.42 -9.09 4.73
C SER A 49 -0.94 -9.31 4.51
N LEU A 50 -0.29 -9.79 5.52
CA LEU A 50 1.02 -10.23 5.45
C LEU A 50 1.02 -11.56 4.74
N VAL A 51 1.72 -11.64 3.68
CA VAL A 51 1.82 -12.86 2.98
C VAL A 51 3.05 -13.58 3.47
N LEU A 52 2.84 -14.77 3.94
CA LEU A 52 3.92 -15.52 4.47
C LEU A 52 4.83 -15.94 3.37
N ASP A 53 6.12 -16.06 3.70
CA ASP A 53 7.21 -16.33 2.77
C ASP A 53 7.62 -15.01 2.05
N GLY A 54 7.00 -13.92 2.51
CA GLY A 54 7.35 -12.58 2.07
C GLY A 54 8.41 -11.99 2.96
N PRO A 55 9.12 -10.90 2.59
CA PRO A 55 10.26 -10.46 3.37
C PRO A 55 9.81 -9.86 4.69
N ALA A 56 8.60 -9.35 4.68
CA ALA A 56 7.98 -8.79 5.86
C ALA A 56 7.72 -9.91 6.87
N ALA A 57 7.29 -11.05 6.36
CA ALA A 57 7.01 -12.22 7.16
C ALA A 57 8.29 -12.72 7.76
N LEU A 58 9.22 -12.84 6.89
CA LEU A 58 10.47 -13.42 7.13
C LEU A 58 11.40 -12.64 7.98
N ASP A 59 11.57 -11.39 7.64
CA ASP A 59 12.45 -10.50 8.40
C ASP A 59 11.75 -10.10 9.66
N GLY A 60 10.44 -10.18 9.59
CA GLY A 60 9.63 -9.75 10.70
C GLY A 60 9.48 -8.24 10.72
N LYS A 61 9.10 -7.71 11.88
CA LYS A 61 8.93 -6.26 12.14
C LYS A 61 7.73 -5.66 11.40
N MET A 62 7.74 -5.72 10.09
CA MET A 62 6.68 -5.16 9.24
C MET A 62 5.50 -6.11 9.26
N GLU A 63 4.30 -5.57 9.39
CA GLU A 63 3.11 -6.37 9.62
C GLU A 63 1.90 -5.76 8.95
N THR A 64 0.84 -6.55 8.88
CA THR A 64 -0.42 -6.10 8.41
C THR A 64 -0.89 -4.93 9.29
N GLY A 65 -1.25 -3.83 8.68
CA GLY A 65 -1.63 -2.68 9.44
C GLY A 65 -0.74 -1.50 9.16
N ASP A 66 0.38 -1.77 8.50
CA ASP A 66 1.26 -0.72 8.02
C ASP A 66 0.65 -0.08 6.80
N VAL A 67 1.09 1.09 6.46
CA VAL A 67 0.65 1.74 5.26
C VAL A 67 1.85 2.06 4.40
N ILE A 68 1.76 1.76 3.16
CA ILE A 68 2.83 2.00 2.25
C ILE A 68 2.80 3.46 1.83
N VAL A 69 3.80 4.17 2.34
CA VAL A 69 4.02 5.56 2.15
C VAL A 69 5.00 5.77 1.00
N SER A 70 6.18 5.19 1.09
CA SER A 70 7.20 5.36 0.06
C SER A 70 8.19 4.19 0.09
N VAL A 71 9.08 4.13 -0.87
CA VAL A 71 10.07 3.08 -0.91
C VAL A 71 11.38 3.64 -1.49
N ASN A 72 12.45 3.54 -0.68
CA ASN A 72 13.80 4.14 -0.91
C ASN A 72 13.84 5.25 -1.98
N ASP A 73 13.52 6.48 -1.55
CA ASP A 73 13.50 7.71 -2.39
C ASP A 73 12.29 7.78 -3.33
N THR A 74 11.90 6.66 -3.86
CA THR A 74 10.77 6.58 -4.75
C THR A 74 9.48 6.89 -4.00
N CYS A 75 8.77 7.85 -4.52
CA CYS A 75 7.60 8.35 -3.88
C CYS A 75 6.38 7.57 -4.32
N VAL A 76 6.08 6.55 -3.55
CA VAL A 76 4.91 5.71 -3.78
C VAL A 76 3.70 6.35 -3.08
N LEU A 77 3.94 7.49 -2.50
CA LEU A 77 2.96 8.20 -1.80
C LEU A 77 2.06 8.84 -2.81
N GLY A 78 0.85 8.34 -2.87
CA GLY A 78 -0.06 8.76 -3.87
C GLY A 78 0.34 8.22 -5.22
N HIS A 79 0.82 7.00 -5.25
CA HIS A 79 1.18 6.37 -6.48
C HIS A 79 -0.07 5.81 -7.11
N THR A 80 -0.14 5.84 -8.41
CA THR A 80 -1.27 5.29 -9.09
C THR A 80 -1.16 3.77 -9.04
N HIS A 81 -2.26 3.03 -8.88
CA HIS A 81 -2.22 1.57 -8.75
C HIS A 81 -1.38 0.92 -9.79
N ALA A 82 -1.61 1.31 -11.01
CA ALA A 82 -0.93 0.75 -12.16
C ALA A 82 0.57 0.97 -12.04
N GLN A 83 0.94 2.10 -11.50
CA GLN A 83 2.31 2.46 -11.35
C GLN A 83 2.96 1.67 -10.22
N VAL A 84 2.31 1.69 -9.05
CA VAL A 84 2.83 1.02 -7.87
C VAL A 84 2.89 -0.50 -8.08
N VAL A 85 1.82 -1.07 -8.63
CA VAL A 85 1.76 -2.50 -8.86
C VAL A 85 2.88 -2.94 -9.76
N LYS A 86 3.12 -2.15 -10.79
CA LYS A 86 4.14 -2.44 -11.76
C LYS A 86 5.55 -2.40 -11.17
N ILE A 87 5.82 -1.46 -10.27
CA ILE A 87 7.18 -1.33 -9.73
C ILE A 87 7.44 -2.50 -8.82
N PHE A 88 6.47 -2.72 -7.99
CA PHE A 88 6.49 -3.76 -7.01
C PHE A 88 6.48 -5.16 -7.66
N GLN A 89 5.89 -5.24 -8.82
CA GLN A 89 5.87 -6.47 -9.61
C GLN A 89 7.11 -6.62 -10.51
N SER A 90 7.76 -5.53 -10.83
CA SER A 90 8.94 -5.57 -11.69
C SER A 90 10.20 -5.67 -10.84
N ILE A 91 10.01 -5.65 -9.54
CA ILE A 91 11.06 -5.86 -8.60
C ILE A 91 11.81 -7.19 -8.85
N PRO A 92 13.15 -7.19 -8.73
CA PRO A 92 13.98 -8.37 -8.96
C PRO A 92 14.25 -9.12 -7.66
N ILE A 93 14.40 -10.42 -7.77
CA ILE A 93 14.71 -11.27 -6.64
C ILE A 93 16.13 -10.95 -6.14
N GLY A 94 16.33 -10.95 -4.83
CA GLY A 94 17.66 -10.76 -4.29
C GLY A 94 17.98 -9.33 -4.06
N ALA A 95 16.98 -8.49 -4.11
CA ALA A 95 17.22 -7.03 -4.09
C ALA A 95 16.81 -6.41 -2.73
N SER A 96 16.76 -5.09 -2.66
CA SER A 96 16.56 -4.39 -1.39
C SER A 96 15.79 -3.09 -1.57
N VAL A 97 15.03 -2.74 -0.55
CA VAL A 97 14.33 -1.45 -0.48
C VAL A 97 14.24 -0.99 0.91
N ASP A 98 14.01 0.26 1.04
CA ASP A 98 13.75 0.90 2.30
C ASP A 98 12.31 1.21 2.29
N LEU A 99 11.56 0.52 3.04
CA LEU A 99 10.17 0.70 3.00
C LEU A 99 9.74 1.72 4.04
N GLU A 100 9.26 2.83 3.56
CA GLU A 100 8.83 3.94 4.37
C GLU A 100 7.34 3.69 4.65
N LEU A 101 6.99 3.32 5.86
CA LEU A 101 5.62 2.96 6.13
C LEU A 101 5.12 3.44 7.50
N CYS A 102 3.82 3.49 7.65
CA CYS A 102 3.23 3.93 8.90
C CYS A 102 2.30 2.91 9.48
N ARG A 103 2.58 2.54 10.69
CA ARG A 103 1.81 1.54 11.39
C ARG A 103 0.77 2.28 12.20
N GLY A 104 -0.37 1.69 12.38
CA GLY A 104 -1.38 2.36 13.14
C GLY A 104 -2.73 2.24 12.54
N TYR A 105 -2.84 1.48 11.48
CA TYR A 105 -4.11 1.23 10.87
C TYR A 105 -4.59 -0.16 11.19
N PRO A 106 -5.49 -0.30 12.17
CA PRO A 106 -6.09 -1.57 12.49
C PRO A 106 -6.94 -1.99 11.32
N LEU A 107 -6.80 -3.21 10.88
CA LEU A 107 -7.53 -3.70 9.74
C LEU A 107 -9.01 -3.84 10.14
N PRO A 108 -9.89 -2.92 9.69
CA PRO A 108 -11.27 -2.85 10.13
C PRO A 108 -12.19 -3.58 9.18
N PHE A 109 -11.74 -4.71 8.74
CA PHE A 109 -12.44 -5.53 7.80
C PHE A 109 -11.70 -6.85 7.84
N ASP A 110 -12.26 -7.88 7.25
CA ASP A 110 -11.58 -9.15 7.26
C ASP A 110 -10.52 -9.13 6.21
N PRO A 111 -9.36 -9.69 6.49
CA PRO A 111 -8.27 -9.77 5.55
C PRO A 111 -8.39 -11.10 4.81
N ASP A 112 -9.43 -11.81 5.22
CA ASP A 112 -9.76 -13.08 4.72
C ASP A 112 -10.46 -12.94 3.38
N ASP A 113 -11.20 -11.85 3.31
CA ASP A 113 -12.02 -11.48 2.18
C ASP A 113 -11.24 -11.50 0.86
N PRO A 114 -11.64 -12.42 -0.04
CA PRO A 114 -11.10 -12.53 -1.40
C PRO A 114 -11.35 -11.29 -2.25
N ASN A 115 -11.39 -11.51 -3.55
CA ASN A 115 -11.58 -10.49 -4.52
C ASN A 115 -10.40 -9.55 -4.50
N THR A 116 -9.30 -10.05 -4.97
CA THR A 116 -8.08 -9.30 -5.05
C THR A 116 -8.14 -8.34 -6.27
N SER A 117 -7.02 -8.02 -6.91
CA SER A 117 -6.96 -7.03 -7.97
C SER A 117 -7.90 -7.35 -9.08
N LEU A 118 -8.99 -6.64 -9.09
CA LEU A 118 -9.92 -6.75 -10.10
C LEU A 118 -9.36 -6.04 -11.29
N VAL A 119 -9.19 -6.75 -12.32
CA VAL A 119 -8.71 -6.17 -13.50
C VAL A 119 -9.67 -6.43 -14.62
N THR A 120 -10.22 -5.38 -15.08
CA THR A 120 -11.15 -5.45 -16.11
C THR A 120 -10.43 -5.03 -17.37
N SER A 121 -10.80 -5.60 -18.44
CA SER A 121 -10.23 -5.27 -19.68
C SER A 121 -11.37 -4.79 -20.54
N VAL A 122 -11.17 -3.75 -21.25
CA VAL A 122 -12.20 -3.25 -22.10
C VAL A 122 -11.88 -3.71 -23.51
N ALA A 123 -12.66 -4.64 -24.01
CA ALA A 123 -12.39 -5.22 -25.30
C ALA A 123 -13.60 -5.16 -26.22
N ILE A 124 -13.89 -3.98 -26.69
CA ILE A 124 -14.96 -3.73 -27.65
C ILE A 124 -14.39 -2.92 -28.83
N LEU A 125 -13.41 -2.12 -28.51
CA LEU A 125 -12.75 -1.21 -29.38
C LEU A 125 -11.32 -1.72 -29.56
N ASP A 126 -10.33 -0.85 -29.43
CA ASP A 126 -8.95 -1.24 -29.54
C ASP A 126 -8.56 -2.11 -28.35
N LYS A 127 -8.41 -3.34 -28.63
CA LYS A 127 -8.10 -4.33 -27.64
C LYS A 127 -6.81 -5.04 -27.94
N GLU A 128 -5.86 -4.27 -28.37
CA GLU A 128 -4.54 -4.78 -28.63
C GLU A 128 -3.88 -4.97 -27.27
N PRO A 129 -3.38 -6.19 -26.97
CA PRO A 129 -2.80 -6.51 -25.66
C PRO A 129 -1.63 -5.60 -25.30
N ARG B 1 -9.73 5.74 -18.69
CA ARG B 1 -10.49 4.49 -18.76
C ARG B 1 -11.32 4.32 -17.51
N SER B 2 -12.51 3.77 -17.68
CA SER B 2 -13.38 3.51 -16.58
C SER B 2 -12.94 2.24 -15.87
N SER B 3 -12.04 2.41 -14.88
CA SER B 3 -11.48 1.34 -14.06
C SER B 3 -10.46 0.50 -14.83
N ARG B 4 -9.55 -0.11 -14.10
CA ARG B 4 -8.54 -0.97 -14.68
C ARG B 4 -8.21 -2.11 -13.72
N THR B 5 -7.54 -1.77 -12.67
CA THR B 5 -7.16 -2.62 -11.59
C THR B 5 -6.92 -1.63 -10.47
N ARG B 6 -7.26 -1.94 -9.23
CA ARG B 6 -7.12 -0.92 -8.18
C ARG B 6 -7.08 -1.54 -6.80
N ARG B 7 -6.45 -0.79 -5.85
CA ARG B 7 -6.36 -1.10 -4.44
C ARG B 7 -5.62 -2.38 -4.09
N GLU B 8 -6.12 -3.50 -4.51
CA GLU B 8 -5.59 -4.80 -4.12
C GLU B 8 -4.26 -5.04 -4.85
N THR B 9 -3.19 -4.60 -4.28
CA THR B 9 -1.92 -4.81 -4.90
C THR B 9 -1.26 -6.00 -4.21
N GLN B 10 -1.08 -7.05 -4.95
CA GLN B 10 -0.43 -8.22 -4.44
C GLN B 10 1.04 -8.06 -4.69
N VAL B 11 1.78 -7.76 -3.66
CA VAL B 11 3.16 -7.49 -3.83
C VAL B 11 3.98 -8.59 -3.21
N GLY A 1 -16.75 23.93 3.90
CA GLY A 1 -15.52 23.20 4.13
C GLY A 1 -15.72 21.73 3.92
N ALA A 2 -15.12 21.23 2.86
CA ALA A 2 -15.21 19.84 2.48
C ALA A 2 -14.37 18.97 3.42
N MET A 3 -14.97 18.50 4.47
CA MET A 3 -14.26 17.73 5.48
C MET A 3 -14.55 16.24 5.39
N GLY A 4 -15.01 15.82 4.23
CA GLY A 4 -15.30 14.40 4.02
C GLY A 4 -14.03 13.60 3.92
N LYS A 5 -12.96 14.28 3.64
CA LYS A 5 -11.67 13.67 3.57
C LYS A 5 -11.01 13.80 4.93
N PRO A 6 -10.29 12.77 5.37
CA PRO A 6 -9.48 12.85 6.58
C PRO A 6 -8.23 13.63 6.29
N PHE A 7 -7.47 13.94 7.33
CA PHE A 7 -6.24 14.67 7.19
C PHE A 7 -5.31 13.91 6.26
N PHE A 8 -5.07 14.51 5.14
CA PHE A 8 -4.37 13.88 4.09
C PHE A 8 -3.55 14.88 3.30
N THR A 9 -2.41 14.42 2.88
CA THR A 9 -1.65 15.05 1.87
C THR A 9 -0.73 14.07 1.21
N ARG A 10 0.03 13.43 2.02
CA ARG A 10 1.05 12.44 1.63
C ARG A 10 1.92 12.25 2.81
N ASN A 11 2.01 13.33 3.54
CA ASN A 11 2.86 13.49 4.71
C ASN A 11 2.80 12.30 5.67
N PRO A 12 3.86 11.49 5.75
CA PRO A 12 3.89 10.34 6.64
C PRO A 12 3.79 10.77 8.04
N SER A 13 4.24 11.95 8.25
CA SER A 13 4.33 12.41 9.53
C SER A 13 2.96 12.97 10.01
N GLU A 14 2.02 13.30 9.08
CA GLU A 14 0.69 13.71 9.52
C GLU A 14 -0.03 12.45 9.94
N LEU A 15 0.28 11.36 9.23
CA LEU A 15 -0.26 10.05 9.49
C LEU A 15 -0.01 9.64 10.91
N LYS A 16 -1.04 9.14 11.52
CA LYS A 16 -0.99 8.73 12.92
C LYS A 16 -0.36 7.37 13.07
N GLY A 17 -0.12 7.02 14.31
CA GLY A 17 0.43 5.76 14.64
C GLY A 17 1.90 5.86 14.85
N LYS A 18 2.62 5.09 14.12
CA LYS A 18 4.04 5.04 14.18
C LYS A 18 4.60 5.01 12.80
N PHE A 19 5.66 5.70 12.63
CA PHE A 19 6.29 5.84 11.39
C PHE A 19 7.57 5.05 11.47
N ILE A 20 7.62 4.01 10.73
CA ILE A 20 8.74 3.12 10.75
C ILE A 20 9.36 3.04 9.38
N HIS A 21 10.63 2.76 9.35
CA HIS A 21 11.35 2.66 8.14
C HIS A 21 12.17 1.39 8.19
N THR A 22 11.66 0.41 7.54
CA THR A 22 12.29 -0.89 7.50
C THR A 22 12.75 -1.20 6.07
N LYS A 23 13.85 -1.88 5.93
CA LYS A 23 14.34 -2.30 4.63
C LYS A 23 13.64 -3.61 4.26
N LEU A 24 13.17 -3.70 3.04
CA LEU A 24 12.57 -4.92 2.58
C LEU A 24 13.38 -5.45 1.47
N ARG A 25 13.87 -6.59 1.66
CA ARG A 25 14.65 -7.24 0.70
C ARG A 25 13.73 -7.87 -0.31
N LYS A 26 13.70 -7.34 -1.54
CA LYS A 26 13.03 -7.96 -2.66
C LYS A 26 13.26 -9.41 -2.63
N SER A 27 12.27 -10.11 -2.22
CA SER A 27 12.36 -11.49 -2.06
C SER A 27 11.92 -12.20 -3.35
N SER A 28 10.87 -12.98 -3.32
CA SER A 28 10.50 -13.70 -4.52
C SER A 28 9.74 -12.83 -5.55
N ARG A 29 10.51 -12.03 -6.32
CA ARG A 29 10.00 -11.23 -7.43
C ARG A 29 9.01 -10.21 -6.96
N GLY A 30 9.43 -9.49 -5.98
CA GLY A 30 8.61 -8.50 -5.37
C GLY A 30 8.81 -8.55 -3.91
N PHE A 31 7.76 -8.71 -3.21
CA PHE A 31 7.79 -8.67 -1.81
C PHE A 31 7.13 -9.90 -1.19
N GLY A 32 5.83 -9.91 -1.09
CA GLY A 32 5.18 -10.98 -0.36
C GLY A 32 4.17 -10.46 0.64
N PHE A 33 3.29 -9.62 0.18
CA PHE A 33 2.18 -9.12 0.94
C PHE A 33 1.16 -8.55 0.00
N THR A 34 -0.08 -8.65 0.30
CA THR A 34 -1.04 -8.10 -0.58
C THR A 34 -1.65 -6.88 0.07
N VAL A 35 -1.79 -5.85 -0.69
CA VAL A 35 -2.14 -4.56 -0.15
C VAL A 35 -3.49 -4.05 -0.66
N VAL A 36 -3.99 -2.98 -0.03
CA VAL A 36 -5.18 -2.25 -0.41
C VAL A 36 -4.86 -0.78 -0.53
N GLY A 37 -5.29 -0.20 -1.58
CA GLY A 37 -5.10 1.18 -1.79
C GLY A 37 -4.23 1.45 -2.99
N GLY A 38 -3.29 2.39 -2.77
CA GLY A 38 -2.34 2.90 -3.77
C GLY A 38 -2.95 3.02 -5.08
N ASP A 39 -4.03 3.66 -5.06
CA ASP A 39 -4.84 3.73 -6.21
C ASP A 39 -4.56 4.96 -6.95
N GLU A 40 -4.29 5.99 -6.21
CA GLU A 40 -4.15 7.28 -6.77
C GLU A 40 -3.37 8.14 -5.87
N PRO A 41 -3.03 9.36 -6.28
CA PRO A 41 -2.28 10.30 -5.43
C PRO A 41 -3.15 10.73 -4.26
N ASP A 42 -4.41 10.41 -4.41
CA ASP A 42 -5.43 10.69 -3.46
C ASP A 42 -5.69 9.47 -2.51
N GLU A 43 -5.17 8.28 -2.83
CA GLU A 43 -5.33 7.11 -1.93
C GLU A 43 -4.02 6.28 -1.87
N PHE A 44 -3.50 6.17 -0.62
CA PHE A 44 -2.20 5.52 -0.23
C PHE A 44 -2.35 4.03 -0.14
N LEU A 45 -1.20 3.37 -0.09
CA LEU A 45 -1.16 1.95 -0.05
C LEU A 45 -1.24 1.50 1.39
N GLN A 46 -1.86 0.40 1.63
CA GLN A 46 -1.94 -0.16 2.95
C GLN A 46 -1.83 -1.67 2.80
N ILE A 47 -1.40 -2.37 3.80
CA ILE A 47 -1.21 -3.83 3.69
C ILE A 47 -2.48 -4.54 4.17
N LYS A 48 -3.07 -5.43 3.36
CA LYS A 48 -4.30 -6.10 3.76
C LYS A 48 -4.10 -7.54 4.18
N SER A 49 -3.00 -8.14 3.74
CA SER A 49 -2.65 -9.49 4.16
C SER A 49 -1.16 -9.70 3.99
N LEU A 50 -0.53 -10.16 5.01
CA LEU A 50 0.82 -10.52 5.01
C LEU A 50 0.96 -11.89 4.39
N VAL A 51 1.74 -11.97 3.37
CA VAL A 51 2.01 -13.21 2.73
C VAL A 51 3.32 -13.74 3.32
N LEU A 52 3.21 -14.82 4.05
CA LEU A 52 4.37 -15.43 4.66
C LEU A 52 5.34 -15.87 3.62
N ASP A 53 6.63 -15.76 3.99
CA ASP A 53 7.79 -15.97 3.11
C ASP A 53 8.10 -14.65 2.37
N GLY A 54 7.33 -13.65 2.72
CA GLY A 54 7.54 -12.31 2.25
C GLY A 54 8.53 -11.61 3.12
N PRO A 55 9.17 -10.52 2.68
CA PRO A 55 10.25 -9.96 3.45
C PRO A 55 9.72 -9.25 4.70
N ALA A 56 8.47 -8.82 4.59
CA ALA A 56 7.70 -8.25 5.69
C ALA A 56 7.56 -9.30 6.79
N ALA A 57 7.21 -10.50 6.36
CA ALA A 57 6.99 -11.65 7.22
C ALA A 57 8.28 -12.06 7.89
N LEU A 58 9.28 -12.09 7.09
CA LEU A 58 10.56 -12.56 7.42
C LEU A 58 11.33 -11.68 8.34
N ASP A 59 11.23 -10.38 8.11
CA ASP A 59 11.87 -9.43 9.02
C ASP A 59 11.02 -9.38 10.27
N GLY A 60 9.76 -9.73 10.07
CA GLY A 60 8.78 -9.87 11.14
C GLY A 60 8.42 -8.62 11.83
N LYS A 61 8.73 -7.51 11.26
CA LYS A 61 8.49 -6.27 11.91
C LYS A 61 7.65 -5.35 11.01
N MET A 62 6.96 -5.99 10.11
CA MET A 62 6.03 -5.37 9.21
C MET A 62 4.87 -6.34 9.13
N GLU A 63 3.68 -5.84 9.34
CA GLU A 63 2.52 -6.70 9.56
C GLU A 63 1.28 -6.03 9.04
N THR A 64 0.33 -6.86 8.58
CA THR A 64 -0.90 -6.44 7.99
C THR A 64 -1.54 -5.32 8.80
N GLY A 65 -1.68 -4.17 8.19
CA GLY A 65 -2.13 -3.03 8.89
C GLY A 65 -1.14 -1.87 8.75
N ASP A 66 0.04 -2.12 8.16
CA ASP A 66 1.00 -1.03 7.88
C ASP A 66 0.45 -0.26 6.70
N VAL A 67 0.71 1.00 6.62
CA VAL A 67 0.36 1.71 5.42
C VAL A 67 1.64 2.02 4.66
N ILE A 68 1.68 1.70 3.40
CA ILE A 68 2.83 1.95 2.61
C ILE A 68 2.80 3.37 2.09
N VAL A 69 3.80 4.10 2.56
CA VAL A 69 4.00 5.49 2.31
C VAL A 69 4.98 5.66 1.16
N SER A 70 6.18 5.13 1.29
CA SER A 70 7.16 5.36 0.25
C SER A 70 8.20 4.24 0.25
N VAL A 71 9.01 4.15 -0.80
CA VAL A 71 9.98 3.08 -0.89
C VAL A 71 11.20 3.45 -1.73
N ASN A 72 12.36 3.50 -1.05
CA ASN A 72 13.69 3.69 -1.66
C ASN A 72 13.72 4.90 -2.57
N ASP A 73 13.28 5.98 -2.00
CA ASP A 73 13.22 7.30 -2.62
C ASP A 73 12.19 7.43 -3.73
N THR A 74 11.58 6.33 -4.09
CA THR A 74 10.55 6.31 -5.09
C THR A 74 9.25 6.74 -4.43
N CYS A 75 8.61 7.73 -4.99
CA CYS A 75 7.47 8.33 -4.39
C CYS A 75 6.22 7.52 -4.69
N VAL A 76 6.11 6.39 -4.03
CA VAL A 76 4.98 5.49 -4.13
C VAL A 76 3.83 6.04 -3.26
N LEU A 77 4.12 7.10 -2.57
CA LEU A 77 3.17 7.83 -1.82
C LEU A 77 2.22 8.46 -2.81
N GLY A 78 1.01 7.99 -2.80
CA GLY A 78 0.06 8.45 -3.76
C GLY A 78 0.38 7.93 -5.15
N HIS A 79 0.85 6.71 -5.21
CA HIS A 79 1.16 6.10 -6.46
C HIS A 79 -0.12 5.54 -7.03
N THR A 80 -0.23 5.55 -8.30
CA THR A 80 -1.37 5.00 -8.96
C THR A 80 -1.29 3.48 -8.94
N HIS A 81 -2.40 2.77 -8.78
CA HIS A 81 -2.41 1.29 -8.77
C HIS A 81 -1.58 0.66 -9.88
N ALA A 82 -1.79 1.15 -11.08
CA ALA A 82 -1.09 0.63 -12.25
C ALA A 82 0.42 0.87 -12.14
N GLN A 83 0.77 1.97 -11.49
CA GLN A 83 2.14 2.34 -11.33
C GLN A 83 2.79 1.50 -10.25
N VAL A 84 2.12 1.44 -9.10
CA VAL A 84 2.63 0.72 -7.97
C VAL A 84 2.78 -0.77 -8.30
N VAL A 85 1.77 -1.34 -8.94
CA VAL A 85 1.83 -2.74 -9.30
C VAL A 85 3.00 -3.01 -10.21
N LYS A 86 3.16 -2.16 -11.20
CA LYS A 86 4.20 -2.29 -12.18
C LYS A 86 5.63 -2.27 -11.59
N ILE A 87 5.89 -1.42 -10.60
CA ILE A 87 7.23 -1.34 -10.02
C ILE A 87 7.48 -2.58 -9.19
N PHE A 88 6.51 -2.86 -8.37
CA PHE A 88 6.52 -3.91 -7.41
C PHE A 88 6.55 -5.31 -8.05
N GLN A 89 5.99 -5.45 -9.23
CA GLN A 89 6.10 -6.73 -9.95
C GLN A 89 7.38 -6.80 -10.79
N SER A 90 7.93 -5.64 -11.15
CA SER A 90 9.10 -5.58 -12.01
C SER A 90 10.39 -5.95 -11.27
N ILE A 91 10.42 -5.74 -9.97
CA ILE A 91 11.58 -6.04 -9.17
C ILE A 91 12.01 -7.52 -9.21
N PRO A 92 13.30 -7.75 -9.02
CA PRO A 92 13.94 -9.05 -9.06
C PRO A 92 14.21 -9.60 -7.65
N ILE A 93 14.38 -10.89 -7.58
CA ILE A 93 14.70 -11.58 -6.36
C ILE A 93 16.12 -11.20 -5.90
N GLY A 94 16.25 -10.84 -4.65
CA GLY A 94 17.54 -10.56 -4.09
C GLY A 94 17.86 -9.08 -3.96
N ALA A 95 16.88 -8.21 -4.16
CA ALA A 95 17.19 -6.78 -4.14
C ALA A 95 16.84 -6.13 -2.78
N SER A 96 17.00 -4.82 -2.65
CA SER A 96 16.80 -4.12 -1.37
C SER A 96 16.13 -2.78 -1.56
N VAL A 97 15.30 -2.41 -0.59
CA VAL A 97 14.63 -1.11 -0.55
C VAL A 97 14.39 -0.68 0.86
N ASP A 98 14.23 0.59 0.99
CA ASP A 98 14.03 1.29 2.21
C ASP A 98 12.58 1.64 2.24
N LEU A 99 11.86 0.99 3.04
CA LEU A 99 10.44 1.13 3.05
C LEU A 99 9.97 2.06 4.16
N GLU A 100 9.30 3.11 3.77
CA GLU A 100 8.72 4.05 4.69
C GLU A 100 7.26 3.69 4.84
N LEU A 101 6.88 3.27 6.01
CA LEU A 101 5.52 2.86 6.23
C LEU A 101 5.02 3.33 7.57
N CYS A 102 3.75 3.61 7.66
CA CYS A 102 3.18 4.10 8.87
C CYS A 102 2.17 3.12 9.37
N ARG A 103 2.40 2.63 10.54
CA ARG A 103 1.52 1.69 11.15
C ARG A 103 0.59 2.49 12.04
N GLY A 104 -0.66 2.15 12.08
CA GLY A 104 -1.59 2.92 12.88
C GLY A 104 -2.97 2.86 12.30
N TYR A 105 -3.05 2.69 11.01
CA TYR A 105 -4.30 2.52 10.31
C TYR A 105 -4.53 1.03 10.07
N PRO A 106 -5.32 0.39 10.91
CA PRO A 106 -5.54 -1.04 10.83
C PRO A 106 -6.55 -1.38 9.75
N LEU A 107 -6.87 -2.65 9.68
CA LEU A 107 -7.86 -3.14 8.75
C LEU A 107 -9.20 -3.20 9.47
N PRO A 108 -10.09 -2.21 9.24
CA PRO A 108 -11.40 -2.13 9.90
C PRO A 108 -12.40 -3.08 9.27
N PHE A 109 -11.94 -3.77 8.28
CA PHE A 109 -12.71 -4.71 7.55
C PHE A 109 -11.81 -5.87 7.24
N ASP A 110 -12.39 -6.96 6.88
CA ASP A 110 -11.64 -8.09 6.45
C ASP A 110 -11.64 -8.05 4.99
N PRO A 111 -10.56 -8.45 4.37
CA PRO A 111 -10.40 -8.43 2.95
C PRO A 111 -10.82 -9.80 2.42
N ASP A 112 -11.52 -10.47 3.31
CA ASP A 112 -12.08 -11.75 3.11
C ASP A 112 -13.42 -11.55 2.42
N ASP A 113 -13.96 -10.35 2.63
CA ASP A 113 -15.19 -9.88 2.03
C ASP A 113 -15.00 -9.86 0.52
N PRO A 114 -16.02 -10.35 -0.23
CA PRO A 114 -16.06 -10.47 -1.68
C PRO A 114 -15.00 -9.73 -2.49
N ASN A 115 -15.34 -8.52 -2.88
CA ASN A 115 -14.51 -7.61 -3.65
C ASN A 115 -13.92 -8.30 -4.86
N THR A 116 -14.81 -8.81 -5.69
CA THR A 116 -14.45 -9.49 -6.89
C THR A 116 -13.71 -8.49 -7.79
N SER A 117 -12.64 -8.93 -8.37
CA SER A 117 -11.77 -8.08 -9.09
C SER A 117 -12.30 -7.65 -10.44
N LEU A 118 -12.79 -6.45 -10.46
CA LEU A 118 -13.16 -5.79 -11.64
C LEU A 118 -11.94 -5.02 -12.11
N VAL A 119 -11.60 -5.12 -13.34
CA VAL A 119 -10.42 -4.47 -13.78
C VAL A 119 -10.72 -3.19 -14.52
N THR A 120 -10.15 -2.13 -14.04
CA THR A 120 -10.25 -0.89 -14.66
C THR A 120 -8.85 -0.29 -14.65
N SER A 121 -8.47 0.21 -15.75
CA SER A 121 -7.15 0.70 -15.96
C SER A 121 -7.16 2.21 -15.72
N VAL A 122 -6.06 2.86 -15.98
CA VAL A 122 -5.97 4.28 -15.78
C VAL A 122 -5.82 4.95 -17.13
N ALA A 123 -6.90 5.49 -17.63
CA ALA A 123 -6.87 6.16 -18.90
C ALA A 123 -7.28 7.61 -18.73
N ILE A 124 -6.38 8.37 -18.18
CA ILE A 124 -6.58 9.78 -17.97
C ILE A 124 -5.39 10.52 -18.58
N LEU A 125 -4.22 10.21 -18.05
CA LEU A 125 -2.97 10.84 -18.44
C LEU A 125 -2.35 10.20 -19.66
N ASP A 126 -1.23 10.77 -20.05
CA ASP A 126 -0.47 10.38 -21.22
C ASP A 126 0.37 9.12 -20.94
N LYS A 127 -0.33 8.03 -20.84
CA LYS A 127 0.25 6.75 -20.61
C LYS A 127 -0.42 5.74 -21.52
N GLU A 128 0.34 5.08 -22.35
CA GLU A 128 -0.22 4.10 -23.22
C GLU A 128 -0.08 2.67 -22.69
N PRO A 129 -1.18 1.91 -22.71
CA PRO A 129 -1.20 0.53 -22.24
C PRO A 129 -0.45 -0.42 -23.19
N ARG B 1 -4.56 -14.37 -7.99
CA ARG B 1 -5.85 -13.71 -8.10
C ARG B 1 -5.67 -12.47 -8.97
N SER B 2 -6.73 -12.05 -9.65
CA SER B 2 -6.69 -10.90 -10.54
C SER B 2 -6.60 -9.56 -9.77
N SER B 3 -5.55 -9.42 -8.97
CA SER B 3 -5.33 -8.25 -8.15
C SER B 3 -4.80 -7.05 -8.97
N ARG B 4 -5.62 -6.65 -9.91
CA ARG B 4 -5.40 -5.48 -10.76
C ARG B 4 -6.73 -4.78 -10.82
N THR B 5 -7.41 -4.86 -9.71
CA THR B 5 -8.76 -4.39 -9.56
C THR B 5 -8.78 -3.04 -8.85
N ARG B 6 -7.59 -2.40 -8.77
CA ARG B 6 -7.34 -1.16 -7.98
C ARG B 6 -7.34 -1.54 -6.52
N ARG B 7 -6.55 -0.87 -5.67
CA ARG B 7 -6.51 -1.18 -4.27
C ARG B 7 -5.78 -2.48 -3.98
N GLU B 8 -6.37 -3.60 -4.32
CA GLU B 8 -5.74 -4.87 -4.08
C GLU B 8 -4.61 -5.07 -5.08
N THR B 9 -3.40 -5.00 -4.57
CA THR B 9 -2.21 -5.23 -5.36
C THR B 9 -1.43 -6.36 -4.68
N GLN B 10 -0.96 -7.33 -5.44
CA GLN B 10 -0.18 -8.42 -4.88
C GLN B 10 1.26 -8.15 -5.13
N VAL B 11 2.00 -7.97 -4.08
CA VAL B 11 3.38 -7.68 -4.19
C VAL B 11 4.15 -8.80 -3.52
N GLY A 1 -5.38 17.34 15.30
CA GLY A 1 -6.32 18.36 14.81
C GLY A 1 -7.64 17.75 14.49
N ALA A 2 -8.37 18.35 13.59
CA ALA A 2 -9.64 17.84 13.15
C ALA A 2 -9.39 16.92 11.96
N MET A 3 -8.82 15.78 12.25
CA MET A 3 -8.39 14.83 11.23
C MET A 3 -9.00 13.47 11.51
N GLY A 4 -10.27 13.50 11.87
CA GLY A 4 -11.02 12.28 12.12
C GLY A 4 -11.64 11.74 10.84
N LYS A 5 -11.37 12.44 9.77
CA LYS A 5 -11.78 12.07 8.45
C LYS A 5 -10.56 11.54 7.76
N PRO A 6 -10.69 10.76 6.67
CA PRO A 6 -9.53 10.27 5.95
C PRO A 6 -8.78 11.42 5.32
N PHE A 7 -7.59 11.52 5.73
CA PHE A 7 -6.74 12.59 5.40
C PHE A 7 -5.65 12.18 4.45
N PHE A 8 -5.32 13.10 3.60
CA PHE A 8 -4.25 12.98 2.67
C PHE A 8 -3.63 14.34 2.44
N THR A 9 -2.34 14.37 2.46
CA THR A 9 -1.55 15.47 2.01
C THR A 9 -0.09 15.02 1.89
N ARG A 10 0.07 13.74 1.42
CA ARG A 10 1.36 13.06 1.12
C ARG A 10 2.29 12.93 2.33
N ASN A 11 1.76 13.19 3.43
CA ASN A 11 2.51 13.16 4.66
C ASN A 11 2.39 11.85 5.47
N PRO A 12 3.51 11.11 5.62
CA PRO A 12 3.56 9.97 6.54
C PRO A 12 3.30 10.49 7.91
N SER A 13 3.72 11.69 8.04
CA SER A 13 3.70 12.42 9.19
C SER A 13 2.23 12.77 9.61
N GLU A 14 1.28 12.82 8.63
CA GLU A 14 -0.12 13.09 8.95
C GLU A 14 -0.74 11.80 9.45
N LEU A 15 -0.27 10.68 8.86
CA LEU A 15 -0.70 9.36 9.26
C LEU A 15 -0.40 9.12 10.71
N LYS A 16 -1.37 8.56 11.36
CA LYS A 16 -1.31 8.31 12.78
C LYS A 16 -0.48 7.07 13.10
N GLY A 17 -0.16 6.96 14.36
CA GLY A 17 0.56 5.84 14.86
C GLY A 17 2.03 6.11 15.02
N LYS A 18 2.79 5.29 14.37
CA LYS A 18 4.22 5.31 14.42
C LYS A 18 4.78 5.13 13.04
N PHE A 19 5.88 5.73 12.80
CA PHE A 19 6.47 5.78 11.52
C PHE A 19 7.77 5.00 11.54
N ILE A 20 7.87 4.03 10.68
CA ILE A 20 9.04 3.17 10.60
C ILE A 20 9.45 2.96 9.18
N HIS A 21 10.72 2.72 8.98
CA HIS A 21 11.21 2.45 7.67
C HIS A 21 11.96 1.13 7.65
N THR A 22 11.30 0.12 7.18
CA THR A 22 11.83 -1.21 7.19
C THR A 22 12.32 -1.60 5.81
N LYS A 23 13.51 -2.10 5.74
CA LYS A 23 14.06 -2.54 4.50
C LYS A 23 13.57 -3.93 4.23
N LEU A 24 13.06 -4.13 3.05
CA LEU A 24 12.60 -5.40 2.65
C LEU A 24 13.42 -5.83 1.53
N ARG A 25 14.00 -6.94 1.67
CA ARG A 25 14.82 -7.44 0.66
C ARG A 25 13.92 -8.17 -0.31
N LYS A 26 13.98 -7.80 -1.58
CA LYS A 26 13.30 -8.52 -2.62
C LYS A 26 13.76 -9.91 -2.58
N SER A 27 12.92 -10.76 -2.06
CA SER A 27 13.30 -12.11 -1.83
C SER A 27 13.22 -12.90 -3.12
N SER A 28 12.05 -13.30 -3.52
CA SER A 28 11.93 -14.02 -4.73
C SER A 28 11.11 -13.21 -5.73
N ARG A 29 11.78 -12.24 -6.34
CA ARG A 29 11.24 -11.40 -7.41
C ARG A 29 10.08 -10.55 -6.94
N GLY A 30 10.04 -10.30 -5.67
CA GLY A 30 9.00 -9.52 -5.12
C GLY A 30 9.08 -9.46 -3.64
N PHE A 31 7.94 -9.51 -3.05
CA PHE A 31 7.81 -9.32 -1.67
C PHE A 31 7.07 -10.48 -1.00
N GLY A 32 5.77 -10.43 -0.97
CA GLY A 32 5.01 -11.36 -0.19
C GLY A 32 4.08 -10.66 0.78
N PHE A 33 3.28 -9.77 0.27
CA PHE A 33 2.23 -9.12 1.03
C PHE A 33 1.24 -8.54 0.05
N THR A 34 0.02 -8.45 0.41
CA THR A 34 -0.92 -7.85 -0.44
C THR A 34 -1.37 -6.56 0.15
N VAL A 35 -1.44 -5.61 -0.69
CA VAL A 35 -1.63 -4.30 -0.29
C VAL A 35 -2.84 -3.68 -0.99
N VAL A 36 -3.49 -2.78 -0.30
CA VAL A 36 -4.70 -2.14 -0.75
C VAL A 36 -4.54 -0.67 -0.98
N GLY A 37 -5.50 -0.12 -1.68
CA GLY A 37 -5.52 1.26 -1.98
C GLY A 37 -4.67 1.60 -3.18
N GLY A 38 -3.72 2.56 -2.92
CA GLY A 38 -2.75 3.10 -3.85
C GLY A 38 -3.33 3.39 -5.14
N ASP A 39 -4.35 4.12 -5.06
CA ASP A 39 -5.11 4.46 -6.18
C ASP A 39 -4.52 5.66 -6.84
N GLU A 40 -4.22 6.65 -6.05
CA GLU A 40 -3.97 7.94 -6.61
C GLU A 40 -3.18 8.78 -5.68
N PRO A 41 -2.78 9.98 -6.12
CA PRO A 41 -2.07 10.98 -5.31
C PRO A 41 -3.07 11.63 -4.39
N ASP A 42 -3.64 10.78 -3.62
CA ASP A 42 -4.78 11.05 -2.79
C ASP A 42 -5.15 9.78 -1.98
N GLU A 43 -4.74 8.62 -2.49
CA GLU A 43 -4.98 7.36 -1.85
C GLU A 43 -3.67 6.54 -1.79
N PHE A 44 -3.25 6.22 -0.54
CA PHE A 44 -1.98 5.50 -0.18
C PHE A 44 -2.20 4.00 -0.18
N LEU A 45 -1.10 3.24 -0.15
CA LEU A 45 -1.24 1.80 -0.15
C LEU A 45 -1.15 1.28 1.28
N GLN A 46 -1.87 0.24 1.62
CA GLN A 46 -1.89 -0.29 2.99
C GLN A 46 -1.78 -1.81 2.97
N ILE A 47 -1.16 -2.40 3.94
CA ILE A 47 -1.01 -3.86 3.95
C ILE A 47 -2.30 -4.54 4.42
N LYS A 48 -2.96 -5.31 3.52
CA LYS A 48 -4.22 -5.97 3.88
C LYS A 48 -4.00 -7.42 4.26
N SER A 49 -2.91 -7.99 3.82
CA SER A 49 -2.57 -9.34 4.18
C SER A 49 -1.08 -9.53 4.06
N LEU A 50 -0.49 -10.01 5.10
CA LEU A 50 0.87 -10.35 5.11
C LEU A 50 1.02 -11.77 4.59
N VAL A 51 1.60 -11.91 3.43
CA VAL A 51 1.77 -13.20 2.86
C VAL A 51 3.08 -13.79 3.38
N LEU A 52 2.96 -14.72 4.29
CA LEU A 52 4.09 -15.29 4.98
C LEU A 52 5.09 -15.88 4.03
N ASP A 53 6.36 -15.76 4.44
CA ASP A 53 7.55 -16.10 3.64
C ASP A 53 7.96 -14.89 2.76
N GLY A 54 7.23 -13.80 2.97
CA GLY A 54 7.56 -12.51 2.39
C GLY A 54 8.54 -11.79 3.26
N PRO A 55 9.27 -10.74 2.80
CA PRO A 55 10.35 -10.18 3.58
C PRO A 55 9.78 -9.40 4.78
N ALA A 56 8.56 -8.93 4.61
CA ALA A 56 7.81 -8.24 5.64
C ALA A 56 7.56 -9.19 6.80
N ALA A 57 7.19 -10.41 6.47
CA ALA A 57 6.89 -11.46 7.42
C ALA A 57 8.12 -11.84 8.17
N LEU A 58 9.12 -12.01 7.41
CA LEU A 58 10.37 -12.52 7.80
C LEU A 58 11.19 -11.60 8.63
N ASP A 59 11.19 -10.34 8.27
CA ASP A 59 11.88 -9.34 9.06
C ASP A 59 11.01 -9.02 10.25
N GLY A 60 9.74 -9.24 10.04
CA GLY A 60 8.73 -9.04 11.06
C GLY A 60 8.55 -7.63 11.52
N LYS A 61 8.86 -6.71 10.68
CA LYS A 61 8.73 -5.34 11.05
C LYS A 61 7.57 -4.67 10.27
N MET A 62 6.94 -5.44 9.43
CA MET A 62 5.78 -5.00 8.67
C MET A 62 4.69 -6.02 8.87
N GLU A 63 3.55 -5.57 9.28
CA GLU A 63 2.42 -6.42 9.59
C GLU A 63 1.15 -5.77 9.15
N THR A 64 0.23 -6.61 8.70
CA THR A 64 -1.04 -6.23 8.15
C THR A 64 -1.72 -5.17 9.00
N GLY A 65 -1.86 -4.01 8.44
CA GLY A 65 -2.39 -2.88 9.11
C GLY A 65 -1.58 -1.63 8.80
N ASP A 66 -0.27 -1.81 8.69
CA ASP A 66 0.58 -0.69 8.37
C ASP A 66 0.40 -0.22 6.94
N VAL A 67 0.53 1.06 6.76
CA VAL A 67 0.29 1.66 5.49
C VAL A 67 1.55 2.19 4.83
N ILE A 68 1.74 1.74 3.60
CA ILE A 68 2.86 2.05 2.76
C ILE A 68 2.76 3.48 2.24
N VAL A 69 3.76 4.25 2.66
CA VAL A 69 3.89 5.65 2.37
C VAL A 69 4.97 5.85 1.28
N SER A 70 6.18 5.40 1.53
CA SER A 70 7.27 5.62 0.58
C SER A 70 8.13 4.34 0.43
N VAL A 71 8.85 4.22 -0.69
CA VAL A 71 9.63 3.02 -0.97
C VAL A 71 11.02 3.34 -1.56
N ASN A 72 12.01 3.20 -0.71
CA ASN A 72 13.43 3.35 -1.03
C ASN A 72 13.77 4.76 -1.52
N ASP A 73 13.55 5.00 -2.76
CA ASP A 73 13.78 6.32 -3.37
C ASP A 73 12.58 6.74 -4.22
N THR A 74 11.70 5.80 -4.48
CA THR A 74 10.57 6.04 -5.31
C THR A 74 9.38 6.52 -4.46
N CYS A 75 8.75 7.53 -4.96
CA CYS A 75 7.64 8.14 -4.30
C CYS A 75 6.38 7.31 -4.56
N VAL A 76 6.22 6.22 -3.82
CA VAL A 76 5.01 5.40 -3.95
C VAL A 76 3.86 6.11 -3.20
N LEU A 77 4.25 7.18 -2.54
CA LEU A 77 3.37 8.09 -1.88
C LEU A 77 2.38 8.57 -2.91
N GLY A 78 1.15 8.15 -2.75
CA GLY A 78 0.12 8.48 -3.67
C GLY A 78 0.41 8.02 -5.09
N HIS A 79 1.00 6.86 -5.22
CA HIS A 79 1.32 6.32 -6.51
C HIS A 79 0.04 5.79 -7.08
N THR A 80 -0.13 5.90 -8.35
CA THR A 80 -1.29 5.36 -9.00
C THR A 80 -1.10 3.85 -9.01
N HIS A 81 -2.21 3.15 -8.79
CA HIS A 81 -2.27 1.69 -8.68
C HIS A 81 -1.62 1.00 -9.83
N ALA A 82 -1.83 1.53 -11.00
CA ALA A 82 -1.26 0.97 -12.22
C ALA A 82 0.26 1.08 -12.20
N GLN A 83 0.73 2.19 -11.65
CA GLN A 83 2.12 2.49 -11.59
C GLN A 83 2.81 1.66 -10.51
N VAL A 84 2.21 1.64 -9.33
CA VAL A 84 2.77 0.91 -8.20
C VAL A 84 2.86 -0.59 -8.49
N VAL A 85 1.80 -1.16 -9.08
CA VAL A 85 1.82 -2.58 -9.42
C VAL A 85 2.91 -2.88 -10.43
N LYS A 86 3.10 -1.97 -11.36
CA LYS A 86 4.09 -2.12 -12.38
C LYS A 86 5.50 -2.26 -11.77
N ILE A 87 5.83 -1.40 -10.81
CA ILE A 87 7.17 -1.40 -10.24
C ILE A 87 7.37 -2.62 -9.37
N PHE A 88 6.42 -2.79 -8.52
CA PHE A 88 6.43 -3.81 -7.52
C PHE A 88 6.37 -5.23 -8.10
N GLN A 89 5.65 -5.40 -9.18
CA GLN A 89 5.54 -6.70 -9.80
C GLN A 89 6.72 -6.95 -10.76
N SER A 90 7.36 -5.89 -11.22
CA SER A 90 8.50 -6.05 -12.11
C SER A 90 9.83 -6.14 -11.33
N ILE A 91 9.73 -6.01 -10.03
CA ILE A 91 10.84 -6.16 -9.11
C ILE A 91 11.71 -7.45 -9.36
N PRO A 92 13.06 -7.34 -9.19
CA PRO A 92 13.99 -8.46 -9.35
C PRO A 92 14.40 -9.10 -8.01
N ILE A 93 14.82 -10.33 -8.08
CA ILE A 93 15.26 -11.13 -6.94
C ILE A 93 16.60 -10.58 -6.38
N GLY A 94 16.75 -10.59 -5.06
CA GLY A 94 18.02 -10.20 -4.47
C GLY A 94 18.12 -8.72 -4.29
N ALA A 95 17.01 -8.03 -4.43
CA ALA A 95 17.04 -6.58 -4.47
C ALA A 95 16.63 -5.93 -3.12
N SER A 96 16.48 -4.63 -3.08
CA SER A 96 16.35 -3.92 -1.79
C SER A 96 15.51 -2.64 -1.84
N VAL A 97 14.68 -2.45 -0.82
CA VAL A 97 13.91 -1.19 -0.65
C VAL A 97 13.68 -0.91 0.80
N ASP A 98 13.60 0.33 1.11
CA ASP A 98 13.29 0.81 2.44
C ASP A 98 11.89 1.31 2.44
N LEU A 99 11.02 0.62 3.08
CA LEU A 99 9.64 1.03 3.09
C LEU A 99 9.40 1.93 4.25
N GLU A 100 9.10 3.16 3.97
CA GLU A 100 8.74 4.10 4.96
C GLU A 100 7.24 3.97 5.11
N LEU A 101 6.80 3.38 6.19
CA LEU A 101 5.41 3.11 6.37
C LEU A 101 4.97 3.54 7.74
N CYS A 102 3.71 3.74 7.90
CA CYS A 102 3.20 4.17 9.15
C CYS A 102 2.28 3.10 9.69
N ARG A 103 2.57 2.69 10.88
CA ARG A 103 1.83 1.69 11.57
C ARG A 103 0.88 2.42 12.50
N GLY A 104 -0.32 1.94 12.67
CA GLY A 104 -1.26 2.65 13.50
C GLY A 104 -2.67 2.44 13.05
N TYR A 105 -2.83 1.84 11.89
CA TYR A 105 -4.13 1.55 11.34
C TYR A 105 -4.47 0.07 11.39
N PRO A 106 -5.13 -0.41 12.43
CA PRO A 106 -5.66 -1.76 12.42
C PRO A 106 -6.77 -1.77 11.39
N LEU A 107 -6.72 -2.75 10.47
CA LEU A 107 -7.60 -2.87 9.28
C LEU A 107 -9.05 -2.47 9.59
N PRO A 108 -9.42 -1.21 9.26
CA PRO A 108 -10.72 -0.65 9.57
C PRO A 108 -11.71 -0.76 8.42
N PHE A 109 -11.27 -1.27 7.32
CA PHE A 109 -12.08 -1.40 6.15
C PHE A 109 -11.95 -2.81 5.65
N ASP A 110 -12.92 -3.26 4.90
CA ASP A 110 -12.84 -4.57 4.29
C ASP A 110 -12.24 -4.39 2.95
N PRO A 111 -11.31 -5.22 2.59
CA PRO A 111 -10.54 -5.07 1.41
C PRO A 111 -10.99 -6.04 0.33
N ASP A 112 -12.13 -6.64 0.57
CA ASP A 112 -12.66 -7.61 -0.32
C ASP A 112 -13.79 -6.96 -1.13
N ASP A 113 -14.46 -6.02 -0.44
CA ASP A 113 -15.60 -5.19 -0.94
C ASP A 113 -15.45 -4.81 -2.43
N PRO A 114 -16.53 -5.11 -3.23
CA PRO A 114 -16.66 -5.00 -4.72
C PRO A 114 -15.73 -4.03 -5.51
N ASN A 115 -16.35 -3.32 -6.47
CA ASN A 115 -15.71 -2.37 -7.37
C ASN A 115 -14.91 -3.04 -8.47
N THR A 116 -14.28 -4.18 -8.12
CA THR A 116 -13.46 -4.97 -9.01
C THR A 116 -12.10 -4.24 -9.26
N SER A 117 -11.13 -4.96 -9.72
CA SER A 117 -9.85 -4.44 -10.05
C SER A 117 -9.61 -4.77 -11.50
N LEU A 118 -9.26 -3.78 -12.31
CA LEU A 118 -8.98 -4.07 -13.70
C LEU A 118 -7.64 -4.69 -13.77
N VAL A 119 -7.64 -5.91 -13.96
CA VAL A 119 -6.42 -6.64 -14.05
C VAL A 119 -6.26 -7.19 -15.44
N THR A 120 -5.33 -6.64 -16.15
CA THR A 120 -5.06 -7.02 -17.49
C THR A 120 -4.41 -8.42 -17.48
N SER A 121 -4.62 -9.15 -18.52
CA SER A 121 -4.08 -10.46 -18.61
C SER A 121 -2.63 -10.36 -19.05
N VAL A 122 -1.79 -10.26 -18.08
CA VAL A 122 -0.40 -10.14 -18.26
C VAL A 122 0.26 -11.47 -17.96
N ALA A 123 1.15 -11.88 -18.80
CA ALA A 123 1.84 -13.09 -18.58
C ALA A 123 3.27 -12.95 -18.99
N ILE A 124 4.08 -12.72 -18.01
CA ILE A 124 5.52 -12.64 -18.17
C ILE A 124 6.07 -14.00 -17.71
N LEU A 125 5.13 -14.87 -17.48
CA LEU A 125 5.36 -16.23 -17.14
C LEU A 125 4.98 -17.05 -18.35
N ASP A 126 5.69 -18.16 -18.55
CA ASP A 126 5.46 -19.11 -19.67
C ASP A 126 6.02 -18.60 -20.99
N LYS A 127 6.46 -17.41 -20.93
CA LYS A 127 7.03 -16.71 -22.02
C LYS A 127 8.36 -16.23 -21.53
N GLU A 128 9.31 -16.12 -22.39
CA GLU A 128 10.59 -15.64 -21.99
C GLU A 128 10.77 -14.16 -22.29
N PRO A 129 10.98 -13.35 -21.27
CA PRO A 129 11.32 -11.95 -21.43
C PRO A 129 12.85 -11.76 -21.45
N ARG B 1 -15.76 -2.12 -18.82
CA ARG B 1 -15.12 -2.06 -17.51
C ARG B 1 -15.73 -0.97 -16.64
N SER B 2 -15.98 -1.30 -15.41
CA SER B 2 -16.50 -0.37 -14.46
C SER B 2 -15.52 -0.36 -13.30
N SER B 3 -15.24 0.84 -12.76
CA SER B 3 -14.22 1.05 -11.73
C SER B 3 -12.83 0.73 -12.30
N ARG B 4 -11.79 0.80 -11.49
CA ARG B 4 -10.44 0.57 -12.00
C ARG B 4 -9.66 -0.49 -11.17
N THR B 5 -8.37 -0.71 -11.48
CA THR B 5 -7.50 -1.71 -10.77
C THR B 5 -7.37 -1.32 -9.26
N ARG B 6 -7.59 -0.05 -9.04
CA ARG B 6 -7.47 0.68 -7.76
C ARG B 6 -8.14 -0.08 -6.61
N ARG B 7 -7.34 -0.71 -5.71
CA ARG B 7 -7.86 -1.55 -4.59
C ARG B 7 -6.83 -2.48 -4.01
N GLU B 8 -6.17 -3.29 -4.83
CA GLU B 8 -5.20 -4.23 -4.28
C GLU B 8 -4.11 -4.66 -5.26
N THR B 9 -2.92 -4.57 -4.80
CA THR B 9 -1.75 -4.96 -5.53
C THR B 9 -1.15 -6.18 -4.79
N GLN B 10 -0.84 -7.22 -5.52
CA GLN B 10 -0.23 -8.39 -4.93
C GLN B 10 1.24 -8.38 -5.24
N VAL B 11 2.06 -8.38 -4.21
CA VAL B 11 3.47 -8.29 -4.38
C VAL B 11 4.17 -9.32 -3.54
N GLY A 1 -14.79 20.64 18.54
CA GLY A 1 -14.41 19.45 17.81
C GLY A 1 -13.60 19.80 16.61
N ALA A 2 -12.85 18.85 16.12
CA ALA A 2 -12.01 19.01 14.96
C ALA A 2 -11.63 17.64 14.48
N MET A 3 -11.22 17.54 13.23
CA MET A 3 -10.85 16.25 12.59
C MET A 3 -12.06 15.32 12.48
N GLY A 4 -11.81 14.07 12.17
CA GLY A 4 -12.88 13.10 12.00
C GLY A 4 -13.16 12.87 10.55
N LYS A 5 -12.36 13.49 9.72
CA LYS A 5 -12.47 13.39 8.29
C LYS A 5 -11.35 12.50 7.80
N PRO A 6 -11.48 11.91 6.61
CA PRO A 6 -10.40 11.13 6.04
C PRO A 6 -9.28 12.08 5.65
N PHE A 7 -8.14 11.80 6.16
CA PHE A 7 -7.04 12.69 6.04
C PHE A 7 -6.07 12.30 4.95
N PHE A 8 -5.75 13.27 4.15
CA PHE A 8 -4.82 13.16 3.06
C PHE A 8 -4.11 14.49 2.85
N THR A 9 -2.84 14.41 2.65
CA THR A 9 -2.00 15.51 2.20
C THR A 9 -0.54 15.01 2.01
N ARG A 10 -0.41 13.72 1.59
CA ARG A 10 0.89 13.00 1.26
C ARG A 10 1.92 13.13 2.35
N ASN A 11 1.44 13.30 3.46
CA ASN A 11 2.21 13.33 4.67
C ASN A 11 2.27 11.99 5.36
N PRO A 12 3.45 11.38 5.47
CA PRO A 12 3.63 10.14 6.25
C PRO A 12 3.33 10.45 7.66
N SER A 13 3.70 11.62 7.93
CA SER A 13 3.66 12.22 9.13
C SER A 13 2.20 12.42 9.65
N GLU A 14 1.22 12.55 8.70
CA GLU A 14 -0.18 12.68 9.09
C GLU A 14 -0.69 11.30 9.39
N LEU A 15 -0.15 10.32 8.65
CA LEU A 15 -0.47 8.94 8.85
C LEU A 15 -0.09 8.52 10.23
N LYS A 16 -1.04 7.92 10.86
CA LYS A 16 -0.96 7.63 12.25
C LYS A 16 -0.21 6.34 12.54
N GLY A 17 -0.27 5.95 13.79
CA GLY A 17 0.46 4.85 14.28
C GLY A 17 1.92 5.21 14.48
N LYS A 18 2.74 4.35 14.05
CA LYS A 18 4.17 4.48 14.15
C LYS A 18 4.75 4.61 12.77
N PHE A 19 5.69 5.45 12.63
CA PHE A 19 6.30 5.72 11.39
C PHE A 19 7.68 5.15 11.45
N ILE A 20 7.93 4.17 10.65
CA ILE A 20 9.16 3.44 10.64
C ILE A 20 9.71 3.31 9.24
N HIS A 21 11.00 3.20 9.18
CA HIS A 21 11.72 3.05 7.95
C HIS A 21 12.61 1.81 8.09
N THR A 22 12.17 0.76 7.47
CA THR A 22 12.81 -0.55 7.58
C THR A 22 13.03 -1.17 6.19
N LYS A 23 14.10 -1.91 6.05
CA LYS A 23 14.48 -2.51 4.78
C LYS A 23 13.70 -3.79 4.50
N LEU A 24 13.19 -3.92 3.29
CA LEU A 24 12.52 -5.12 2.87
C LEU A 24 13.25 -5.65 1.69
N ARG A 25 13.64 -6.86 1.78
CA ARG A 25 14.37 -7.48 0.78
C ARG A 25 13.41 -8.05 -0.26
N LYS A 26 13.51 -7.60 -1.50
CA LYS A 26 12.85 -8.23 -2.62
C LYS A 26 13.16 -9.66 -2.61
N SER A 27 12.25 -10.45 -2.13
CA SER A 27 12.48 -11.84 -2.01
C SER A 27 12.20 -12.52 -3.35
N SER A 28 11.02 -13.02 -3.56
CA SER A 28 10.73 -13.71 -4.78
C SER A 28 10.07 -12.77 -5.78
N ARG A 29 10.90 -11.87 -6.31
CA ARG A 29 10.54 -10.91 -7.33
C ARG A 29 9.44 -9.98 -6.87
N GLY A 30 9.55 -9.57 -5.65
CA GLY A 30 8.59 -8.70 -5.08
C GLY A 30 8.73 -8.72 -3.61
N PHE A 31 7.63 -8.74 -2.95
CA PHE A 31 7.60 -8.66 -1.54
C PHE A 31 6.90 -9.87 -0.93
N GLY A 32 5.61 -9.84 -0.85
CA GLY A 32 4.91 -10.88 -0.11
C GLY A 32 3.97 -10.30 0.91
N PHE A 33 3.13 -9.43 0.46
CA PHE A 33 2.07 -8.87 1.23
C PHE A 33 1.06 -8.29 0.28
N THR A 34 -0.18 -8.40 0.58
CA THR A 34 -1.16 -7.88 -0.30
C THR A 34 -1.72 -6.60 0.30
N VAL A 35 -1.87 -5.59 -0.51
CA VAL A 35 -2.16 -4.28 -0.01
C VAL A 35 -3.56 -3.80 -0.44
N VAL A 36 -4.06 -2.77 0.24
CA VAL A 36 -5.29 -2.07 -0.13
C VAL A 36 -4.99 -0.62 -0.35
N GLY A 37 -5.49 -0.09 -1.42
CA GLY A 37 -5.33 1.29 -1.70
C GLY A 37 -4.49 1.50 -2.92
N GLY A 38 -3.47 2.41 -2.77
CA GLY A 38 -2.54 2.82 -3.80
C GLY A 38 -3.21 2.93 -5.09
N ASP A 39 -4.11 3.79 -5.11
CA ASP A 39 -4.99 3.88 -6.21
C ASP A 39 -4.73 5.12 -6.96
N GLU A 40 -4.40 6.15 -6.24
CA GLU A 40 -4.33 7.47 -6.81
C GLU A 40 -3.47 8.34 -5.98
N PRO A 41 -3.19 9.56 -6.39
CA PRO A 41 -2.35 10.49 -5.61
C PRO A 41 -2.98 10.73 -4.27
N ASP A 42 -4.27 10.65 -4.31
CA ASP A 42 -5.14 10.73 -3.18
C ASP A 42 -5.00 9.51 -2.26
N GLU A 43 -4.86 8.34 -2.84
CA GLU A 43 -4.90 7.14 -2.08
C GLU A 43 -3.55 6.40 -2.08
N PHE A 44 -3.04 6.24 -0.87
CA PHE A 44 -1.74 5.62 -0.53
C PHE A 44 -1.96 4.14 -0.33
N LEU A 45 -0.89 3.36 -0.31
CA LEU A 45 -1.07 1.93 -0.19
C LEU A 45 -1.11 1.57 1.27
N GLN A 46 -1.90 0.63 1.63
CA GLN A 46 -2.01 0.18 3.00
C GLN A 46 -1.97 -1.33 2.90
N ILE A 47 -1.85 -2.04 3.97
CA ILE A 47 -1.66 -3.49 3.86
C ILE A 47 -2.84 -4.27 4.43
N LYS A 48 -3.40 -5.17 3.61
CA LYS A 48 -4.56 -5.97 4.01
C LYS A 48 -4.20 -7.39 4.40
N SER A 49 -3.05 -7.87 3.98
CA SER A 49 -2.61 -9.18 4.39
C SER A 49 -1.09 -9.30 4.31
N LEU A 50 -0.51 -9.70 5.40
CA LEU A 50 0.85 -10.06 5.46
C LEU A 50 0.99 -11.46 4.89
N VAL A 51 1.56 -11.58 3.73
CA VAL A 51 1.71 -12.83 3.09
C VAL A 51 2.95 -13.51 3.62
N LEU A 52 2.79 -14.69 4.08
CA LEU A 52 3.88 -15.44 4.61
C LEU A 52 4.84 -15.80 3.53
N ASP A 53 6.12 -15.79 3.90
CA ASP A 53 7.26 -15.97 2.99
C ASP A 53 7.62 -14.62 2.33
N GLY A 54 6.89 -13.61 2.73
CA GLY A 54 7.17 -12.26 2.32
C GLY A 54 8.23 -11.69 3.20
N PRO A 55 8.94 -10.61 2.82
CA PRO A 55 10.07 -10.17 3.58
C PRO A 55 9.60 -9.53 4.86
N ALA A 56 8.40 -9.03 4.83
CA ALA A 56 7.73 -8.47 5.97
C ALA A 56 7.53 -9.55 7.03
N ALA A 57 7.09 -10.71 6.57
CA ALA A 57 6.84 -11.86 7.42
C ALA A 57 8.13 -12.33 8.03
N LEU A 58 9.04 -12.48 7.16
CA LEU A 58 10.31 -13.05 7.41
C LEU A 58 11.27 -12.23 8.21
N ASP A 59 11.41 -11.01 7.80
CA ASP A 59 12.33 -10.10 8.43
C ASP A 59 11.68 -9.55 9.66
N GLY A 60 10.36 -9.64 9.67
CA GLY A 60 9.60 -9.08 10.73
C GLY A 60 9.51 -7.58 10.58
N LYS A 61 9.01 -6.91 11.61
CA LYS A 61 8.92 -5.45 11.71
C LYS A 61 8.07 -4.83 10.56
N MET A 62 7.11 -5.58 10.08
CA MET A 62 6.12 -5.07 9.15
C MET A 62 4.91 -5.97 9.17
N GLU A 63 3.71 -5.39 9.28
CA GLU A 63 2.48 -6.19 9.55
C GLU A 63 1.24 -5.58 8.89
N THR A 64 0.21 -6.41 8.72
CA THR A 64 -1.06 -6.01 8.19
C THR A 64 -1.60 -4.83 9.02
N GLY A 65 -1.82 -3.72 8.37
CA GLY A 65 -2.24 -2.54 9.09
C GLY A 65 -1.24 -1.41 9.00
N ASP A 66 -0.19 -1.59 8.24
CA ASP A 66 0.68 -0.48 7.97
C ASP A 66 0.41 0.14 6.64
N VAL A 67 0.57 1.44 6.59
CA VAL A 67 0.35 2.17 5.41
C VAL A 67 1.66 2.48 4.72
N ILE A 68 1.79 1.97 3.53
CA ILE A 68 2.94 2.14 2.70
C ILE A 68 2.93 3.55 2.14
N VAL A 69 3.90 4.30 2.64
CA VAL A 69 4.10 5.67 2.31
C VAL A 69 5.01 5.78 1.10
N SER A 70 6.21 5.23 1.19
CA SER A 70 7.17 5.30 0.07
C SER A 70 8.24 4.23 0.22
N VAL A 71 9.08 4.11 -0.79
CA VAL A 71 10.13 3.14 -0.76
C VAL A 71 11.41 3.75 -1.36
N ASN A 72 12.47 3.77 -0.55
CA ASN A 72 13.80 4.37 -0.85
C ASN A 72 13.80 5.61 -1.75
N ASP A 73 13.88 5.39 -3.03
CA ASP A 73 13.97 6.47 -4.01
C ASP A 73 12.61 6.90 -4.55
N THR A 74 11.70 5.97 -4.68
CA THR A 74 10.45 6.24 -5.31
C THR A 74 9.36 6.63 -4.30
N CYS A 75 8.70 7.70 -4.63
CA CYS A 75 7.64 8.21 -3.84
C CYS A 75 6.37 7.47 -4.24
N VAL A 76 6.12 6.37 -3.55
CA VAL A 76 4.96 5.51 -3.79
C VAL A 76 3.73 6.15 -3.13
N LEU A 77 3.97 7.27 -2.52
CA LEU A 77 2.99 8.05 -1.86
C LEU A 77 2.07 8.59 -2.91
N GLY A 78 0.86 8.11 -2.91
CA GLY A 78 -0.09 8.50 -3.90
C GLY A 78 0.30 8.00 -5.28
N HIS A 79 0.75 6.77 -5.34
CA HIS A 79 1.10 6.15 -6.58
C HIS A 79 -0.13 5.43 -7.05
N THR A 80 -0.40 5.52 -8.31
CA THR A 80 -1.54 4.88 -8.90
C THR A 80 -1.32 3.36 -8.90
N HIS A 81 -2.37 2.55 -8.68
CA HIS A 81 -2.23 1.08 -8.62
C HIS A 81 -1.41 0.53 -9.75
N ALA A 82 -1.75 0.94 -10.95
CA ALA A 82 -1.08 0.42 -12.15
C ALA A 82 0.41 0.76 -12.14
N GLN A 83 0.72 1.88 -11.53
CA GLN A 83 2.05 2.37 -11.50
C GLN A 83 2.84 1.65 -10.40
N VAL A 84 2.26 1.60 -9.22
CA VAL A 84 2.89 0.94 -8.09
C VAL A 84 3.05 -0.56 -8.33
N VAL A 85 2.01 -1.19 -8.89
CA VAL A 85 2.03 -2.61 -9.20
C VAL A 85 3.11 -2.89 -10.21
N LYS A 86 3.29 -1.97 -11.13
CA LYS A 86 4.33 -2.08 -12.11
C LYS A 86 5.72 -2.14 -11.45
N ILE A 87 5.96 -1.28 -10.47
CA ILE A 87 7.28 -1.19 -9.85
C ILE A 87 7.51 -2.41 -8.99
N PHE A 88 6.54 -2.65 -8.16
CA PHE A 88 6.54 -3.69 -7.17
C PHE A 88 6.50 -5.09 -7.79
N GLN A 89 5.91 -5.21 -8.95
CA GLN A 89 5.93 -6.45 -9.67
C GLN A 89 7.14 -6.63 -10.61
N SER A 90 7.85 -5.54 -10.95
CA SER A 90 8.98 -5.67 -11.87
C SER A 90 10.34 -5.84 -11.18
N ILE A 91 10.38 -5.57 -9.88
CA ILE A 91 11.59 -5.74 -9.08
C ILE A 91 12.23 -7.13 -9.23
N PRO A 92 13.53 -7.21 -8.98
CA PRO A 92 14.31 -8.42 -9.13
C PRO A 92 14.46 -9.19 -7.82
N ILE A 93 14.54 -10.47 -7.95
CA ILE A 93 14.71 -11.38 -6.85
C ILE A 93 16.08 -11.16 -6.19
N GLY A 94 16.06 -10.90 -4.90
CA GLY A 94 17.29 -10.70 -4.17
C GLY A 94 17.62 -9.23 -3.93
N ALA A 95 16.68 -8.34 -4.20
CA ALA A 95 17.01 -6.91 -4.12
C ALA A 95 16.68 -6.33 -2.73
N SER A 96 16.90 -5.05 -2.54
CA SER A 96 16.69 -4.41 -1.25
C SER A 96 16.04 -3.05 -1.44
N VAL A 97 15.28 -2.65 -0.43
CA VAL A 97 14.66 -1.33 -0.35
C VAL A 97 14.48 -0.92 1.05
N ASP A 98 14.39 0.35 1.22
CA ASP A 98 14.17 0.96 2.47
C ASP A 98 12.74 1.41 2.47
N LEU A 99 11.94 0.75 3.17
CA LEU A 99 10.54 1.00 3.15
C LEU A 99 10.15 1.96 4.26
N GLU A 100 9.50 3.04 3.90
CA GLU A 100 9.01 3.99 4.87
C GLU A 100 7.50 3.87 4.95
N LEU A 101 7.04 3.42 6.09
CA LEU A 101 5.66 3.10 6.28
C LEU A 101 5.18 3.50 7.66
N CYS A 102 3.91 3.72 7.78
CA CYS A 102 3.31 4.05 9.05
C CYS A 102 2.40 2.92 9.49
N ARG A 103 2.82 2.20 10.46
CA ARG A 103 2.09 1.09 10.96
C ARG A 103 1.11 1.53 11.97
N GLY A 104 -0.08 1.05 11.85
CA GLY A 104 -1.09 1.45 12.78
C GLY A 104 -2.16 2.22 12.08
N TYR A 105 -2.49 1.79 10.91
CA TYR A 105 -3.56 2.35 10.18
C TYR A 105 -4.66 1.33 10.22
N PRO A 106 -5.87 1.71 10.66
CA PRO A 106 -6.99 0.78 10.79
C PRO A 106 -7.35 0.11 9.49
N LEU A 107 -7.63 -1.17 9.56
CA LEU A 107 -8.12 -1.92 8.44
C LEU A 107 -9.65 -1.96 8.67
N PRO A 108 -10.40 -1.00 8.10
CA PRO A 108 -11.81 -0.80 8.43
C PRO A 108 -12.77 -1.61 7.56
N PHE A 109 -12.23 -2.64 6.98
CA PHE A 109 -12.95 -3.53 6.12
C PHE A 109 -12.42 -4.91 6.40
N ASP A 110 -12.93 -5.92 5.74
CA ASP A 110 -12.38 -7.24 5.92
C ASP A 110 -11.15 -7.35 5.10
N PRO A 111 -10.17 -8.10 5.56
CA PRO A 111 -8.92 -8.30 4.87
C PRO A 111 -9.04 -9.62 4.13
N ASP A 112 -10.25 -10.12 4.15
CA ASP A 112 -10.61 -11.37 3.62
C ASP A 112 -11.42 -11.18 2.35
N ASP A 113 -12.07 -10.02 2.27
CA ASP A 113 -12.99 -9.66 1.19
C ASP A 113 -12.26 -9.31 -0.10
N PRO A 114 -12.43 -10.15 -1.15
CA PRO A 114 -11.85 -9.92 -2.49
C PRO A 114 -12.36 -8.68 -3.16
N ASN A 115 -11.51 -8.13 -4.04
CA ASN A 115 -11.76 -7.12 -5.07
C ASN A 115 -10.45 -6.56 -5.54
N THR A 116 -9.72 -7.39 -6.21
CA THR A 116 -8.43 -7.01 -6.72
C THR A 116 -8.57 -6.34 -8.05
N SER A 117 -9.42 -6.86 -8.80
CA SER A 117 -9.61 -6.37 -10.10
C SER A 117 -10.68 -5.33 -10.10
N LEU A 118 -10.24 -4.12 -10.08
CA LEU A 118 -11.05 -2.97 -10.20
C LEU A 118 -10.51 -2.23 -11.36
N VAL A 119 -11.17 -2.29 -12.41
CA VAL A 119 -10.68 -1.64 -13.58
C VAL A 119 -11.33 -0.31 -13.70
N THR A 120 -10.53 0.71 -13.77
CA THR A 120 -11.05 2.02 -13.85
C THR A 120 -11.67 2.23 -15.22
N SER A 121 -12.71 2.96 -15.25
CA SER A 121 -13.43 3.19 -16.43
C SER A 121 -13.22 4.63 -16.80
N VAL A 122 -13.38 4.94 -18.04
CA VAL A 122 -13.16 6.26 -18.49
C VAL A 122 -14.45 7.05 -18.48
N ALA A 123 -14.59 7.86 -17.48
CA ALA A 123 -15.71 8.75 -17.35
C ALA A 123 -15.17 10.08 -16.91
N ILE A 124 -14.55 10.76 -17.83
CA ILE A 124 -13.86 11.99 -17.56
C ILE A 124 -14.61 13.16 -18.22
N LEU A 125 -15.60 12.84 -19.03
CA LEU A 125 -16.34 13.84 -19.71
C LEU A 125 -17.80 13.64 -19.58
N ASP A 126 -18.53 14.67 -19.88
CA ASP A 126 -19.94 14.66 -19.84
C ASP A 126 -20.45 14.44 -21.23
N LYS A 127 -20.85 13.25 -21.49
CA LYS A 127 -21.35 12.88 -22.76
C LYS A 127 -22.84 13.03 -22.75
N GLU A 128 -23.31 13.59 -23.79
CA GLU A 128 -24.73 13.77 -24.00
C GLU A 128 -25.28 12.54 -24.75
N PRO A 129 -26.11 11.73 -24.09
CA PRO A 129 -26.63 10.50 -24.66
C PRO A 129 -27.68 10.76 -25.74
N ARG B 1 -4.41 6.96 -18.38
CA ARG B 1 -5.50 6.66 -17.41
C ARG B 1 -6.18 5.31 -17.66
N SER B 2 -5.54 4.45 -18.41
CA SER B 2 -6.04 3.13 -18.63
C SER B 2 -5.35 2.24 -17.61
N SER B 3 -6.09 1.75 -16.66
CA SER B 3 -5.52 1.00 -15.59
C SER B 3 -6.45 -0.12 -15.14
N ARG B 4 -5.96 -1.33 -15.26
CA ARG B 4 -6.68 -2.44 -14.75
C ARG B 4 -6.24 -2.66 -13.33
N THR B 5 -7.12 -3.22 -12.52
CA THR B 5 -6.89 -3.49 -11.09
C THR B 5 -6.62 -2.23 -10.24
N ARG B 6 -7.17 -2.20 -9.03
CA ARG B 6 -6.99 -1.10 -8.09
C ARG B 6 -7.18 -1.69 -6.72
N ARG B 7 -6.78 -0.97 -5.64
CA ARG B 7 -6.98 -1.40 -4.27
C ARG B 7 -6.00 -2.51 -3.88
N GLU B 8 -6.26 -3.73 -4.31
CA GLU B 8 -5.46 -4.86 -3.86
C GLU B 8 -4.23 -5.05 -4.72
N THR B 9 -3.15 -4.44 -4.32
CA THR B 9 -1.90 -4.62 -5.00
C THR B 9 -1.23 -5.80 -4.37
N GLN B 10 -1.15 -6.88 -5.08
CA GLN B 10 -0.49 -8.04 -4.57
C GLN B 10 0.98 -7.86 -4.86
N VAL B 11 1.79 -7.87 -3.84
CA VAL B 11 3.20 -7.68 -4.01
C VAL B 11 3.92 -8.81 -3.30
#